data_8QP9
#
_entry.id   8QP9
#
_cell.length_a   1.00
_cell.length_b   1.00
_cell.length_c   1.00
_cell.angle_alpha   90.00
_cell.angle_beta   90.00
_cell.angle_gamma   90.00
#
_symmetry.space_group_name_H-M   'P 1'
#
loop_
_entity.id
_entity.type
_entity.pdbx_description
1 polymer 'Splicing factor 3A subunit 1'
2 polymer 'U5 small nuclear ribonucleoprotein 200 kDa helicase'
3 polymer '116 kDa U5 small nuclear ribonucleoprotein component'
4 polymer 'Thioredoxin-like protein 4A'
5 polymer 'U4/U6 small nuclear ribonucleoprotein Prp3'
6 polymer 'U4/U6 small nuclear ribonucleoprotein Prp31'
7 polymer 'RNA-binding protein 42'
8 polymer 'U4/U6.U5 tri-snRNP-associated protein 1'
9 polymer 'Ubiquitin carboxyl-terminal hydrolase 39'
10 polymer 'U4/U6.U5 small nuclear ribonucleoprotein 27 kDa protein'
11 polymer 'Probable ATP-dependent RNA helicase DDX23'
12 polymer 'U6 snRNA'
13 polymer 'U5 snRNA'
14 polymer 'U4 snRNA'
15 polymer 'Pre-mRNA-processing-splicing factor 8'
16 polymer 'Pre-mRNA-processing factor 6'
17 non-polymer 'INOSITOL HEXAKISPHOSPHATE'
#
loop_
_entity_poly.entity_id
_entity_poly.type
_entity_poly.pdbx_seq_one_letter_code
_entity_poly.pdbx_strand_id
1 'polypeptide(L)'
;MPAGPVQAVPPPPPVPTEPKQPTEEEASSKEDSAPSKPVVGIIYPPPEVRNIVDKTASFVARNGPEFEARIRQNEINNPK
FNFLNPNDPYHAYYRHKVSEFKEGKAQEPSAAIPKVMQQQQQTTQQQLPQKVQAQVIQETIVPKEPPPEFEFIADPPSIS
AFDLDVVKLTAQFVARNGRQFLTQLMQKEQRNYQFDFLRPQHSLFNYFTKLVEQYTKILIPPKGLFSKLKKEAENPREVL
DQVCYRVEWAKFQERERKKEEEEKEKERVAYAQIDWHDFVVVETVDFQPNEQGNFPPPTTPEELGARILIQERYEKFGES
EEVEMEVESDEEDDKQEKAEEPPSQLDQDTQVQDMDEGSDDEEEGQKVPPPPETPMPPPLPPTPDQVIVRKDYDPKASKP
LPPAPAPDEYLVSPITGEKIPASKMQEHMRIGLLDPRWLEQRDRSIREKQSDDEVYAPGLDIESSLKQLAERRTDIFGVE
ETAIGKKIGEEEIQKPEEKVTWDGHSGSMARTQQAAQANITLQEQIEAIHKAKGLVPEDDTKEKIGPSKPNEIPQQPPPP
SSATNIPSSAPPITSVPRPPTMPPPVRTTVVSAVPVMPRPPMASVVRLPPGSVIAPMPPIIHAPRINVVPMPPSAPPIMA
PRPPPMIVPTAFVPAPPVAPVPAPAPMPPVHPPPPMEDEPTSKKLKTEDSLMPEEEFLRRNKGPVSIKVQVPNMQDKTEW
KLNGQVLVFTLPLTDQVSVIKVKIHEATGMPAGKQKLQYEGIFIKDSNSLAYYNMANGAVIHLALKERGGRKK
;
7
2 'polypeptide(L)'
;MADVTARSLQYEYKANSNLVLQADRSLIDRTRRDEPTGEVLSLVGKLEGTRMGDKAQRTKPQMQEERRAKRRKRDEDRHD
INKMKGYTLLSEGIDEMVGIIYKPKTKETRETYEVLLSFIQAALGDQPRDILCGAADEVLAVLKNEKLRDKERRKEIDLL
LGQTDDTRYHVLVNLGKKITDYGGDKEIQNMDDNIDETYGVNVQFESDEEEGDEDVYGEVREEASDDDMEGDEAVVRCTL
SANLVASGELMSSKKKDLHPRDIDAFWLQRQLSRFYDDAIVSQKKADEVLEILKTASDDRECENQLVLLLGFNTFDFIKV
LRQHRMMILYCTLLASAQSEAEKERIMGKMEADPELSKFLYQLHETEKEDLIREERSRRERVRQSRMDTDLETMDLDQGG
EALAPRQVLDLEDLVFTQGSHFMANKRCQLPDGSFRRQRKGYEEVHVPALKPKPFGSEEQLLPVEKLPKYAQAGFEGFKT
LNRIQSKLYRAALETDENLLLCAPTGAGKTNVALMCMLREIGKHINMDGTINVDDFKIIYIAPMRSLVQEMVGSFGKRLA
TYGITVAELTGDHQLCKEEISATQIIVCTPEKWDIITRKGGERTYTQLVRLIILDEIHLLHDDRGPVLEALVARAIRNIE
MTQEDVRLIGLSATLPNYEDVATFLRVDPAKGLFYFDNSFRPVPLEQTYVGITEKKAIKRFQIMNEIVYEKIMEHAGKNQ
VLVFVHSRKETGKTARAIRDMCLEKDTLGLFLREGSASTEVLRTEAEQCKNLELKDLLPYGFAIHHAGMTRVDRTLVEDL
FADKHIQVLVSTATLAWGVNLPAHTVIIKGTQVYSPEKGRWTELGALDILQMLGRAGRPQYDTKGEGILITSHGELQYYL
SLLNQQLPIESQMVSKLPDMLNAEIVLGNVQNAKDAVNWLGYAYLYIRMLRSPTLYGISHDDLKGDPLLDQRRLDLVHTA
ALMLDKNNLVKYDKKTGNFQVTELGRIASHYYITNDTVQTYNQLLKPTLSEIELFRVFSLSSEFKNITVREEEKLELQKL
LERVPIPVKESIEEPSAKINVLLQAFISQLKLEGFALMADMVYVTQSAGRLMRAIFEIVLNRGWAQLTDKTLNLCKMIDK
RMWQSMCPLRQFRKLPEEVVKKIEKKNFPFERLYDLNHNEIGELIRMPKMGKTIHKYVHLFPKLELSVHLQPITRSTLKV
ELTITPDFQWDEKVHGSSEAFWILVEDVDSEVILHHEYFLLKAKYAQDEHLITFFVPVFEPLPPQYFIRVVSDRWLSCET
QLPVSFRHLILPEKYPPPTELLDLQPLPVSALRNSAFESLYQDKFPFFNPIQTQVFNTVYNSDDNVFVGAPTGSGKTICA
EFAILRMLLQSSEGRCVYITPMEALAEQVYMDWYEKFQDRLNKKVVLLTGETSTDLKLLGKGNIIISTPEKWDILSRRWK
QRKNVQNINLFVVDEVHLIGGENGPVLEVICSRMRYISSQIERPIRIVALSSSLSNAKDVAHWLGCSATSTFNFHPNVRP
VPLELHIQGFNISHTQTRLLSMAKPVYHAITKHSPKKPVIVFVPSRKQTRLTAIDILTTCAADIQRQRFLHCTEKDLIPY
LEKLSDSTLKETLLNGVGYLHEGLSPMERRLVEQLFSSGAIQVVVASRSLCWGMNVAAHLVIIMDTQYYNGKIHAYVDYP
IYDVLQMVGHANRPLQDDEGRCVIMCQGSKKDFFKKFLYEPLPVESHLDHCMHDHFNAEIVTKTIENKQDAVDYLTWTFL
YRRMTQNPNYYNLQGISHRHLSDHLSELVEQTLSDLEQSKCISIEDEMDVAPLNLGMIAAYYYINYTTIELFSMSLNAKT
KVRGLIEIISNAAEYENIPIRHHEDNLLRQLAQKVPHKLNNPKFNDPHVKTNLLLQAHLSRMQLSAELQSDTEEILSKAI
RLIQACVDVLSSNGWLSPALAAMELAQMVTQAMWSKDSYLKQLPHFTSEHIKRCTDKGVESVFDIMEMEDEERNALLQLT
DSQIADVARFCNRYPNIELSYEVVDKDSIRSGGPVVVLVQLEREEEVTGPVIAPLFPQKREEGWWVVIGDAKSNSLISIK
RLTLQQKAKVKLDFVAPATGAHNYTLYFMSDAYMGCDQEYKFSVDVKEAETDSDSD
;
B
3 'polypeptide(L)'
;MDTDLYDEFGNYIGPELDSDEDDDELGRETKDLDEMDDDDDDDDVGDHDDDHPGMEVVLHEDKKYYPTAEEVYGPEVETI
VQEEDTQPLTEPIIKPVKTKKFTLMEQTLPVTVYEMDFLADLMDNSELIRNVTLCGHLHHGKTCFVDCLIEQTHPEIRKR
YDQDLCYTDILFTEQERGVGIKSTPVTVVLPDTKGKSYLFNIMDTPGHVNFSDEVTAGLRISDGVVLFIDAAEGVMLNTE
RLIKHAVQERLAVTVCINKIDRLILELKLPPTDAYYKLRHIVDEVNGLISMYSTDENLILSPLLGNVCFSSSQYSICFTL
GSFAKIYADTFGDINYQEFAKRLWGDIYFNPKTRKFTKKAPTSSSQRSFVEFILEPLYKILAQVVGDVDTSLPRTLDELG
IHLTKEELKLNIRPLLRLVCKKFFGEFTGFVDMCVQHIPSPKVGAKPKIEHTYTGGVDSDLGEAMSDCDPDGPLMCHTTK
MYSTDDGVQFHAFGRVLSGTIHAGQPVKVLGENYTLEDEEDSQICTVGRLWISVARYHIEVNRVPAGNWVLIEGVDQPIV
KTATITEPRGNEEAQIFRPLKFNTTSVIKIAVEPVNPSELPKMLDGLRKVNKSYPSLTTKVEESGEHVILGTGELYLDCV
MHDLRKMYSEIDIKVADPVVTFCETVVETSSLKCFAETPNKKNKITMIAEPLEKGLAEDIENEVVQITWNRKKLGEFFQT
KYDWDLLAARSIWAFGPDATGPNILVDDTLPSEVDKALLGSVKDSIVQGFQWGTREGPLCDELIRNVKFKILDAVVAQEP
LHRGGGQIIPTARRVVYSAFLMATPRLMEPYYFVEVQAPADCVSAVYTVLARRRGHVTQDAPIPGSPLYTIKAFIPAIDS
FGFETDLRTHTQGQAFSLSVFHHWQIVPGDPLDKSIVIRPLEPQPAPHLAREFMIKTRRRKGLSEDVSISKFFDDPMLLE
LAKQDVVLNYPM
;
C
4 'polypeptide(L)'
;MSYMLPHLHNGWQVDQAILSEEDRVVVIRFGHDWDPTCMKMDEVLYSIAEKVKNFAVIYLVDITEVPDFNKMYELYDPCT
VMFFFRNKHIMIDLGTGNNNKINWAMEDKQEMVDIIETVYRGARKGRGLVVSPKDYSTKYRY
;
D
5 'polypeptide(L)'
;MALSKRELDELKPWIEKTVKRVLGFSEPTVVTAALNCVGKGMDKKKAADHLKPFLDDSTLRFVDKLFEAVEEGRSSRHSK
SSSDRSRKRELKEVFGDDSEISKESSGVKKRRIPRFEEVEEEPEVIPGPPSESPGMLTKLQIKQMMEAATRQIEERKKQL
SFISPPTPQPKTPSSSQPERLPIGNTIQPSQAATFMNDAIEKARKAAELQARIQAQLALKPGLIGNANMVGLANLHAMGI
APPKVELKDQTKPTPLILDEQGRTVDATGKEIELTHRMPTLKANIRAVKREQFKQQLKEKPSEDMESNTFFDPRVSIAPS
QRQRRTFKFHDKGKFEKIAQRLRTKAQLEKLQAEISQAARKTGIHTSTRLALIAPKKELKEGDIPEIEWWDSYIIPNGFD
LTEENPKREDYFGITNLVEHPAQLNPPVDNDTPVTLGVYLTKKEQKKLRRQTRREAQKELQEKVRLGLMPPPEPKVRISN
LMRVLGTEAVQDPTKVEAHVRAQMAKRQKAHEEANAARKLTAEQRKVKKIKKLKEDISQGVHISVYRVRNLSNPAKKFKI
EANAGQLYLTGVVVLHKDVNVVVVEGGPKAQKKFKRLMLHRIKWDEQTSNTKGDDDEESDEEAVKKTNKCVLVWEGTAKD
RSFGEMKFKQCPTENMAREHFKKHGAEHYWDLALSESVLESTD
;
J
6 'polypeptide(L)'
;MSLADELLADLEEAAEEEEGGSYGEEEEEPAIEDVQEETQLDLSGDSVKTIAKLWDSKMFAEIMMKIEEYISKQAKASEV
MGPVEAAPEYRVIVDANNLTVEIENELNIIHKFIRDKYSKRFPELESLVPNALDYIRTVKELGNSLDKCKNNENLQQILT
NATIMVVSVTASTTQGQQLSEEELERLEEACDMALELNASKHRIYEYVESRMSFIAPNLSIIIGASTAAKIMGVAGGLTN
LSKMPACNIMLLGAQRKTLSGFSSTSVLPHTGYIYHSDIVQSLPPDLRRKAARLVAAKCTLAARVDSFHESTEGKVGYEL
KDEIERKFDKWQEPPPVKQVKPLPAPLDGQRKKRGGRRYRKMKERLGLTEIRKQANRMSFGEIEEDAYQEDLGFSLGHLG
KSGSGRVRQTQVNEATKARISKTLQRTLQKQSVVYGGKSTIRDRSSGTASSVAFTPLQGLEIVNPQAAEKKVAEANQKYF
SSMAEFLKVKGEKSGLMST
;
L
7 'polypeptide(L)'
;MAGAGPAPGLPGAGGPVVPGPGAGIPGKSGEERLKEMEAEMALFEQEVLGAPVPGIPTAVPAVPTVPTVPTVEAMQVPAA
PVIRPIIATNTYQQVQQTLEARAAAAATVVPPMVGGPPFVGPVGFGPGDRSHLDSPEAREAMFLRRAAVAPQRAPILRPA
FVPHVLQRADSALSSAAAGPRPMALRPPHQALVGPPLPGPPGPPMMLPPMARAPGPPLGSMAALRPPLEEPAAPRELGLG
LGLGLKEKEEAVVAAAAGLEEASAAVAVGAGGAPAGPAVIGPSLPLALAMPLPEPEPLPLPLEVVRGLLPPLRIPELLSL
RPRPRPPRPEPPPGLMALEVPEPLGEDKKKGKPEKLKRCIRTAAGSSWEDPSLLEWDADDFRIFCGDLGNEVNDDILARA
FSRFPSFLKAKVIRDKRTGKTKGYGFVSFKDPSDYVRAMREMNGKYVGSRPIKLRKSMWKDRNLDVVRKKQKEKKKLGLR
;
R
8 'polypeptide(L)'
;MGSSKKHRGEKEAAGTTAAAGTGGATEQPPRHREHKKHKHRSGGSGGSGGERRKRSRERGGERGSGRRGAEAEARSSTHG
RERSQAEPSERRVKREKRDDGYEAAASSKTSSGDASSLSIEETNKLRAKLGLKPLEVNAIKKEAGTKEEPVTADVINPMA
LRQREELREKLAAAKEKRLLNQKLGKIKTLGEDDPWLDDTAAWIERSRQLQKEKDLAEKRAKLLEEMDQEFGVSTLVEEE
FGQRRQDLYSARDLQGLTVEHAIDSFREGETMILTLKDKGVLQEEEDVLVNVNLVDKERAEKNVELRKKKPDYLPYAEDE
SVDDLAQQKPRSILSKYDEELEGERPHSFRLEQGGTADGLRERELEEIRAKLRLQAQSLSTVGPRLASEYLTPEEMVTFK
KTKRRVKKIRKKEKEVVVRADDLLPLGDQTQDGDFGSRLRGRGRRRVSEVEEEKEPVPQPLPSDDTRVENMDISDEEEGG
APPPGSPQVLEEDEAELELQKQLEKGRRLRQLQQLQQLRDSGEKVVEIVKKLESRQRGWEEDEDPERKGAIVFNATSEFC
RTLGEIPTYGLAGNREEQEELMDFERDEERSANGGSESDGEENIGWSTVNLDEEKQQQDFSASSTTILDEEPIVNRGLAA
ALLLCQNKGLLETTVQKVARVKAPNKSLPSAVYCIEDKMAIDDKYSRREEYRGFTQDFKEKDGYKPDVKIEYVDETGRKL
TPKEAFRQLSHRFHGKGSGKMKTERRMKKLDEEALLKKMSSSDTPLGTVALLQEKQKAQKTPYIVLSGSGKSMNANTITK
;
S
9 'polypeptide(L)'
;MSGRSKRESRGSTRGKRESESRGSSGRVKRERDREREPEAASSRGSPVRVKREFEPASAREAPASVVPFVRVKREREVDE
DSEPEREVRAKNGRVDSEDRRSRHCPYLDTINRSVLDFDFEKLCSISLSHINAYACLVCGKYFQGRGLKSHAYIHSVQFS
HHVFLNLHTLKFYCLPDNYEIIDSSLEDITYVLKPTFTKQQIANLDKQAKLSRAYDGTTYLPGIVGLNNIKANDYANAVL
QALSNVPPLRNYFLEEDNYKNIKRPPGDIMFLLVQRFGELMRKLWNPRNFKAHVSPHEMLQAVVLCSKKTFQITKQGDGV
DFLSWFLNALHSALGGTKKKKKTIVTDVFQGSMRIFTKKLPHPDLPAEEKEQLLHNDEYQETMVESTFMYLTLDLPTAPL
YKDEKEQLIIPQVPLFNILAKFNGITEKEYKTYKENFLKRFQLTKLPPYLIFCIKRFTKNNFFVEKNPTIVNFPITNVDL
REYLSEEVQAVHKNTTYDLIANIVHDGKPSEGSYRIHVLHHGTGKWYELQDLQVTDILPQMITLSEAYIQIWKRRDNDET
NQQGA
;
U
10 'polypeptide(L)'
;MGRSRSRSPRRERRRSRSTSRERERRRRERSRSRERDRRRSRSRSPHRRRSRSPRRHRSTSPSPSRLKERRDEEKKETKE
TKSKERQITEEDLEGKTEEEIEMMKLMGFASFDSTKGKKVDGSVNAYAINVSQKRKYRQYMNRKGGFNRPLDFIA
;
X
11 'polypeptide(L)'
;MAGELADKKDRDASPSKEERKRSRTPDRERDRDRDRKSSPSKDRKRHRSRDRRRGGSRSRSRSRSKSAERERRHKERERD
KERDRNKKDRDRDKDGHRRDKDRKRSSLSPGRGKDFKSRKDRDSKKDEEDEHGDKKPKAQPLSLEELLAKKKAEEEAEAK
PKFLSKAEREAEALKRRQQEVEERQRMLEEERKKRKQFQDLGRKMLEDPQERERRERRERMERETNGNEDEEGRQKIREE
KDKSKELHAIKERYLGGIKKRRRTRHLNDRKFVFEWDASEDTSIDYNPLYKERHQVQLLGRGFIAGIDLKQQKREQSRFY
GDLMEKRRTLEEKEQEEARLRKLRKKEAKQRWDDRHWSQKKLDEMTDRDWRIFREDYSITTKGGKIPNPIRSWKDSSLPP
HILEVIDKCGYKEPTPIQRQAIPIGLQNRDIIGVAETGSGKTAAFLIPLLVWITTLPKIDRIEESDQGPYAIILAPTREL
AQQIEEETIKFGKPLGIRTVAVIGGISREDQGFRLRMGCEIVIATPGRLIDVLENRYLVLSRCTYVVLDEADRMIDMGFE
PDVQKILEHMPVSNQKPDTDEAEDPEKMLANFESGKHKYRQTVMFTATMPPAVERLARSYLRRPAVVYIGSAGKPHERVE
QKVFLMSESEKRKKLLAILEQGFDPPIIIFVNQKKGCDVLAKSLEKMGYNACTLHGGKGQEQREFALSNLKAGAKDILVA
TDVAGRGIDIQDVSMVVNYDMAKNIEDYIHRIGRTGRAGKSGVAITFLTKEDSAVFYELKQAILESPVSSCPPELANHPD
AQHKPGTILTKKRREETIFA
;
G
12 'polyribonucleotide'
;GUGCUCGCUUCGGCAGCACAUAUACUAAAAUUGGAACGAUACAGAGAAGAUUAGCAUGGCCCCUGCGCAAGGAUGACACG
CAAAUUCGUGAAGCGUUCCAUAUUUU
;
6
13 'polyribonucleotide'
;AUACUCUGGUUUCUCUUCAGAUCGCAUAAAUCUUUCGCCUUUUACUAAAGAUUUCCGUGGAGAGGAACAACUCUGAGUCU
UAACCCAAUUUUUUGAGGCCUUGCUUUGGCAAGGCUA
;
5
14 'polyribonucleotide'
;AGCUUUGCGCAGUGGCAGUAUCGUAGCCAAUGAGGUCUAUCCGAGGCGCGAUUAUUGCUAAUUGAAAACUUUUCCCAAUA
CCCCGCCGUGACGACUUGCAAUAUAGUCGGCACUGGCAAUUUUUGACAGUCUCUACGGAGACUG
;
4
15 'polypeptide(L)'
;MAGVFPYRGPGNPVPGPLAPLPDYMSEEKLQEKARKWQQLQAKRYAEKRKFGFVDAQKEDMPPEHVRKIIRDHGDMTNRK
FRHDKRVYLGALKYMPHAVLKLLENMPMPWEQIRDVPVLYHITGAISFVNEIPWVIEPVYISQWGSMWIMMRREKRDRRH
FKRMRFPPFDDEEPPLDYADNILDVEPLEAIQLELDPEEDAPVLDWFYDHQPLRDSRKYVNGSTYQRWQFTLPMMSTLYR
LANQLLTDLVDDNYFYLFDLKAFFTSKALNMAIPGGPKFEPLVRDINLQDEDWNEFNDINKIIIRQPIRTEYKIAFPYLY
NNLPHHVHLTWYHTPNVVFIKTEDPDLPAFYFDPLINPISHRHSVKSQEPLPDDDEEFELPEFVEPFLKDTPLYTDNTAN
GIALLWAPRPFNLRSGRTRRALDIPLVKNWYREHCPAGQPVKVRVSYQKLLKYYVLNALKHRPPKAQKKRYLFRSFKATK
FFQSTKLDWVEVGLQVCRQGYNMLNLLIHRKNLNYLHLDYNFNLKPVKTLTTKERKKSRFGNAFHLCREVLRLTKLVVDS
HVQYRLGNVDAFQLADGLQYIFAHVGQLTGMYRYKYKLMRQIRMCKDLKHLIYYRFNTGPVGKGPGCGFWAAGWRVWLFF
MRGITPLLERWLGNLLARQFEGRHSKGVAKTVTKQRVESHFDLELRAAVMHDILDMMPEGIKQNKARTILQHLSEAWRCW
KANIPWKVPGLPTPIENMILRYVKAKADWWTNTAHYNRERIRRGATVDKTVCKKNLGRLTRLYLKAEQERQHNYLKDGPY
ITAEEAVAVYTTTVHWLESRRFSPIPFPPLSYKHDTKLLILALERLKEAYSVKSRLNQSQREELGLIEQAYDNPHEALSR
IKRHLLTQRAFKEVGIEFMDLYSHLVPVYDVEPLEKITDAYLDQYLWYEADKRRLFPPWIKPADTEPPPLLVYKWCQGIN
NLQDVWETSEGECNVMLESRFEKMYEKIDLTLLNRLLRLIVDHNIADYMTAKNNVVINYKDMNHTNSYGIIRGLQFASFI
VQYYGLVMDLLVLGLHRASEMAGPPQMPNDFLSFQDIATEAAHPIRLFCRYIDRIHIFFRFTADEARDLIQRYLTEHPDP
NNENIVGYNNKKCWPRDARMRLMKHDVNLGRAVFWDIKNRLPRSVTTVQWENSFVSVYSKDNPNLLFNMCGFECRILPKC
RTSYEEFTHKDGVWNLQNEVTKERTAQCFLRVDDESMQRFHNRVRQILMASGSTTFTKIVNKWNTALIGLMTYFREAVVN
TQELLDLLVKCENKIQTRIKIGLNSKMPSRFPPVVFYTPKELGGLGMLSMGHVLIPQSDLRWSKQTDVGITHFRSGMSHE
EDQLIPNLYRYIQPWESEFIDSQRVWAEYALKRQEAIAQNRRLTLEDLEDSWDRGIPRINTLFQKDRHTLAYDKGWRVRT
DFKQYQVLKQNPFWWTHQRHDGKLWNLNNYRTDMIQALGGVEGILEHTLFKGTYFPTWEGLFWEKASGFEESMKWKKLTN
AQRSGLNQIPNRRFTLWWSPTINRANVYVGFQVQLDLTGIFMHGKIPTLKISLIQIFRAHLWQKIHESIVMDLCQVFDQE
LDALEIETVQKETIHPRKSYKMNSSCADILLFASYKWNVSRPSLLADSKDVMDSTTTQKYWIDIQLRWGDYDSHDIERYA
RAKFLDYTTDNMSIYPSPTGVLIAIDLAYNLHSAYGNWFPGSKPLIQQAMAKIMKANPALYVLRERIRKGLQLYSSEPTE
PYLSSQNYGELFSNQIIWFVDDTNVYRVTIHKTFEGNLTTKPINGAIFIFNPRTGQLFLKIIHTSVWAGQKRLGQLAKWK
TAEEVAALIRSLPVEEQPKQIIVTRKGMLDPLEVHLLDFPNIVIKGSELQLPFQACLKVEKFGDLILKATEPQMVLFNLY
DDWLKTISSYTAFSRLILILRALHVNNDRAKVILKPDKTTITEPHHIWPTLTDEEWIKVEVQLKDLILADYGKKNNVNVA
SLTQSEIRDIILGMEISAPSQQRQQIAEIEKQTKEQSQLTATQTRTVNKHGDEIITSTTSNYETQTFSSKTEWRVRAISA
ANLHLRTNHIYVSSDDIKETGYTYILPKNVLKKFICISDLRAQIAGYLYGVSPPDNPQVKEIRCIVMVPQWGTHQTVHLP
GQLPQHEYLKEMEPLGWIHTQPNESPQLSPQDVTTHAKIMADNPSWDGEKTIIITCSFTPGSCTLTAYKLTPSGYEWGRQ
NTDKGNNPKGYLPSHYERVQMLLSDRFLGFFMVPAQSSWNYNFMGVRHDPNMKYELQLANPKEFYHEVHRPSHFLNFALL
QEGEVYSADREDLYA
;
A
16 'polypeptide(L)'
;MNKKKKPFLGMPAPLGYVPGLGRGATGFTTRSDIGPARDANDPVDDRHAPPGKRTVGDQMKKNQAADDDDEDLNDTNYDE
FNGYAGSLFSSGPYEKDDEEADAIYAALDKRMDERRKERREQREKEEIEKYRMERPKIQQQFSDLKRKLAEVTEEEWLSI
PEVGDARNKRQRNPRYEKLTPVPDSFFAKHLQTGENHTSVDPRQTQFGGLNTPYPGGLNTPYPGGMTPGLMTPGTGELDM
RKIGQARNTLMDMRLSQVSDSVSGQTVVDPKGYLTDLNSMIPTHGGDINDIKKARLLLKSVRETNPHHPPAWIASARLEE
VTGKLQVARNLIMKGTEMCPKSEDVWLEAARLQPGDTAKAVVAQAVRHLPQSVRIYIRAAELETDIRAKKRVLRKALEHV
PNSVRLWKAAVELEEPEDARIMLSRAVECCPTSVELWLALARLETYENARKVLNKARENIPTDRHIWITAAKLEEANGNT
QMVEKIIDRAITSLRANGVEINREQWIQDAEECDRAGSVATCQAVMRAVIGIGIEEEDRKHTWMEDADSCVAHNALECAR
AIYAYALQVFPSKKSVWLRAAYFEKNHGTRESLEALLQRAVAHCPKAEVLWLMGAKSKWLAGDVPAARSILALAFQANPN
SEEIWLAAVKLESENDEYERARRLLAKARSSAPTARVFMKSVKLEWVQDNIRAAQDLCEEALRHYEDFPKLWMMKGQIEE
QKEMMEKAREAYNQGLKKCPHSTPLWLLLSRLEEKIGQLTRARAILEKSRLKNPKNPGLWLESVRLEYRAGLKNIANTLM
AKALQECPNSGILWSEAIFLEARPQRRTKSVDALKKCEHDPHVLLAVAKLFWSQRKITKAREWFHRTVKIDSDLGDAWAF
FYKFELQHGTEEQQEEVRKRCESAEPRHGELWCAVSKDIANWQKKIGDILRLVAGRIKNTF
;
N
#
# COMPACT_ATOMS: atom_id res chain seq x y z
N ASP A 461 1.59 15.44 -50.78
CA ASP A 461 2.84 15.51 -50.02
C ASP A 461 2.75 14.68 -48.75
N ILE A 462 2.79 15.35 -47.60
CA ILE A 462 2.69 14.65 -46.33
C ILE A 462 1.26 14.27 -45.98
N GLU A 463 0.28 14.92 -46.62
CA GLU A 463 -1.13 14.62 -46.32
C GLU A 463 -1.48 13.18 -46.70
N SER A 464 -1.02 12.73 -47.87
CA SER A 464 -1.33 11.37 -48.30
C SER A 464 -0.71 10.33 -47.38
N SER A 465 0.56 10.53 -47.01
CA SER A 465 1.22 9.60 -46.11
C SER A 465 0.58 9.60 -44.73
N LEU A 466 0.19 10.78 -44.23
CA LEU A 466 -0.48 10.84 -42.94
C LEU A 466 -1.81 10.12 -42.98
N LYS A 467 -2.59 10.31 -44.05
CA LYS A 467 -3.87 9.62 -44.18
C LYS A 467 -3.67 8.12 -44.27
N GLN A 468 -2.66 7.68 -45.01
CA GLN A 468 -2.37 6.25 -45.14
C GLN A 468 -2.02 5.65 -43.77
N LEU A 469 -1.17 6.34 -43.01
CA LEU A 469 -0.81 5.85 -41.69
C LEU A 469 -2.01 5.82 -40.76
N ALA A 470 -2.86 6.86 -40.81
CA ALA A 470 -4.02 6.92 -39.94
C ALA A 470 -5.01 5.81 -40.26
N GLU A 471 -5.20 5.51 -41.55
CA GLU A 471 -6.18 4.50 -41.94
C GLU A 471 -5.83 3.11 -41.46
N ARG A 472 -4.56 2.83 -41.19
CA ARG A 472 -4.13 1.55 -40.68
C ARG A 472 -4.07 1.51 -39.16
N ARG A 473 -4.42 2.60 -38.48
CA ARG A 473 -4.38 2.65 -37.02
C ARG A 473 -5.59 3.40 -36.47
N ASP B 257 -25.81 39.35 36.40
CA ASP B 257 -26.93 40.15 35.95
C ASP B 257 -28.22 39.33 35.90
N LEU B 258 -29.14 39.63 36.83
CA LEU B 258 -30.42 38.94 36.90
C LEU B 258 -31.33 39.48 35.80
N HIS B 259 -31.08 39.01 34.57
CA HIS B 259 -31.83 39.46 33.42
C HIS B 259 -33.30 39.03 33.55
N PRO B 260 -34.21 39.77 32.92
CA PRO B 260 -35.63 39.36 32.97
C PRO B 260 -35.87 37.96 32.43
N ARG B 261 -35.17 37.59 31.37
CA ARG B 261 -35.31 36.25 30.81
C ARG B 261 -34.53 35.20 31.58
N ASP B 262 -33.63 35.62 32.47
CA ASP B 262 -32.84 34.65 33.25
C ASP B 262 -33.73 33.84 34.18
N ILE B 263 -34.57 34.52 34.96
CA ILE B 263 -35.40 33.84 35.95
C ILE B 263 -36.54 33.11 35.25
N ASP B 264 -36.67 31.83 35.55
CA ASP B 264 -37.76 30.98 35.06
C ASP B 264 -38.74 30.71 36.19
N ALA B 265 -39.79 29.95 35.89
CA ALA B 265 -40.78 29.62 36.91
C ALA B 265 -40.16 28.80 38.03
N PHE B 266 -39.33 27.82 37.69
CA PHE B 266 -38.68 26.97 38.66
C PHE B 266 -37.32 27.50 39.10
N TRP B 267 -36.87 28.63 38.55
CA TRP B 267 -35.56 29.16 38.90
C TRP B 267 -35.51 29.62 40.35
N LEU B 268 -36.61 30.16 40.87
CA LEU B 268 -36.65 30.60 42.26
C LEU B 268 -36.42 29.43 43.21
N GLN B 269 -37.08 28.30 42.94
CA GLN B 269 -36.86 27.12 43.77
C GLN B 269 -35.49 26.51 43.52
N ARG B 270 -35.05 26.48 42.26
CA ARG B 270 -33.77 25.87 41.92
C ARG B 270 -32.62 26.58 42.62
N GLN B 271 -32.60 27.91 42.57
CA GLN B 271 -31.58 28.66 43.29
C GLN B 271 -31.69 28.44 44.79
N LEU B 272 -32.91 28.41 45.32
CA LEU B 272 -33.12 28.13 46.74
C LEU B 272 -32.73 26.71 47.10
N SER B 273 -32.59 25.82 46.11
CA SER B 273 -32.23 24.43 46.37
C SER B 273 -30.74 24.24 46.56
N ARG B 274 -29.93 25.28 46.41
CA ARG B 274 -28.50 25.15 46.65
C ARG B 274 -28.21 24.82 48.11
N PHE B 275 -29.00 25.36 49.02
CA PHE B 275 -28.81 25.13 50.45
C PHE B 275 -29.71 24.02 50.98
N TYR B 276 -30.89 23.84 50.40
CA TYR B 276 -31.84 22.81 50.85
C TYR B 276 -31.85 21.69 49.82
N ASP B 277 -31.53 20.48 50.27
CA ASP B 277 -31.51 19.33 49.37
C ASP B 277 -32.84 18.58 49.36
N ASP B 278 -33.65 18.74 50.40
CA ASP B 278 -34.94 18.07 50.47
C ASP B 278 -35.93 18.78 49.57
N ALA B 279 -36.38 18.10 48.51
CA ALA B 279 -37.20 18.74 47.48
C ALA B 279 -38.50 19.30 48.06
N ILE B 280 -39.18 18.52 48.89
CA ILE B 280 -40.41 19.00 49.51
C ILE B 280 -40.11 20.19 50.40
N VAL B 281 -39.06 20.07 51.23
CA VAL B 281 -38.66 21.19 52.07
C VAL B 281 -38.18 22.35 51.22
N SER B 282 -37.47 22.06 50.13
CA SER B 282 -37.01 23.11 49.22
C SER B 282 -38.20 23.83 48.59
N GLN B 283 -39.20 23.07 48.15
CA GLN B 283 -40.39 23.69 47.56
C GLN B 283 -41.13 24.55 48.58
N LYS B 284 -41.28 24.03 49.81
CA LYS B 284 -41.95 24.81 50.85
C LYS B 284 -41.18 26.09 51.16
N LYS B 285 -39.86 26.00 51.25
CA LYS B 285 -39.05 27.18 51.54
C LYS B 285 -39.11 28.19 50.40
N ALA B 286 -39.13 27.70 49.15
CA ALA B 286 -39.26 28.60 48.01
C ALA B 286 -40.60 29.31 48.00
N ASP B 287 -41.68 28.58 48.31
CA ASP B 287 -42.99 29.21 48.37
C ASP B 287 -43.06 30.23 49.50
N GLU B 288 -42.47 29.91 50.65
CA GLU B 288 -42.43 30.88 51.75
C GLU B 288 -41.61 32.11 51.37
N VAL B 289 -40.49 31.91 50.68
CA VAL B 289 -39.67 33.03 50.25
C VAL B 289 -40.43 33.91 49.27
N LEU B 290 -41.18 33.30 48.36
CA LEU B 290 -42.01 34.09 47.44
C LEU B 290 -43.09 34.86 48.19
N GLU B 291 -43.75 34.21 49.15
CA GLU B 291 -44.80 34.87 49.91
C GLU B 291 -44.26 35.99 50.79
N ILE B 292 -42.97 35.93 51.13
CA ILE B 292 -42.36 37.02 51.89
C ILE B 292 -41.90 38.12 50.95
N LEU B 293 -41.36 37.76 49.79
CA LEU B 293 -40.90 38.74 48.82
C LEU B 293 -42.07 39.59 48.33
N LYS B 294 -43.13 38.94 47.86
CA LYS B 294 -44.39 39.64 47.65
C LYS B 294 -44.97 40.01 49.00
N THR B 295 -45.77 41.09 49.01
CA THR B 295 -46.27 41.69 50.25
C THR B 295 -45.12 42.03 51.20
N ALA B 296 -44.24 42.91 50.72
CA ALA B 296 -43.05 43.32 51.44
C ALA B 296 -43.25 44.72 52.00
N SER B 297 -42.63 44.99 53.16
CA SER B 297 -42.81 46.25 53.86
C SER B 297 -41.54 47.07 53.90
N ASP B 298 -40.45 46.53 54.45
CA ASP B 298 -39.20 47.26 54.61
C ASP B 298 -38.04 46.39 54.17
N ASP B 299 -36.95 47.05 53.73
CA ASP B 299 -35.77 46.30 53.30
C ASP B 299 -35.19 45.48 54.44
N ARG B 300 -34.96 46.12 55.60
CA ARG B 300 -34.36 45.41 56.72
C ARG B 300 -35.35 44.43 57.36
N GLU B 301 -36.63 44.81 57.46
CA GLU B 301 -37.62 43.91 58.03
C GLU B 301 -37.80 42.67 57.17
N CYS B 302 -37.90 42.84 55.85
CA CYS B 302 -38.01 41.67 54.97
C CYS B 302 -36.70 40.90 54.91
N GLU B 303 -35.56 41.57 55.09
CA GLU B 303 -34.30 40.85 55.21
C GLU B 303 -34.30 39.95 56.43
N ASN B 304 -34.81 40.45 57.56
CA ASN B 304 -34.92 39.62 58.76
C ASN B 304 -35.92 38.49 58.55
N GLN B 305 -37.00 38.76 57.83
CA GLN B 305 -37.95 37.69 57.49
C GLN B 305 -37.27 36.60 56.67
N LEU B 306 -36.47 37.00 55.68
CA LEU B 306 -35.73 36.01 54.89
C LEU B 306 -34.69 35.28 55.72
N VAL B 307 -34.11 35.95 56.72
CA VAL B 307 -33.21 35.28 57.66
C VAL B 307 -33.96 34.20 58.42
N LEU B 308 -35.15 34.54 58.92
CA LEU B 308 -35.97 33.55 59.61
C LEU B 308 -36.38 32.41 58.68
N LEU B 309 -36.56 32.70 57.40
CA LEU B 309 -36.95 31.67 56.44
C LEU B 309 -35.79 30.74 56.13
N LEU B 310 -34.58 31.27 55.95
CA LEU B 310 -33.45 30.47 55.48
C LEU B 310 -32.18 30.74 56.28
N GLY B 311 -32.31 30.92 57.60
CA GLY B 311 -31.16 30.97 58.47
C GLY B 311 -30.42 32.30 58.41
N PHE B 312 -29.63 32.54 59.46
CA PHE B 312 -28.78 33.73 59.50
C PHE B 312 -27.68 33.67 58.44
N ASN B 313 -27.21 32.48 58.12
CA ASN B 313 -26.23 32.29 57.06
C ASN B 313 -26.93 32.34 55.71
N THR B 314 -26.22 31.92 54.65
CA THR B 314 -26.77 31.93 53.29
C THR B 314 -27.15 33.34 52.86
N PHE B 315 -26.24 34.29 53.08
CA PHE B 315 -26.47 35.69 52.75
C PHE B 315 -26.64 35.92 51.25
N ASP B 316 -26.27 34.94 50.42
CA ASP B 316 -26.46 35.07 48.97
C ASP B 316 -27.93 35.27 48.63
N PHE B 317 -28.84 34.65 49.37
CA PHE B 317 -30.27 34.85 49.13
C PHE B 317 -30.66 36.30 49.36
N ILE B 318 -30.19 36.89 50.46
CA ILE B 318 -30.49 38.28 50.74
C ILE B 318 -29.85 39.20 49.70
N LYS B 319 -28.65 38.85 49.24
CA LYS B 319 -28.01 39.64 48.20
C LYS B 319 -28.80 39.59 46.90
N VAL B 320 -29.31 38.41 46.54
CA VAL B 320 -30.14 38.28 45.34
C VAL B 320 -31.41 39.09 45.50
N LEU B 321 -32.01 39.05 46.69
CA LEU B 321 -33.22 39.84 46.94
C LEU B 321 -32.94 41.34 46.79
N ARG B 322 -31.81 41.80 47.32
CA ARG B 322 -31.44 43.21 47.17
C ARG B 322 -31.21 43.55 45.70
N GLN B 323 -30.56 42.67 44.96
CA GLN B 323 -30.32 42.93 43.54
C GLN B 323 -31.60 42.82 42.73
N HIS B 324 -32.52 41.92 43.13
CA HIS B 324 -33.77 41.74 42.42
C HIS B 324 -34.85 41.36 43.44
N ARG B 325 -35.59 42.37 43.90
CA ARG B 325 -36.70 42.15 44.82
C ARG B 325 -38.03 42.13 44.07
N MET B 326 -38.36 43.21 43.38
CA MET B 326 -39.54 43.23 42.53
C MET B 326 -39.33 42.38 41.28
N MET B 327 -38.11 42.37 40.76
CA MET B 327 -37.82 41.58 39.55
C MET B 327 -38.10 40.10 39.79
N ILE B 328 -37.59 39.56 40.90
CA ILE B 328 -37.75 38.14 41.18
C ILE B 328 -39.22 37.79 41.34
N LEU B 329 -39.95 38.58 42.13
CA LEU B 329 -41.36 38.30 42.38
C LEU B 329 -42.16 38.37 41.08
N TYR B 330 -41.97 39.43 40.31
CA TYR B 330 -42.73 39.60 39.07
C TYR B 330 -42.41 38.50 38.07
N CYS B 331 -41.12 38.16 37.92
CA CYS B 331 -40.73 37.12 36.97
C CYS B 331 -41.27 35.76 37.39
N THR B 332 -41.22 35.45 38.70
CA THR B 332 -41.76 34.19 39.17
C THR B 332 -43.26 34.12 38.98
N LEU B 333 -43.97 35.22 39.27
CA LEU B 333 -45.42 35.23 39.10
C LEU B 333 -45.81 35.05 37.63
N LEU B 334 -45.13 35.78 36.74
CA LEU B 334 -45.46 35.69 35.31
C LEU B 334 -45.10 34.32 34.75
N ALA B 335 -43.91 33.80 35.09
CA ALA B 335 -43.48 32.52 34.54
C ALA B 335 -44.29 31.37 35.11
N SER B 336 -44.64 31.42 36.39
CA SER B 336 -45.45 30.39 37.02
C SER B 336 -46.94 30.68 36.92
N ALA B 337 -47.36 31.49 35.95
CA ALA B 337 -48.77 31.75 35.72
C ALA B 337 -49.39 30.51 35.06
N GLN B 338 -50.35 29.89 35.76
CA GLN B 338 -50.90 28.62 35.29
C GLN B 338 -51.65 28.79 33.96
N SER B 339 -52.43 29.84 33.83
CA SER B 339 -53.28 30.03 32.66
C SER B 339 -53.11 31.44 32.10
N GLU B 340 -53.93 31.75 31.10
CA GLU B 340 -53.85 33.06 30.45
C GLU B 340 -54.36 34.17 31.35
N ALA B 341 -55.22 33.86 32.31
CA ALA B 341 -55.75 34.89 33.20
C ALA B 341 -54.67 35.43 34.13
N GLU B 342 -53.91 34.53 34.77
CA GLU B 342 -52.83 34.96 35.65
C GLU B 342 -51.76 35.71 34.88
N LYS B 343 -51.42 35.22 33.67
CA LYS B 343 -50.46 35.92 32.83
C LYS B 343 -50.96 37.31 32.46
N GLU B 344 -52.24 37.42 32.12
CA GLU B 344 -52.83 38.72 31.79
C GLU B 344 -52.73 39.67 32.98
N ARG B 345 -53.09 39.18 34.17
CA ARG B 345 -53.03 40.04 35.35
C ARG B 345 -51.60 40.50 35.63
N ILE B 346 -50.64 39.57 35.55
CA ILE B 346 -49.25 39.89 35.86
C ILE B 346 -48.70 40.89 34.85
N MET B 347 -48.95 40.65 33.56
CA MET B 347 -48.47 41.57 32.54
C MET B 347 -49.17 42.92 32.63
N GLY B 348 -50.43 42.94 33.05
CA GLY B 348 -51.12 44.21 33.21
C GLY B 348 -50.54 45.04 34.34
N LYS B 349 -50.26 44.41 35.48
CA LYS B 349 -49.67 45.18 36.58
C LYS B 349 -48.20 45.47 36.32
N MET B 350 -47.55 44.71 35.43
CA MET B 350 -46.18 45.00 35.08
C MET B 350 -46.07 46.07 34.00
N GLU B 351 -47.14 46.30 33.23
CA GLU B 351 -47.12 47.38 32.25
C GLU B 351 -47.16 48.74 32.93
N ALA B 352 -47.94 48.88 34.00
CA ALA B 352 -48.00 50.14 34.72
C ALA B 352 -46.69 50.45 35.42
N ASP B 353 -46.13 49.46 36.11
CA ASP B 353 -44.87 49.66 36.83
C ASP B 353 -43.74 49.96 35.84
N PRO B 354 -42.96 51.01 36.05
CA PRO B 354 -41.90 51.36 35.09
C PRO B 354 -40.79 50.31 35.00
N GLU B 355 -40.26 49.90 36.14
CA GLU B 355 -39.22 48.89 36.14
C GLU B 355 -39.72 47.57 35.57
N LEU B 356 -40.95 47.18 35.94
CA LEU B 356 -41.53 45.96 35.40
C LEU B 356 -41.80 46.08 33.91
N SER B 357 -42.21 47.28 33.46
CA SER B 357 -42.43 47.49 32.03
C SER B 357 -41.11 47.33 31.26
N LYS B 358 -40.03 47.91 31.77
CA LYS B 358 -38.74 47.73 31.12
C LYS B 358 -38.31 46.27 31.15
N PHE B 359 -38.57 45.58 32.26
CA PHE B 359 -38.25 44.17 32.37
C PHE B 359 -38.97 43.37 31.29
N LEU B 360 -40.27 43.59 31.13
CA LEU B 360 -41.04 42.87 30.13
C LEU B 360 -40.58 43.22 28.71
N TYR B 361 -40.29 44.50 28.46
CA TYR B 361 -39.84 44.90 27.14
C TYR B 361 -38.51 44.23 26.78
N GLN B 362 -37.58 44.17 27.72
CA GLN B 362 -36.33 43.46 27.48
C GLN B 362 -36.57 41.97 27.31
N LEU B 363 -37.48 41.39 28.10
CA LEU B 363 -37.73 39.96 28.03
C LEU B 363 -38.28 39.57 26.66
N HIS B 364 -39.21 40.35 26.13
CA HIS B 364 -39.81 40.04 24.83
C HIS B 364 -39.00 40.55 23.66
N GLU B 365 -37.88 41.22 23.91
CA GLU B 365 -37.01 41.71 22.84
C GLU B 365 -35.58 41.21 23.03
N MET C 105 -63.12 -16.39 -1.29
CA MET C 105 -61.87 -15.88 -0.77
C MET C 105 -60.93 -15.48 -1.91
N GLU C 106 -61.11 -16.11 -3.06
CA GLU C 106 -60.29 -15.87 -4.25
C GLU C 106 -58.80 -16.02 -3.95
N GLN C 107 -58.47 -17.03 -3.14
CA GLN C 107 -57.10 -17.31 -2.76
C GLN C 107 -56.49 -18.31 -3.75
N THR C 108 -55.30 -18.82 -3.44
CA THR C 108 -54.64 -19.81 -4.29
C THR C 108 -53.85 -20.76 -3.41
N LEU C 109 -54.13 -22.05 -3.52
CA LEU C 109 -53.51 -23.05 -2.68
C LEU C 109 -53.10 -24.26 -3.51
N PRO C 110 -52.06 -24.98 -3.07
CA PRO C 110 -51.68 -26.21 -3.78
C PRO C 110 -52.77 -27.28 -3.65
N VAL C 111 -52.81 -28.16 -4.64
CA VAL C 111 -53.84 -29.20 -4.66
C VAL C 111 -53.69 -30.10 -3.44
N THR C 112 -54.82 -30.46 -2.84
CA THR C 112 -54.84 -31.27 -1.64
C THR C 112 -55.96 -32.29 -1.73
N VAL C 113 -55.81 -33.38 -0.97
CA VAL C 113 -56.87 -34.40 -0.93
C VAL C 113 -58.16 -33.80 -0.40
N TYR C 114 -58.07 -33.01 0.67
CA TYR C 114 -59.23 -32.34 1.22
C TYR C 114 -59.55 -31.08 0.42
N GLU C 115 -60.60 -30.39 0.85
CA GLU C 115 -61.02 -29.15 0.21
C GLU C 115 -60.80 -27.97 1.16
N MET C 116 -60.43 -26.82 0.59
CA MET C 116 -60.23 -25.62 1.40
C MET C 116 -61.51 -25.22 2.12
N ASP C 117 -62.64 -25.29 1.42
CA ASP C 117 -63.93 -25.05 2.07
C ASP C 117 -64.19 -26.10 3.14
N PHE C 118 -63.87 -27.36 2.85
CA PHE C 118 -64.01 -28.41 3.85
C PHE C 118 -63.10 -28.16 5.05
N LEU C 119 -61.87 -27.71 4.80
CA LEU C 119 -60.96 -27.40 5.88
C LEU C 119 -61.50 -26.27 6.75
N ALA C 120 -62.03 -25.22 6.12
CA ALA C 120 -62.61 -24.11 6.88
C ALA C 120 -63.81 -24.56 7.69
N ASP C 121 -64.67 -25.40 7.11
CA ASP C 121 -65.83 -25.90 7.83
C ASP C 121 -65.40 -26.75 9.03
N LEU C 122 -64.38 -27.60 8.85
CA LEU C 122 -63.87 -28.39 9.95
C LEU C 122 -63.28 -27.49 11.05
N MET C 123 -62.59 -26.43 10.64
CA MET C 123 -62.07 -25.47 11.62
C MET C 123 -63.20 -24.80 12.38
N ASP C 124 -64.33 -24.54 11.71
CA ASP C 124 -65.47 -23.95 12.38
C ASP C 124 -65.99 -24.85 13.51
N ASN C 125 -65.82 -26.15 13.37
CA ASN C 125 -66.14 -27.07 14.47
C ASN C 125 -65.15 -26.87 15.61
N SER C 126 -65.64 -26.97 16.84
CA SER C 126 -64.83 -26.67 18.01
C SER C 126 -64.24 -27.90 18.68
N GLU C 127 -64.74 -29.10 18.37
CA GLU C 127 -64.32 -30.32 19.06
C GLU C 127 -63.70 -31.34 18.11
N LEU C 128 -63.03 -30.86 17.06
CA LEU C 128 -62.35 -31.76 16.12
C LEU C 128 -60.98 -31.24 15.70
N ILE C 129 -60.42 -30.28 16.42
CA ILE C 129 -59.13 -29.70 16.07
C ILE C 129 -58.06 -30.28 16.99
N ARG C 130 -57.00 -30.82 16.41
CA ARG C 130 -55.90 -31.42 17.17
C ARG C 130 -54.76 -30.40 17.25
N ASN C 131 -54.56 -29.83 18.42
CA ASN C 131 -53.49 -28.87 18.67
C ASN C 131 -52.31 -29.64 19.26
N VAL C 132 -51.41 -30.08 18.39
CA VAL C 132 -50.31 -30.97 18.79
C VAL C 132 -48.98 -30.36 18.38
N THR C 133 -47.94 -30.68 19.15
CA THR C 133 -46.57 -30.33 18.84
C THR C 133 -45.75 -31.61 18.79
N LEU C 134 -44.93 -31.76 17.75
CA LEU C 134 -44.15 -32.98 17.56
C LEU C 134 -42.77 -32.82 18.19
N CYS C 135 -42.77 -32.73 19.52
CA CYS C 135 -41.54 -32.65 20.28
C CYS C 135 -40.72 -33.92 20.09
N GLY C 136 -39.41 -33.76 20.02
CA GLY C 136 -38.52 -34.89 19.82
C GLY C 136 -37.08 -34.43 19.81
N HIS C 137 -36.19 -35.36 20.17
CA HIS C 137 -34.78 -35.06 20.24
C HIS C 137 -34.21 -34.73 18.86
N LEU C 138 -32.97 -34.26 18.85
CA LEU C 138 -32.33 -33.82 17.62
C LEU C 138 -32.27 -34.94 16.59
N HIS C 139 -32.71 -34.64 15.37
CA HIS C 139 -32.69 -35.57 14.24
C HIS C 139 -33.43 -36.87 14.54
N HIS C 140 -34.49 -36.79 15.36
CA HIS C 140 -35.27 -37.97 15.66
C HIS C 140 -36.11 -38.41 14.45
N GLY C 141 -36.58 -37.46 13.66
CA GLY C 141 -37.39 -37.78 12.50
C GLY C 141 -38.68 -36.99 12.43
N LYS C 142 -38.83 -36.02 13.32
CA LYS C 142 -40.06 -35.24 13.40
C LYS C 142 -40.33 -34.52 12.08
N THR C 143 -39.34 -33.81 11.56
CA THR C 143 -39.54 -33.02 10.35
C THR C 143 -39.85 -33.92 9.16
N CYS C 144 -39.17 -35.06 9.04
CA CYS C 144 -39.49 -36.00 7.97
C CYS C 144 -40.87 -36.59 8.15
N PHE C 145 -41.31 -36.81 9.39
CA PHE C 145 -42.66 -37.32 9.62
C PHE C 145 -43.71 -36.31 9.17
N VAL C 146 -43.49 -35.03 9.47
CA VAL C 146 -44.38 -33.99 8.98
C VAL C 146 -44.33 -33.92 7.46
N ASP C 147 -43.16 -34.16 6.88
CA ASP C 147 -43.05 -34.18 5.43
C ASP C 147 -43.88 -35.31 4.82
N CYS C 148 -43.87 -36.48 5.46
CA CYS C 148 -44.71 -37.58 5.01
C CYS C 148 -46.19 -37.23 5.13
N LEU C 149 -46.57 -36.61 6.25
CA LEU C 149 -47.95 -36.17 6.42
C LEU C 149 -48.37 -35.21 5.31
N ILE C 150 -47.49 -34.25 4.99
CA ILE C 150 -47.78 -33.29 3.92
C ILE C 150 -47.86 -33.99 2.57
N GLU C 151 -46.96 -34.95 2.31
CA GLU C 151 -46.98 -35.67 1.04
C GLU C 151 -48.29 -36.42 0.86
N GLN C 152 -48.80 -37.02 1.93
CA GLN C 152 -50.13 -37.63 1.87
C GLN C 152 -51.20 -36.56 1.65
N THR C 153 -51.11 -35.44 2.38
CA THR C 153 -52.13 -34.42 2.27
C THR C 153 -52.03 -33.65 0.96
N HIS C 154 -50.81 -33.36 0.51
CA HIS C 154 -50.61 -32.65 -0.75
C HIS C 154 -50.09 -33.62 -1.81
N PRO C 155 -50.93 -34.05 -2.75
CA PRO C 155 -50.45 -35.00 -3.78
C PRO C 155 -49.32 -34.46 -4.64
N GLU C 156 -49.30 -33.16 -4.92
CA GLU C 156 -48.30 -32.61 -5.80
C GLU C 156 -46.91 -32.66 -5.17
N ILE C 157 -46.79 -32.26 -3.91
CA ILE C 157 -45.50 -32.24 -3.24
C ILE C 157 -45.05 -33.68 -2.99
N ARG C 158 -43.93 -34.06 -3.58
CA ARG C 158 -43.38 -35.39 -3.42
C ARG C 158 -41.90 -35.29 -3.06
N LYS C 159 -41.40 -36.34 -2.39
CA LYS C 159 -40.03 -36.35 -1.90
C LYS C 159 -39.07 -36.83 -2.98
N ARG C 160 -37.95 -36.12 -3.13
CA ARG C 160 -36.90 -36.55 -4.03
C ARG C 160 -36.28 -37.85 -3.54
N TYR C 161 -35.71 -38.60 -4.48
CA TYR C 161 -35.16 -39.92 -4.16
C TYR C 161 -34.04 -39.83 -3.13
N ASP C 162 -33.12 -38.88 -3.31
CA ASP C 162 -31.97 -38.73 -2.41
C ASP C 162 -32.24 -37.72 -1.31
N GLN C 163 -32.54 -36.48 -1.68
CA GLN C 163 -32.76 -35.41 -0.71
C GLN C 163 -34.22 -35.46 -0.23
N ASP C 164 -34.41 -35.66 1.06
CA ASP C 164 -35.76 -35.66 1.62
C ASP C 164 -36.42 -34.31 1.42
N LEU C 165 -37.72 -34.34 1.10
CA LEU C 165 -38.47 -33.11 0.90
C LEU C 165 -38.83 -32.48 2.24
N CYS C 166 -37.90 -31.70 2.80
CA CYS C 166 -38.12 -31.03 4.08
C CYS C 166 -39.07 -29.87 3.86
N TYR C 167 -40.36 -30.16 3.95
CA TYR C 167 -41.39 -29.13 3.77
C TYR C 167 -41.71 -28.39 5.05
N THR C 168 -41.05 -28.72 6.15
CA THR C 168 -41.23 -28.02 7.42
C THR C 168 -40.03 -27.15 7.78
N ASP C 169 -38.99 -27.13 6.95
CA ASP C 169 -37.81 -26.30 7.18
C ASP C 169 -37.82 -25.19 6.14
N ILE C 170 -38.49 -24.08 6.49
CA ILE C 170 -38.62 -22.96 5.55
C ILE C 170 -37.37 -22.09 5.59
N LEU C 171 -36.87 -21.79 6.79
CA LEU C 171 -35.72 -20.90 6.93
C LEU C 171 -34.49 -21.49 6.25
N PHE C 172 -33.68 -20.59 5.66
CA PHE C 172 -32.48 -21.03 4.97
C PHE C 172 -31.47 -21.62 5.94
N THR C 173 -31.37 -21.06 7.15
CA THR C 173 -30.46 -21.59 8.15
C THR C 173 -30.80 -23.04 8.49
N GLU C 174 -32.08 -23.34 8.68
CA GLU C 174 -32.49 -24.72 8.87
C GLU C 174 -32.33 -25.52 7.59
N GLN C 175 -32.48 -24.88 6.44
CA GLN C 175 -32.39 -25.60 5.17
C GLN C 175 -30.98 -26.14 4.92
N GLU C 176 -29.96 -25.38 5.30
CA GLU C 176 -28.58 -25.76 5.01
C GLU C 176 -27.85 -26.33 6.23
N ARG C 177 -28.05 -25.74 7.41
CA ARG C 177 -27.40 -26.23 8.63
C ARG C 177 -27.79 -27.66 8.93
N GLY C 178 -28.95 -28.09 8.46
CA GLY C 178 -29.45 -29.44 8.75
C GLY C 178 -30.34 -29.55 9.96
N VAL C 179 -29.89 -29.00 11.09
CA VAL C 179 -30.69 -29.04 12.31
C VAL C 179 -31.84 -28.04 12.20
N GLY C 180 -33.01 -28.43 12.71
CA GLY C 180 -34.14 -27.52 12.71
C GLY C 180 -33.87 -26.31 13.57
N ILE C 181 -34.31 -25.15 13.08
CA ILE C 181 -34.03 -23.87 13.74
C ILE C 181 -35.24 -23.35 14.52
N LYS C 182 -36.40 -23.32 13.88
CA LYS C 182 -37.62 -22.82 14.50
C LYS C 182 -38.80 -23.69 14.12
N SER C 183 -39.89 -23.55 14.88
CA SER C 183 -41.07 -24.36 14.65
C SER C 183 -41.87 -23.81 13.48
N THR C 184 -42.13 -24.66 12.49
CA THR C 184 -42.96 -24.29 11.36
C THR C 184 -44.31 -24.97 11.51
N PRO C 185 -45.29 -24.35 12.16
CA PRO C 185 -46.56 -25.03 12.42
C PRO C 185 -47.34 -25.24 11.12
N VAL C 186 -48.01 -26.38 11.03
CA VAL C 186 -48.85 -26.71 9.88
C VAL C 186 -50.23 -27.12 10.39
N THR C 187 -51.26 -26.62 9.74
CA THR C 187 -52.65 -26.96 10.07
C THR C 187 -53.26 -27.61 8.83
N VAL C 188 -53.43 -28.93 8.87
CA VAL C 188 -53.87 -29.69 7.71
C VAL C 188 -54.93 -30.70 8.16
N VAL C 189 -55.76 -31.10 7.20
CA VAL C 189 -56.85 -32.04 7.45
C VAL C 189 -56.42 -33.42 6.98
N LEU C 190 -56.41 -34.38 7.91
CA LEU C 190 -56.02 -35.75 7.60
C LEU C 190 -57.06 -36.72 8.12
N PRO C 191 -57.24 -37.87 7.46
CA PRO C 191 -58.22 -38.85 7.92
C PRO C 191 -57.72 -39.59 9.14
N ASP C 192 -58.57 -40.47 9.66
CA ASP C 192 -58.28 -41.28 10.83
C ASP C 192 -58.44 -42.76 10.49
N THR C 193 -58.24 -43.61 11.50
CA THR C 193 -58.34 -45.06 11.29
C THR C 193 -59.76 -45.46 10.94
N LYS C 194 -60.75 -44.95 11.69
CA LYS C 194 -62.14 -45.28 11.40
C LYS C 194 -62.58 -44.76 10.04
N GLY C 195 -62.16 -43.55 9.68
CA GLY C 195 -62.55 -42.92 8.43
C GLY C 195 -62.94 -41.47 8.55
N LYS C 196 -63.30 -41.01 9.76
CA LYS C 196 -63.63 -39.61 9.96
C LYS C 196 -62.38 -38.75 9.74
N SER C 197 -62.57 -37.60 9.12
CA SER C 197 -61.47 -36.70 8.78
C SER C 197 -61.39 -35.59 9.82
N TYR C 198 -60.23 -35.48 10.46
CA TYR C 198 -59.93 -34.41 11.40
C TYR C 198 -59.04 -33.37 10.75
N LEU C 199 -58.79 -32.29 11.48
CA LEU C 199 -57.75 -31.34 11.12
C LEU C 199 -56.77 -31.23 12.29
N PHE C 200 -55.49 -31.09 11.96
CA PHE C 200 -54.42 -31.17 12.95
C PHE C 200 -53.64 -29.87 12.94
N ASN C 201 -53.60 -29.18 14.08
CA ASN C 201 -52.80 -27.96 14.22
C ASN C 201 -51.40 -28.36 14.69
N ILE C 202 -50.68 -29.02 13.79
CA ILE C 202 -49.35 -29.54 14.10
C ILE C 202 -48.36 -28.38 14.24
N MET C 203 -47.30 -28.62 15.02
CA MET C 203 -46.23 -27.64 15.18
C MET C 203 -44.93 -28.42 15.29
N ASP C 204 -44.15 -28.46 14.21
CA ASP C 204 -42.92 -29.25 14.15
C ASP C 204 -41.80 -28.45 14.81
N THR C 205 -41.66 -28.62 16.11
CA THR C 205 -40.62 -27.95 16.88
C THR C 205 -39.27 -28.60 16.63
N PRO C 206 -38.17 -27.86 16.79
CA PRO C 206 -36.84 -28.44 16.60
C PRO C 206 -36.38 -29.23 17.82
N GLY C 207 -35.37 -30.06 17.59
CA GLY C 207 -34.90 -30.97 18.62
C GLY C 207 -33.66 -30.54 19.37
N HIS C 208 -32.98 -29.51 18.87
CA HIS C 208 -31.74 -29.07 19.49
C HIS C 208 -31.99 -28.57 20.92
N VAL C 209 -31.09 -28.94 21.83
CA VAL C 209 -31.21 -28.51 23.21
C VAL C 209 -31.12 -26.99 23.33
N ASN C 210 -30.29 -26.37 22.49
CA ASN C 210 -30.17 -24.92 22.50
C ASN C 210 -31.46 -24.24 22.05
N PHE C 211 -32.18 -24.87 21.12
CA PHE C 211 -33.41 -24.31 20.56
C PHE C 211 -34.66 -24.79 21.28
N SER C 212 -34.56 -25.06 22.58
CA SER C 212 -35.72 -25.45 23.37
C SER C 212 -36.74 -24.32 23.50
N ASP C 213 -36.37 -23.09 23.15
CA ASP C 213 -37.31 -21.97 23.23
C ASP C 213 -38.50 -22.17 22.32
N GLU C 214 -38.25 -22.66 21.10
CA GLU C 214 -39.35 -22.89 20.15
C GLU C 214 -40.29 -23.97 20.67
N VAL C 215 -39.75 -25.01 21.31
CA VAL C 215 -40.59 -26.04 21.89
C VAL C 215 -41.48 -25.45 22.99
N THR C 216 -40.90 -24.61 23.84
CA THR C 216 -41.69 -23.97 24.89
C THR C 216 -42.78 -23.09 24.30
N ALA C 217 -42.46 -22.40 23.20
CA ALA C 217 -43.47 -21.58 22.52
C ALA C 217 -44.61 -22.44 21.97
N GLY C 218 -44.25 -23.61 21.43
CA GLY C 218 -45.27 -24.46 20.80
C GLY C 218 -46.28 -25.00 21.80
N LEU C 219 -45.83 -25.33 23.01
CA LEU C 219 -46.72 -26.00 23.96
C LEU C 219 -47.83 -25.08 24.43
N ARG C 220 -47.55 -23.78 24.59
CA ARG C 220 -48.58 -22.85 25.01
C ARG C 220 -49.64 -22.62 23.93
N ILE C 221 -49.41 -23.09 22.71
CA ILE C 221 -50.38 -22.95 21.62
C ILE C 221 -50.81 -24.33 21.16
N SER C 222 -50.81 -25.31 22.08
CA SER C 222 -51.19 -26.67 21.74
C SER C 222 -51.78 -27.34 22.97
N ASP C 223 -52.57 -28.39 22.73
CA ASP C 223 -53.23 -29.12 23.80
C ASP C 223 -52.51 -30.42 24.14
N GLY C 224 -51.76 -30.98 23.20
CA GLY C 224 -51.05 -32.23 23.44
C GLY C 224 -49.71 -32.23 22.75
N VAL C 225 -48.84 -33.13 23.20
CA VAL C 225 -47.49 -33.26 22.68
C VAL C 225 -47.30 -34.69 22.20
N VAL C 226 -46.73 -34.84 21.00
CA VAL C 226 -46.43 -36.15 20.43
C VAL C 226 -44.91 -36.30 20.52
N LEU C 227 -44.44 -36.93 21.60
CA LEU C 227 -43.01 -37.11 21.78
C LEU C 227 -42.46 -38.07 20.73
N PHE C 228 -41.29 -37.75 20.19
CA PHE C 228 -40.64 -38.58 19.17
C PHE C 228 -39.39 -39.20 19.76
N ILE C 229 -39.30 -40.52 19.70
CA ILE C 229 -38.15 -41.29 20.19
C ILE C 229 -37.59 -42.09 19.04
N ASP C 230 -36.30 -41.95 18.78
CA ASP C 230 -35.64 -42.75 17.76
C ASP C 230 -35.42 -44.16 18.29
N ALA C 231 -35.79 -45.16 17.48
CA ALA C 231 -35.68 -46.55 17.93
C ALA C 231 -34.23 -46.94 18.18
N ALA C 232 -33.33 -46.58 17.26
CA ALA C 232 -31.93 -46.97 17.41
C ALA C 232 -31.27 -46.31 18.61
N GLU C 233 -31.51 -45.01 18.82
CA GLU C 233 -30.84 -44.25 19.86
C GLU C 233 -31.62 -44.18 21.16
N GLY C 234 -32.87 -44.66 21.19
CA GLY C 234 -33.64 -44.62 22.43
C GLY C 234 -33.88 -43.19 22.90
N VAL C 235 -34.04 -43.05 24.21
CA VAL C 235 -34.21 -41.73 24.81
C VAL C 235 -32.88 -41.00 24.82
N MET C 236 -32.93 -39.69 24.54
CA MET C 236 -31.75 -38.84 24.56
C MET C 236 -31.95 -37.72 25.57
N LEU C 237 -30.96 -36.83 25.66
CA LEU C 237 -31.06 -35.70 26.58
C LEU C 237 -32.21 -34.78 26.19
N ASN C 238 -32.33 -34.48 24.89
CA ASN C 238 -33.41 -33.61 24.42
C ASN C 238 -34.76 -34.28 24.61
N THR C 239 -34.84 -35.60 24.39
CA THR C 239 -36.10 -36.31 24.59
C THR C 239 -36.55 -36.24 26.04
N GLU C 240 -35.64 -36.52 26.97
CA GLU C 240 -35.97 -36.46 28.39
C GLU C 240 -36.35 -35.05 28.81
N ARG C 241 -35.61 -34.05 28.32
CA ARG C 241 -35.92 -32.66 28.65
C ARG C 241 -37.30 -32.27 28.13
N LEU C 242 -37.64 -32.67 26.91
CA LEU C 242 -38.93 -32.34 26.35
C LEU C 242 -40.05 -33.07 27.08
N ILE C 243 -39.81 -34.31 27.50
CA ILE C 243 -40.81 -35.03 28.27
C ILE C 243 -41.07 -34.32 29.60
N LYS C 244 -39.99 -33.96 30.30
CA LYS C 244 -40.14 -33.26 31.57
C LYS C 244 -40.88 -31.94 31.39
N HIS C 245 -40.52 -31.18 30.36
CA HIS C 245 -41.14 -29.88 30.14
C HIS C 245 -42.62 -30.03 29.79
N ALA C 246 -42.94 -30.98 28.91
CA ALA C 246 -44.34 -31.18 28.50
C ALA C 246 -45.20 -31.63 29.66
N VAL C 247 -44.71 -32.60 30.45
CA VAL C 247 -45.48 -33.07 31.60
C VAL C 247 -45.65 -31.95 32.62
N GLN C 248 -44.57 -31.18 32.85
CA GLN C 248 -44.68 -30.01 33.71
C GLN C 248 -45.63 -28.97 33.13
N GLU C 249 -45.74 -28.91 31.80
CA GLU C 249 -46.64 -27.99 31.15
C GLU C 249 -48.10 -28.41 31.24
N ARG C 250 -48.37 -29.60 31.77
CA ARG C 250 -49.74 -30.10 31.94
C ARG C 250 -50.46 -30.22 30.61
N LEU C 251 -49.91 -31.06 29.73
CA LEU C 251 -50.50 -31.34 28.43
C LEU C 251 -50.43 -32.83 28.18
N ALA C 252 -51.34 -33.34 27.32
CA ALA C 252 -51.34 -34.75 26.98
C ALA C 252 -50.08 -35.11 26.21
N VAL C 253 -49.66 -36.36 26.35
CA VAL C 253 -48.43 -36.84 25.73
C VAL C 253 -48.72 -38.16 25.02
N THR C 254 -48.14 -38.33 23.84
CA THR C 254 -48.30 -39.55 23.04
C THR C 254 -46.94 -39.87 22.43
N VAL C 255 -46.18 -40.73 23.12
CA VAL C 255 -44.86 -41.09 22.63
C VAL C 255 -44.99 -41.99 21.41
N CYS C 256 -44.19 -41.71 20.38
CA CYS C 256 -44.13 -42.54 19.19
C CYS C 256 -42.69 -42.91 18.92
N ILE C 257 -42.50 -44.07 18.31
CA ILE C 257 -41.17 -44.62 18.04
C ILE C 257 -40.92 -44.52 16.55
N ASN C 258 -39.84 -43.85 16.17
CA ASN C 258 -39.47 -43.66 14.77
C ASN C 258 -38.13 -44.31 14.49
N LYS C 259 -37.73 -44.28 13.22
CA LYS C 259 -36.46 -44.83 12.77
C LYS C 259 -36.33 -46.32 13.09
N ILE C 260 -37.45 -47.03 13.01
CA ILE C 260 -37.43 -48.49 13.18
C ILE C 260 -36.63 -49.15 12.07
N ASP C 261 -36.57 -48.50 10.90
CA ASP C 261 -35.76 -49.03 9.80
C ASP C 261 -34.31 -49.20 10.21
N ARG C 262 -33.82 -48.37 11.14
CA ARG C 262 -32.47 -48.55 11.64
C ARG C 262 -32.31 -49.90 12.33
N LEU C 263 -33.26 -50.27 13.18
CA LEU C 263 -33.22 -51.59 13.80
C LEU C 263 -33.37 -52.70 12.76
N ILE C 264 -34.24 -52.49 11.77
CA ILE C 264 -34.61 -53.59 10.89
C ILE C 264 -33.54 -53.85 9.84
N LEU C 265 -32.75 -52.84 9.49
CA LEU C 265 -31.77 -53.00 8.42
C LEU C 265 -30.35 -52.64 8.82
N GLU C 266 -30.16 -51.60 9.63
CA GLU C 266 -28.81 -51.22 10.03
C GLU C 266 -28.34 -52.03 11.22
N LEU C 267 -29.06 -51.96 12.34
CA LEU C 267 -28.68 -52.70 13.54
C LEU C 267 -28.92 -54.20 13.38
N LYS C 268 -29.98 -54.58 12.68
CA LYS C 268 -30.26 -55.99 12.35
C LYS C 268 -30.47 -56.85 13.59
N LEU C 269 -31.08 -56.30 14.64
CA LEU C 269 -31.45 -57.13 15.77
C LEU C 269 -32.57 -58.10 15.37
N PRO C 270 -32.64 -59.26 16.01
CA PRO C 270 -33.74 -60.19 15.74
C PRO C 270 -35.05 -59.62 16.23
N PRO C 271 -36.18 -60.08 15.69
CA PRO C 271 -37.48 -59.51 16.09
C PRO C 271 -37.74 -59.55 17.59
N THR C 272 -37.34 -60.63 18.27
CA THR C 272 -37.49 -60.67 19.71
C THR C 272 -36.64 -59.60 20.39
N ASP C 273 -35.39 -59.43 19.93
CA ASP C 273 -34.55 -58.36 20.46
C ASP C 273 -35.12 -56.99 20.11
N ALA C 274 -35.74 -56.86 18.94
CA ALA C 274 -36.39 -55.62 18.58
C ALA C 274 -37.52 -55.28 19.54
N TYR C 275 -38.35 -56.28 19.86
CA TYR C 275 -39.41 -56.05 20.84
C TYR C 275 -38.84 -55.73 22.21
N TYR C 276 -37.74 -56.39 22.58
CA TYR C 276 -37.10 -56.09 23.86
C TYR C 276 -36.63 -54.64 23.92
N LYS C 277 -36.00 -54.16 22.85
CA LYS C 277 -35.54 -52.77 22.81
C LYS C 277 -36.72 -51.81 22.86
N LEU C 278 -37.79 -52.10 22.11
CA LEU C 278 -38.95 -51.24 22.14
C LEU C 278 -39.59 -51.20 23.53
N ARG C 279 -39.69 -52.36 24.18
CA ARG C 279 -40.27 -52.41 25.52
C ARG C 279 -39.40 -51.66 26.52
N HIS C 280 -38.08 -51.76 26.39
CA HIS C 280 -37.20 -51.01 27.27
C HIS C 280 -37.36 -49.51 27.05
N ILE C 281 -37.50 -49.09 25.79
CA ILE C 281 -37.70 -47.68 25.49
C ILE C 281 -38.99 -47.18 26.13
N VAL C 282 -40.08 -47.96 25.97
CA VAL C 282 -41.37 -47.55 26.53
C VAL C 282 -41.30 -47.52 28.06
N ASP C 283 -40.63 -48.50 28.66
CA ASP C 283 -40.50 -48.53 30.12
C ASP C 283 -39.71 -47.33 30.62
N GLU C 284 -38.62 -46.98 29.93
CA GLU C 284 -37.84 -45.80 30.32
C GLU C 284 -38.66 -44.53 30.19
N VAL C 285 -39.44 -44.42 29.10
CA VAL C 285 -40.29 -43.25 28.91
C VAL C 285 -41.32 -43.14 30.03
N ASN C 286 -41.96 -44.27 30.37
CA ASN C 286 -42.95 -44.27 31.43
C ASN C 286 -42.33 -43.92 32.79
N GLY C 287 -41.14 -44.46 33.06
CA GLY C 287 -40.47 -44.14 34.31
C GLY C 287 -40.10 -42.68 34.41
N LEU C 288 -39.60 -42.10 33.31
CA LEU C 288 -39.32 -40.67 33.29
C LEU C 288 -40.60 -39.86 33.48
N ILE C 289 -41.70 -40.32 32.87
CA ILE C 289 -42.98 -39.63 33.03
C ILE C 289 -43.41 -39.65 34.50
N SER C 290 -43.36 -40.83 35.12
CA SER C 290 -43.83 -40.96 36.50
C SER C 290 -42.98 -40.17 37.48
N MET C 291 -41.74 -39.82 37.10
CA MET C 291 -40.90 -39.02 37.99
C MET C 291 -41.48 -37.63 38.21
N TYR C 292 -42.15 -37.09 37.19
CA TYR C 292 -42.72 -35.74 37.27
C TYR C 292 -44.23 -35.70 37.13
N SER C 293 -44.88 -36.79 36.75
CA SER C 293 -46.33 -36.79 36.60
C SER C 293 -47.02 -36.73 37.95
N THR C 294 -48.30 -36.36 37.92
CA THR C 294 -49.14 -36.30 39.12
C THR C 294 -50.24 -37.34 39.10
N ASP C 295 -51.02 -37.41 38.03
CA ASP C 295 -52.11 -38.38 37.91
C ASP C 295 -51.58 -39.69 37.35
N GLU C 296 -51.93 -40.80 38.02
CA GLU C 296 -51.49 -42.11 37.56
C GLU C 296 -52.07 -42.49 36.21
N ASN C 297 -53.13 -41.80 35.77
CA ASN C 297 -53.71 -42.09 34.45
C ASN C 297 -52.76 -41.73 33.31
N LEU C 298 -51.74 -40.92 33.58
CA LEU C 298 -50.79 -40.53 32.55
C LEU C 298 -49.80 -41.66 32.27
N ILE C 299 -50.30 -42.75 31.69
CA ILE C 299 -49.47 -43.91 31.33
C ILE C 299 -49.42 -44.01 29.81
N LEU C 300 -48.31 -44.54 29.31
CA LEU C 300 -48.10 -44.70 27.88
C LEU C 300 -47.73 -46.15 27.59
N SER C 301 -48.42 -46.75 26.62
CA SER C 301 -48.18 -48.13 26.23
C SER C 301 -48.88 -48.42 24.91
N PRO C 302 -48.31 -49.26 24.05
CA PRO C 302 -49.03 -49.66 22.83
C PRO C 302 -50.36 -50.35 23.14
N LEU C 303 -50.45 -51.03 24.27
CA LEU C 303 -51.71 -51.61 24.70
C LEU C 303 -52.71 -50.52 25.07
N LEU C 304 -52.24 -49.43 25.67
CA LEU C 304 -53.12 -48.33 26.02
C LEU C 304 -53.49 -47.47 24.82
N GLY C 305 -52.90 -47.71 23.66
CA GLY C 305 -53.22 -46.94 22.48
C GLY C 305 -52.60 -45.56 22.42
N ASN C 306 -51.55 -45.31 23.18
CA ASN C 306 -50.86 -44.02 23.18
C ASN C 306 -49.43 -44.17 22.67
N VAL C 307 -49.21 -45.12 21.77
CA VAL C 307 -47.89 -45.36 21.20
C VAL C 307 -48.06 -45.66 19.72
N CYS C 308 -47.17 -45.09 18.89
CA CYS C 308 -47.17 -45.33 17.46
C CYS C 308 -45.78 -45.77 17.04
N PHE C 309 -45.72 -46.70 16.10
CA PHE C 309 -44.45 -47.20 15.57
C PHE C 309 -44.32 -46.76 14.12
N SER C 310 -43.40 -45.81 13.87
CA SER C 310 -43.29 -45.18 12.57
C SER C 310 -41.87 -45.31 12.05
N SER C 311 -41.71 -44.99 10.76
CA SER C 311 -40.40 -44.87 10.13
C SER C 311 -40.53 -43.80 9.04
N SER C 312 -40.14 -42.57 9.39
CA SER C 312 -40.32 -41.44 8.48
C SER C 312 -39.56 -41.62 7.18
N GLN C 313 -38.44 -42.35 7.21
CA GLN C 313 -37.63 -42.53 6.01
C GLN C 313 -38.35 -43.35 4.95
N TYR C 314 -39.37 -44.13 5.34
CA TYR C 314 -40.07 -44.97 4.37
C TYR C 314 -41.58 -44.96 4.56
N SER C 315 -42.11 -44.09 5.42
CA SER C 315 -43.55 -44.00 5.67
C SER C 315 -44.12 -45.33 6.17
N ILE C 316 -43.63 -45.74 7.34
CA ILE C 316 -44.00 -47.02 7.93
C ILE C 316 -44.72 -46.76 9.24
N CYS C 317 -45.44 -45.65 9.32
CA CYS C 317 -46.20 -45.34 10.52
C CYS C 317 -47.36 -46.31 10.70
N PHE C 318 -47.55 -46.78 11.93
CA PHE C 318 -48.65 -47.68 12.25
C PHE C 318 -48.78 -47.73 13.77
N THR C 319 -49.76 -48.52 14.22
CA THR C 319 -49.95 -48.81 15.64
C THR C 319 -50.65 -50.15 15.74
N LEU C 320 -51.01 -50.53 16.97
CA LEU C 320 -51.71 -51.79 17.16
C LEU C 320 -53.05 -51.79 16.44
N GLY C 321 -53.84 -50.74 16.64
CA GLY C 321 -55.15 -50.69 16.01
C GLY C 321 -55.08 -50.63 14.49
N SER C 322 -54.20 -49.77 13.97
CA SER C 322 -54.09 -49.61 12.52
C SER C 322 -53.60 -50.88 11.85
N PHE C 323 -52.60 -51.54 12.44
CA PHE C 323 -52.05 -52.74 11.81
C PHE C 323 -53.00 -53.93 11.97
N ALA C 324 -53.74 -53.99 13.08
CA ALA C 324 -54.83 -54.97 13.17
C ALA C 324 -55.89 -54.70 12.12
N LYS C 325 -56.18 -53.43 11.83
CA LYS C 325 -57.08 -53.11 10.74
C LYS C 325 -56.49 -53.52 9.39
N ILE C 326 -55.17 -53.48 9.26
CA ILE C 326 -54.53 -54.00 8.05
C ILE C 326 -54.81 -55.49 7.91
N TYR C 327 -54.64 -56.25 9.00
CA TYR C 327 -55.10 -57.64 8.99
C TYR C 327 -56.58 -57.75 8.61
N ALA C 328 -57.42 -56.89 9.17
CA ALA C 328 -58.86 -56.97 8.90
C ALA C 328 -59.15 -56.77 7.42
N ASP C 329 -58.49 -55.79 6.80
CA ASP C 329 -58.64 -55.58 5.37
C ASP C 329 -58.13 -56.79 4.59
N THR C 330 -57.04 -57.40 5.06
CA THR C 330 -56.48 -58.55 4.36
C THR C 330 -57.34 -59.80 4.57
N PHE C 331 -57.87 -59.98 5.78
CA PHE C 331 -58.61 -61.19 6.12
C PHE C 331 -60.12 -60.97 6.16
N GLY C 332 -60.58 -60.04 6.97
CA GLY C 332 -62.00 -59.79 7.09
C GLY C 332 -62.61 -60.44 8.32
N ASP C 333 -63.67 -59.81 8.84
CA ASP C 333 -64.42 -60.31 9.99
C ASP C 333 -63.51 -60.52 11.20
N ILE C 334 -62.71 -59.49 11.51
CA ILE C 334 -61.81 -59.51 12.66
C ILE C 334 -62.09 -58.28 13.49
N ASN C 335 -62.31 -58.48 14.79
CA ASN C 335 -62.54 -57.38 15.72
C ASN C 335 -61.24 -56.62 15.97
N TYR C 336 -61.03 -55.54 15.24
CA TYR C 336 -59.72 -54.88 15.26
C TYR C 336 -59.35 -54.38 16.66
N GLN C 337 -60.30 -53.78 17.37
CA GLN C 337 -59.97 -53.21 18.69
C GLN C 337 -59.62 -54.31 19.69
N GLU C 338 -60.48 -55.32 19.83
CA GLU C 338 -60.25 -56.39 20.79
C GLU C 338 -59.01 -57.19 20.43
N PHE C 339 -58.81 -57.47 19.14
CA PHE C 339 -57.65 -58.23 18.70
C PHE C 339 -56.37 -57.45 18.96
N ALA C 340 -56.34 -56.16 18.60
CA ALA C 340 -55.19 -55.32 18.89
C ALA C 340 -54.93 -55.20 20.38
N LYS C 341 -55.98 -55.33 21.20
CA LYS C 341 -55.79 -55.36 22.64
C LYS C 341 -55.01 -56.60 23.08
N ARG C 342 -54.87 -57.60 22.22
CA ARG C 342 -54.08 -58.79 22.52
C ARG C 342 -52.88 -58.93 21.58
N LEU C 343 -52.57 -57.92 20.78
CA LEU C 343 -51.50 -58.02 19.80
C LEU C 343 -50.14 -57.62 20.37
N TRP C 344 -50.11 -57.01 21.56
CA TRP C 344 -48.86 -56.52 22.13
C TRP C 344 -48.70 -57.06 23.55
N GLY C 345 -47.44 -57.21 23.96
CA GLY C 345 -47.11 -57.63 25.30
C GLY C 345 -46.40 -58.98 25.31
N ASP C 346 -46.18 -59.48 26.52
CA ASP C 346 -45.46 -60.74 26.73
C ASP C 346 -46.31 -61.96 26.39
N ILE C 347 -47.60 -61.79 26.12
CA ILE C 347 -48.46 -62.94 25.84
C ILE C 347 -48.09 -63.54 24.49
N TYR C 348 -48.21 -64.87 24.39
CA TYR C 348 -47.88 -65.61 23.18
C TYR C 348 -49.14 -66.18 22.55
N PHE C 349 -49.11 -66.34 21.23
CA PHE C 349 -50.26 -66.84 20.50
C PHE C 349 -50.17 -68.34 20.30
N ASN C 350 -51.29 -69.03 20.51
CA ASN C 350 -51.36 -70.48 20.37
C ASN C 350 -52.20 -70.83 19.15
N PRO C 351 -51.59 -71.25 18.04
CA PRO C 351 -52.38 -71.60 16.85
C PRO C 351 -53.33 -72.76 17.05
N LYS C 352 -52.98 -73.72 17.92
CA LYS C 352 -53.82 -74.89 18.10
C LYS C 352 -55.20 -74.51 18.65
N THR C 353 -55.24 -73.64 19.65
CA THR C 353 -56.49 -73.16 20.21
C THR C 353 -57.01 -71.91 19.51
N ARG C 354 -56.25 -71.35 18.56
CA ARG C 354 -56.63 -70.13 17.86
C ARG C 354 -56.88 -68.98 18.84
N LYS C 355 -56.16 -68.99 19.96
CA LYS C 355 -56.33 -67.98 21.01
C LYS C 355 -54.97 -67.56 21.52
N PHE C 356 -54.91 -66.35 22.06
CA PHE C 356 -53.67 -65.81 22.61
C PHE C 356 -53.58 -66.15 24.09
N THR C 357 -52.54 -66.89 24.45
CA THR C 357 -52.36 -67.39 25.82
C THR C 357 -51.44 -66.48 26.60
N LYS C 358 -51.86 -66.12 27.81
CA LYS C 358 -51.00 -65.31 28.69
C LYS C 358 -49.71 -66.05 29.01
N LYS C 359 -49.81 -67.33 29.33
CA LYS C 359 -48.64 -68.18 29.52
C LYS C 359 -48.17 -68.69 28.15
N ALA C 360 -46.90 -68.51 27.86
CA ALA C 360 -46.38 -68.82 26.53
C ALA C 360 -46.39 -70.33 26.30
N PRO C 361 -47.10 -70.81 25.27
CA PRO C 361 -47.12 -72.24 24.98
C PRO C 361 -46.04 -72.62 23.96
N THR C 362 -45.87 -73.93 23.81
CA THR C 362 -45.00 -74.57 22.81
C THR C 362 -43.53 -74.30 23.04
N SER C 363 -43.16 -73.51 24.04
CA SER C 363 -41.78 -73.21 24.41
C SER C 363 -40.99 -72.55 23.28
N SER C 364 -41.65 -72.15 22.19
CA SER C 364 -40.98 -71.48 21.09
C SER C 364 -41.83 -70.39 20.46
N SER C 365 -42.91 -69.98 21.10
CA SER C 365 -43.81 -68.96 20.55
C SER C 365 -43.35 -67.59 21.03
N GLN C 366 -42.90 -66.76 20.09
CA GLN C 366 -42.47 -65.41 20.41
C GLN C 366 -43.66 -64.58 20.89
N ARG C 367 -43.39 -63.34 21.29
CA ARG C 367 -44.47 -62.47 21.76
C ARG C 367 -45.46 -62.22 20.63
N SER C 368 -46.66 -61.78 20.98
CA SER C 368 -47.68 -61.51 19.98
C SER C 368 -47.22 -60.43 19.00
N PHE C 369 -46.64 -59.36 19.53
CA PHE C 369 -46.20 -58.27 18.67
C PHE C 369 -45.13 -58.71 17.70
N VAL C 370 -44.10 -59.39 18.21
CA VAL C 370 -43.04 -59.86 17.35
C VAL C 370 -43.60 -60.82 16.34
N GLU C 371 -44.52 -61.67 16.79
CA GLU C 371 -45.09 -62.67 15.91
C GLU C 371 -45.87 -62.07 14.76
N PHE C 372 -46.64 -61.03 15.04
CA PHE C 372 -47.50 -60.47 14.00
C PHE C 372 -47.03 -59.16 13.39
N ILE C 373 -46.39 -58.30 14.18
CA ILE C 373 -45.99 -57.00 13.65
C ILE C 373 -44.57 -57.02 13.12
N LEU C 374 -43.61 -57.41 13.96
CA LEU C 374 -42.22 -57.37 13.55
C LEU C 374 -41.91 -58.34 12.42
N GLU C 375 -42.39 -59.56 12.53
CA GLU C 375 -42.04 -60.56 11.52
C GLU C 375 -42.33 -60.10 10.09
N PRO C 376 -43.57 -59.64 9.81
CA PRO C 376 -43.86 -59.27 8.43
C PRO C 376 -42.97 -58.12 7.98
N LEU C 377 -42.82 -57.11 8.83
CA LEU C 377 -41.99 -55.98 8.49
C LEU C 377 -40.60 -56.47 8.14
N TYR C 378 -40.03 -57.29 9.00
CA TYR C 378 -38.73 -57.85 8.72
C TYR C 378 -38.75 -58.54 7.36
N LYS C 379 -39.71 -59.44 7.17
CA LYS C 379 -39.75 -60.18 5.91
C LYS C 379 -39.81 -59.25 4.72
N ILE C 380 -40.67 -58.23 4.78
CA ILE C 380 -40.84 -57.34 3.63
C ILE C 380 -39.60 -56.48 3.43
N LEU C 381 -39.01 -55.98 4.53
CA LEU C 381 -37.80 -55.16 4.38
C LEU C 381 -36.62 -56.00 3.89
N ALA C 382 -36.52 -57.26 4.32
CA ALA C 382 -35.46 -58.13 3.81
C ALA C 382 -35.66 -58.44 2.33
N GLN C 383 -36.90 -58.71 1.92
CA GLN C 383 -37.17 -58.96 0.52
C GLN C 383 -36.87 -57.74 -0.34
N VAL C 384 -37.27 -56.55 0.13
CA VAL C 384 -37.07 -55.33 -0.66
C VAL C 384 -35.60 -54.96 -0.73
N VAL C 385 -34.89 -55.04 0.40
CA VAL C 385 -33.53 -54.53 0.48
C VAL C 385 -32.46 -55.59 0.24
N GLY C 386 -32.82 -56.87 0.30
CA GLY C 386 -31.80 -57.90 0.15
C GLY C 386 -32.02 -58.89 -0.97
N ASP C 387 -33.28 -59.10 -1.36
CA ASP C 387 -33.63 -60.10 -2.36
C ASP C 387 -34.70 -59.57 -3.30
N VAL C 388 -34.59 -58.29 -3.67
CA VAL C 388 -35.62 -57.66 -4.50
C VAL C 388 -35.73 -58.37 -5.84
N ASP C 389 -34.60 -58.55 -6.52
CA ASP C 389 -34.63 -59.07 -7.89
C ASP C 389 -35.23 -60.48 -7.96
N THR C 390 -34.94 -61.32 -6.97
CA THR C 390 -35.39 -62.71 -7.02
C THR C 390 -36.85 -62.85 -6.59
N SER C 391 -37.17 -62.43 -5.37
CA SER C 391 -38.46 -62.72 -4.77
C SER C 391 -39.29 -61.47 -4.53
N LEU C 392 -39.05 -60.40 -5.29
CA LEU C 392 -39.90 -59.22 -5.19
C LEU C 392 -41.33 -59.47 -5.66
N PRO C 393 -41.58 -60.08 -6.83
CA PRO C 393 -42.98 -60.23 -7.28
C PRO C 393 -43.81 -61.13 -6.39
N ARG C 394 -43.26 -62.26 -5.94
CA ARG C 394 -44.04 -63.18 -5.11
C ARG C 394 -44.44 -62.53 -3.80
N THR C 395 -43.52 -61.83 -3.15
CA THR C 395 -43.85 -61.16 -1.90
C THR C 395 -44.88 -60.07 -2.10
N LEU C 396 -44.76 -59.31 -3.19
CA LEU C 396 -45.73 -58.26 -3.49
C LEU C 396 -47.12 -58.85 -3.72
N ASP C 397 -47.20 -59.97 -4.46
CA ASP C 397 -48.48 -60.62 -4.68
C ASP C 397 -49.07 -61.14 -3.38
N GLU C 398 -48.22 -61.74 -2.52
CA GLU C 398 -48.71 -62.21 -1.23
C GLU C 398 -49.26 -61.07 -0.39
N LEU C 399 -48.53 -59.97 -0.33
CA LEU C 399 -49.00 -58.79 0.40
C LEU C 399 -50.12 -58.06 -0.33
N GLY C 400 -50.26 -58.27 -1.65
CA GLY C 400 -51.32 -57.68 -2.43
C GLY C 400 -50.91 -56.45 -3.21
N ILE C 401 -49.79 -55.83 -2.87
CA ILE C 401 -49.35 -54.62 -3.58
C ILE C 401 -48.90 -54.98 -4.98
N HIS C 402 -49.29 -54.15 -5.95
CA HIS C 402 -48.82 -54.26 -7.32
C HIS C 402 -48.05 -53.00 -7.68
N LEU C 403 -46.86 -53.19 -8.24
CA LEU C 403 -46.00 -52.10 -8.68
C LEU C 403 -45.66 -52.28 -10.14
N THR C 404 -45.67 -51.18 -10.89
CA THR C 404 -45.37 -51.24 -12.31
C THR C 404 -43.88 -51.46 -12.52
N LYS C 405 -43.52 -51.78 -13.77
CA LYS C 405 -42.13 -52.07 -14.10
C LYS C 405 -41.23 -50.88 -13.78
N GLU C 406 -41.70 -49.66 -14.06
CA GLU C 406 -40.92 -48.48 -13.71
C GLU C 406 -40.76 -48.34 -12.21
N GLU C 407 -41.83 -48.58 -11.45
CA GLU C 407 -41.78 -48.39 -10.01
C GLU C 407 -40.89 -49.43 -9.33
N LEU C 408 -40.80 -50.64 -9.89
CA LEU C 408 -39.96 -51.69 -9.32
C LEU C 408 -38.53 -51.63 -9.82
N LYS C 409 -38.20 -50.67 -10.67
CA LYS C 409 -36.84 -50.49 -11.17
C LYS C 409 -36.11 -49.37 -10.43
N LEU C 410 -36.69 -48.85 -9.36
CA LEU C 410 -36.09 -47.76 -8.60
C LEU C 410 -34.88 -48.26 -7.81
N ASN C 411 -34.22 -47.34 -7.13
CA ASN C 411 -33.20 -47.71 -6.16
C ASN C 411 -33.83 -48.38 -4.95
N ILE C 412 -32.99 -49.07 -4.18
CA ILE C 412 -33.50 -49.90 -3.09
C ILE C 412 -34.28 -49.07 -2.08
N ARG C 413 -33.74 -47.91 -1.70
CA ARG C 413 -34.39 -47.12 -0.65
C ARG C 413 -35.68 -46.47 -1.14
N PRO C 414 -35.73 -45.77 -2.27
CA PRO C 414 -37.03 -45.25 -2.75
C PRO C 414 -38.03 -46.35 -3.05
N LEU C 415 -37.58 -47.51 -3.55
CA LEU C 415 -38.50 -48.63 -3.77
C LEU C 415 -39.07 -49.12 -2.46
N LEU C 416 -38.23 -49.21 -1.42
CA LEU C 416 -38.72 -49.61 -0.10
C LEU C 416 -39.75 -48.61 0.43
N ARG C 417 -39.47 -47.31 0.24
CA ARG C 417 -40.43 -46.30 0.67
C ARG C 417 -41.75 -46.45 -0.07
N LEU C 418 -41.70 -46.69 -1.38
CA LEU C 418 -42.91 -46.87 -2.17
C LEU C 418 -43.70 -48.09 -1.71
N VAL C 419 -43.00 -49.20 -1.49
CA VAL C 419 -43.66 -50.43 -1.06
C VAL C 419 -44.32 -50.24 0.31
N CYS C 420 -43.61 -49.59 1.23
CA CYS C 420 -44.17 -49.35 2.55
C CYS C 420 -45.37 -48.42 2.48
N LYS C 421 -45.30 -47.39 1.63
CA LYS C 421 -46.43 -46.47 1.49
C LYS C 421 -47.65 -47.19 0.91
N LYS C 422 -47.44 -48.08 -0.07
CA LYS C 422 -48.54 -48.87 -0.60
C LYS C 422 -49.12 -49.79 0.47
N PHE C 423 -48.24 -50.44 1.25
CA PHE C 423 -48.69 -51.44 2.21
C PHE C 423 -49.46 -50.81 3.35
N PHE C 424 -48.93 -49.74 3.94
CA PHE C 424 -49.54 -49.10 5.10
C PHE C 424 -50.55 -48.02 4.73
N GLY C 425 -50.61 -47.62 3.47
CA GLY C 425 -51.55 -46.58 3.07
C GLY C 425 -51.29 -45.29 3.81
N GLU C 426 -52.36 -44.66 4.30
CA GLU C 426 -52.25 -43.40 5.01
C GLU C 426 -51.73 -43.63 6.42
N PHE C 427 -51.36 -42.53 7.08
CA PHE C 427 -50.90 -42.56 8.46
C PHE C 427 -52.08 -42.52 9.41
N THR C 428 -53.01 -43.47 9.25
CA THR C 428 -54.24 -43.46 10.04
C THR C 428 -53.97 -43.70 11.52
N GLY C 429 -53.01 -44.57 11.84
CA GLY C 429 -52.76 -44.91 13.23
C GLY C 429 -52.35 -43.72 14.06
N PHE C 430 -51.51 -42.85 13.49
CA PHE C 430 -51.06 -41.66 14.22
C PHE C 430 -52.24 -40.74 14.53
N VAL C 431 -53.12 -40.51 13.56
CA VAL C 431 -54.27 -39.66 13.78
C VAL C 431 -55.21 -40.27 14.81
N ASP C 432 -55.41 -41.59 14.73
CA ASP C 432 -56.27 -42.26 15.71
C ASP C 432 -55.70 -42.14 17.12
N MET C 433 -54.39 -42.34 17.27
CA MET C 433 -53.77 -42.21 18.59
C MET C 433 -53.87 -40.79 19.10
N CYS C 434 -53.66 -39.80 18.23
CA CYS C 434 -53.77 -38.40 18.65
C CYS C 434 -55.18 -38.07 19.09
N VAL C 435 -56.18 -38.54 18.35
CA VAL C 435 -57.58 -38.29 18.73
C VAL C 435 -57.89 -38.98 20.05
N GLN C 436 -57.37 -40.18 20.25
CA GLN C 436 -57.63 -40.91 21.49
C GLN C 436 -57.02 -40.20 22.69
N HIS C 437 -55.76 -39.81 22.60
CA HIS C 437 -55.05 -39.26 23.74
C HIS C 437 -55.16 -37.74 23.82
N ILE C 438 -54.71 -37.04 22.78
CA ILE C 438 -54.74 -35.58 22.77
C ILE C 438 -56.20 -35.12 22.66
N PRO C 439 -56.72 -34.43 23.66
CA PRO C 439 -58.15 -34.08 23.66
C PRO C 439 -58.47 -32.98 22.65
N SER C 440 -59.76 -32.73 22.50
CA SER C 440 -60.24 -31.63 21.68
C SER C 440 -60.00 -30.31 22.41
N PRO C 441 -59.95 -29.19 21.68
CA PRO C 441 -59.73 -27.91 22.35
C PRO C 441 -60.79 -27.58 23.39
N LYS C 442 -62.05 -27.94 23.12
CA LYS C 442 -63.10 -27.75 24.11
C LYS C 442 -62.87 -28.63 25.33
N VAL C 443 -62.44 -29.88 25.12
CA VAL C 443 -62.15 -30.76 26.24
C VAL C 443 -60.97 -30.24 27.05
N GLY C 444 -59.92 -29.80 26.36
CA GLY C 444 -58.72 -29.30 27.01
C GLY C 444 -58.72 -27.81 27.29
N ALA C 445 -59.86 -27.14 27.10
CA ALA C 445 -59.91 -25.70 27.36
C ALA C 445 -59.70 -25.40 28.84
N LYS C 446 -60.37 -26.16 29.71
CA LYS C 446 -60.24 -25.92 31.15
C LYS C 446 -58.83 -26.11 31.66
N PRO C 447 -58.10 -27.18 31.32
CA PRO C 447 -56.69 -27.27 31.76
C PRO C 447 -55.83 -26.11 31.29
N LYS C 448 -56.00 -25.69 30.03
CA LYS C 448 -55.21 -24.57 29.52
C LYS C 448 -55.53 -23.29 30.27
N ILE C 449 -56.81 -23.01 30.50
CA ILE C 449 -57.21 -21.80 31.21
C ILE C 449 -56.66 -21.83 32.64
N GLU C 450 -56.75 -22.99 33.30
CA GLU C 450 -56.25 -23.10 34.66
C GLU C 450 -54.74 -22.92 34.72
N HIS C 451 -54.02 -23.41 33.70
CA HIS C 451 -52.56 -23.44 33.76
C HIS C 451 -51.95 -22.14 33.27
N THR C 452 -52.16 -21.79 32.00
CA THR C 452 -51.46 -20.66 31.40
C THR C 452 -52.27 -19.37 31.46
N TYR C 453 -53.60 -19.44 31.30
CA TYR C 453 -54.40 -18.23 31.34
C TYR C 453 -54.43 -17.64 32.74
N THR C 454 -54.16 -16.34 32.84
CA THR C 454 -54.16 -15.66 34.11
C THR C 454 -55.58 -15.15 34.41
N GLY C 455 -55.81 -14.78 35.67
CA GLY C 455 -57.10 -14.32 36.11
C GLY C 455 -58.00 -15.40 36.67
N GLY C 456 -57.55 -16.65 36.67
CA GLY C 456 -58.30 -17.74 37.28
C GLY C 456 -59.37 -18.33 36.39
N VAL C 457 -59.46 -19.67 36.40
CA VAL C 457 -60.49 -20.35 35.62
C VAL C 457 -61.87 -20.08 36.20
N ASP C 458 -61.96 -19.98 37.53
CA ASP C 458 -63.26 -19.82 38.17
C ASP C 458 -63.85 -18.43 37.91
N SER C 459 -63.05 -17.51 37.36
CA SER C 459 -63.56 -16.18 37.05
C SER C 459 -64.59 -16.24 35.94
N ASP C 460 -65.42 -15.18 35.86
CA ASP C 460 -66.44 -15.11 34.81
C ASP C 460 -65.81 -15.16 33.43
N LEU C 461 -64.80 -14.30 33.20
CA LEU C 461 -64.05 -14.38 31.95
C LEU C 461 -63.32 -15.71 31.84
N GLY C 462 -62.81 -16.22 32.96
CA GLY C 462 -62.19 -17.55 32.96
C GLY C 462 -63.18 -18.63 32.58
N GLU C 463 -64.41 -18.56 33.12
CA GLU C 463 -65.43 -19.53 32.76
C GLU C 463 -65.80 -19.43 31.28
N ALA C 464 -65.91 -18.20 30.76
CA ALA C 464 -66.22 -18.03 29.35
C ALA C 464 -65.12 -18.61 28.47
N MET C 465 -63.86 -18.39 28.84
CA MET C 465 -62.76 -18.96 28.09
C MET C 465 -62.78 -20.49 28.17
N SER C 466 -63.06 -21.03 29.36
CA SER C 466 -63.10 -22.48 29.53
C SER C 466 -64.23 -23.10 28.70
N ASP C 467 -65.31 -22.34 28.49
CA ASP C 467 -66.40 -22.84 27.67
C ASP C 467 -65.96 -23.10 26.24
N CYS C 468 -64.93 -22.39 25.77
CA CYS C 468 -64.40 -22.53 24.41
C CYS C 468 -65.50 -22.33 23.38
N ASP C 469 -66.24 -21.23 23.52
CA ASP C 469 -67.36 -20.93 22.65
C ASP C 469 -66.95 -19.85 21.66
N PRO C 470 -66.95 -20.13 20.34
CA PRO C 470 -66.63 -19.08 19.38
C PRO C 470 -67.55 -17.86 19.48
N ASP C 471 -68.80 -18.06 19.87
CA ASP C 471 -69.71 -16.94 20.07
C ASP C 471 -69.49 -16.33 21.45
N GLY C 472 -68.25 -15.97 21.76
CA GLY C 472 -67.91 -15.40 23.03
C GLY C 472 -66.90 -14.28 22.89
N PRO C 473 -66.46 -13.71 24.01
CA PRO C 473 -65.45 -12.66 23.95
C PRO C 473 -64.15 -13.18 23.35
N LEU C 474 -63.47 -12.32 22.60
CA LEU C 474 -62.23 -12.71 21.94
C LEU C 474 -61.06 -12.54 22.91
N MET C 475 -60.45 -13.65 23.29
CA MET C 475 -59.33 -13.68 24.24
C MET C 475 -58.21 -14.57 23.70
N CYS C 476 -57.85 -14.35 22.44
CA CYS C 476 -56.81 -15.15 21.80
C CYS C 476 -55.45 -14.90 22.46
N HIS C 477 -54.47 -15.68 22.03
CA HIS C 477 -53.13 -15.63 22.60
C HIS C 477 -52.13 -16.04 21.53
N THR C 478 -51.13 -15.18 21.29
CA THR C 478 -50.12 -15.41 20.27
C THR C 478 -48.79 -15.69 20.95
N THR C 479 -48.27 -16.90 20.75
CA THR C 479 -47.01 -17.28 21.39
C THR C 479 -45.81 -16.78 20.58
N LYS C 480 -45.67 -17.23 19.35
CA LYS C 480 -44.54 -16.89 18.50
C LYS C 480 -44.92 -15.80 17.51
N MET C 481 -43.94 -14.96 17.16
CA MET C 481 -44.12 -13.87 16.20
C MET C 481 -43.22 -14.14 15.00
N TYR C 482 -43.81 -14.65 13.92
CA TYR C 482 -43.05 -14.99 12.73
C TYR C 482 -42.81 -13.76 11.88
N SER C 483 -41.80 -13.87 10.99
CA SER C 483 -41.37 -12.77 10.15
C SER C 483 -41.73 -13.04 8.70
N THR C 484 -42.08 -11.98 7.97
CA THR C 484 -42.43 -12.11 6.57
C THR C 484 -41.21 -12.46 5.73
N ASP C 485 -41.46 -12.84 4.49
CA ASP C 485 -40.36 -13.23 3.59
C ASP C 485 -39.41 -12.07 3.34
N ASP C 486 -39.95 -10.86 3.15
CA ASP C 486 -39.11 -9.69 2.94
C ASP C 486 -38.32 -9.30 4.18
N GLY C 487 -38.76 -9.71 5.36
CA GLY C 487 -38.09 -9.37 6.59
C GLY C 487 -38.45 -8.00 7.15
N VAL C 488 -39.47 -7.36 6.63
CA VAL C 488 -39.87 -6.03 7.09
C VAL C 488 -40.99 -6.11 8.12
N GLN C 489 -42.05 -6.83 7.80
CA GLN C 489 -43.20 -6.95 8.67
C GLN C 489 -43.17 -8.27 9.44
N PHE C 490 -43.92 -8.31 10.54
CA PHE C 490 -43.98 -9.47 11.41
C PHE C 490 -45.41 -9.98 11.49
N HIS C 491 -45.56 -11.30 11.51
CA HIS C 491 -46.86 -11.95 11.53
C HIS C 491 -46.96 -12.77 12.82
N ALA C 492 -47.64 -12.21 13.82
CA ALA C 492 -47.83 -12.93 15.08
C ALA C 492 -48.63 -14.20 14.83
N PHE C 493 -48.38 -15.21 15.66
CA PHE C 493 -48.99 -16.52 15.50
C PHE C 493 -49.51 -17.01 16.84
N GLY C 494 -50.76 -17.46 16.86
CA GLY C 494 -51.35 -17.99 18.07
C GLY C 494 -52.65 -18.70 17.76
N ARG C 495 -53.22 -19.29 18.82
CA ARG C 495 -54.48 -20.01 18.73
C ARG C 495 -55.53 -19.28 19.56
N VAL C 496 -56.74 -19.18 19.01
CA VAL C 496 -57.81 -18.41 19.64
C VAL C 496 -58.41 -19.26 20.77
N LEU C 497 -58.26 -18.78 22.01
CA LEU C 497 -58.87 -19.48 23.14
C LEU C 497 -60.37 -19.26 23.19
N SER C 498 -60.85 -18.21 22.54
CA SER C 498 -62.27 -17.89 22.51
C SER C 498 -62.51 -16.82 21.45
N GLY C 499 -63.79 -16.59 21.15
CA GLY C 499 -64.14 -15.62 20.14
C GLY C 499 -63.83 -16.10 18.73
N THR C 500 -63.80 -15.14 17.81
CA THR C 500 -63.50 -15.42 16.40
C THR C 500 -62.83 -14.19 15.81
N ILE C 501 -61.50 -14.23 15.73
CA ILE C 501 -60.75 -13.13 15.13
C ILE C 501 -60.99 -13.11 13.62
N HIS C 502 -61.34 -11.94 13.10
CA HIS C 502 -61.64 -11.77 11.69
C HIS C 502 -60.80 -10.63 11.11
N ALA C 503 -60.59 -10.68 9.80
CA ALA C 503 -59.80 -9.65 9.13
C ALA C 503 -60.51 -8.30 9.24
N GLY C 504 -59.70 -7.24 9.38
CA GLY C 504 -60.22 -5.90 9.50
C GLY C 504 -60.86 -5.56 10.83
N GLN C 505 -60.84 -6.48 11.79
CA GLN C 505 -61.44 -6.20 13.08
C GLN C 505 -60.50 -5.35 13.94
N PRO C 506 -61.05 -4.41 14.72
CA PRO C 506 -60.21 -3.66 15.65
C PRO C 506 -59.98 -4.46 16.93
N VAL C 507 -58.72 -4.61 17.32
CA VAL C 507 -58.36 -5.42 18.48
C VAL C 507 -57.59 -4.56 19.47
N LYS C 508 -57.48 -5.07 20.70
CA LYS C 508 -56.72 -4.44 21.76
C LYS C 508 -55.66 -5.45 22.21
N VAL C 509 -54.50 -5.40 21.57
CA VAL C 509 -53.45 -6.39 21.80
C VAL C 509 -52.75 -6.09 23.10
N LEU C 510 -53.14 -6.79 24.16
CA LEU C 510 -52.50 -6.63 25.46
C LEU C 510 -51.09 -7.20 25.40
N GLY C 511 -50.10 -6.39 25.79
CA GLY C 511 -48.72 -6.80 25.74
C GLY C 511 -48.36 -7.79 26.82
N GLU C 512 -47.06 -8.09 26.91
CA GLU C 512 -46.57 -9.05 27.88
C GLU C 512 -46.67 -8.55 29.31
N ASN C 513 -46.93 -7.26 29.52
CA ASN C 513 -47.06 -6.69 30.86
C ASN C 513 -48.29 -5.81 30.98
N TYR C 514 -49.33 -6.12 30.21
CA TYR C 514 -50.57 -5.33 30.22
C TYR C 514 -51.45 -5.81 31.37
N THR C 515 -51.02 -5.45 32.58
CA THR C 515 -51.75 -5.85 33.78
C THR C 515 -53.11 -5.15 33.84
N LEU C 516 -53.92 -5.58 34.80
CA LEU C 516 -55.25 -4.97 34.96
C LEU C 516 -55.16 -3.60 35.60
N GLU C 517 -54.34 -3.45 36.64
CA GLU C 517 -54.22 -2.16 37.31
C GLU C 517 -53.64 -1.10 36.39
N ASP C 518 -52.61 -1.45 35.62
CA ASP C 518 -51.93 -0.52 34.72
C ASP C 518 -52.02 -1.08 33.30
N GLU C 519 -53.07 -0.66 32.58
CA GLU C 519 -53.29 -1.06 31.20
C GLU C 519 -52.42 -0.30 30.21
N GLU C 520 -51.40 0.42 30.68
CA GLU C 520 -50.60 1.28 29.81
C GLU C 520 -49.90 0.50 28.70
N ASP C 521 -49.70 -0.81 28.88
CA ASP C 521 -49.05 -1.60 27.85
C ASP C 521 -49.97 -1.98 26.70
N SER C 522 -51.28 -1.72 26.83
CA SER C 522 -52.21 -2.05 25.77
C SER C 522 -51.99 -1.15 24.56
N GLN C 523 -52.28 -1.69 23.38
CA GLN C 523 -52.16 -0.94 22.12
C GLN C 523 -53.31 -1.36 21.22
N ILE C 524 -54.31 -0.49 21.07
CA ILE C 524 -55.48 -0.81 20.26
C ILE C 524 -55.09 -0.76 18.79
N CYS C 525 -55.08 -1.93 18.14
CA CYS C 525 -54.71 -2.05 16.75
C CYS C 525 -55.89 -2.58 15.94
N THR C 526 -55.67 -2.78 14.64
CA THR C 526 -56.68 -3.28 13.71
C THR C 526 -56.09 -4.46 12.96
N VAL C 527 -56.30 -5.67 13.50
CA VAL C 527 -55.82 -6.87 12.83
C VAL C 527 -56.53 -7.03 11.49
N GLY C 528 -55.86 -7.64 10.53
CA GLY C 528 -56.43 -7.84 9.22
C GLY C 528 -55.55 -8.70 8.34
N ARG C 529 -56.20 -9.32 7.35
CA ARG C 529 -55.51 -10.17 6.37
C ARG C 529 -54.73 -11.29 7.05
N LEU C 530 -55.46 -12.18 7.71
CA LEU C 530 -54.86 -13.30 8.42
C LEU C 530 -55.03 -14.58 7.61
N TRP C 531 -54.01 -15.43 7.62
CA TRP C 531 -53.99 -16.67 6.88
C TRP C 531 -54.17 -17.86 7.81
N ILE C 532 -54.15 -19.06 7.24
CA ILE C 532 -54.17 -20.29 8.01
C ILE C 532 -52.75 -20.78 8.19
N SER C 533 -52.56 -21.71 9.12
CA SER C 533 -51.23 -22.20 9.49
C SER C 533 -50.81 -23.32 8.54
N VAL C 534 -50.34 -22.93 7.36
CA VAL C 534 -49.74 -23.88 6.44
C VAL C 534 -48.23 -23.79 6.57
N ALA C 535 -47.51 -24.82 6.11
CA ALA C 535 -46.07 -24.86 6.32
C ALA C 535 -45.32 -24.04 5.28
N ARG C 536 -45.44 -24.41 4.00
CA ARG C 536 -44.67 -23.78 2.95
C ARG C 536 -45.49 -22.84 2.07
N TYR C 537 -46.81 -22.82 2.21
CA TYR C 537 -47.64 -21.95 1.41
C TYR C 537 -48.91 -21.65 2.20
N HIS C 538 -48.92 -20.53 2.92
CA HIS C 538 -50.05 -20.17 3.77
C HIS C 538 -51.30 -19.95 2.93
N ILE C 539 -52.46 -20.20 3.55
CA ILE C 539 -53.75 -20.05 2.91
C ILE C 539 -54.55 -19.02 3.69
N GLU C 540 -55.08 -18.02 2.97
CA GLU C 540 -55.80 -16.94 3.62
C GLU C 540 -57.14 -17.42 4.14
N VAL C 541 -57.77 -16.57 4.96
CA VAL C 541 -59.07 -16.87 5.55
C VAL C 541 -59.69 -15.57 6.00
N ASN C 542 -61.02 -15.56 6.12
CA ASN C 542 -61.75 -14.36 6.53
C ASN C 542 -61.84 -14.24 8.05
N ARG C 543 -62.14 -15.35 8.73
CA ARG C 543 -62.26 -15.38 10.18
C ARG C 543 -61.45 -16.54 10.73
N VAL C 544 -61.40 -16.65 12.05
CA VAL C 544 -60.68 -17.72 12.72
C VAL C 544 -61.48 -18.18 13.92
N PRO C 545 -62.15 -19.32 13.85
CA PRO C 545 -62.96 -19.79 14.98
C PRO C 545 -62.10 -20.16 16.18
N ALA C 546 -62.75 -20.17 17.34
CA ALA C 546 -62.06 -20.42 18.60
C ALA C 546 -61.53 -21.86 18.63
N GLY C 547 -60.21 -22.00 18.57
CA GLY C 547 -59.58 -23.30 18.63
C GLY C 547 -58.50 -23.48 17.59
N ASN C 548 -58.70 -22.87 16.42
CA ASN C 548 -57.71 -22.94 15.35
C ASN C 548 -56.54 -22.00 15.64
N TRP C 549 -55.46 -22.21 14.91
CA TRP C 549 -54.25 -21.39 15.02
C TRP C 549 -54.27 -20.32 13.95
N VAL C 550 -54.22 -19.06 14.37
CA VAL C 550 -54.38 -17.91 13.49
C VAL C 550 -53.06 -17.15 13.41
N LEU C 551 -52.62 -16.84 12.19
CA LEU C 551 -51.42 -16.04 11.96
C LEU C 551 -51.88 -14.63 11.61
N ILE C 552 -52.09 -13.81 12.63
CA ILE C 552 -52.56 -12.45 12.47
C ILE C 552 -51.51 -11.61 11.76
N GLU C 553 -51.90 -10.44 11.25
CA GLU C 553 -50.98 -9.59 10.50
C GLU C 553 -51.35 -8.13 10.80
N GLY C 554 -50.63 -7.53 11.74
CA GLY C 554 -50.83 -6.13 12.07
C GLY C 554 -50.72 -5.85 13.55
N VAL C 555 -50.88 -6.88 14.37
CA VAL C 555 -50.79 -6.74 15.82
C VAL C 555 -49.35 -6.89 16.27
N ASP C 556 -48.42 -6.92 15.31
CA ASP C 556 -47.02 -7.13 15.61
C ASP C 556 -46.33 -5.88 16.14
N GLN C 557 -46.95 -4.70 16.04
CA GLN C 557 -46.32 -3.48 16.53
C GLN C 557 -46.05 -3.53 18.03
N PRO C 558 -46.98 -3.90 18.90
CA PRO C 558 -46.66 -4.04 20.33
C PRO C 558 -46.28 -5.43 20.79
N ILE C 559 -46.33 -6.44 19.92
CA ILE C 559 -46.05 -7.81 20.31
C ILE C 559 -44.55 -8.05 20.31
N VAL C 560 -43.92 -7.88 21.47
CA VAL C 560 -42.48 -8.10 21.58
C VAL C 560 -42.16 -9.59 21.67
N LYS C 561 -42.62 -10.24 22.73
CA LYS C 561 -42.38 -11.66 22.93
C LYS C 561 -43.66 -12.47 22.89
N THR C 562 -44.65 -12.13 23.72
CA THR C 562 -45.93 -12.83 23.74
C THR C 562 -47.01 -11.85 24.09
N ALA C 563 -48.20 -12.04 23.51
CA ALA C 563 -49.30 -11.12 23.72
C ALA C 563 -50.62 -11.86 23.57
N THR C 564 -51.66 -11.28 24.16
CA THR C 564 -53.01 -11.84 24.12
C THR C 564 -53.94 -10.78 23.52
N ILE C 565 -54.45 -11.05 22.33
CA ILE C 565 -55.34 -10.11 21.65
C ILE C 565 -56.73 -10.23 22.26
N THR C 566 -57.29 -9.11 22.67
CA THR C 566 -58.59 -9.05 23.32
C THR C 566 -59.55 -8.22 22.48
N GLU C 567 -60.76 -8.01 23.01
CA GLU C 567 -61.79 -7.27 22.30
C GLU C 567 -61.94 -5.90 22.91
N PRO C 568 -61.64 -4.82 22.16
CA PRO C 568 -61.83 -3.48 22.70
C PRO C 568 -63.30 -3.16 22.92
N ARG C 569 -63.55 -2.25 23.86
CA ARG C 569 -64.90 -1.85 24.25
C ARG C 569 -65.69 -3.08 24.74
N GLY C 570 -65.19 -3.67 25.80
CA GLY C 570 -65.77 -4.86 26.38
C GLY C 570 -64.69 -5.72 27.02
N ASN C 571 -65.12 -6.63 27.89
CA ASN C 571 -64.22 -7.47 28.67
C ASN C 571 -63.23 -6.62 29.47
N GLU C 572 -63.74 -5.56 30.09
CA GLU C 572 -62.88 -4.63 30.82
C GLU C 572 -62.18 -5.31 31.99
N GLU C 573 -62.75 -6.40 32.51
CA GLU C 573 -62.10 -7.18 33.56
C GLU C 573 -61.43 -8.40 32.92
N ALA C 574 -60.25 -8.15 32.36
CA ALA C 574 -59.49 -9.16 31.65
C ALA C 574 -58.05 -9.14 32.11
N GLN C 575 -57.37 -10.27 31.95
CA GLN C 575 -55.97 -10.41 32.30
C GLN C 575 -55.18 -10.89 31.08
N ILE C 576 -53.87 -10.79 31.19
CA ILE C 576 -52.95 -11.18 30.12
C ILE C 576 -52.43 -12.57 30.41
N PHE C 577 -52.42 -13.43 29.39
CA PHE C 577 -51.93 -14.79 29.56
C PHE C 577 -50.52 -14.80 30.12
N ARG C 578 -50.27 -15.74 31.03
CA ARG C 578 -49.02 -15.74 31.78
C ARG C 578 -47.83 -15.85 30.82
N PRO C 579 -46.77 -15.09 31.04
CA PRO C 579 -45.60 -15.17 30.14
C PRO C 579 -44.95 -16.53 30.19
N LEU C 580 -44.30 -16.89 29.09
CA LEU C 580 -43.70 -18.22 28.96
C LEU C 580 -42.64 -18.46 30.01
N LYS C 581 -42.59 -19.69 30.50
CA LYS C 581 -41.54 -20.15 31.41
C LYS C 581 -40.73 -21.21 30.67
N PHE C 582 -39.50 -20.86 30.30
CA PHE C 582 -38.72 -21.72 29.44
C PHE C 582 -38.10 -22.87 30.22
N ASN C 583 -37.73 -23.92 29.49
CA ASN C 583 -37.14 -25.10 30.12
C ASN C 583 -35.83 -24.75 30.82
N THR C 584 -34.86 -24.25 30.07
CA THR C 584 -33.57 -23.88 30.62
C THR C 584 -33.41 -22.37 30.64
N THR C 585 -32.31 -21.90 31.18
CA THR C 585 -32.03 -20.48 31.32
C THR C 585 -30.87 -20.09 30.42
N SER C 586 -30.98 -18.91 29.81
CA SER C 586 -29.91 -18.40 28.96
C SER C 586 -28.77 -17.88 29.82
N VAL C 587 -27.55 -18.30 29.52
CA VAL C 587 -26.38 -17.86 30.28
C VAL C 587 -25.29 -17.27 29.41
N ILE C 588 -25.26 -17.52 28.11
CA ILE C 588 -24.22 -16.98 27.25
C ILE C 588 -24.56 -15.53 26.91
N LYS C 589 -23.54 -14.68 26.87
CA LYS C 589 -23.68 -13.28 26.47
C LYS C 589 -22.67 -12.96 25.40
N ILE C 590 -23.05 -12.11 24.45
CA ILE C 590 -22.18 -11.75 23.34
C ILE C 590 -22.44 -10.29 22.96
N ALA C 591 -21.44 -9.44 23.14
CA ALA C 591 -21.55 -8.05 22.71
C ALA C 591 -21.40 -7.96 21.20
N VAL C 592 -22.22 -7.12 20.59
CA VAL C 592 -22.20 -6.92 19.14
C VAL C 592 -22.23 -5.42 18.85
N GLU C 593 -21.42 -5.01 17.88
CA GLU C 593 -21.38 -3.63 17.41
C GLU C 593 -21.18 -3.63 15.91
N PRO C 594 -21.72 -2.63 15.21
CA PRO C 594 -21.51 -2.55 13.76
C PRO C 594 -20.07 -2.20 13.43
N VAL C 595 -19.61 -2.73 12.29
CA VAL C 595 -18.27 -2.37 11.83
C VAL C 595 -18.19 -0.89 11.51
N ASN C 596 -19.24 -0.35 10.87
CA ASN C 596 -19.35 1.07 10.58
C ASN C 596 -20.41 1.67 11.51
N PRO C 597 -20.02 2.50 12.47
CA PRO C 597 -21.01 3.03 13.43
C PRO C 597 -22.06 3.92 12.81
N SER C 598 -21.92 4.22 11.51
CA SER C 598 -22.93 5.00 10.81
C SER C 598 -24.26 4.27 10.77
N GLU C 599 -24.23 2.95 10.52
CA GLU C 599 -25.43 2.15 10.38
C GLU C 599 -25.92 1.57 11.70
N LEU C 600 -25.60 2.22 12.83
CA LEU C 600 -26.07 1.74 14.12
C LEU C 600 -27.60 1.68 14.23
N PRO C 601 -28.37 2.68 13.79
CA PRO C 601 -29.84 2.54 13.89
C PRO C 601 -30.39 1.34 13.14
N LYS C 602 -29.82 1.02 11.97
CA LYS C 602 -30.26 -0.17 11.25
C LYS C 602 -29.96 -1.43 12.04
N MET C 603 -28.77 -1.51 12.64
CA MET C 603 -28.42 -2.69 13.41
C MET C 603 -29.31 -2.83 14.64
N LEU C 604 -29.63 -1.73 15.31
CA LEU C 604 -30.49 -1.84 16.49
C LEU C 604 -31.92 -2.18 16.12
N ASP C 605 -32.41 -1.68 14.98
CA ASP C 605 -33.73 -2.09 14.50
C ASP C 605 -33.75 -3.59 14.19
N GLY C 606 -32.70 -4.08 13.53
CA GLY C 606 -32.60 -5.51 13.28
C GLY C 606 -32.50 -6.31 14.57
N LEU C 607 -31.82 -5.76 15.57
CA LEU C 607 -31.71 -6.43 16.86
C LEU C 607 -33.07 -6.52 17.54
N ARG C 608 -33.86 -5.45 17.47
CA ARG C 608 -35.22 -5.50 18.00
C ARG C 608 -36.05 -6.54 17.26
N LYS C 609 -35.93 -6.58 15.93
CA LYS C 609 -36.68 -7.56 15.15
C LYS C 609 -36.28 -8.99 15.52
N VAL C 610 -34.99 -9.25 15.67
CA VAL C 610 -34.54 -10.60 16.00
C VAL C 610 -34.90 -10.95 17.44
N ASN C 611 -34.94 -9.96 18.33
CA ASN C 611 -35.44 -10.20 19.68
C ASN C 611 -36.90 -10.63 19.64
N LYS C 612 -37.70 -9.95 18.81
CA LYS C 612 -39.08 -10.37 18.64
C LYS C 612 -39.18 -11.77 18.04
N SER C 613 -38.28 -12.09 17.11
CA SER C 613 -38.33 -13.38 16.42
C SER C 613 -38.03 -14.54 17.38
N TYR C 614 -36.94 -14.44 18.13
CA TYR C 614 -36.55 -15.51 19.04
C TYR C 614 -37.19 -15.28 20.41
N PRO C 615 -37.95 -16.24 20.93
CA PRO C 615 -38.69 -16.00 22.18
C PRO C 615 -37.79 -15.80 23.39
N SER C 616 -36.85 -16.73 23.60
CA SER C 616 -36.00 -16.68 24.77
C SER C 616 -34.83 -15.71 24.64
N LEU C 617 -34.63 -15.12 23.46
CA LEU C 617 -33.54 -14.17 23.28
C LEU C 617 -33.75 -12.95 24.17
N THR C 618 -32.69 -12.55 24.87
CA THR C 618 -32.70 -11.36 25.71
C THR C 618 -31.68 -10.36 25.18
N THR C 619 -32.12 -9.12 24.99
CA THR C 619 -31.25 -8.06 24.50
C THR C 619 -31.32 -6.87 25.44
N LYS C 620 -30.20 -6.16 25.55
CA LYS C 620 -30.11 -5.01 26.43
C LYS C 620 -28.87 -4.21 26.07
N VAL C 621 -28.81 -2.97 26.54
CA VAL C 621 -27.66 -2.09 26.39
C VAL C 621 -27.20 -1.70 27.79
N GLU C 622 -25.97 -2.06 28.13
CA GLU C 622 -25.45 -1.82 29.46
C GLU C 622 -24.92 -0.39 29.58
N GLU C 623 -24.47 -0.03 30.78
CA GLU C 623 -23.91 1.29 31.01
C GLU C 623 -22.66 1.54 30.20
N SER C 624 -21.99 0.49 29.73
CA SER C 624 -20.81 0.63 28.88
C SER C 624 -21.17 0.83 27.41
N GLY C 625 -22.45 0.80 27.06
CA GLY C 625 -22.88 0.98 25.70
C GLY C 625 -22.79 -0.25 24.82
N GLU C 626 -22.44 -1.41 25.38
CA GLU C 626 -22.39 -2.64 24.62
C GLU C 626 -23.79 -3.15 24.33
N HIS C 627 -23.97 -3.73 23.14
CA HIS C 627 -25.26 -4.29 22.74
C HIS C 627 -25.27 -5.78 23.01
N VAL C 628 -25.33 -6.11 24.30
CA VAL C 628 -25.29 -7.51 24.72
C VAL C 628 -26.61 -8.19 24.37
N ILE C 629 -26.51 -9.39 23.80
CA ILE C 629 -27.67 -10.23 23.52
C ILE C 629 -27.37 -11.62 24.07
N LEU C 630 -28.32 -12.17 24.82
CA LEU C 630 -28.11 -13.45 25.49
C LEU C 630 -28.37 -14.60 24.52
N GLY C 631 -28.39 -15.82 25.05
CA GLY C 631 -28.61 -16.98 24.21
C GLY C 631 -28.32 -18.26 24.98
N THR C 632 -28.99 -19.33 24.55
CA THR C 632 -28.93 -20.59 25.29
C THR C 632 -27.58 -21.28 25.14
N GLY C 633 -27.05 -21.36 23.92
CA GLY C 633 -25.86 -22.16 23.69
C GLY C 633 -24.84 -21.51 22.77
N GLU C 634 -24.41 -22.23 21.73
CA GLU C 634 -23.47 -21.72 20.75
C GLU C 634 -24.08 -21.69 19.34
N LEU C 635 -24.63 -22.82 18.87
CA LEU C 635 -25.31 -22.83 17.59
C LEU C 635 -26.52 -21.90 17.58
N TYR C 636 -27.17 -21.75 18.73
CA TYR C 636 -28.25 -20.79 18.86
C TYR C 636 -27.78 -19.39 18.47
N LEU C 637 -26.68 -18.93 19.07
CA LEU C 637 -26.16 -17.60 18.77
C LEU C 637 -25.61 -17.51 17.36
N ASP C 638 -25.05 -18.62 16.84
CA ASP C 638 -24.60 -18.62 15.46
C ASP C 638 -25.77 -18.38 14.50
N CYS C 639 -26.91 -19.03 14.76
CA CYS C 639 -28.10 -18.78 13.96
C CYS C 639 -28.62 -17.36 14.15
N VAL C 640 -28.58 -16.85 15.38
CA VAL C 640 -29.01 -15.48 15.64
C VAL C 640 -28.19 -14.50 14.79
N MET C 641 -26.88 -14.69 14.76
CA MET C 641 -26.04 -13.79 13.96
C MET C 641 -26.25 -14.00 12.46
N HIS C 642 -26.39 -15.25 12.03
CA HIS C 642 -26.62 -15.52 10.61
C HIS C 642 -27.95 -14.98 10.12
N ASP C 643 -28.90 -14.72 11.03
CA ASP C 643 -30.13 -14.05 10.66
C ASP C 643 -30.01 -12.53 10.81
N LEU C 644 -29.32 -12.06 11.84
CA LEU C 644 -29.19 -10.63 12.09
C LEU C 644 -28.42 -9.94 10.99
N ARG C 645 -27.28 -10.52 10.58
CA ARG C 645 -26.41 -9.85 9.63
C ARG C 645 -26.78 -10.12 8.17
N LYS C 646 -27.74 -10.99 7.90
CA LYS C 646 -28.07 -11.34 6.53
C LYS C 646 -29.55 -11.29 6.20
N MET C 647 -30.43 -11.16 7.19
CA MET C 647 -31.87 -11.13 6.93
C MET C 647 -32.50 -9.81 7.35
N TYR C 648 -32.27 -9.36 8.58
CA TYR C 648 -32.95 -8.19 9.09
C TYR C 648 -32.13 -6.91 8.93
N SER C 649 -30.89 -6.92 9.40
CA SER C 649 -29.97 -5.80 9.24
C SER C 649 -28.83 -6.25 8.32
N GLU C 650 -28.92 -5.89 7.04
CA GLU C 650 -27.99 -6.42 6.06
C GLU C 650 -26.59 -5.84 6.19
N ILE C 651 -26.33 -5.00 7.19
CA ILE C 651 -25.00 -4.45 7.43
C ILE C 651 -24.14 -5.53 8.08
N ASP C 652 -22.82 -5.30 8.12
CA ASP C 652 -21.90 -6.20 8.78
C ASP C 652 -21.74 -5.78 10.24
N ILE C 653 -21.82 -6.74 11.14
CA ILE C 653 -21.74 -6.48 12.58
C ILE C 653 -20.58 -7.28 13.15
N LYS C 654 -19.84 -6.67 14.07
CA LYS C 654 -18.72 -7.31 14.74
C LYS C 654 -19.17 -7.85 16.08
N VAL C 655 -18.93 -9.14 16.30
CA VAL C 655 -19.36 -9.83 17.52
C VAL C 655 -18.12 -10.14 18.35
N ALA C 656 -18.17 -9.79 19.63
CA ALA C 656 -17.07 -10.05 20.55
C ALA C 656 -17.02 -11.54 20.91
N ASP C 657 -16.06 -11.90 21.76
CA ASP C 657 -15.93 -13.28 22.18
C ASP C 657 -17.06 -13.64 23.13
N PRO C 658 -17.64 -14.83 22.98
CA PRO C 658 -18.75 -15.22 23.87
C PRO C 658 -18.29 -15.38 25.30
N VAL C 659 -19.20 -15.07 26.22
CA VAL C 659 -18.92 -15.17 27.66
C VAL C 659 -20.09 -15.87 28.34
N VAL C 660 -20.00 -16.02 29.66
CA VAL C 660 -21.04 -16.65 30.46
C VAL C 660 -21.52 -15.65 31.50
N THR C 661 -22.84 -15.50 31.61
CA THR C 661 -23.43 -14.56 32.56
C THR C 661 -23.23 -15.09 33.97
N PHE C 662 -22.24 -14.55 34.67
CA PHE C 662 -21.97 -14.98 36.04
C PHE C 662 -23.05 -14.47 36.98
N CYS C 663 -23.20 -15.16 38.11
CA CYS C 663 -24.17 -14.81 39.12
C CYS C 663 -23.48 -14.71 40.48
N GLU C 664 -23.90 -13.74 41.29
CA GLU C 664 -23.34 -13.58 42.62
C GLU C 664 -23.86 -14.66 43.55
N THR C 665 -23.15 -14.84 44.67
CA THR C 665 -23.52 -15.83 45.68
C THR C 665 -22.75 -15.55 46.95
N VAL C 666 -23.43 -15.63 48.09
CA VAL C 666 -22.83 -15.45 49.39
C VAL C 666 -22.50 -16.82 49.98
N VAL C 667 -21.38 -16.90 50.69
CA VAL C 667 -20.94 -18.17 51.27
C VAL C 667 -21.16 -18.16 52.77
N GLU C 668 -20.50 -17.23 53.46
CA GLU C 668 -20.62 -17.13 54.91
C GLU C 668 -21.80 -16.25 55.29
N THR C 669 -22.02 -16.09 56.59
CA THR C 669 -23.09 -15.24 57.08
C THR C 669 -22.65 -13.77 57.06
N SER C 670 -23.57 -12.90 57.43
CA SER C 670 -23.29 -11.46 57.44
C SER C 670 -22.17 -11.16 58.42
N SER C 671 -21.20 -10.36 57.97
CA SER C 671 -20.07 -10.01 58.83
C SER C 671 -20.52 -9.19 60.03
N LEU C 672 -21.41 -8.23 59.82
CA LEU C 672 -21.90 -7.38 60.90
C LEU C 672 -23.25 -6.80 60.48
N LYS C 673 -23.87 -6.09 61.43
CA LYS C 673 -25.14 -5.44 61.16
C LYS C 673 -24.90 -4.15 60.39
N CYS C 674 -25.53 -4.03 59.23
CA CYS C 674 -25.40 -2.85 58.37
C CYS C 674 -26.57 -1.92 58.63
N PHE C 675 -26.28 -0.68 59.02
CA PHE C 675 -27.28 0.32 59.33
C PHE C 675 -27.33 1.33 58.18
N ALA C 676 -28.29 1.14 57.28
CA ALA C 676 -28.49 2.01 56.13
C ALA C 676 -29.67 2.93 56.38
N GLU C 677 -29.50 4.21 56.03
CA GLU C 677 -30.50 5.23 56.29
C GLU C 677 -30.95 5.87 54.98
N THR C 678 -32.24 6.18 54.90
CA THR C 678 -32.78 6.86 53.75
C THR C 678 -32.35 8.32 53.75
N PRO C 679 -32.37 8.98 52.60
CA PRO C 679 -32.05 10.42 52.57
C PRO C 679 -32.98 11.22 53.47
N ASN C 680 -32.42 12.28 54.05
CA ASN C 680 -33.02 13.16 55.06
C ASN C 680 -33.05 12.49 56.42
N LYS C 681 -32.45 11.31 56.57
CA LYS C 681 -32.31 10.61 57.85
C LYS C 681 -33.66 10.35 58.51
N LYS C 682 -34.74 10.32 57.74
CA LYS C 682 -36.05 10.02 58.31
C LYS C 682 -36.23 8.54 58.61
N ASN C 683 -35.54 7.67 57.87
CA ASN C 683 -35.64 6.23 58.04
C ASN C 683 -34.24 5.63 58.13
N LYS C 684 -34.12 4.57 58.92
CA LYS C 684 -32.85 3.86 59.11
C LYS C 684 -33.13 2.36 59.15
N ILE C 685 -33.00 1.70 58.00
CA ILE C 685 -33.25 0.27 57.90
C ILE C 685 -31.98 -0.50 58.25
N THR C 686 -32.13 -1.81 58.49
CA THR C 686 -30.99 -2.67 58.77
C THR C 686 -31.33 -4.08 58.34
N MET C 687 -30.43 -4.70 57.57
CA MET C 687 -30.66 -6.03 57.03
C MET C 687 -29.43 -6.90 57.29
N ILE C 688 -29.67 -8.16 57.67
CA ILE C 688 -28.61 -9.14 57.88
C ILE C 688 -28.77 -10.22 56.83
N ALA C 689 -27.71 -10.46 56.06
CA ALA C 689 -27.72 -11.43 54.98
C ALA C 689 -27.27 -12.79 55.50
N GLU C 690 -27.81 -13.85 54.89
CA GLU C 690 -27.45 -15.21 55.24
C GLU C 690 -27.75 -16.10 54.04
N PRO C 691 -26.86 -17.03 53.70
CA PRO C 691 -27.12 -17.92 52.57
C PRO C 691 -28.34 -18.79 52.84
N LEU C 692 -29.08 -19.07 51.77
CA LEU C 692 -30.29 -19.88 51.88
C LEU C 692 -29.95 -21.34 52.10
N GLU C 693 -30.83 -22.04 52.81
CA GLU C 693 -30.65 -23.46 53.05
C GLU C 693 -30.60 -24.22 51.73
N LYS C 694 -29.71 -25.21 51.66
CA LYS C 694 -29.53 -25.97 50.42
C LYS C 694 -30.84 -26.63 49.99
N GLY C 695 -31.11 -26.60 48.69
CA GLY C 695 -32.32 -27.13 48.14
C GLY C 695 -33.47 -26.14 48.07
N LEU C 696 -33.53 -25.20 49.01
CA LEU C 696 -34.61 -24.21 49.00
C LEU C 696 -34.53 -23.31 47.77
N ALA C 697 -33.31 -22.99 47.32
CA ALA C 697 -33.16 -22.19 46.11
C ALA C 697 -33.70 -22.93 44.89
N GLU C 698 -33.34 -24.20 44.73
CA GLU C 698 -33.87 -24.99 43.63
C GLU C 698 -35.35 -25.29 43.79
N ASP C 699 -35.86 -25.28 45.02
CA ASP C 699 -37.30 -25.48 45.22
C ASP C 699 -38.09 -24.24 44.82
N ILE C 700 -37.58 -23.05 45.15
CA ILE C 700 -38.24 -21.82 44.74
C ILE C 700 -38.14 -21.63 43.24
N GLU C 701 -36.95 -21.89 42.67
CA GLU C 701 -36.76 -21.73 41.23
C GLU C 701 -37.60 -22.71 40.42
N ASN C 702 -37.97 -23.85 40.98
CA ASN C 702 -38.83 -24.81 40.32
C ASN C 702 -40.32 -24.54 40.55
N GLU C 703 -40.65 -23.42 41.18
CA GLU C 703 -42.01 -23.01 41.50
C GLU C 703 -42.71 -23.94 42.48
N VAL C 704 -41.97 -24.87 43.09
CA VAL C 704 -42.56 -25.75 44.10
C VAL C 704 -43.01 -24.95 45.31
N VAL C 705 -42.11 -24.13 45.85
CA VAL C 705 -42.46 -23.21 46.93
C VAL C 705 -42.96 -21.91 46.32
N GLN C 706 -44.27 -21.84 46.07
CA GLN C 706 -44.88 -20.69 45.40
C GLN C 706 -45.37 -19.71 46.46
N ILE C 707 -44.78 -18.50 46.47
CA ILE C 707 -45.25 -17.44 47.35
C ILE C 707 -46.65 -16.97 46.98
N THR C 708 -47.16 -17.35 45.81
CA THR C 708 -48.52 -17.00 45.42
C THR C 708 -49.56 -17.64 46.31
N TRP C 709 -49.25 -18.77 46.94
CA TRP C 709 -50.18 -19.43 47.84
C TRP C 709 -50.41 -18.56 49.09
N ASN C 710 -51.35 -19.02 49.92
CA ASN C 710 -51.72 -18.26 51.11
C ASN C 710 -50.64 -18.42 52.18
N ARG C 711 -50.89 -17.77 53.33
CA ARG C 711 -49.92 -17.82 54.43
C ARG C 711 -49.79 -19.23 54.99
N LYS C 712 -50.91 -19.94 55.11
CA LYS C 712 -50.88 -21.26 55.75
C LYS C 712 -50.06 -22.26 54.95
N LYS C 713 -50.31 -22.35 53.64
CA LYS C 713 -49.62 -23.34 52.81
C LYS C 713 -48.12 -23.04 52.72
N LEU C 714 -47.76 -21.77 52.50
CA LEU C 714 -46.35 -21.42 52.44
C LEU C 714 -45.66 -21.65 53.78
N GLY C 715 -46.33 -21.29 54.88
CA GLY C 715 -45.76 -21.53 56.19
C GLY C 715 -45.54 -23.01 56.45
N GLU C 716 -46.49 -23.86 56.07
CA GLU C 716 -46.32 -25.29 56.25
C GLU C 716 -45.19 -25.83 55.40
N PHE C 717 -45.14 -25.42 54.13
CA PHE C 717 -44.09 -25.90 53.23
C PHE C 717 -42.71 -25.40 53.62
N PHE C 718 -42.64 -24.30 54.38
CA PHE C 718 -41.36 -23.80 54.87
C PHE C 718 -40.96 -24.45 56.19
N GLN C 719 -41.92 -24.68 57.09
CA GLN C 719 -41.61 -25.27 58.38
C GLN C 719 -41.33 -26.76 58.27
N THR C 720 -41.94 -27.44 57.30
CA THR C 720 -41.77 -28.89 57.18
C THR C 720 -40.58 -29.26 56.30
N LYS C 721 -40.61 -28.84 55.03
CA LYS C 721 -39.55 -29.22 54.11
C LYS C 721 -38.24 -28.52 54.45
N TYR C 722 -38.29 -27.20 54.65
CA TYR C 722 -37.08 -26.43 54.92
C TYR C 722 -36.68 -26.43 56.38
N ASP C 723 -37.50 -27.01 57.26
CA ASP C 723 -37.22 -27.10 58.70
C ASP C 723 -37.07 -25.73 59.36
N TRP C 724 -37.59 -24.68 58.73
CA TRP C 724 -37.54 -23.35 59.31
C TRP C 724 -38.44 -23.26 60.52
N ASP C 725 -38.08 -22.37 61.45
CA ASP C 725 -38.86 -22.17 62.65
C ASP C 725 -40.28 -21.73 62.30
N LEU C 726 -41.26 -22.24 63.05
CA LEU C 726 -42.65 -21.92 62.77
C LEU C 726 -42.95 -20.44 62.91
N LEU C 727 -42.14 -19.70 63.68
CA LEU C 727 -42.28 -18.26 63.77
C LEU C 727 -41.47 -17.54 62.70
N ALA C 728 -40.28 -18.04 62.39
CA ALA C 728 -39.47 -17.45 61.33
C ALA C 728 -40.13 -17.60 59.96
N ALA C 729 -40.72 -18.76 59.70
CA ALA C 729 -41.36 -19.01 58.41
C ALA C 729 -42.63 -18.21 58.23
N ARG C 730 -43.16 -17.58 59.28
CA ARG C 730 -44.39 -16.82 59.22
C ARG C 730 -44.16 -15.32 59.00
N SER C 731 -42.96 -14.93 58.57
CA SER C 731 -42.65 -13.52 58.39
C SER C 731 -41.95 -13.26 57.05
N ILE C 732 -42.25 -14.08 56.04
CA ILE C 732 -41.68 -13.85 54.71
C ILE C 732 -42.28 -12.58 54.11
N TRP C 733 -41.46 -11.88 53.32
CA TRP C 733 -41.86 -10.61 52.73
C TRP C 733 -41.97 -10.65 51.21
N ALA C 734 -40.99 -11.22 50.53
CA ALA C 734 -40.99 -11.23 49.06
C ALA C 734 -40.20 -12.45 48.60
N PHE C 735 -39.90 -12.50 47.30
CA PHE C 735 -39.22 -13.64 46.69
C PHE C 735 -38.02 -13.17 45.88
N GLY C 736 -37.23 -12.26 46.45
CA GLY C 736 -36.01 -11.81 45.84
C GLY C 736 -36.21 -11.07 44.53
N PRO C 737 -35.41 -11.43 43.51
CA PRO C 737 -35.38 -10.61 42.29
C PRO C 737 -36.63 -10.73 41.44
N ASP C 738 -37.15 -11.94 41.25
CA ASP C 738 -38.32 -12.18 40.42
C ASP C 738 -39.42 -12.82 41.26
N ALA C 739 -40.53 -13.15 40.60
CA ALA C 739 -41.59 -13.89 41.28
C ALA C 739 -41.09 -15.25 41.74
N THR C 740 -40.34 -15.94 40.89
CA THR C 740 -39.65 -17.17 41.24
C THR C 740 -38.15 -16.84 41.29
N GLY C 741 -37.69 -16.39 42.46
CA GLY C 741 -36.32 -15.94 42.61
C GLY C 741 -35.58 -16.71 43.69
N PRO C 742 -34.26 -16.81 43.52
CA PRO C 742 -33.44 -17.56 44.49
C PRO C 742 -33.13 -16.80 45.77
N ASN C 743 -33.80 -15.69 46.05
CA ASN C 743 -33.58 -14.92 47.27
C ASN C 743 -34.89 -14.80 48.04
N ILE C 744 -34.77 -14.78 49.36
CA ILE C 744 -35.93 -14.71 50.26
C ILE C 744 -35.76 -13.51 51.17
N LEU C 745 -36.77 -12.65 51.21
CA LEU C 745 -36.81 -11.51 52.10
C LEU C 745 -37.68 -11.85 53.30
N VAL C 746 -37.08 -11.81 54.49
CA VAL C 746 -37.75 -12.20 55.73
C VAL C 746 -37.81 -10.99 56.65
N ASP C 747 -39.01 -10.70 57.17
CA ASP C 747 -39.21 -9.58 58.08
C ASP C 747 -38.83 -10.03 59.49
N ASP C 748 -37.53 -9.94 59.78
CA ASP C 748 -36.98 -10.36 61.06
C ASP C 748 -36.97 -9.24 62.09
N THR C 749 -37.83 -8.24 61.92
CA THR C 749 -37.90 -7.14 62.88
C THR C 749 -38.56 -7.61 64.17
N LEU C 750 -37.94 -7.27 65.30
CA LEU C 750 -38.51 -7.61 66.59
C LEU C 750 -39.72 -6.74 66.87
N PRO C 751 -40.89 -7.33 67.20
CA PRO C 751 -42.08 -6.49 67.42
C PRO C 751 -41.95 -5.55 68.61
N SER C 752 -41.04 -5.83 69.55
CA SER C 752 -40.88 -4.96 70.70
C SER C 752 -40.30 -3.60 70.30
N GLU C 753 -39.65 -3.52 69.15
CA GLU C 753 -39.00 -2.29 68.71
C GLU C 753 -39.60 -1.68 67.45
N VAL C 754 -40.16 -2.49 66.56
CA VAL C 754 -40.68 -2.03 65.28
C VAL C 754 -42.17 -2.29 65.22
N ASP C 755 -42.95 -1.26 64.94
CA ASP C 755 -44.38 -1.40 64.78
C ASP C 755 -44.69 -2.15 63.47
N LYS C 756 -45.56 -3.16 63.57
CA LYS C 756 -45.90 -3.94 62.38
C LYS C 756 -46.58 -3.09 61.32
N ALA C 757 -47.48 -2.20 61.73
CA ALA C 757 -48.17 -1.34 60.77
C ALA C 757 -47.20 -0.36 60.11
N LEU C 758 -46.31 0.24 60.90
CA LEU C 758 -45.35 1.18 60.35
C LEU C 758 -44.41 0.50 59.37
N LEU C 759 -43.95 -0.71 59.70
CA LEU C 759 -43.12 -1.47 58.76
C LEU C 759 -43.90 -1.83 57.50
N GLY C 760 -45.18 -2.18 57.66
CA GLY C 760 -46.02 -2.45 56.50
C GLY C 760 -46.17 -1.25 55.59
N SER C 761 -46.20 -0.05 56.17
CA SER C 761 -46.24 1.17 55.37
C SER C 761 -45.02 1.29 54.47
N VAL C 762 -43.90 0.67 54.84
CA VAL C 762 -42.70 0.63 54.01
C VAL C 762 -42.45 -0.77 53.46
N LYS C 763 -43.38 -1.70 53.66
CA LYS C 763 -43.17 -3.08 53.21
C LYS C 763 -43.06 -3.15 51.70
N ASP C 764 -43.94 -2.42 50.99
CA ASP C 764 -43.91 -2.44 49.53
C ASP C 764 -42.60 -1.85 49.00
N SER C 765 -42.17 -0.72 49.57
CA SER C 765 -40.92 -0.11 49.14
C SER C 765 -39.74 -1.01 49.46
N ILE C 766 -39.75 -1.65 50.63
CA ILE C 766 -38.66 -2.56 50.99
C ILE C 766 -38.60 -3.74 50.03
N VAL C 767 -39.76 -4.30 49.70
CA VAL C 767 -39.79 -5.45 48.79
C VAL C 767 -39.30 -5.03 47.40
N GLN C 768 -39.74 -3.87 46.92
CA GLN C 768 -39.27 -3.40 45.62
C GLN C 768 -37.77 -3.16 45.62
N GLY C 769 -37.24 -2.57 46.69
CA GLY C 769 -35.80 -2.36 46.76
C GLY C 769 -35.02 -3.66 46.81
N PHE C 770 -35.52 -4.63 47.57
CA PHE C 770 -34.86 -5.93 47.63
C PHE C 770 -34.87 -6.61 46.27
N GLN C 771 -36.00 -6.54 45.56
CA GLN C 771 -36.07 -7.12 44.22
C GLN C 771 -35.10 -6.45 43.28
N TRP C 772 -35.03 -5.11 43.31
CA TRP C 772 -34.10 -4.39 42.45
C TRP C 772 -32.66 -4.74 42.77
N GLY C 773 -32.33 -4.84 44.06
CA GLY C 773 -30.96 -5.18 44.44
C GLY C 773 -30.59 -6.58 44.02
N THR C 774 -31.48 -7.55 44.25
CA THR C 774 -31.20 -8.92 43.84
C THR C 774 -31.13 -9.05 42.33
N ARG C 775 -31.85 -8.20 41.60
CA ARG C 775 -31.72 -8.19 40.15
C ARG C 775 -30.40 -7.56 39.71
N GLU C 776 -29.90 -6.59 40.47
CA GLU C 776 -28.69 -5.87 40.08
C GLU C 776 -27.43 -6.58 40.60
N GLY C 777 -27.31 -6.73 41.91
CA GLY C 777 -26.15 -7.37 42.49
C GLY C 777 -25.06 -6.36 42.82
N PRO C 778 -24.36 -6.58 43.93
CA PRO C 778 -23.35 -5.62 44.36
C PRO C 778 -21.94 -5.89 43.81
N LEU C 779 -21.68 -7.10 43.34
CA LEU C 779 -20.31 -7.49 43.01
C LEU C 779 -19.96 -7.18 41.55
N CYS C 780 -20.66 -7.81 40.60
CA CYS C 780 -20.37 -7.64 39.18
C CYS C 780 -21.59 -7.17 38.40
N ASP C 781 -22.54 -6.52 39.06
CA ASP C 781 -23.81 -6.12 38.46
C ASP C 781 -24.50 -7.32 37.80
N GLU C 782 -24.74 -8.33 38.63
CA GLU C 782 -25.34 -9.57 38.17
C GLU C 782 -26.32 -10.08 39.21
N LEU C 783 -27.25 -10.93 38.77
CA LEU C 783 -28.29 -11.45 39.64
C LEU C 783 -27.69 -12.22 40.81
N ILE C 784 -28.22 -11.98 42.01
CA ILE C 784 -27.74 -12.64 43.22
C ILE C 784 -28.66 -13.82 43.51
N ARG C 785 -28.07 -15.01 43.65
CA ARG C 785 -28.80 -16.24 43.87
C ARG C 785 -28.37 -16.89 45.17
N ASN C 786 -29.25 -17.75 45.69
CA ASN C 786 -28.98 -18.56 46.88
C ASN C 786 -28.60 -17.69 48.09
N VAL C 787 -29.42 -16.68 48.35
CA VAL C 787 -29.25 -15.82 49.51
C VAL C 787 -30.59 -15.67 50.22
N LYS C 788 -30.53 -15.30 51.49
CA LYS C 788 -31.73 -15.06 52.30
C LYS C 788 -31.49 -13.78 53.10
N PHE C 789 -31.85 -12.64 52.51
CA PHE C 789 -31.67 -11.35 53.16
C PHE C 789 -32.81 -11.12 54.14
N LYS C 790 -32.46 -10.90 55.41
CA LYS C 790 -33.44 -10.71 56.47
C LYS C 790 -33.26 -9.32 57.07
N ILE C 791 -34.35 -8.55 57.14
CA ILE C 791 -34.32 -7.23 57.73
C ILE C 791 -34.27 -7.36 59.24
N LEU C 792 -33.07 -7.18 59.81
CA LEU C 792 -32.90 -7.34 61.26
C LEU C 792 -33.71 -6.31 62.03
N ASP C 793 -33.72 -5.06 61.55
CA ASP C 793 -34.49 -3.99 62.20
C ASP C 793 -34.61 -2.85 61.20
N ALA C 794 -35.35 -1.81 61.61
CA ALA C 794 -35.58 -0.66 60.75
C ALA C 794 -36.20 0.46 61.55
N VAL C 795 -35.87 1.69 61.17
CA VAL C 795 -36.48 2.89 61.73
C VAL C 795 -37.32 3.54 60.64
N VAL C 796 -38.55 3.87 60.97
CA VAL C 796 -39.51 4.42 60.00
C VAL C 796 -40.12 5.69 60.57
N ALA C 797 -40.11 6.76 59.79
CA ALA C 797 -40.74 8.01 60.18
C ALA C 797 -42.25 7.90 59.99
N GLN C 798 -42.97 8.93 60.45
CA GLN C 798 -44.43 8.90 60.43
C GLN C 798 -44.98 9.31 59.06
N GLU C 799 -44.67 10.53 58.64
CA GLU C 799 -45.30 11.07 57.44
C GLU C 799 -44.80 10.37 56.20
N PRO C 800 -45.69 10.06 55.24
CA PRO C 800 -45.23 9.49 53.97
C PRO C 800 -44.35 10.43 53.17
N LEU C 801 -44.47 11.75 53.39
CA LEU C 801 -43.58 12.69 52.73
C LEU C 801 -42.14 12.50 53.19
N HIS C 802 -41.95 12.24 54.48
CA HIS C 802 -40.61 12.02 55.02
C HIS C 802 -40.20 10.56 54.98
N ARG C 803 -41.14 9.65 55.18
CA ARG C 803 -40.86 8.21 55.24
C ARG C 803 -41.36 7.52 53.98
N GLY C 804 -40.50 6.71 53.38
CA GLY C 804 -40.89 5.95 52.21
C GLY C 804 -40.91 6.79 50.95
N GLY C 805 -41.60 6.25 49.95
CA GLY C 805 -41.66 6.93 48.66
C GLY C 805 -40.39 6.74 47.88
N GLY C 806 -39.77 7.84 47.49
CA GLY C 806 -38.53 7.80 46.74
C GLY C 806 -37.27 7.69 47.56
N GLN C 807 -37.38 7.57 48.88
CA GLN C 807 -36.22 7.48 49.75
C GLN C 807 -35.97 6.07 50.28
N ILE C 808 -37.03 5.30 50.52
CA ILE C 808 -36.86 3.95 51.06
C ILE C 808 -36.24 3.02 50.03
N ILE C 809 -36.67 3.12 48.77
CA ILE C 809 -36.18 2.21 47.73
C ILE C 809 -34.68 2.32 47.53
N PRO C 810 -34.09 3.51 47.36
CA PRO C 810 -32.62 3.57 47.26
C PRO C 810 -31.92 3.10 48.53
N THR C 811 -32.49 3.43 49.69
CA THR C 811 -31.91 2.93 50.94
C THR C 811 -32.01 1.42 51.02
N ALA C 812 -33.13 0.85 50.54
CA ALA C 812 -33.28 -0.59 50.52
C ALA C 812 -32.23 -1.25 49.62
N ARG C 813 -32.03 -0.68 48.42
CA ARG C 813 -31.02 -1.22 47.51
C ARG C 813 -29.63 -1.13 48.11
N ARG C 814 -29.32 0.00 48.74
CA ARG C 814 -28.00 0.16 49.37
C ARG C 814 -27.81 -0.85 50.51
N VAL C 815 -28.84 -1.05 51.33
CA VAL C 815 -28.76 -2.01 52.42
C VAL C 815 -28.58 -3.41 51.89
N VAL C 816 -29.29 -3.76 50.82
CA VAL C 816 -29.17 -5.09 50.24
C VAL C 816 -27.77 -5.31 49.70
N TYR C 817 -27.23 -4.32 48.99
CA TYR C 817 -25.87 -4.46 48.46
C TYR C 817 -24.84 -4.56 49.58
N SER C 818 -25.01 -3.76 50.63
CA SER C 818 -24.07 -3.81 51.76
C SER C 818 -24.15 -5.16 52.47
N ALA C 819 -25.35 -5.71 52.62
CA ALA C 819 -25.50 -7.01 53.26
C ALA C 819 -24.89 -8.11 52.42
N PHE C 820 -25.13 -8.08 51.11
CA PHE C 820 -24.57 -9.11 50.22
C PHE C 820 -23.07 -8.95 50.02
N LEU C 821 -22.50 -7.79 50.32
CA LEU C 821 -21.06 -7.61 50.21
C LEU C 821 -20.34 -7.91 51.52
N MET C 822 -20.95 -7.57 52.65
CA MET C 822 -20.32 -7.82 53.96
C MET C 822 -20.11 -9.31 54.18
N ALA C 823 -21.16 -10.10 54.00
CA ALA C 823 -21.00 -11.55 53.99
C ALA C 823 -20.08 -11.95 52.85
N THR C 824 -19.14 -12.86 53.13
CA THR C 824 -18.11 -13.25 52.17
C THR C 824 -18.75 -13.75 50.88
N PRO C 825 -18.65 -12.98 49.80
CA PRO C 825 -19.34 -13.37 48.56
C PRO C 825 -18.51 -14.31 47.71
N ARG C 826 -19.08 -14.77 46.60
CA ARG C 826 -18.38 -15.64 45.67
C ARG C 826 -19.15 -15.65 44.36
N LEU C 827 -18.43 -15.43 43.26
CA LEU C 827 -19.08 -15.48 41.95
C LEU C 827 -19.43 -16.92 41.60
N MET C 828 -20.48 -17.07 40.80
CA MET C 828 -20.94 -18.37 40.34
C MET C 828 -20.94 -18.40 38.82
N GLU C 829 -20.73 -19.59 38.26
CA GLU C 829 -20.69 -19.77 36.82
C GLU C 829 -21.63 -20.89 36.42
N PRO C 830 -22.20 -20.81 35.22
CA PRO C 830 -23.12 -21.86 34.76
C PRO C 830 -22.35 -23.12 34.36
N TYR C 831 -22.85 -24.27 34.78
CA TYR C 831 -22.32 -25.57 34.39
C TYR C 831 -23.36 -26.26 33.51
N TYR C 832 -22.98 -26.58 32.29
CA TYR C 832 -23.90 -27.12 31.30
C TYR C 832 -23.71 -28.64 31.21
N PHE C 833 -24.77 -29.39 31.46
CA PHE C 833 -24.72 -30.83 31.32
C PHE C 833 -24.57 -31.21 29.86
N VAL C 834 -23.59 -32.06 29.57
CA VAL C 834 -23.31 -32.51 28.21
C VAL C 834 -23.47 -34.02 28.17
N GLU C 835 -24.25 -34.50 27.21
CA GLU C 835 -24.50 -35.94 27.02
C GLU C 835 -23.94 -36.34 25.67
N VAL C 836 -22.65 -36.68 25.64
CA VAL C 836 -21.99 -37.07 24.41
C VAL C 836 -22.32 -38.52 24.10
N GLN C 837 -22.88 -38.76 22.92
CA GLN C 837 -23.20 -40.11 22.46
C GLN C 837 -22.11 -40.55 21.49
N ALA C 838 -21.22 -41.41 21.95
CA ALA C 838 -20.09 -41.86 21.16
C ALA C 838 -19.97 -43.37 21.21
N PRO C 839 -19.34 -43.98 20.20
CA PRO C 839 -19.08 -45.42 20.26
C PRO C 839 -18.23 -45.79 21.46
N ALA C 840 -18.50 -46.96 22.03
CA ALA C 840 -17.79 -47.39 23.23
C ALA C 840 -16.29 -47.45 23.00
N ASP C 841 -15.86 -47.68 21.76
CA ASP C 841 -14.44 -47.66 21.43
C ASP C 841 -13.83 -46.27 21.54
N CYS C 842 -14.65 -45.22 21.61
CA CYS C 842 -14.17 -43.85 21.63
C CYS C 842 -14.55 -43.10 22.90
N VAL C 843 -15.12 -43.79 23.89
CA VAL C 843 -15.50 -43.12 25.14
C VAL C 843 -14.26 -42.61 25.86
N SER C 844 -13.12 -43.30 25.72
CA SER C 844 -11.89 -42.82 26.33
C SER C 844 -11.47 -41.47 25.77
N ALA C 845 -11.59 -41.30 24.45
CA ALA C 845 -11.29 -40.00 23.85
C ALA C 845 -12.27 -38.93 24.32
N VAL C 846 -13.53 -39.30 24.55
CA VAL C 846 -14.50 -38.34 25.08
C VAL C 846 -14.12 -37.90 26.48
N TYR C 847 -13.67 -38.84 27.32
CA TYR C 847 -13.20 -38.48 28.65
C TYR C 847 -11.95 -37.59 28.57
N THR C 848 -11.06 -37.90 27.63
CA THR C 848 -9.85 -37.11 27.47
C THR C 848 -10.16 -35.68 27.04
N VAL C 849 -11.13 -35.51 26.15
CA VAL C 849 -11.47 -34.18 25.66
C VAL C 849 -12.06 -33.33 26.78
N LEU C 850 -12.96 -33.89 27.58
CA LEU C 850 -13.56 -33.14 28.67
C LEU C 850 -12.59 -32.86 29.81
N ALA C 851 -11.44 -33.52 29.84
CA ALA C 851 -10.45 -33.26 30.89
C ALA C 851 -9.89 -31.85 30.78
N ARG C 852 -9.64 -31.38 29.56
CA ARG C 852 -9.02 -30.08 29.32
C ARG C 852 -10.02 -28.94 29.34
N ARG C 853 -11.19 -29.13 29.95
CA ARG C 853 -12.20 -28.07 30.02
C ARG C 853 -12.76 -27.93 31.43
N ARG C 854 -12.02 -28.41 32.43
CA ARG C 854 -12.42 -28.31 33.84
C ARG C 854 -13.78 -28.94 34.10
N GLY C 855 -14.07 -30.04 33.42
CA GLY C 855 -15.35 -30.71 33.57
C GLY C 855 -15.19 -32.20 33.77
N HIS C 856 -16.00 -32.75 34.66
CA HIS C 856 -15.93 -34.17 35.02
C HIS C 856 -17.02 -34.94 34.30
N VAL C 857 -16.66 -36.14 33.83
CA VAL C 857 -17.63 -37.03 33.19
C VAL C 857 -18.48 -37.66 34.28
N THR C 858 -19.72 -37.16 34.45
CA THR C 858 -20.57 -37.60 35.55
C THR C 858 -20.91 -39.08 35.45
N GLN C 859 -21.30 -39.54 34.26
CA GLN C 859 -21.71 -40.92 34.09
C GLN C 859 -21.45 -41.39 32.67
N ASP C 860 -20.85 -42.56 32.54
CA ASP C 860 -20.70 -43.24 31.27
C ASP C 860 -21.55 -44.51 31.27
N ALA C 861 -22.17 -44.81 30.13
CA ALA C 861 -23.04 -45.98 30.04
C ALA C 861 -23.31 -46.30 28.58
N PRO C 862 -23.40 -47.58 28.22
CA PRO C 862 -23.76 -47.92 26.84
C PRO C 862 -25.26 -47.84 26.61
N ILE C 863 -25.62 -47.61 25.34
CA ILE C 863 -27.02 -47.53 24.95
C ILE C 863 -27.56 -48.95 24.80
N PRO C 864 -28.64 -49.31 25.50
CA PRO C 864 -29.20 -50.66 25.35
C PRO C 864 -29.61 -50.95 23.91
N GLY C 865 -28.95 -51.92 23.29
CA GLY C 865 -29.23 -52.29 21.92
C GLY C 865 -28.38 -51.57 20.88
N SER C 866 -27.71 -50.49 21.26
CA SER C 866 -26.89 -49.74 20.32
C SER C 866 -25.42 -49.81 20.72
N PRO C 867 -24.51 -50.01 19.76
CA PRO C 867 -23.08 -50.08 20.10
C PRO C 867 -22.52 -48.80 20.68
N LEU C 868 -23.15 -47.65 20.42
CA LEU C 868 -22.61 -46.37 20.86
C LEU C 868 -23.02 -46.09 22.30
N TYR C 869 -22.03 -45.73 23.12
CA TYR C 869 -22.27 -45.37 24.51
C TYR C 869 -22.77 -43.93 24.61
N THR C 870 -23.31 -43.58 25.78
CA THR C 870 -23.85 -42.26 26.04
C THR C 870 -23.16 -41.70 27.28
N ILE C 871 -22.02 -41.05 27.07
CA ILE C 871 -21.27 -40.45 28.18
C ILE C 871 -21.92 -39.13 28.56
N LYS C 872 -22.18 -38.96 29.86
CA LYS C 872 -22.79 -37.74 30.38
C LYS C 872 -21.79 -37.03 31.28
N ALA C 873 -21.68 -35.71 31.12
CA ALA C 873 -20.73 -34.91 31.87
C ALA C 873 -21.37 -33.58 32.24
N PHE C 874 -20.62 -32.75 32.95
CA PHE C 874 -21.06 -31.41 33.36
C PHE C 874 -19.86 -30.48 33.24
N ILE C 875 -19.73 -29.84 32.08
CA ILE C 875 -18.63 -28.93 31.78
C ILE C 875 -19.09 -27.51 32.06
N PRO C 876 -18.35 -26.73 32.84
CA PRO C 876 -18.74 -25.33 33.06
C PRO C 876 -18.82 -24.56 31.75
N ALA C 877 -19.85 -23.72 31.64
CA ALA C 877 -20.13 -23.04 30.38
C ALA C 877 -19.06 -22.02 30.02
N ILE C 878 -18.35 -21.49 31.02
CA ILE C 878 -17.35 -20.45 30.76
C ILE C 878 -16.26 -20.97 29.85
N ASP C 879 -15.79 -22.20 30.10
CA ASP C 879 -14.75 -22.83 29.30
C ASP C 879 -15.32 -23.85 28.30
N SER C 880 -16.63 -23.85 28.10
CA SER C 880 -17.28 -24.81 27.22
C SER C 880 -17.46 -24.30 25.79
N PHE C 881 -17.03 -23.08 25.51
CA PHE C 881 -17.15 -22.55 24.15
C PHE C 881 -16.26 -23.33 23.20
N GLY C 882 -16.84 -23.87 22.14
CA GLY C 882 -16.10 -24.67 21.20
C GLY C 882 -15.89 -26.11 21.60
N PHE C 883 -16.43 -26.53 22.75
CA PHE C 883 -16.21 -27.90 23.22
C PHE C 883 -16.78 -28.92 22.25
N GLU C 884 -17.88 -28.60 21.59
CA GLU C 884 -18.46 -29.54 20.62
C GLU C 884 -17.51 -29.77 19.45
N THR C 885 -16.88 -28.70 18.96
CA THR C 885 -15.95 -28.84 17.84
C THR C 885 -14.75 -29.69 18.22
N ASP C 886 -14.23 -29.50 19.43
CA ASP C 886 -13.10 -30.30 19.89
C ASP C 886 -13.51 -31.77 20.06
N LEU C 887 -14.68 -32.01 20.65
CA LEU C 887 -15.14 -33.38 20.86
C LEU C 887 -15.36 -34.10 19.54
N ARG C 888 -15.91 -33.40 18.54
CA ARG C 888 -16.14 -34.00 17.24
C ARG C 888 -14.90 -33.97 16.34
N THR C 889 -13.84 -33.29 16.75
CA THR C 889 -12.58 -33.26 16.00
C THR C 889 -11.54 -34.22 16.55
N HIS C 890 -11.45 -34.35 17.88
CA HIS C 890 -10.54 -35.31 18.47
C HIS C 890 -11.02 -36.75 18.25
N THR C 891 -12.29 -36.94 17.91
CA THR C 891 -12.84 -38.26 17.64
C THR C 891 -13.06 -38.49 16.15
N GLN C 892 -12.46 -37.66 15.30
CA GLN C 892 -12.54 -37.82 13.84
C GLN C 892 -14.00 -37.84 13.36
N GLY C 893 -14.83 -37.00 13.97
CA GLY C 893 -16.22 -36.88 13.56
C GLY C 893 -17.07 -38.08 13.88
N GLN C 894 -16.85 -38.71 15.04
CA GLN C 894 -17.64 -39.86 15.45
C GLN C 894 -18.37 -39.64 16.76
N ALA C 895 -18.44 -38.41 17.26
CA ALA C 895 -19.12 -38.10 18.50
C ALA C 895 -19.79 -36.74 18.40
N PHE C 896 -21.04 -36.68 18.87
CA PHE C 896 -21.80 -35.43 18.91
C PHE C 896 -22.28 -35.19 20.34
N SER C 897 -22.35 -33.93 20.73
CA SER C 897 -22.72 -33.56 22.10
C SER C 897 -23.63 -32.36 22.08
N LEU C 898 -24.40 -32.20 23.17
CA LEU C 898 -25.27 -31.06 23.38
C LEU C 898 -24.98 -30.46 24.74
N SER C 899 -25.76 -29.44 25.11
CA SER C 899 -25.53 -28.74 26.37
C SER C 899 -26.81 -28.11 26.86
N VAL C 900 -26.93 -28.00 28.18
CA VAL C 900 -28.06 -27.35 28.84
C VAL C 900 -27.62 -26.97 30.24
N PHE C 901 -27.93 -25.74 30.66
CA PHE C 901 -27.46 -25.23 31.95
C PHE C 901 -28.18 -25.96 33.07
N HIS C 902 -27.52 -26.97 33.64
CA HIS C 902 -28.14 -27.78 34.68
C HIS C 902 -28.27 -27.00 35.98
N HIS C 903 -27.19 -26.35 36.42
CA HIS C 903 -27.18 -25.64 37.69
C HIS C 903 -26.03 -24.63 37.66
N TRP C 904 -25.72 -24.06 38.83
CA TRP C 904 -24.64 -23.10 38.98
C TRP C 904 -23.73 -23.56 40.11
N GLN C 905 -22.44 -23.28 39.97
CA GLN C 905 -21.44 -23.64 40.96
C GLN C 905 -20.58 -22.42 41.27
N ILE C 906 -20.06 -22.39 42.50
CA ILE C 906 -19.23 -21.28 42.95
C ILE C 906 -17.89 -21.30 42.21
N VAL C 907 -17.38 -20.12 41.89
CA VAL C 907 -16.10 -19.99 41.20
C VAL C 907 -14.99 -20.49 42.13
N PRO C 908 -13.91 -21.07 41.58
CA PRO C 908 -12.89 -21.68 42.45
C PRO C 908 -12.21 -20.71 43.41
N GLY C 909 -12.01 -19.47 43.02
CA GLY C 909 -11.28 -18.50 43.82
C GLY C 909 -12.19 -17.61 44.63
N ASP C 910 -11.72 -16.38 44.88
CA ASP C 910 -12.48 -15.37 45.59
C ASP C 910 -12.62 -14.12 44.75
N PRO C 911 -13.83 -13.54 44.66
CA PRO C 911 -13.98 -12.33 43.83
C PRO C 911 -13.32 -11.10 44.42
N LEU C 912 -13.44 -10.89 45.73
CA LEU C 912 -12.84 -9.74 46.39
C LEU C 912 -11.40 -10.01 46.83
N ASP C 913 -10.58 -10.47 45.88
CA ASP C 913 -9.17 -10.77 46.13
C ASP C 913 -8.34 -9.80 45.30
N LYS C 914 -7.78 -8.79 45.97
CA LYS C 914 -6.94 -7.80 45.30
C LYS C 914 -5.49 -8.24 45.15
N SER C 915 -5.13 -9.41 45.65
CA SER C 915 -3.75 -9.88 45.61
C SER C 915 -3.46 -10.76 44.40
N ILE C 916 -4.41 -10.91 43.48
CA ILE C 916 -4.25 -11.75 42.30
C ILE C 916 -4.14 -10.86 41.08
N VAL C 917 -3.04 -11.01 40.34
CA VAL C 917 -2.82 -10.26 39.11
C VAL C 917 -3.56 -10.94 37.97
N ILE C 918 -3.67 -10.26 36.83
CA ILE C 918 -4.35 -10.80 35.67
C ILE C 918 -3.44 -10.64 34.46
N ARG C 919 -3.92 -11.14 33.31
CA ARG C 919 -3.17 -11.10 32.07
C ARG C 919 -4.11 -10.79 30.92
N PRO C 920 -3.60 -10.14 29.86
CA PRO C 920 -4.47 -9.78 28.74
C PRO C 920 -4.75 -10.95 27.80
N LEU C 921 -3.82 -11.92 27.73
CA LEU C 921 -3.98 -13.03 26.79
C LEU C 921 -3.60 -14.37 27.40
N GLU C 922 -3.26 -14.43 28.69
CA GLU C 922 -2.92 -15.68 29.33
C GLU C 922 -4.08 -16.13 30.21
N PRO C 923 -4.66 -17.30 29.96
CA PRO C 923 -5.77 -17.78 30.80
C PRO C 923 -5.37 -17.86 32.27
N GLN C 924 -6.16 -17.22 33.11
CA GLN C 924 -5.90 -17.22 34.54
C GLN C 924 -5.98 -18.65 35.08
N PRO C 925 -5.16 -19.00 36.08
CA PRO C 925 -5.17 -20.37 36.59
C PRO C 925 -6.45 -20.71 37.34
N ALA C 926 -6.53 -21.93 37.85
CA ALA C 926 -7.74 -22.37 38.54
C ALA C 926 -8.07 -21.52 39.78
N PRO C 927 -7.13 -21.25 40.70
CA PRO C 927 -7.50 -20.44 41.87
C PRO C 927 -7.74 -18.98 41.57
N HIS C 928 -7.24 -18.47 40.45
CA HIS C 928 -7.34 -17.05 40.12
C HIS C 928 -8.49 -16.76 39.16
N LEU C 929 -9.58 -17.53 39.23
CA LEU C 929 -10.69 -17.36 38.31
C LEU C 929 -11.72 -16.35 38.81
N ALA C 930 -12.12 -16.46 40.09
CA ALA C 930 -13.20 -15.62 40.59
C ALA C 930 -12.84 -14.14 40.57
N ARG C 931 -11.63 -13.79 41.04
CA ARG C 931 -11.21 -12.40 41.00
C ARG C 931 -11.08 -11.90 39.56
N GLU C 932 -10.50 -12.73 38.69
CA GLU C 932 -10.40 -12.37 37.28
C GLU C 932 -11.77 -12.21 36.65
N PHE C 933 -12.70 -13.12 36.96
CA PHE C 933 -14.05 -13.02 36.41
C PHE C 933 -14.73 -11.73 36.87
N MET C 934 -14.62 -11.41 38.17
CA MET C 934 -15.25 -10.21 38.69
C MET C 934 -14.66 -8.96 38.05
N ILE C 935 -13.33 -8.88 37.96
CA ILE C 935 -12.68 -7.71 37.39
C ILE C 935 -13.03 -7.56 35.91
N LYS C 936 -12.99 -8.65 35.15
CA LYS C 936 -13.30 -8.57 33.73
C LYS C 936 -14.77 -8.25 33.49
N THR C 937 -15.66 -8.70 34.38
CA THR C 937 -17.07 -8.36 34.23
C THR C 937 -17.30 -6.89 34.54
N ARG C 938 -16.70 -6.38 35.62
CA ARG C 938 -16.84 -4.98 35.94
C ARG C 938 -16.16 -4.07 34.91
N ARG C 939 -15.20 -4.60 34.17
CA ARG C 939 -14.57 -3.81 33.11
C ARG C 939 -15.39 -3.85 31.82
N ARG C 940 -15.88 -5.04 31.44
CA ARG C 940 -16.74 -5.14 30.27
C ARG C 940 -18.03 -4.37 30.46
N LYS C 941 -18.64 -4.48 31.63
CA LYS C 941 -19.84 -3.70 31.93
C LYS C 941 -19.55 -2.23 32.11
N GLY C 942 -18.28 -1.83 32.20
CA GLY C 942 -17.93 -0.43 32.34
C GLY C 942 -18.15 0.15 33.71
N LEU C 943 -18.46 -0.66 34.71
CA LEU C 943 -18.65 -0.16 36.07
C LEU C 943 -17.31 0.15 36.71
N SER C 944 -17.36 0.64 37.95
CA SER C 944 -16.14 0.93 38.68
C SER C 944 -15.34 -0.35 38.91
N GLU C 945 -14.02 -0.23 38.72
CA GLU C 945 -13.15 -1.40 38.79
C GLU C 945 -12.95 -1.91 40.22
N ASP C 946 -13.36 -1.16 41.24
CA ASP C 946 -13.20 -1.57 42.62
C ASP C 946 -14.54 -1.53 43.33
N VAL C 947 -14.87 -2.61 44.03
CA VAL C 947 -16.09 -2.71 44.82
C VAL C 947 -15.68 -3.18 46.21
N SER C 948 -15.43 -2.23 47.11
CA SER C 948 -15.00 -2.55 48.46
C SER C 948 -16.21 -2.83 49.35
N ILE C 949 -15.94 -3.47 50.48
CA ILE C 949 -16.99 -3.73 51.47
C ILE C 949 -17.55 -2.45 52.07
N SER C 950 -16.87 -1.33 51.88
CA SER C 950 -17.33 -0.02 52.33
C SER C 950 -17.57 0.90 51.14
N LYS C 951 -18.15 0.35 50.07
CA LYS C 951 -18.51 1.17 48.92
C LYS C 951 -19.86 1.83 49.12
N PHE C 952 -20.91 1.03 49.28
CA PHE C 952 -22.27 1.52 49.49
C PHE C 952 -22.64 1.65 50.96
N PHE C 953 -21.71 1.38 51.87
CA PHE C 953 -22.03 1.44 53.29
C PHE C 953 -22.31 2.88 53.74
N ASP C 954 -23.03 3.00 54.85
CA ASP C 954 -23.48 4.31 55.31
C ASP C 954 -22.32 5.16 55.81
N ASP C 955 -21.43 4.58 56.60
CA ASP C 955 -20.33 5.37 57.18
C ASP C 955 -19.43 5.98 56.11
N PRO C 956 -18.99 5.26 55.07
CA PRO C 956 -18.21 5.95 54.03
C PRO C 956 -19.06 6.91 53.21
N SER D 2 1.28 13.21 -39.59
CA SER D 2 2.41 14.14 -39.61
C SER D 2 3.62 13.53 -40.30
N TYR D 3 4.67 13.28 -39.53
CA TYR D 3 5.93 12.71 -40.03
C TYR D 3 6.51 13.57 -41.16
N MET D 4 6.84 14.81 -40.77
CA MET D 4 7.33 15.79 -41.74
C MET D 4 8.60 15.33 -42.45
N LEU D 5 9.36 14.43 -41.84
CA LEU D 5 10.56 13.91 -42.49
C LEU D 5 10.15 13.02 -43.66
N PRO D 6 10.58 13.33 -44.89
CA PRO D 6 10.14 12.54 -46.05
C PRO D 6 10.76 11.15 -46.03
N HIS D 7 9.90 10.13 -45.93
CA HIS D 7 10.35 8.75 -45.96
C HIS D 7 10.73 8.35 -47.38
N LEU D 8 11.92 7.79 -47.54
CA LEU D 8 12.38 7.30 -48.85
C LEU D 8 11.68 5.97 -49.12
N HIS D 9 10.65 6.01 -49.97
CA HIS D 9 9.87 4.81 -50.25
C HIS D 9 10.71 3.76 -50.95
N ASN D 10 11.37 4.12 -52.04
CA ASN D 10 12.19 3.18 -52.79
C ASN D 10 13.49 2.91 -52.06
N GLY D 11 13.92 1.65 -52.05
CA GLY D 11 15.18 1.30 -51.42
C GLY D 11 16.36 1.94 -52.13
N TRP D 12 16.37 1.87 -53.46
CA TRP D 12 17.42 2.53 -54.24
C TRP D 12 17.40 4.04 -54.04
N GLN D 13 16.20 4.62 -53.88
CA GLN D 13 16.11 6.04 -53.57
C GLN D 13 16.75 6.35 -52.22
N VAL D 14 16.52 5.49 -51.23
CA VAL D 14 17.16 5.67 -49.92
C VAL D 14 18.67 5.58 -50.05
N ASP D 15 19.16 4.61 -50.82
CA ASP D 15 20.60 4.46 -51.01
C ASP D 15 21.20 5.69 -51.69
N GLN D 16 20.51 6.21 -52.70
CA GLN D 16 20.97 7.44 -53.36
C GLN D 16 20.95 8.62 -52.39
N ALA D 17 19.95 8.68 -51.52
CA ALA D 17 19.90 9.72 -50.50
C ALA D 17 21.08 9.62 -49.56
N ILE D 18 21.51 8.39 -49.25
CA ILE D 18 22.72 8.21 -48.46
C ILE D 18 23.94 8.73 -49.22
N LEU D 19 23.95 8.55 -50.53
CA LEU D 19 25.00 9.08 -51.39
C LEU D 19 24.75 10.52 -51.80
N SER D 20 23.60 11.10 -51.43
CA SER D 20 23.29 12.47 -51.82
C SER D 20 24.09 13.48 -50.99
N GLU D 21 23.94 13.43 -49.67
CA GLU D 21 24.65 14.34 -48.78
C GLU D 21 25.88 13.65 -48.21
N GLU D 22 26.97 14.42 -48.10
CA GLU D 22 28.23 13.88 -47.61
C GLU D 22 28.80 14.77 -46.50
N ASP D 23 28.46 16.04 -46.50
CA ASP D 23 28.98 16.99 -45.54
C ASP D 23 28.14 17.08 -44.27
N ARG D 24 27.10 16.27 -44.16
CA ARG D 24 26.26 16.26 -42.96
C ARG D 24 25.98 14.83 -42.51
N VAL D 25 25.10 14.66 -41.54
CA VAL D 25 24.76 13.35 -40.99
C VAL D 25 23.44 12.88 -41.57
N VAL D 26 23.41 11.64 -42.04
CA VAL D 26 22.21 11.04 -42.62
C VAL D 26 21.74 9.95 -41.66
N VAL D 27 20.52 10.13 -41.13
CA VAL D 27 19.92 9.19 -40.21
C VAL D 27 18.63 8.67 -40.82
N ILE D 28 18.49 7.35 -40.90
CA ILE D 28 17.33 6.70 -41.50
C ILE D 28 16.59 5.94 -40.41
N ARG D 29 15.29 6.21 -40.27
CA ARG D 29 14.45 5.57 -39.26
C ARG D 29 13.72 4.41 -39.93
N PHE D 30 14.25 3.20 -39.75
CA PHE D 30 13.69 2.00 -40.37
C PHE D 30 12.41 1.53 -39.68
N GLY D 31 11.85 2.28 -38.73
CA GLY D 31 10.67 1.82 -38.04
C GLY D 31 9.41 1.99 -38.88
N HIS D 32 8.49 1.04 -38.72
CA HIS D 32 7.22 1.05 -39.44
C HIS D 32 6.28 2.05 -38.77
N ASP D 33 5.69 2.93 -39.58
CA ASP D 33 4.97 4.09 -39.04
C ASP D 33 3.71 3.71 -38.27
N TRP D 34 3.26 2.45 -38.37
CA TRP D 34 2.06 2.05 -37.65
C TRP D 34 2.32 1.97 -36.15
N ASP D 35 3.45 1.37 -35.75
CA ASP D 35 3.69 1.09 -34.35
C ASP D 35 3.85 2.37 -33.54
N PRO D 36 3.37 2.38 -32.29
CA PRO D 36 3.56 3.58 -31.45
C PRO D 36 5.01 3.91 -31.16
N THR D 37 5.88 2.90 -31.09
CA THR D 37 7.30 3.18 -30.85
C THR D 37 7.91 4.01 -31.97
N CYS D 38 7.61 3.66 -33.22
CA CYS D 38 8.06 4.46 -34.34
C CYS D 38 7.40 5.84 -34.34
N MET D 39 6.17 5.94 -33.81
CA MET D 39 5.55 7.25 -33.66
C MET D 39 6.32 8.12 -32.68
N LYS D 40 6.77 7.53 -31.56
CA LYS D 40 7.57 8.28 -30.61
C LYS D 40 8.93 8.66 -31.20
N MET D 41 9.51 7.75 -31.99
CA MET D 41 10.76 8.07 -32.67
C MET D 41 10.58 9.22 -33.65
N ASP D 42 9.47 9.22 -34.39
CA ASP D 42 9.19 10.32 -35.31
C ASP D 42 8.96 11.62 -34.55
N GLU D 43 8.30 11.56 -33.39
CA GLU D 43 8.14 12.76 -32.59
C GLU D 43 9.48 13.30 -32.11
N VAL D 44 10.37 12.41 -31.67
CA VAL D 44 11.70 12.83 -31.25
C VAL D 44 12.46 13.45 -32.42
N LEU D 45 12.32 12.87 -33.62
CA LEU D 45 12.95 13.45 -34.80
C LEU D 45 12.38 14.83 -35.10
N TYR D 46 11.06 14.99 -34.99
CA TYR D 46 10.44 16.30 -35.20
C TYR D 46 10.91 17.31 -34.18
N SER D 47 11.22 16.86 -32.96
CA SER D 47 11.80 17.76 -31.97
C SER D 47 13.14 18.30 -32.44
N ILE D 48 13.96 17.45 -33.06
CA ILE D 48 15.25 17.84 -33.58
C ILE D 48 15.20 18.06 -35.10
N ALA D 49 14.00 18.25 -35.65
CA ALA D 49 13.87 18.42 -37.10
C ALA D 49 14.51 19.73 -37.56
N GLU D 50 14.22 20.83 -36.87
CA GLU D 50 14.74 22.14 -37.23
C GLU D 50 16.03 22.50 -36.49
N LYS D 51 16.52 21.63 -35.60
CA LYS D 51 17.73 21.91 -34.85
C LYS D 51 18.96 21.33 -35.54
N VAL D 52 18.97 20.02 -35.75
CA VAL D 52 20.12 19.34 -36.34
C VAL D 52 20.05 19.42 -37.86
N LYS D 53 19.09 20.19 -38.38
CA LYS D 53 18.93 20.30 -39.83
C LYS D 53 20.18 20.89 -40.47
N ASN D 54 20.76 21.92 -39.86
CA ASN D 54 21.96 22.54 -40.40
C ASN D 54 23.19 21.63 -40.33
N PHE D 55 23.11 20.54 -39.57
CA PHE D 55 24.22 19.60 -39.46
C PHE D 55 23.86 18.17 -39.83
N ALA D 56 22.59 17.87 -40.06
CA ALA D 56 22.17 16.51 -40.36
C ALA D 56 20.94 16.54 -41.25
N VAL D 57 20.68 15.42 -41.92
CA VAL D 57 19.51 15.26 -42.78
C VAL D 57 18.85 13.93 -42.44
N ILE D 58 17.77 13.99 -41.66
CA ILE D 58 17.09 12.79 -41.18
C ILE D 58 15.97 12.43 -42.13
N TYR D 59 15.91 11.15 -42.50
CA TYR D 59 14.87 10.62 -43.36
C TYR D 59 14.19 9.44 -42.67
N LEU D 60 12.90 9.28 -42.92
CA LEU D 60 12.19 8.12 -42.40
C LEU D 60 12.28 6.96 -43.41
N VAL D 61 11.80 5.80 -42.97
CA VAL D 61 11.84 4.61 -43.81
C VAL D 61 10.77 3.64 -43.31
N ASP D 62 10.24 2.84 -44.22
CA ASP D 62 9.25 1.81 -43.92
C ASP D 62 9.79 0.47 -44.41
N ILE D 63 10.09 -0.42 -43.47
CA ILE D 63 10.64 -1.72 -43.84
C ILE D 63 9.67 -2.53 -44.70
N THR D 64 8.37 -2.25 -44.62
CA THR D 64 7.42 -2.91 -45.50
C THR D 64 7.52 -2.38 -46.92
N GLU D 65 7.72 -1.06 -47.07
CA GLU D 65 7.86 -0.47 -48.39
C GLU D 65 9.12 -0.98 -49.08
N VAL D 66 10.28 -0.76 -48.47
CA VAL D 66 11.56 -1.21 -49.01
C VAL D 66 12.12 -2.26 -48.06
N PRO D 67 11.98 -3.55 -48.41
CA PRO D 67 12.41 -4.62 -47.48
C PRO D 67 13.90 -4.90 -47.51
N ASP D 68 14.61 -4.49 -48.56
CA ASP D 68 16.02 -4.85 -48.69
C ASP D 68 16.86 -4.33 -47.53
N PHE D 69 16.48 -3.19 -46.96
CA PHE D 69 17.23 -2.65 -45.83
C PHE D 69 17.09 -3.52 -44.59
N ASN D 70 15.90 -4.09 -44.36
CA ASN D 70 15.68 -4.96 -43.21
C ASN D 70 16.15 -6.38 -43.44
N LYS D 71 16.51 -6.74 -44.67
CA LYS D 71 16.99 -8.09 -44.97
C LYS D 71 18.49 -8.16 -45.17
N MET D 72 19.13 -7.06 -45.58
CA MET D 72 20.58 -7.04 -45.74
C MET D 72 21.27 -6.52 -44.48
N TYR D 73 20.83 -5.38 -43.96
CA TYR D 73 21.33 -4.86 -42.70
C TYR D 73 20.74 -5.57 -41.49
N GLU D 74 19.71 -6.38 -41.69
CA GLU D 74 19.08 -7.16 -40.62
C GLU D 74 18.58 -6.26 -39.49
N LEU D 75 17.75 -5.29 -39.85
CA LEU D 75 17.10 -4.40 -38.88
C LEU D 75 15.76 -5.01 -38.51
N TYR D 76 15.78 -5.92 -37.53
CA TYR D 76 14.58 -6.62 -37.10
C TYR D 76 13.83 -5.90 -35.99
N ASP D 77 14.40 -4.84 -35.42
CA ASP D 77 13.74 -4.12 -34.35
C ASP D 77 12.51 -3.39 -34.86
N PRO D 78 11.50 -3.18 -34.00
CA PRO D 78 10.32 -2.42 -34.44
C PRO D 78 10.65 -1.03 -34.95
N CYS D 79 11.61 -0.35 -34.34
CA CYS D 79 12.04 0.97 -34.79
C CYS D 79 13.51 1.13 -34.43
N THR D 80 14.37 0.89 -35.40
CA THR D 80 15.82 0.98 -35.21
C THR D 80 16.36 2.20 -35.95
N VAL D 81 17.15 3.00 -35.24
CA VAL D 81 17.74 4.21 -35.81
C VAL D 81 19.20 3.91 -36.15
N MET D 82 19.54 4.04 -37.43
CA MET D 82 20.89 3.78 -37.91
C MET D 82 21.40 5.01 -38.65
N PHE D 83 22.73 5.11 -38.74
CA PHE D 83 23.39 6.26 -39.35
C PHE D 83 24.26 5.80 -40.51
N PHE D 84 24.40 6.66 -41.51
CA PHE D 84 25.28 6.42 -42.64
C PHE D 84 25.86 7.76 -43.09
N PHE D 85 27.19 7.86 -43.08
CA PHE D 85 27.88 9.10 -43.40
C PHE D 85 28.79 8.85 -44.58
N ARG D 86 28.48 9.49 -45.71
CA ARG D 86 29.28 9.41 -46.94
C ARG D 86 29.63 7.96 -47.27
N ASN D 87 28.58 7.12 -47.35
CA ASN D 87 28.71 5.70 -47.64
C ASN D 87 29.58 5.01 -46.59
N LYS D 88 29.32 5.31 -45.32
CA LYS D 88 30.03 4.69 -44.21
C LYS D 88 29.10 4.72 -43.00
N HIS D 89 28.56 3.54 -42.64
CA HIS D 89 27.62 3.45 -41.53
C HIS D 89 28.33 3.59 -40.20
N ILE D 90 28.35 4.81 -39.66
CA ILE D 90 29.04 5.05 -38.39
C ILE D 90 28.36 4.26 -37.27
N MET D 91 29.17 3.79 -36.33
CA MET D 91 28.69 3.01 -35.20
C MET D 91 28.74 3.87 -33.94
N ILE D 92 27.62 3.92 -33.22
CA ILE D 92 27.51 4.66 -31.97
C ILE D 92 27.79 3.69 -30.83
N ASP D 93 28.78 4.03 -30.00
CA ASP D 93 29.18 3.16 -28.88
C ASP D 93 28.17 3.27 -27.75
N LEU D 94 26.96 2.78 -28.02
CA LEU D 94 25.91 2.78 -27.02
C LEU D 94 26.23 1.78 -25.90
N GLY D 95 26.87 0.67 -26.23
CA GLY D 95 27.16 -0.36 -25.25
C GLY D 95 26.10 -1.42 -25.10
N THR D 96 25.19 -1.56 -26.08
CA THR D 96 24.12 -2.55 -26.02
C THR D 96 24.49 -3.85 -26.71
N GLY D 97 25.76 -4.21 -26.72
CA GLY D 97 26.24 -5.41 -27.41
C GLY D 97 26.64 -5.16 -28.85
N ASN D 98 25.83 -4.39 -29.57
CA ASN D 98 26.12 -4.00 -30.95
C ASN D 98 26.06 -2.49 -31.04
N ASN D 99 26.35 -1.97 -32.24
CA ASN D 99 26.35 -0.53 -32.46
C ASN D 99 25.71 -0.14 -33.79
N ASN D 100 25.00 -1.05 -34.43
CA ASN D 100 24.40 -0.75 -35.73
C ASN D 100 23.16 0.11 -35.61
N LYS D 101 22.42 -0.01 -34.51
CA LYS D 101 21.15 0.69 -34.35
C LYS D 101 21.02 1.22 -32.92
N ILE D 102 20.06 2.11 -32.74
CA ILE D 102 19.73 2.61 -31.41
C ILE D 102 18.76 1.69 -30.70
N ASN D 103 17.71 1.25 -31.39
CA ASN D 103 16.78 0.22 -30.95
C ASN D 103 15.95 0.63 -29.74
N TRP D 104 16.09 1.86 -29.27
CA TRP D 104 15.36 2.34 -28.10
C TRP D 104 14.58 3.59 -28.47
N ALA D 105 13.35 3.68 -27.96
CA ALA D 105 12.50 4.85 -28.17
C ALA D 105 12.99 5.97 -27.25
N MET D 106 13.99 6.70 -27.74
CA MET D 106 14.59 7.80 -26.98
C MET D 106 13.58 8.94 -26.90
N GLU D 107 13.00 9.13 -25.70
CA GLU D 107 12.01 10.17 -25.47
C GLU D 107 12.64 11.48 -25.02
N ASP D 108 13.96 11.57 -24.96
CA ASP D 108 14.67 12.78 -24.56
C ASP D 108 15.22 13.45 -25.82
N LYS D 109 14.75 14.68 -26.08
CA LYS D 109 15.24 15.42 -27.23
C LYS D 109 16.70 15.83 -27.07
N GLN D 110 17.08 16.23 -25.84
CA GLN D 110 18.45 16.64 -25.60
C GLN D 110 19.42 15.48 -25.82
N GLU D 111 19.04 14.28 -25.38
CA GLU D 111 19.90 13.11 -25.60
C GLU D 111 20.08 12.82 -27.08
N MET D 112 19.00 12.91 -27.85
CA MET D 112 19.10 12.69 -29.29
C MET D 112 19.97 13.75 -29.95
N VAL D 113 19.83 15.00 -29.53
CA VAL D 113 20.65 16.08 -30.10
C VAL D 113 22.12 15.85 -29.78
N ASP D 114 22.42 15.47 -28.54
CA ASP D 114 23.80 15.20 -28.16
C ASP D 114 24.37 14.03 -28.93
N ILE D 115 23.57 12.98 -29.12
CA ILE D 115 24.02 11.81 -29.88
C ILE D 115 24.30 12.21 -31.33
N ILE D 116 23.44 13.03 -31.91
CA ILE D 116 23.65 13.48 -33.29
C ILE D 116 24.93 14.30 -33.39
N GLU D 117 25.14 15.21 -32.44
CA GLU D 117 26.35 16.03 -32.46
C GLU D 117 27.60 15.17 -32.32
N THR D 118 27.58 14.20 -31.40
CA THR D 118 28.72 13.32 -31.23
C THR D 118 28.97 12.46 -32.47
N VAL D 119 27.90 12.00 -33.11
CA VAL D 119 28.05 11.22 -34.33
C VAL D 119 28.67 12.07 -35.43
N TYR D 120 28.23 13.32 -35.55
CA TYR D 120 28.81 14.22 -36.54
C TYR D 120 30.29 14.46 -36.26
N ARG D 121 30.63 14.68 -34.99
CA ARG D 121 32.04 14.90 -34.62
C ARG D 121 32.89 13.66 -34.95
N GLY D 122 32.37 12.47 -34.64
CA GLY D 122 33.11 11.26 -34.94
C GLY D 122 33.26 11.02 -36.43
N ALA D 123 32.22 11.31 -37.20
CA ALA D 123 32.30 11.18 -38.65
C ALA D 123 33.32 12.15 -39.22
N ARG D 124 33.35 13.38 -38.69
CA ARG D 124 34.39 14.33 -39.11
C ARG D 124 35.78 13.80 -38.75
N LYS D 125 35.92 13.21 -37.58
CA LYS D 125 37.18 12.60 -37.19
C LYS D 125 37.43 11.26 -37.88
N GLY D 126 36.41 10.71 -38.56
CA GLY D 126 36.57 9.47 -39.29
C GLY D 126 36.44 8.20 -38.48
N ARG D 127 36.20 8.31 -37.17
CA ARG D 127 36.09 7.12 -36.32
C ARG D 127 34.82 6.37 -36.68
N GLY D 128 34.98 5.14 -37.19
CA GLY D 128 33.84 4.32 -37.53
C GLY D 128 32.99 3.92 -36.34
N LEU D 129 33.55 3.95 -35.14
CA LEU D 129 32.84 3.62 -33.90
C LEU D 129 32.93 4.83 -32.99
N VAL D 130 31.94 5.72 -33.11
CA VAL D 130 31.93 6.94 -32.30
C VAL D 130 31.55 6.61 -30.87
N VAL D 131 32.34 7.07 -29.92
CA VAL D 131 32.07 6.84 -28.50
C VAL D 131 30.88 7.71 -28.10
N SER D 132 29.74 7.08 -27.85
CA SER D 132 28.54 7.81 -27.46
C SER D 132 28.66 8.36 -26.05
N PRO D 133 28.50 9.67 -25.84
CA PRO D 133 28.60 10.24 -24.49
C PRO D 133 27.38 9.92 -23.62
N LYS D 134 27.07 8.63 -23.48
CA LYS D 134 25.92 8.20 -22.71
C LYS D 134 26.14 6.78 -22.21
N ASP D 135 25.49 6.45 -21.10
CA ASP D 135 25.50 5.11 -20.54
C ASP D 135 24.26 4.35 -21.01
N TYR D 136 24.20 4.13 -22.32
CA TYR D 136 23.05 3.46 -22.92
C TYR D 136 22.96 1.99 -22.56
N SER D 137 24.03 1.40 -22.01
CA SER D 137 24.00 0.00 -21.64
C SER D 137 22.98 -0.30 -20.54
N THR D 138 22.61 0.70 -19.76
CA THR D 138 21.60 0.56 -18.72
C THR D 138 20.34 1.33 -19.12
N LYS D 139 19.29 1.16 -18.31
CA LYS D 139 18.03 1.84 -18.57
C LYS D 139 18.08 3.33 -18.29
N TYR D 140 19.12 3.81 -17.57
CA TYR D 140 19.28 5.22 -17.24
C TYR D 140 18.05 5.77 -16.52
N ARG D 141 17.45 4.94 -15.65
CA ARG D 141 16.29 5.32 -14.89
C ARG D 141 16.44 4.83 -13.46
N TYR D 142 15.87 5.59 -12.53
CA TYR D 142 15.93 5.24 -11.11
C TYR D 142 14.87 5.99 -10.32
N VAL E 434 25.26 68.97 -63.29
CA VAL E 434 26.41 68.31 -63.91
C VAL E 434 26.98 67.27 -62.96
N THR E 435 28.25 66.92 -63.17
CA THR E 435 28.93 65.92 -62.34
C THR E 435 29.36 66.59 -61.04
N LEU E 436 28.58 66.40 -59.98
CA LEU E 436 28.86 66.99 -58.68
C LEU E 436 28.68 65.93 -57.60
N GLY E 437 29.39 66.12 -56.48
CA GLY E 437 29.32 65.19 -55.37
C GLY E 437 28.50 65.71 -54.20
N VAL E 438 28.42 64.88 -53.16
CA VAL E 438 27.67 65.21 -51.95
C VAL E 438 28.51 64.81 -50.74
N TYR E 439 27.98 65.13 -49.56
CA TYR E 439 28.67 64.85 -48.30
C TYR E 439 28.63 63.37 -47.98
N LEU E 440 29.42 62.97 -46.98
CA LEU E 440 29.50 61.60 -46.52
C LEU E 440 29.12 61.52 -45.05
N THR E 441 29.21 60.32 -44.49
CA THR E 441 28.81 60.05 -43.12
C THR E 441 30.01 59.62 -42.29
N LYS E 442 29.97 59.96 -41.00
CA LYS E 442 31.07 59.61 -40.09
C LYS E 442 31.14 58.12 -39.84
N LYS E 443 30.00 57.47 -39.59
CA LYS E 443 29.98 56.02 -39.46
C LYS E 443 30.41 55.36 -40.77
N GLU E 444 29.92 55.88 -41.89
CA GLU E 444 30.38 55.40 -43.19
C GLU E 444 31.87 55.64 -43.37
N GLN E 445 32.38 56.76 -42.84
CA GLN E 445 33.81 57.03 -42.92
C GLN E 445 34.61 55.99 -42.16
N LYS E 446 34.17 55.64 -40.94
CA LYS E 446 34.87 54.62 -40.17
C LYS E 446 34.80 53.26 -40.85
N LYS E 447 33.62 52.90 -41.36
CA LYS E 447 33.48 51.63 -42.08
C LYS E 447 34.40 51.59 -43.30
N LEU E 448 34.45 52.70 -44.05
CA LEU E 448 35.30 52.77 -45.23
C LEU E 448 36.77 52.67 -44.86
N ARG E 449 37.17 53.34 -43.77
CA ARG E 449 38.58 53.26 -43.35
C ARG E 449 38.96 51.84 -42.95
N ARG E 450 38.11 51.17 -42.16
CA ARG E 450 38.40 49.81 -41.76
C ARG E 450 38.46 48.88 -42.96
N GLN E 451 37.46 48.97 -43.85
CA GLN E 451 37.41 48.10 -45.01
C GLN E 451 38.58 48.37 -45.95
N THR E 452 38.98 49.62 -46.10
CA THR E 452 40.10 49.96 -46.97
C THR E 452 41.41 49.44 -46.40
N ARG E 453 41.62 49.58 -45.09
CA ARG E 453 42.83 49.03 -44.49
C ARG E 453 42.89 47.51 -44.65
N ARG E 454 41.75 46.84 -44.40
CA ARG E 454 41.72 45.39 -44.54
C ARG E 454 41.96 44.98 -45.99
N GLU E 455 41.36 45.68 -46.94
CA GLU E 455 41.53 45.35 -48.35
C GLU E 455 42.96 45.61 -48.80
N ALA E 456 43.58 46.68 -48.32
CA ALA E 456 44.98 46.94 -48.65
C ALA E 456 45.88 45.84 -48.12
N GLN E 457 45.65 45.42 -46.87
CA GLN E 457 46.44 44.33 -46.31
C GLN E 457 46.25 43.04 -47.10
N LYS E 458 45.00 42.73 -47.45
CA LYS E 458 44.73 41.51 -48.20
C LYS E 458 45.34 41.55 -49.59
N GLU E 459 45.27 42.71 -50.26
CA GLU E 459 45.86 42.84 -51.58
C GLU E 459 47.37 42.71 -51.52
N LEU E 460 48.00 43.32 -50.51
CA LEU E 460 49.45 43.17 -50.36
C LEU E 460 49.82 41.72 -50.10
N GLN E 461 49.07 41.03 -49.26
CA GLN E 461 49.34 39.62 -48.99
C GLN E 461 49.18 38.78 -50.24
N GLU E 462 48.13 39.04 -51.03
CA GLU E 462 47.92 38.28 -52.25
C GLU E 462 49.02 38.55 -53.28
N LYS E 463 49.47 39.79 -53.37
CA LYS E 463 50.47 40.16 -54.37
C LYS E 463 51.87 39.67 -53.99
N VAL E 464 52.21 39.65 -52.71
CA VAL E 464 53.56 39.31 -52.28
C VAL E 464 53.67 37.90 -51.70
N ARG E 465 52.57 37.17 -51.57
CA ARG E 465 52.60 35.82 -51.02
C ARG E 465 52.28 34.75 -52.05
N LEU E 466 51.74 35.13 -53.20
CA LEU E 466 51.41 34.13 -54.22
C LEU E 466 52.66 33.44 -54.73
N GLY E 467 53.79 34.15 -54.78
CA GLY E 467 55.03 33.58 -55.27
C GLY E 467 55.64 34.36 -56.42
N LEU E 468 55.28 35.65 -56.53
CA LEU E 468 55.81 36.51 -57.57
C LEU E 468 56.86 37.49 -57.06
N MET E 469 56.80 37.89 -55.79
CA MET E 469 57.78 38.78 -55.19
C MET E 469 57.75 38.63 -53.67
N PRO E 470 58.87 38.32 -53.05
CA PRO E 470 58.90 38.13 -51.59
C PRO E 470 58.48 39.40 -50.86
N PRO E 471 57.72 39.27 -49.78
CA PRO E 471 57.34 40.45 -48.98
C PRO E 471 58.46 40.83 -48.03
N PRO E 472 58.51 42.08 -47.60
CA PRO E 472 59.50 42.46 -46.57
C PRO E 472 59.14 41.90 -45.21
N GLU E 473 60.03 42.05 -44.24
CA GLU E 473 59.73 41.58 -42.90
C GLU E 473 58.63 42.44 -42.28
N PRO E 474 57.72 41.84 -41.50
CA PRO E 474 56.64 42.64 -40.89
C PRO E 474 57.20 43.54 -39.80
N LYS E 475 57.06 44.86 -40.02
CA LYS E 475 57.58 45.84 -39.08
C LYS E 475 56.49 46.40 -38.18
N LYS F 341 15.56 28.88 -35.04
CA LYS F 341 16.57 28.60 -34.03
C LYS F 341 17.56 27.55 -34.53
N PRO F 342 18.55 27.98 -35.31
CA PRO F 342 19.55 27.05 -35.82
C PRO F 342 20.50 26.59 -34.72
N LEU F 343 21.22 25.52 -35.03
CA LEU F 343 22.21 24.96 -34.13
C LEU F 343 23.61 25.13 -34.72
N PRO F 344 24.57 25.63 -33.95
CA PRO F 344 25.92 25.82 -34.50
C PRO F 344 26.52 24.50 -34.98
N ALA F 345 27.26 24.56 -36.07
CA ALA F 345 27.86 23.37 -36.66
C ALA F 345 28.89 22.78 -35.71
N PRO F 346 29.11 21.46 -35.77
CA PRO F 346 30.12 20.83 -34.90
C PRO F 346 31.54 21.05 -35.40
N LEU F 347 32.00 22.30 -35.34
CA LEU F 347 33.32 22.68 -35.80
C LEU F 347 34.07 23.38 -34.67
N ASP F 348 35.38 23.21 -34.65
CA ASP F 348 36.22 23.82 -33.63
C ASP F 348 37.32 24.65 -34.26
N GLY F 349 38.28 25.12 -33.45
CA GLY F 349 39.36 25.92 -33.97
C GLY F 349 40.29 25.13 -34.86
N GLN F 350 40.97 25.85 -35.76
CA GLN F 350 41.86 25.21 -36.71
C GLN F 350 43.23 24.93 -36.08
N ARG F 351 43.92 25.98 -35.63
CA ARG F 351 45.23 25.84 -35.04
C ARG F 351 45.54 27.09 -34.24
N LYS F 352 46.57 26.99 -33.40
CA LYS F 352 47.01 28.10 -32.56
C LYS F 352 48.38 28.57 -33.02
N LYS F 353 48.49 29.85 -33.35
CA LYS F 353 49.76 30.43 -33.75
C LYS F 353 50.04 31.79 -33.13
N ARG F 354 49.04 32.47 -32.59
CA ARG F 354 49.20 33.79 -32.00
C ARG F 354 49.18 33.70 -30.48
N GLY F 355 49.87 34.63 -29.83
CA GLY F 355 49.90 34.68 -28.38
C GLY F 355 50.79 35.78 -27.86
N GLY F 356 50.32 36.54 -26.88
CA GLY F 356 51.09 37.62 -26.30
C GLY F 356 50.71 38.99 -26.82
N ARG F 357 49.99 39.75 -26.00
CA ARG F 357 49.54 41.10 -26.33
C ARG F 357 48.58 41.12 -27.51
N ARG F 358 48.24 39.95 -28.03
CA ARG F 358 47.23 39.78 -29.07
C ARG F 358 46.10 38.85 -28.65
N TYR F 359 46.44 37.72 -28.02
CA TYR F 359 45.47 36.85 -27.41
C TYR F 359 45.69 36.66 -25.91
N ARG F 360 46.82 37.14 -25.38
CA ARG F 360 47.09 36.98 -23.96
C ARG F 360 46.25 37.93 -23.11
N LYS F 361 45.85 39.07 -23.67
CA LYS F 361 45.04 40.02 -22.91
C LYS F 361 43.70 39.41 -22.55
N MET F 362 43.05 38.72 -23.49
CA MET F 362 41.78 38.05 -23.19
C MET F 362 41.98 36.93 -22.19
N LYS F 363 43.07 36.17 -22.32
CA LYS F 363 43.36 35.07 -21.40
C LYS F 363 43.85 35.56 -20.04
N GLU F 364 44.12 36.86 -19.89
CA GLU F 364 44.52 37.42 -18.61
C GLU F 364 43.41 38.21 -17.94
N ARG F 365 42.48 38.79 -18.70
CA ARG F 365 41.37 39.56 -18.16
C ARG F 365 40.11 38.71 -18.00
N LEU F 366 39.62 38.16 -19.11
CA LEU F 366 38.38 37.37 -19.06
C LEU F 366 38.63 35.99 -18.47
N GLY F 367 39.46 35.18 -19.14
CA GLY F 367 39.84 33.89 -18.60
C GLY F 367 41.06 34.02 -17.71
N LEU F 368 40.96 34.91 -16.70
CA LEU F 368 42.11 35.27 -15.90
C LEU F 368 42.70 34.06 -15.18
N THR F 369 44.02 34.05 -15.07
CA THR F 369 44.70 32.94 -14.41
C THR F 369 44.36 32.93 -12.92
N GLU F 370 43.86 31.80 -12.44
CA GLU F 370 43.50 31.66 -11.04
C GLU F 370 44.73 31.38 -10.21
N ILE F 371 44.54 31.00 -8.95
CA ILE F 371 45.67 30.64 -8.09
C ILE F 371 46.42 29.46 -8.68
N ARG F 372 45.69 28.45 -9.15
CA ARG F 372 46.23 27.21 -9.73
C ARG F 372 47.07 26.43 -8.73
N LYS F 373 47.04 26.80 -7.45
CA LYS F 373 47.79 26.11 -6.41
C LYS F 373 47.07 26.37 -5.08
N GLN F 374 47.32 25.48 -4.12
CA GLN F 374 46.67 25.51 -2.81
C GLN F 374 45.16 25.31 -2.94
N ALA F 375 44.69 25.01 -4.14
CA ALA F 375 43.28 24.71 -4.37
C ALA F 375 43.07 23.47 -5.21
N ASN F 376 44.13 22.90 -5.81
CA ASN F 376 44.03 21.68 -6.57
C ASN F 376 44.76 20.51 -5.92
N ARG F 377 45.65 20.77 -4.97
CA ARG F 377 46.33 19.70 -4.27
C ARG F 377 45.42 19.06 -3.24
N MET F 378 45.68 17.78 -2.95
CA MET F 378 44.85 17.03 -2.03
C MET F 378 45.59 16.58 -0.77
N SER F 379 46.92 16.43 -0.84
CA SER F 379 47.74 15.98 0.28
C SER F 379 47.25 14.62 0.79
N PHE F 380 47.39 13.62 -0.09
CA PHE F 380 46.85 12.28 0.13
C PHE F 380 47.36 11.64 1.42
N GLY F 381 48.39 12.22 2.02
CA GLY F 381 48.89 11.72 3.29
C GLY F 381 48.15 12.24 4.49
N GLU F 382 47.87 13.55 4.51
CA GLU F 382 47.24 14.19 5.65
C GLU F 382 45.79 14.56 5.32
N ILE F 383 45.14 15.23 6.27
CA ILE F 383 43.77 15.70 6.10
C ILE F 383 43.67 17.10 6.66
N GLU F 384 43.58 18.11 5.77
CA GLU F 384 43.58 19.50 6.21
C GLU F 384 42.26 19.88 6.87
N GLU F 385 41.16 19.76 6.13
CA GLU F 385 39.86 20.16 6.63
C GLU F 385 39.24 19.06 7.49
N ASP F 386 38.08 19.35 8.05
CA ASP F 386 37.38 18.39 8.89
C ASP F 386 36.89 17.22 8.05
N ALA F 387 36.36 16.19 8.73
CA ALA F 387 35.93 14.99 8.02
C ALA F 387 34.67 15.21 7.21
N TYR F 388 33.83 16.18 7.59
CA TYR F 388 32.59 16.43 6.86
C TYR F 388 32.35 17.92 6.66
N GLN F 389 33.42 18.72 6.62
CA GLN F 389 33.27 20.14 6.36
C GLN F 389 32.73 20.39 4.95
N GLU F 390 33.24 19.65 3.97
CA GLU F 390 32.84 19.78 2.58
C GLU F 390 32.96 21.21 2.08
N GLU G 369 73.26 11.77 -50.86
CA GLU G 369 72.32 12.83 -51.19
C GLU G 369 71.04 12.26 -51.79
N ASP G 370 70.07 13.14 -52.04
CA ASP G 370 68.79 12.72 -52.61
C ASP G 370 68.59 13.37 -53.97
N PRO G 371 68.89 12.69 -55.07
CA PRO G 371 68.68 13.27 -56.42
C PRO G 371 67.22 13.18 -56.85
N SER G 372 66.40 14.02 -56.23
CA SER G 372 64.96 14.03 -56.50
C SER G 372 64.46 15.34 -57.06
N LEU G 373 64.90 16.47 -56.51
CA LEU G 373 64.43 17.78 -56.96
C LEU G 373 64.91 18.14 -58.35
N LEU G 374 65.86 17.38 -58.92
CA LEU G 374 66.32 17.67 -60.28
C LEU G 374 65.21 17.55 -61.30
N GLU G 375 64.21 16.72 -61.05
CA GLU G 375 63.06 16.59 -61.94
C GLU G 375 61.92 17.55 -61.59
N TRP G 376 62.13 18.43 -60.61
CA TRP G 376 61.09 19.36 -60.18
C TRP G 376 61.56 20.80 -60.09
N ASP G 377 62.83 21.08 -60.42
CA ASP G 377 63.32 22.45 -60.40
C ASP G 377 62.79 23.23 -61.60
N ALA G 378 61.67 23.92 -61.42
CA ALA G 378 61.04 24.67 -62.50
C ALA G 378 60.71 26.10 -62.13
N ASP G 379 61.16 26.58 -60.97
CA ASP G 379 60.85 27.92 -60.47
C ASP G 379 59.34 28.13 -60.36
N ASP G 380 58.60 27.07 -60.06
CA ASP G 380 57.16 27.12 -59.93
C ASP G 380 56.78 27.41 -58.48
N PHE G 381 55.49 27.30 -58.18
CA PHE G 381 54.97 27.47 -56.83
C PHE G 381 54.76 26.08 -56.24
N ARG G 382 55.61 25.68 -55.30
CA ARG G 382 55.56 24.37 -54.68
C ARG G 382 54.90 24.45 -53.32
N ILE G 383 54.00 23.50 -53.05
CA ILE G 383 53.24 23.47 -51.81
C ILE G 383 53.33 22.09 -51.20
N PHE G 384 53.04 22.02 -49.90
CA PHE G 384 53.09 20.76 -49.16
C PHE G 384 51.70 20.15 -49.15
N CYS G 385 51.53 19.00 -49.80
CA CYS G 385 50.29 18.25 -49.79
C CYS G 385 50.52 17.00 -48.96
N GLY G 386 50.06 17.04 -47.70
CA GLY G 386 50.28 15.93 -46.80
C GLY G 386 49.21 15.77 -45.75
N ASP G 387 49.48 14.93 -44.74
CA ASP G 387 48.53 14.61 -43.68
C ASP G 387 47.24 14.02 -44.25
N LEU G 388 47.34 13.35 -45.39
CA LEU G 388 46.20 12.68 -46.00
C LEU G 388 46.22 11.19 -45.60
N GLY G 389 45.35 10.40 -46.22
CA GLY G 389 45.36 8.98 -45.97
C GLY G 389 46.52 8.28 -46.67
N ASN G 390 46.84 7.08 -46.17
CA ASN G 390 47.91 6.29 -46.78
C ASN G 390 47.56 5.93 -48.21
N GLU G 391 46.32 5.52 -48.45
CA GLU G 391 45.85 5.19 -49.79
C GLU G 391 45.00 6.28 -50.41
N VAL G 392 44.56 7.27 -49.62
CA VAL G 392 43.72 8.34 -50.15
C VAL G 392 44.51 9.16 -51.16
N ASN G 393 43.91 9.38 -52.33
CA ASN G 393 44.54 10.10 -53.43
C ASN G 393 45.90 9.48 -53.78
N ASP G 394 45.89 8.18 -54.01
CA ASP G 394 47.14 7.46 -54.27
C ASP G 394 47.71 7.80 -55.64
N ASP G 395 46.87 7.86 -56.67
CA ASP G 395 47.33 8.15 -58.02
C ASP G 395 46.65 9.35 -58.66
N ILE G 396 45.52 9.82 -58.14
CA ILE G 396 44.81 10.96 -58.69
C ILE G 396 45.02 12.22 -57.85
N LEU G 397 46.11 12.28 -57.09
CA LEU G 397 46.36 13.43 -56.22
C LEU G 397 46.54 14.71 -57.01
N ALA G 398 46.95 14.60 -58.27
CA ALA G 398 47.12 15.76 -59.15
C ALA G 398 46.03 15.86 -60.20
N ARG G 399 44.96 15.07 -60.07
CA ARG G 399 43.92 15.05 -61.09
C ARG G 399 43.06 16.32 -61.03
N ALA G 400 43.14 17.06 -59.93
CA ALA G 400 42.34 18.28 -59.79
C ALA G 400 42.69 19.29 -60.87
N PHE G 401 41.72 20.15 -61.19
CA PHE G 401 41.90 21.13 -62.26
C PHE G 401 41.61 22.53 -61.77
N SER G 402 42.14 22.88 -60.59
CA SER G 402 41.94 24.22 -60.06
C SER G 402 42.77 25.28 -60.78
N ARG G 403 43.78 24.86 -61.55
CA ARG G 403 44.61 25.79 -62.31
C ARG G 403 44.94 25.13 -63.65
N PHE G 404 45.86 25.75 -64.40
CA PHE G 404 46.23 25.20 -65.70
C PHE G 404 47.10 23.95 -65.58
N PRO G 405 48.23 23.97 -64.89
CA PRO G 405 49.07 22.75 -64.82
C PRO G 405 48.77 21.83 -63.65
N SER G 406 47.74 22.13 -62.84
CA SER G 406 47.39 21.36 -61.65
C SER G 406 48.63 21.30 -60.76
N PHE G 407 48.97 20.14 -60.20
CA PHE G 407 50.21 19.96 -59.44
C PHE G 407 51.25 19.46 -60.42
N LEU G 408 51.82 20.37 -61.21
CA LEU G 408 52.77 20.00 -62.24
C LEU G 408 54.06 19.45 -61.64
N LYS G 409 54.53 18.35 -62.21
CA LYS G 409 55.75 17.68 -61.74
C LYS G 409 55.66 17.36 -60.26
N ALA G 410 54.47 16.95 -59.82
CA ALA G 410 54.21 16.67 -58.43
C ALA G 410 53.44 15.36 -58.28
N LYS G 411 53.69 14.66 -57.19
CA LYS G 411 53.03 13.40 -56.90
C LYS G 411 52.94 13.27 -55.38
N VAL G 412 52.64 12.07 -54.90
CA VAL G 412 52.55 11.79 -53.47
C VAL G 412 53.77 10.96 -53.08
N ILE G 413 54.58 11.50 -52.17
CA ILE G 413 55.74 10.76 -51.68
C ILE G 413 55.26 9.60 -50.82
N ARG G 414 56.12 8.59 -50.69
CA ARG G 414 55.76 7.36 -50.00
C ARG G 414 57.01 6.73 -49.40
N ASP G 415 56.79 5.75 -48.52
CA ASP G 415 57.86 4.98 -47.92
C ASP G 415 58.13 3.77 -48.79
N LYS G 416 59.32 3.72 -49.39
CA LYS G 416 59.64 2.69 -50.36
C LYS G 416 59.73 1.32 -49.71
N ARG G 417 59.49 0.28 -50.51
CA ARG G 417 59.54 -1.12 -50.08
C ARG G 417 58.58 -1.40 -48.94
N THR G 418 57.50 -0.63 -48.85
CA THR G 418 56.47 -0.87 -47.85
C THR G 418 55.05 -0.76 -48.38
N GLY G 419 54.86 -0.28 -49.62
CA GLY G 419 53.52 -0.08 -50.14
C GLY G 419 52.68 0.94 -49.42
N LYS G 420 53.30 1.86 -48.69
CA LYS G 420 52.59 2.84 -47.89
C LYS G 420 53.12 4.24 -48.19
N THR G 421 52.24 5.22 -48.08
CA THR G 421 52.58 6.62 -48.28
C THR G 421 52.91 7.27 -46.94
N LYS G 422 53.99 8.05 -46.90
CA LYS G 422 54.47 8.66 -45.67
C LYS G 422 53.87 10.03 -45.41
N GLY G 423 52.66 10.28 -45.90
CA GLY G 423 52.01 11.56 -45.66
C GLY G 423 52.28 12.60 -46.72
N TYR G 424 53.26 13.47 -46.45
CA TYR G 424 53.55 14.61 -47.33
C TYR G 424 53.80 14.16 -48.76
N GLY G 425 53.19 14.87 -49.70
CA GLY G 425 53.40 14.59 -51.11
C GLY G 425 53.61 15.89 -51.86
N PHE G 426 54.31 15.80 -52.99
CA PHE G 426 54.66 16.98 -53.76
C PHE G 426 53.40 17.65 -54.31
N VAL G 427 53.36 18.98 -54.20
CA VAL G 427 52.31 19.78 -54.82
C VAL G 427 52.94 21.04 -55.38
N SER G 428 53.21 21.05 -56.69
CA SER G 428 53.90 22.15 -57.35
C SER G 428 53.06 22.65 -58.53
N PHE G 429 52.53 23.86 -58.41
CA PHE G 429 51.79 24.48 -59.49
C PHE G 429 52.68 25.51 -60.19
N LYS G 430 52.67 25.47 -61.53
CA LYS G 430 53.55 26.35 -62.30
C LYS G 430 53.12 27.81 -62.25
N ASP G 431 51.90 28.09 -61.81
CA ASP G 431 51.42 29.46 -61.72
C ASP G 431 51.35 29.88 -60.26
N PRO G 432 52.12 30.87 -59.82
CA PRO G 432 52.14 31.25 -58.40
C PRO G 432 50.80 31.80 -57.91
N SER G 433 50.25 32.77 -58.65
CA SER G 433 48.97 33.37 -58.25
C SER G 433 47.84 32.34 -58.29
N ASP G 434 47.80 31.51 -59.34
CA ASP G 434 46.80 30.46 -59.42
C ASP G 434 46.99 29.45 -58.29
N TYR G 435 48.24 29.11 -57.96
CA TYR G 435 48.49 28.20 -56.85
C TYR G 435 47.97 28.77 -55.54
N VAL G 436 48.24 30.04 -55.28
CA VAL G 436 47.78 30.66 -54.04
C VAL G 436 46.25 30.69 -54.00
N ARG G 437 45.61 31.07 -55.10
CA ARG G 437 44.16 31.13 -55.14
C ARG G 437 43.54 29.75 -54.92
N ALA G 438 44.10 28.72 -55.58
CA ALA G 438 43.58 27.38 -55.41
C ALA G 438 43.77 26.87 -53.99
N MET G 439 44.95 27.12 -53.40
CA MET G 439 45.21 26.68 -52.04
C MET G 439 44.26 27.36 -51.06
N ARG G 440 44.02 28.66 -51.24
CA ARG G 440 43.06 29.35 -50.38
C ARG G 440 41.64 28.81 -50.58
N GLU G 441 41.27 28.53 -51.83
CA GLU G 441 39.92 28.04 -52.11
C GLU G 441 39.78 26.56 -51.78
N MET G 442 40.87 25.81 -51.75
CA MET G 442 40.84 24.37 -51.52
C MET G 442 41.78 23.98 -50.38
N ASN G 443 41.70 24.72 -49.27
CA ASN G 443 42.49 24.39 -48.08
C ASN G 443 41.72 23.40 -47.23
N GLY G 444 42.19 22.15 -47.19
CA GLY G 444 41.52 21.13 -46.42
C GLY G 444 40.25 20.60 -47.03
N LYS G 445 40.07 20.76 -48.34
CA LYS G 445 38.88 20.26 -49.01
C LYS G 445 38.89 18.73 -49.05
N TYR G 446 37.72 18.17 -49.29
CA TYR G 446 37.56 16.71 -49.32
C TYR G 446 38.45 16.08 -50.39
N VAL G 447 39.43 15.29 -49.96
CA VAL G 447 40.38 14.64 -50.86
C VAL G 447 40.41 13.17 -50.47
N GLY G 448 39.63 12.36 -51.17
CA GLY G 448 39.64 10.92 -50.92
C GLY G 448 39.15 10.58 -49.54
N SER G 449 39.85 9.65 -48.88
CA SER G 449 39.46 9.18 -47.56
C SER G 449 39.91 10.10 -46.43
N ARG G 450 40.72 11.10 -46.74
CA ARG G 450 41.19 12.04 -45.72
C ARG G 450 41.41 13.41 -46.35
N PRO G 451 40.51 14.38 -46.12
CA PRO G 451 40.72 15.73 -46.66
C PRO G 451 42.02 16.35 -46.20
N ILE G 452 42.91 16.65 -47.13
CA ILE G 452 44.22 17.21 -46.82
C ILE G 452 44.25 18.68 -47.21
N LYS G 453 45.17 19.41 -46.61
CA LYS G 453 45.35 20.84 -46.85
C LYS G 453 46.65 21.07 -47.62
N LEU G 454 46.98 22.35 -47.81
CA LEU G 454 48.17 22.75 -48.54
C LEU G 454 48.91 23.82 -47.76
N ARG G 455 50.24 23.79 -47.84
CA ARG G 455 51.09 24.76 -47.17
C ARG G 455 52.37 24.92 -47.96
N LYS G 456 53.08 26.03 -47.70
CA LYS G 456 54.25 26.38 -48.49
C LYS G 456 55.34 25.31 -48.35
N SER G 457 55.99 24.99 -49.47
CA SER G 457 57.04 23.99 -49.48
C SER G 457 58.31 24.54 -48.82
N MET G 458 59.15 23.61 -48.36
CA MET G 458 60.40 24.00 -47.69
C MET G 458 61.49 24.33 -48.71
N TRP G 459 61.88 23.34 -49.50
CA TRP G 459 62.92 23.49 -50.53
C TRP G 459 64.19 24.09 -49.93
N LYS G 460 64.62 23.55 -48.79
CA LYS G 460 65.75 24.09 -48.04
C LYS G 460 66.85 23.03 -47.98
N ASP G 461 67.72 23.04 -48.99
CA ASP G 461 68.89 22.17 -49.01
C ASP G 461 70.02 22.81 -48.21
N ARG G 462 71.23 22.25 -48.31
CA ARG G 462 72.38 22.83 -47.62
C ARG G 462 72.79 24.16 -48.21
N ASN G 463 72.49 24.41 -49.49
CA ASN G 463 72.76 25.72 -50.07
C ASN G 463 71.98 26.83 -49.38
N LEU G 464 70.87 26.49 -48.75
CA LEU G 464 70.13 27.43 -47.91
C LEU G 464 70.63 27.43 -46.47
N ASP G 465 71.06 26.27 -45.98
CA ASP G 465 71.57 26.18 -44.60
C ASP G 465 72.83 27.01 -44.42
N VAL G 466 73.73 26.99 -45.41
CA VAL G 466 74.96 27.76 -45.31
C VAL G 466 74.65 29.26 -45.23
N VAL G 467 73.77 29.73 -46.11
CA VAL G 467 73.41 31.15 -46.10
C VAL G 467 72.67 31.53 -44.81
N ARG G 468 71.82 30.62 -44.30
CA ARG G 468 71.13 30.90 -43.05
C ARG G 468 72.11 31.01 -41.89
N LYS G 469 73.10 30.11 -41.84
CA LYS G 469 74.11 30.19 -40.78
C LYS G 469 74.93 31.46 -40.92
N LYS G 470 75.24 31.86 -42.15
CA LYS G 470 76.01 33.09 -42.37
C LYS G 470 75.21 34.32 -41.91
N GLN G 471 73.92 34.36 -42.21
CA GLN G 471 73.11 35.54 -41.92
C GLN G 471 72.49 35.55 -40.53
N LYS G 472 72.55 34.45 -39.79
CA LYS G 472 71.94 34.41 -38.47
C LYS G 472 72.88 34.99 -37.40
N GLU G 473 74.05 34.39 -37.24
CA GLU G 473 74.96 34.80 -36.17
C GLU G 473 75.80 36.01 -36.54
N LYS G 474 75.70 36.49 -37.78
CA LYS G 474 76.48 37.65 -38.21
C LYS G 474 75.57 38.81 -38.58
N LYS H 701 78.72 -21.16 -4.31
CA LYS H 701 79.11 -19.80 -4.69
C LYS H 701 80.57 -19.54 -4.38
N ASP H 702 81.24 -18.82 -5.27
CA ASP H 702 82.64 -18.46 -5.03
C ASP H 702 82.78 -17.56 -3.81
N GLY H 703 81.89 -16.59 -3.67
CA GLY H 703 81.90 -15.70 -2.53
C GLY H 703 82.50 -14.34 -2.82
N TYR H 704 81.66 -13.35 -3.03
CA TYR H 704 82.09 -11.98 -3.34
C TYR H 704 80.86 -11.09 -3.40
N LYS H 705 81.11 -9.78 -3.47
CA LYS H 705 80.06 -8.80 -3.65
C LYS H 705 80.00 -8.36 -5.11
N PRO H 706 78.81 -8.24 -5.68
CA PRO H 706 78.71 -7.90 -7.11
C PRO H 706 79.15 -6.47 -7.36
N ASP H 707 80.12 -6.31 -8.26
CA ASP H 707 80.55 -4.99 -8.72
C ASP H 707 79.88 -4.64 -10.04
N VAL H 708 78.55 -4.50 -9.98
CA VAL H 708 77.72 -4.28 -11.16
C VAL H 708 77.10 -2.89 -11.06
N LYS H 709 77.30 -2.09 -12.10
CA LYS H 709 76.66 -0.78 -12.22
C LYS H 709 76.43 -0.53 -13.71
N ILE H 710 75.24 -0.87 -14.17
CA ILE H 710 74.88 -0.76 -15.59
C ILE H 710 74.12 0.54 -15.81
N GLU H 711 74.13 1.01 -17.05
CA GLU H 711 73.43 2.22 -17.44
C GLU H 711 73.18 2.20 -18.93
N TYR H 712 72.59 3.28 -19.43
CA TYR H 712 72.28 3.44 -20.85
C TYR H 712 72.86 4.77 -21.31
N VAL H 713 74.13 4.74 -21.73
CA VAL H 713 74.82 5.90 -22.25
C VAL H 713 74.95 5.76 -23.76
N ASP H 714 74.56 6.81 -24.48
CA ASP H 714 74.57 6.78 -25.94
C ASP H 714 75.97 6.50 -26.48
N GLU H 715 76.02 6.09 -27.74
CA GLU H 715 77.29 5.78 -28.39
C GLU H 715 78.23 6.98 -28.43
N THR H 716 77.70 8.20 -28.33
CA THR H 716 78.53 9.39 -28.24
C THR H 716 79.12 9.60 -26.85
N GLY H 717 78.73 8.78 -25.88
CA GLY H 717 79.22 8.87 -24.52
C GLY H 717 78.29 9.60 -23.58
N ARG H 718 77.36 10.40 -24.10
CA ARG H 718 76.43 11.12 -23.25
C ARG H 718 75.43 10.16 -22.61
N LYS H 719 75.28 10.26 -21.29
CA LYS H 719 74.32 9.43 -20.57
C LYS H 719 72.90 9.86 -20.94
N LEU H 720 72.19 9.00 -21.66
CA LEU H 720 70.83 9.34 -22.08
C LEU H 720 69.91 9.47 -20.88
N THR H 721 69.07 10.49 -20.91
CA THR H 721 68.08 10.69 -19.87
C THR H 721 67.10 9.52 -19.85
N PRO H 722 66.49 9.21 -18.70
CA PRO H 722 65.50 8.12 -18.67
C PRO H 722 64.39 8.30 -19.69
N LYS H 723 63.90 9.54 -19.87
CA LYS H 723 62.98 9.80 -20.98
C LYS H 723 63.68 9.58 -22.32
N GLU H 724 64.91 10.06 -22.45
CA GLU H 724 65.66 9.85 -23.69
C GLU H 724 66.00 8.37 -23.89
N ALA H 725 66.31 7.67 -22.79
CA ALA H 725 66.58 6.23 -22.89
C ALA H 725 65.33 5.47 -23.34
N PHE H 726 64.17 5.83 -22.79
CA PHE H 726 62.92 5.20 -23.23
C PHE H 726 62.64 5.53 -24.69
N ARG H 727 62.92 6.77 -25.11
CA ARG H 727 62.75 7.13 -26.51
C ARG H 727 63.64 6.30 -27.42
N GLN H 728 64.91 6.11 -27.02
CA GLN H 728 65.82 5.30 -27.81
C GLN H 728 65.37 3.85 -27.88
N LEU H 729 64.92 3.31 -26.73
CA LEU H 729 64.44 1.93 -26.72
C LEU H 729 63.21 1.75 -27.60
N SER H 730 62.29 2.71 -27.55
CA SER H 730 61.10 2.64 -28.38
C SER H 730 61.43 2.80 -29.86
N HIS H 731 62.41 3.64 -30.17
CA HIS H 731 62.87 3.76 -31.55
C HIS H 731 63.47 2.43 -32.04
N ARG H 732 64.28 1.79 -31.19
CA ARG H 732 64.86 0.50 -31.56
C ARG H 732 63.77 -0.55 -31.75
N PHE H 733 62.78 -0.58 -30.86
CA PHE H 733 61.70 -1.55 -30.99
C PHE H 733 60.90 -1.31 -32.27
N HIS H 734 60.47 -0.07 -32.50
CA HIS H 734 59.76 0.29 -33.72
C HIS H 734 60.65 0.26 -34.95
N GLY H 735 61.97 0.22 -34.78
CA GLY H 735 62.87 0.22 -35.92
C GLY H 735 62.85 1.48 -36.74
N LYS H 736 62.39 2.58 -36.16
CA LYS H 736 62.31 3.86 -36.86
C LYS H 736 63.04 4.92 -36.05
N GLY H 737 63.78 5.79 -36.74
CA GLY H 737 64.54 6.84 -36.09
C GLY H 737 63.86 8.20 -36.18
N SER H 738 64.63 9.23 -35.85
CA SER H 738 64.13 10.59 -35.86
C SER H 738 63.98 11.11 -37.29
N GLY H 739 63.08 12.07 -37.44
CA GLY H 739 62.85 12.70 -38.74
C GLY H 739 63.82 13.82 -39.03
N LYS H 740 63.56 14.52 -40.14
CA LYS H 740 64.42 15.62 -40.54
C LYS H 740 64.32 16.79 -39.56
N MET H 741 63.09 17.20 -39.23
CA MET H 741 62.90 18.29 -38.27
C MET H 741 63.40 17.88 -36.89
N LYS H 742 63.16 16.63 -36.49
CA LYS H 742 63.68 16.15 -35.22
C LYS H 742 65.20 16.17 -35.21
N THR H 743 65.83 15.77 -36.32
CA THR H 743 67.28 15.84 -36.42
C THR H 743 67.78 17.26 -36.30
N GLU H 744 67.12 18.21 -36.97
CA GLU H 744 67.53 19.60 -36.89
C GLU H 744 67.40 20.13 -35.47
N ARG H 745 66.29 19.81 -34.80
CA ARG H 745 66.10 20.26 -33.42
C ARG H 745 67.15 19.67 -32.49
N ARG H 746 67.45 18.37 -32.67
CA ARG H 746 68.47 17.72 -31.85
C ARG H 746 69.84 18.35 -32.08
N MET H 747 70.18 18.62 -33.34
CA MET H 747 71.46 19.24 -33.64
C MET H 747 71.56 20.64 -33.03
N LYS H 748 70.49 21.44 -33.15
CA LYS H 748 70.51 22.77 -32.56
C LYS H 748 70.64 22.71 -31.04
N LYS H 749 69.90 21.81 -30.40
CA LYS H 749 69.99 21.68 -28.95
C LYS H 749 71.37 21.24 -28.51
N LEU H 750 71.95 20.27 -29.22
CA LEU H 750 73.29 19.79 -28.88
C LEU H 750 74.33 20.89 -29.07
N ASP H 751 74.23 21.65 -30.15
CA ASP H 751 75.17 22.74 -30.38
C ASP H 751 75.05 23.80 -29.29
N GLU H 752 73.81 24.15 -28.91
CA GLU H 752 73.62 25.13 -27.85
C GLU H 752 74.18 24.63 -26.52
N GLU H 753 73.94 23.35 -26.20
CA GLU H 753 74.47 22.80 -24.96
C GLU H 753 75.99 22.78 -24.96
N ALA H 754 76.60 22.41 -26.10
CA ALA H 754 78.06 22.42 -26.19
C ALA H 754 78.62 23.82 -26.04
N LEU H 755 77.98 24.81 -26.67
CA LEU H 755 78.43 26.19 -26.54
C LEU H 755 78.32 26.68 -25.10
N LEU H 756 77.23 26.33 -24.42
CA LEU H 756 77.09 26.69 -23.01
C LEU H 756 78.16 26.02 -22.16
N LYS H 757 78.44 24.75 -22.42
CA LYS H 757 79.46 24.04 -21.66
C LYS H 757 80.86 24.58 -21.95
N LYS H 758 81.07 25.19 -23.11
CA LYS H 758 82.38 25.73 -23.44
C LYS H 758 82.77 26.85 -22.47
N MET H 759 81.83 27.72 -22.12
CA MET H 759 82.10 28.81 -21.19
C MET H 759 80.93 29.00 -20.23
N ARG I 100 -54.23 14.08 41.86
CA ARG I 100 -54.17 14.52 43.26
C ARG I 100 -52.85 15.22 43.56
N ARG I 101 -51.75 14.49 43.42
CA ARG I 101 -50.43 15.06 43.64
C ARG I 101 -50.00 16.03 42.55
N SER I 102 -50.74 16.10 41.44
CA SER I 102 -50.41 17.02 40.37
C SER I 102 -50.58 18.46 40.84
N ARG I 103 -49.97 19.38 40.10
CA ARG I 103 -49.96 20.82 40.35
C ARG I 103 -49.23 21.18 41.65
N HIS I 104 -48.61 20.21 42.30
CA HIS I 104 -47.79 20.47 43.49
C HIS I 104 -46.52 19.63 43.47
N CYS I 105 -46.01 19.31 42.29
CA CYS I 105 -44.82 18.48 42.18
C CYS I 105 -43.57 19.31 42.50
N PRO I 106 -42.79 18.92 43.51
CA PRO I 106 -41.55 19.66 43.79
C PRO I 106 -40.42 19.27 42.85
N TYR I 107 -40.44 18.02 42.37
CA TYR I 107 -39.39 17.52 41.51
C TYR I 107 -39.35 18.22 40.15
N LEU I 108 -40.44 18.89 39.76
CA LEU I 108 -40.48 19.55 38.47
C LEU I 108 -39.48 20.70 38.37
N ASP I 109 -38.96 21.18 39.51
CA ASP I 109 -38.01 22.27 39.51
C ASP I 109 -36.58 21.83 39.21
N THR I 110 -36.38 20.62 38.70
CA THR I 110 -35.05 20.10 38.41
C THR I 110 -34.88 19.68 36.96
N ILE I 111 -35.87 19.95 36.10
CA ILE I 111 -35.77 19.58 34.69
C ILE I 111 -34.68 20.41 34.02
N ASN I 112 -33.84 19.74 33.24
CA ASN I 112 -32.75 20.40 32.52
C ASN I 112 -33.20 20.59 31.07
N ARG I 113 -33.73 21.78 30.77
CA ARG I 113 -34.21 22.06 29.43
C ARG I 113 -33.07 22.09 28.42
N SER I 114 -31.86 22.41 28.86
CA SER I 114 -30.74 22.55 27.93
C SER I 114 -30.31 21.21 27.34
N VAL I 115 -30.45 20.12 28.10
CA VAL I 115 -29.98 18.82 27.65
C VAL I 115 -31.02 18.06 26.83
N LEU I 116 -32.26 18.54 26.76
CA LEU I 116 -33.33 17.82 26.09
C LEU I 116 -33.20 18.03 24.58
N ASP I 117 -32.84 16.98 23.86
CA ASP I 117 -32.73 17.00 22.40
C ASP I 117 -33.56 15.82 21.86
N PHE I 118 -34.74 16.12 21.33
CA PHE I 118 -35.68 15.10 20.86
C PHE I 118 -35.64 14.94 19.35
N ASP I 119 -34.46 15.08 18.74
CA ASP I 119 -34.33 14.97 17.29
C ASP I 119 -34.04 13.54 16.83
N PHE I 120 -33.25 12.79 17.58
CA PHE I 120 -32.83 11.46 17.18
C PHE I 120 -33.98 10.47 17.34
N GLU I 121 -33.71 9.19 17.16
CA GLU I 121 -34.74 8.17 17.24
C GLU I 121 -35.31 8.10 18.65
N LYS I 122 -36.59 7.73 18.75
CA LYS I 122 -37.29 7.65 20.02
C LYS I 122 -37.31 6.20 20.49
N LEU I 123 -36.21 5.80 21.12
CA LEU I 123 -36.05 4.46 21.67
C LEU I 123 -35.62 4.57 23.14
N CYS I 124 -35.65 3.43 23.83
CA CYS I 124 -35.27 3.37 25.23
C CYS I 124 -33.75 3.27 25.37
N SER I 125 -33.27 3.61 26.57
CA SER I 125 -31.85 3.51 26.85
C SER I 125 -31.39 2.06 26.83
N ILE I 126 -31.94 1.24 27.72
CA ILE I 126 -31.54 -0.16 27.85
C ILE I 126 -32.44 -1.08 27.03
N SER I 127 -33.76 -0.84 27.04
CA SER I 127 -34.69 -1.76 26.41
C SER I 127 -34.50 -1.85 24.91
N LEU I 128 -34.13 -0.74 24.26
CA LEU I 128 -34.00 -0.68 22.80
C LEU I 128 -35.30 -1.06 22.12
N SER I 129 -36.41 -0.62 22.70
CA SER I 129 -37.75 -0.88 22.16
C SER I 129 -38.47 0.45 21.96
N HIS I 130 -39.21 0.54 20.85
CA HIS I 130 -39.91 1.76 20.49
C HIS I 130 -41.31 1.85 21.07
N ILE I 131 -41.73 0.88 21.88
CA ILE I 131 -43.07 0.84 22.44
C ILE I 131 -43.04 1.34 23.87
N ASN I 132 -44.02 2.18 24.21
CA ASN I 132 -44.19 2.68 25.58
C ASN I 132 -42.94 3.40 26.08
N ALA I 133 -42.30 4.16 25.20
CA ALA I 133 -41.13 4.92 25.58
C ALA I 133 -41.50 6.08 26.50
N TYR I 134 -40.54 6.50 27.31
CA TYR I 134 -40.76 7.61 28.24
C TYR I 134 -39.41 8.27 28.51
N ALA I 135 -39.18 9.42 27.87
CA ALA I 135 -37.92 10.12 28.03
C ALA I 135 -37.83 10.78 29.40
N CYS I 136 -36.60 10.96 29.86
CA CYS I 136 -36.33 11.57 31.17
C CYS I 136 -36.06 13.06 31.00
N LEU I 137 -36.77 13.88 31.77
CA LEU I 137 -36.62 15.32 31.71
C LEU I 137 -35.47 15.83 32.57
N VAL I 138 -34.77 14.94 33.27
CA VAL I 138 -33.62 15.31 34.08
C VAL I 138 -32.36 14.57 33.64
N CYS I 139 -32.47 13.25 33.44
CA CYS I 139 -31.34 12.45 33.00
C CYS I 139 -31.00 12.65 31.53
N GLY I 140 -31.84 13.35 30.77
CA GLY I 140 -31.58 13.55 29.34
C GLY I 140 -31.96 12.41 28.43
N LYS I 141 -31.52 11.19 28.75
CA LYS I 141 -31.78 10.04 27.89
C LYS I 141 -33.23 9.60 28.01
N TYR I 142 -33.61 8.65 27.15
CA TYR I 142 -34.96 8.15 27.06
C TYR I 142 -34.98 6.67 27.45
N PHE I 143 -35.92 6.29 28.32
CA PHE I 143 -36.10 4.93 28.77
C PHE I 143 -37.47 4.42 28.34
N GLN I 144 -37.80 3.20 28.79
CA GLN I 144 -39.06 2.57 28.47
C GLN I 144 -39.85 2.30 29.74
N GLY I 145 -41.16 2.15 29.57
CA GLY I 145 -42.06 1.92 30.68
C GLY I 145 -42.51 3.20 31.36
N ARG I 146 -43.56 3.08 32.16
CA ARG I 146 -44.11 4.21 32.90
C ARG I 146 -44.56 3.78 34.29
N GLY I 147 -43.91 2.77 34.84
CA GLY I 147 -44.32 2.26 36.14
C GLY I 147 -43.26 1.37 36.73
N LEU I 148 -43.59 0.79 37.88
CA LEU I 148 -42.67 -0.08 38.60
C LEU I 148 -42.35 -1.32 37.78
N LYS I 149 -41.17 -1.89 38.04
CA LYS I 149 -40.62 -3.05 37.35
C LYS I 149 -40.30 -2.77 35.88
N SER I 150 -40.39 -1.51 35.46
CA SER I 150 -40.03 -1.09 34.12
C SER I 150 -38.72 -0.33 34.15
N HIS I 151 -38.07 -0.24 32.98
CA HIS I 151 -36.76 0.39 32.91
C HIS I 151 -36.79 1.84 33.37
N ALA I 152 -37.90 2.55 33.12
CA ALA I 152 -37.99 3.95 33.51
C ALA I 152 -37.96 4.12 35.02
N TYR I 153 -38.71 3.29 35.75
CA TYR I 153 -38.71 3.39 37.21
C TYR I 153 -37.35 3.07 37.79
N ILE I 154 -36.67 2.06 37.25
CA ILE I 154 -35.35 1.71 37.75
C ILE I 154 -34.35 2.82 37.46
N HIS I 155 -34.41 3.41 36.26
CA HIS I 155 -33.50 4.50 35.93
C HIS I 155 -33.77 5.73 36.77
N SER I 156 -35.04 5.97 37.13
CA SER I 156 -35.37 7.11 37.97
C SER I 156 -34.91 6.89 39.40
N VAL I 157 -35.10 5.68 39.93
CA VAL I 157 -34.68 5.39 41.29
C VAL I 157 -33.17 5.45 41.41
N GLN I 158 -32.46 4.84 40.45
CA GLN I 158 -31.01 4.74 40.54
C GLN I 158 -30.35 6.10 40.35
N PHE I 159 -30.75 6.85 39.32
CA PHE I 159 -30.10 8.10 38.99
C PHE I 159 -30.77 9.32 39.61
N SER I 160 -31.82 9.12 40.40
CA SER I 160 -32.51 10.18 41.13
C SER I 160 -33.23 11.15 40.20
N HIS I 161 -33.17 10.91 38.89
CA HIS I 161 -33.91 11.72 37.91
C HIS I 161 -35.39 11.34 38.01
N HIS I 162 -36.16 12.18 38.70
CA HIS I 162 -37.53 11.85 39.08
C HIS I 162 -38.56 12.66 38.28
N VAL I 163 -38.27 12.88 37.00
CA VAL I 163 -39.22 13.55 36.11
C VAL I 163 -39.08 12.98 34.71
N PHE I 164 -40.14 12.36 34.22
CA PHE I 164 -40.14 11.72 32.91
C PHE I 164 -41.38 12.10 32.13
N LEU I 165 -41.23 12.23 30.81
CA LEU I 165 -42.32 12.55 29.90
C LEU I 165 -42.44 11.44 28.86
N ASN I 166 -43.66 10.97 28.63
CA ASN I 166 -43.91 9.94 27.64
C ASN I 166 -43.87 10.54 26.24
N LEU I 167 -43.06 9.95 25.36
CA LEU I 167 -42.91 10.46 24.00
C LEU I 167 -44.17 10.27 23.17
N HIS I 168 -45.13 9.47 23.62
CA HIS I 168 -46.38 9.27 22.91
C HIS I 168 -47.58 9.86 23.62
N THR I 169 -47.66 9.71 24.95
CA THR I 169 -48.75 10.30 25.72
C THR I 169 -48.59 11.80 25.91
N LEU I 170 -47.37 12.31 25.77
CA LEU I 170 -47.07 13.73 25.91
C LEU I 170 -47.55 14.27 27.26
N LYS I 171 -47.22 13.54 28.32
CA LYS I 171 -47.59 13.91 29.68
C LYS I 171 -46.37 13.79 30.58
N PHE I 172 -46.18 14.77 31.46
CA PHE I 172 -45.07 14.79 32.39
C PHE I 172 -45.49 14.12 33.69
N TYR I 173 -44.80 13.04 34.05
CA TYR I 173 -45.16 12.25 35.22
C TYR I 173 -43.92 11.96 36.05
N CYS I 174 -44.10 11.89 37.36
CA CYS I 174 -43.03 11.52 38.29
C CYS I 174 -42.95 10.00 38.30
N LEU I 175 -42.03 9.46 37.49
CA LEU I 175 -41.93 8.02 37.32
C LEU I 175 -41.73 7.24 38.62
N PRO I 176 -40.84 7.65 39.55
CA PRO I 176 -40.73 6.88 40.79
C PRO I 176 -42.02 6.82 41.59
N ASP I 177 -42.80 7.90 41.60
CA ASP I 177 -44.06 7.94 42.34
C ASP I 177 -45.27 7.61 41.48
N ASN I 178 -45.10 7.49 40.16
CA ASN I 178 -46.19 7.19 39.23
C ASN I 178 -47.35 8.16 39.42
N TYR I 179 -47.03 9.44 39.58
CA TYR I 179 -48.01 10.50 39.77
C TYR I 179 -47.81 11.54 38.67
N GLU I 180 -48.71 11.54 37.69
CA GLU I 180 -48.61 12.49 36.59
C GLU I 180 -48.66 13.92 37.09
N ILE I 181 -47.74 14.74 36.61
CA ILE I 181 -47.65 16.13 37.03
C ILE I 181 -48.50 16.99 36.11
N ILE I 182 -48.92 18.15 36.62
CA ILE I 182 -49.70 19.09 35.84
C ILE I 182 -49.16 20.50 36.05
N ASP I 183 -48.39 21.00 35.07
CA ASP I 183 -47.84 22.34 35.14
C ASP I 183 -47.77 22.89 33.72
N SER I 184 -48.51 23.96 33.46
CA SER I 184 -48.54 24.55 32.12
C SER I 184 -47.23 25.23 31.76
N SER I 185 -46.38 25.54 32.75
CA SER I 185 -45.09 26.15 32.46
C SER I 185 -44.17 25.20 31.69
N LEU I 186 -44.48 23.91 31.67
CA LEU I 186 -43.68 22.91 30.97
C LEU I 186 -44.15 22.69 29.55
N GLU I 187 -45.10 23.49 29.05
CA GLU I 187 -45.59 23.32 27.70
C GLU I 187 -44.51 23.52 26.64
N ASP I 188 -43.42 24.20 26.99
CA ASP I 188 -42.32 24.39 26.03
C ASP I 188 -41.70 23.06 25.64
N ILE I 189 -41.52 22.14 26.60
CA ILE I 189 -40.96 20.84 26.31
C ILE I 189 -41.87 20.06 25.36
N THR I 190 -43.17 20.07 25.64
CA THR I 190 -44.12 19.38 24.77
C THR I 190 -44.15 20.00 23.37
N TYR I 191 -44.09 21.34 23.30
CA TYR I 191 -44.08 22.00 22.00
C TYR I 191 -42.84 21.65 21.20
N VAL I 192 -41.68 21.60 21.87
CA VAL I 192 -40.45 21.23 21.17
C VAL I 192 -40.49 19.77 20.74
N LEU I 193 -41.06 18.89 21.57
CA LEU I 193 -41.14 17.48 21.22
C LEU I 193 -42.13 17.25 20.07
N LYS I 194 -43.29 17.89 20.14
CA LYS I 194 -44.35 17.71 19.14
C LYS I 194 -44.77 19.07 18.63
N PRO I 195 -44.03 19.63 17.67
CA PRO I 195 -44.40 20.95 17.12
C PRO I 195 -45.67 20.90 16.29
N THR I 196 -46.74 21.51 16.79
CA THR I 196 -48.02 21.56 16.11
C THR I 196 -48.32 23.01 15.72
N PHE I 197 -48.65 23.21 14.44
CA PHE I 197 -48.93 24.53 13.91
C PHE I 197 -50.44 24.74 13.82
N THR I 198 -50.91 25.86 14.37
CA THR I 198 -52.34 26.16 14.35
C THR I 198 -52.83 26.37 12.92
N LYS I 199 -54.15 26.44 12.78
CA LYS I 199 -54.74 26.64 11.46
C LYS I 199 -54.36 28.00 10.89
N GLN I 200 -54.29 29.03 11.73
CA GLN I 200 -53.91 30.36 11.29
C GLN I 200 -52.41 30.58 11.39
N GLN I 201 -51.76 29.99 12.40
CA GLN I 201 -50.32 30.14 12.55
C GLN I 201 -49.55 29.55 11.37
N ILE I 202 -50.16 28.57 10.68
CA ILE I 202 -49.53 27.98 9.50
C ILE I 202 -49.68 28.85 8.26
N ALA I 203 -50.35 30.00 8.37
CA ALA I 203 -50.48 30.94 7.28
C ALA I 203 -49.88 32.31 7.57
N ASN I 204 -49.46 32.58 8.80
CA ASN I 204 -48.80 33.82 9.16
C ASN I 204 -47.28 33.71 9.06
N LEU I 205 -46.77 32.77 8.26
CA LEU I 205 -45.33 32.65 8.08
C LEU I 205 -44.74 33.87 7.37
N ASP I 206 -45.54 34.54 6.55
CA ASP I 206 -45.09 35.76 5.89
C ASP I 206 -45.05 36.95 6.85
N LYS I 207 -45.77 36.87 7.96
CA LYS I 207 -45.74 37.92 8.99
C LYS I 207 -44.72 37.59 10.08
N GLN I 208 -43.48 37.31 9.67
CA GLN I 208 -42.40 36.98 10.60
C GLN I 208 -41.63 38.27 10.89
N ALA I 209 -42.00 38.96 11.95
CA ALA I 209 -41.38 40.23 12.32
C ALA I 209 -40.35 40.05 13.44
N LYS I 210 -40.78 39.52 14.58
CA LYS I 210 -39.87 39.36 15.71
C LYS I 210 -39.02 38.12 15.53
N LEU I 211 -37.73 38.23 15.87
CA LEU I 211 -36.82 37.11 15.81
C LEU I 211 -37.12 36.13 16.93
N SER I 212 -37.14 34.84 16.59
CA SER I 212 -37.49 33.79 17.54
C SER I 212 -36.24 33.38 18.30
N ARG I 213 -36.17 33.76 19.57
CA ARG I 213 -35.03 33.40 20.42
C ARG I 213 -35.24 31.99 20.97
N ALA I 214 -34.23 31.14 20.77
CA ALA I 214 -34.30 29.78 21.29
C ALA I 214 -34.18 29.77 22.81
N TYR I 215 -34.45 28.61 23.41
CA TYR I 215 -34.30 28.47 24.84
C TYR I 215 -32.86 28.66 25.27
N ASP I 216 -31.90 28.39 24.38
CA ASP I 216 -30.50 28.67 24.64
C ASP I 216 -30.24 30.16 24.45
N GLY I 217 -28.98 30.57 24.52
CA GLY I 217 -28.64 31.96 24.35
C GLY I 217 -28.31 32.33 22.92
N THR I 218 -29.30 32.22 22.02
CA THR I 218 -29.08 32.53 20.61
C THR I 218 -30.40 32.91 19.98
N THR I 219 -30.54 34.18 19.59
CA THR I 219 -31.69 34.60 18.82
C THR I 219 -31.59 34.05 17.40
N TYR I 220 -32.74 33.78 16.80
CA TYR I 220 -32.79 33.20 15.46
C TYR I 220 -34.13 33.52 14.83
N LEU I 221 -34.31 33.08 13.59
CA LEU I 221 -35.56 33.22 12.88
C LEU I 221 -36.00 31.86 12.35
N PRO I 222 -37.28 31.52 12.50
CA PRO I 222 -37.75 30.23 11.99
C PRO I 222 -37.55 30.12 10.48
N GLY I 223 -37.20 28.92 10.04
CA GLY I 223 -36.86 28.67 8.65
C GLY I 223 -35.37 28.81 8.38
N ILE I 224 -34.74 29.81 8.97
CA ILE I 224 -33.28 29.97 8.85
C ILE I 224 -32.69 29.20 10.02
N VAL I 225 -32.51 27.90 9.81
CA VAL I 225 -31.93 27.00 10.81
C VAL I 225 -31.01 26.03 10.09
N GLY I 226 -29.97 25.60 10.80
CA GLY I 226 -28.95 24.73 10.22
C GLY I 226 -29.20 23.27 10.57
N LEU I 227 -28.90 22.40 9.61
CA LEU I 227 -29.01 20.96 9.80
C LEU I 227 -27.59 20.39 9.94
N ASN I 228 -27.32 19.74 11.06
CA ASN I 228 -25.97 19.29 11.36
C ASN I 228 -25.44 18.37 10.26
N ASN I 229 -24.19 18.61 9.85
CA ASN I 229 -23.56 17.87 8.76
C ASN I 229 -22.98 16.58 9.33
N ILE I 230 -23.84 15.57 9.47
CA ILE I 230 -23.41 14.27 9.96
C ILE I 230 -22.64 13.58 8.82
N LYS I 231 -21.31 13.62 8.91
CA LYS I 231 -20.41 13.11 7.87
C LYS I 231 -20.69 13.92 6.60
N ALA I 232 -20.83 13.28 5.44
CA ALA I 232 -21.02 14.02 4.18
C ALA I 232 -22.49 14.12 3.82
N ASN I 233 -23.25 14.75 4.71
CA ASN I 233 -24.67 15.01 4.52
C ASN I 233 -24.95 16.39 3.95
N ASP I 234 -23.93 17.06 3.40
CA ASP I 234 -24.09 18.45 2.98
C ASP I 234 -25.12 18.58 1.85
N TYR I 235 -25.06 17.70 0.86
CA TYR I 235 -25.98 17.79 -0.27
C TYR I 235 -27.42 17.61 0.19
N ALA I 236 -27.70 16.56 0.96
CA ALA I 236 -29.05 16.30 1.42
C ALA I 236 -29.54 17.39 2.36
N ASN I 237 -28.66 17.88 3.24
CA ASN I 237 -29.05 18.96 4.16
C ASN I 237 -29.42 20.21 3.39
N ALA I 238 -28.62 20.56 2.37
CA ALA I 238 -28.92 21.72 1.56
C ALA I 238 -30.23 21.56 0.81
N VAL I 239 -30.44 20.39 0.21
CA VAL I 239 -31.67 20.15 -0.55
C VAL I 239 -32.89 20.24 0.37
N LEU I 240 -32.77 19.71 1.58
CA LEU I 240 -33.90 19.76 2.52
C LEU I 240 -34.15 21.18 2.99
N GLN I 241 -33.09 21.93 3.32
CA GLN I 241 -33.27 23.29 3.78
C GLN I 241 -33.78 24.21 2.68
N ALA I 242 -33.55 23.85 1.42
CA ALA I 242 -34.06 24.66 0.32
C ALA I 242 -35.50 24.29 -0.02
N LEU I 243 -35.83 22.99 -0.01
CA LEU I 243 -37.21 22.59 -0.27
C LEU I 243 -38.14 23.03 0.84
N SER I 244 -37.64 23.15 2.07
CA SER I 244 -38.47 23.61 3.18
C SER I 244 -38.78 25.09 3.10
N ASN I 245 -38.10 25.82 2.22
CA ASN I 245 -38.33 27.26 2.11
C ASN I 245 -39.67 27.56 1.43
N VAL I 246 -40.06 26.72 0.48
CA VAL I 246 -41.29 26.93 -0.29
C VAL I 246 -42.48 26.88 0.65
N PRO I 247 -43.29 27.95 0.70
CA PRO I 247 -44.44 27.96 1.61
C PRO I 247 -45.44 26.86 1.31
N PRO I 248 -45.68 26.48 0.03
CA PRO I 248 -46.57 25.33 -0.22
C PRO I 248 -46.17 24.06 0.52
N LEU I 249 -44.94 23.59 0.29
CA LEU I 249 -44.50 22.35 0.91
C LEU I 249 -44.40 22.47 2.43
N ARG I 250 -43.91 23.62 2.92
CA ARG I 250 -43.81 23.82 4.36
C ARG I 250 -45.19 23.77 5.02
N ASN I 251 -46.18 24.43 4.41
CA ASN I 251 -47.53 24.40 4.95
C ASN I 251 -48.13 22.99 4.88
N TYR I 252 -47.89 22.29 3.78
CA TYR I 252 -48.43 20.93 3.64
C TYR I 252 -47.84 20.00 4.69
N PHE I 253 -46.54 20.10 4.95
CA PHE I 253 -45.90 19.24 5.92
C PHE I 253 -46.06 19.72 7.35
N LEU I 254 -46.50 20.96 7.56
CA LEU I 254 -46.71 21.47 8.91
C LEU I 254 -48.04 21.03 9.52
N GLU I 255 -48.89 20.39 8.73
CA GLU I 255 -50.17 19.87 9.21
C GLU I 255 -50.14 18.35 9.06
N GLU I 256 -50.02 17.64 10.18
CA GLU I 256 -49.93 16.19 10.14
C GLU I 256 -51.19 15.56 9.55
N ASP I 257 -52.33 16.23 9.70
CA ASP I 257 -53.58 15.70 9.16
C ASP I 257 -53.51 15.56 7.64
N ASN I 258 -52.71 16.38 6.97
CA ASN I 258 -52.62 16.34 5.52
C ASN I 258 -51.95 15.07 5.01
N TYR I 259 -51.28 14.30 5.87
CA TYR I 259 -50.61 13.08 5.44
C TYR I 259 -50.85 11.89 6.35
N LYS I 260 -51.43 12.08 7.54
CA LYS I 260 -51.64 10.96 8.45
C LYS I 260 -52.60 9.93 7.86
N ASN I 261 -53.66 10.41 7.20
CA ASN I 261 -54.69 9.53 6.65
C ASN I 261 -54.39 9.09 5.22
N ILE I 262 -53.12 9.09 4.82
CA ILE I 262 -52.74 8.61 3.49
C ILE I 262 -52.78 7.09 3.50
N LYS I 263 -53.42 6.51 2.48
CA LYS I 263 -53.63 5.06 2.40
C LYS I 263 -52.41 4.42 1.74
N ARG I 264 -51.34 4.27 2.53
CA ARG I 264 -50.18 3.60 2.00
C ARG I 264 -50.24 2.10 2.33
N PRO I 265 -49.63 1.27 1.50
CA PRO I 265 -49.58 -0.18 1.79
C PRO I 265 -48.92 -0.44 3.13
N PRO I 266 -49.44 -1.40 3.90
CA PRO I 266 -48.86 -1.66 5.23
C PRO I 266 -47.40 -2.09 5.19
N GLY I 267 -46.99 -2.84 4.17
CA GLY I 267 -45.63 -3.33 4.09
C GLY I 267 -44.71 -2.48 3.26
N ASP I 268 -44.84 -1.16 3.37
CA ASP I 268 -44.03 -0.22 2.61
C ASP I 268 -43.12 0.56 3.54
N ILE I 269 -41.88 0.79 3.10
CA ILE I 269 -40.94 1.60 3.85
C ILE I 269 -40.81 3.02 3.29
N MET I 270 -41.23 3.25 2.05
CA MET I 270 -41.16 4.59 1.46
C MET I 270 -42.05 5.59 2.19
N PHE I 271 -43.06 5.11 2.92
CA PHE I 271 -43.92 6.01 3.68
C PHE I 271 -43.16 6.75 4.78
N LEU I 272 -42.00 6.23 5.19
CA LEU I 272 -41.19 6.93 6.17
C LEU I 272 -40.66 8.25 5.63
N LEU I 273 -40.34 8.31 4.34
CA LEU I 273 -39.84 9.54 3.75
C LEU I 273 -40.89 10.65 3.82
N VAL I 274 -42.15 10.32 3.54
CA VAL I 274 -43.22 11.29 3.69
C VAL I 274 -43.50 11.61 5.15
N GLN I 275 -43.18 10.69 6.07
CA GLN I 275 -43.40 10.92 7.49
C GLN I 275 -42.21 11.60 8.17
N ARG I 276 -40.99 11.19 7.82
CA ARG I 276 -39.81 11.78 8.45
C ARG I 276 -39.58 13.22 7.98
N PHE I 277 -39.78 13.47 6.69
CA PHE I 277 -39.61 14.83 6.17
C PHE I 277 -40.58 15.80 6.84
N GLY I 278 -41.79 15.34 7.15
CA GLY I 278 -42.74 16.20 7.85
C GLY I 278 -42.25 16.61 9.22
N GLU I 279 -41.65 15.67 9.95
CA GLU I 279 -41.12 16.00 11.28
C GLU I 279 -39.98 17.01 11.17
N LEU I 280 -39.10 16.84 10.18
CA LEU I 280 -38.01 17.80 9.99
C LEU I 280 -38.54 19.18 9.61
N MET I 281 -39.54 19.22 8.74
CA MET I 281 -40.11 20.50 8.35
C MET I 281 -40.80 21.19 9.52
N ARG I 282 -41.51 20.42 10.36
CA ARG I 282 -42.15 21.00 11.52
C ARG I 282 -41.13 21.51 12.53
N LYS I 283 -40.05 20.75 12.75
CA LYS I 283 -39.03 21.17 13.71
C LYS I 283 -38.28 22.40 13.22
N LEU I 284 -37.99 22.46 11.91
CA LEU I 284 -37.24 23.59 11.37
C LEU I 284 -38.05 24.88 11.39
N TRP I 285 -39.36 24.80 11.58
CA TRP I 285 -40.22 25.99 11.65
C TRP I 285 -40.78 26.22 13.05
N ASN I 286 -40.18 25.62 14.06
CA ASN I 286 -40.66 25.79 15.43
C ASN I 286 -40.34 27.18 15.93
N PRO I 287 -41.32 27.98 16.33
CA PRO I 287 -41.03 29.33 16.83
C PRO I 287 -40.38 29.37 18.19
N ARG I 288 -40.43 28.28 18.96
CA ARG I 288 -39.91 28.25 20.31
C ARG I 288 -39.10 26.98 20.55
N ASN I 289 -38.26 26.62 19.58
CA ASN I 289 -37.42 25.44 19.71
C ASN I 289 -36.43 25.62 20.87
N PHE I 290 -36.17 24.52 21.57
CA PHE I 290 -35.24 24.57 22.69
C PHE I 290 -33.84 24.95 22.23
N LYS I 291 -33.38 24.38 21.12
CA LYS I 291 -32.09 24.71 20.54
C LYS I 291 -32.29 25.66 19.36
N ALA I 292 -31.19 26.05 18.74
CA ALA I 292 -31.21 26.94 17.59
C ALA I 292 -31.01 26.19 16.27
N HIS I 293 -30.97 24.87 16.30
CA HIS I 293 -30.78 24.07 15.09
C HIS I 293 -31.45 22.73 15.28
N VAL I 294 -31.71 22.05 14.16
CA VAL I 294 -32.36 20.75 14.13
C VAL I 294 -31.45 19.76 13.43
N SER I 295 -31.37 18.55 13.97
CA SER I 295 -30.50 17.52 13.40
C SER I 295 -31.24 16.74 12.33
N PRO I 296 -30.68 16.60 11.13
CA PRO I 296 -31.37 15.85 10.07
C PRO I 296 -31.14 14.36 10.18
N HIS I 297 -30.65 13.91 11.34
CA HIS I 297 -30.26 12.51 11.51
C HIS I 297 -31.39 11.56 11.14
N GLU I 298 -32.59 11.81 11.67
CA GLU I 298 -33.71 10.92 11.41
C GLU I 298 -34.10 10.95 9.93
N MET I 299 -34.27 12.16 9.37
CA MET I 299 -34.69 12.28 7.98
C MET I 299 -33.62 11.73 7.04
N LEU I 300 -32.35 12.03 7.31
CA LEU I 300 -31.27 11.53 6.45
C LEU I 300 -31.16 10.02 6.53
N GLN I 301 -31.31 9.45 7.74
CA GLN I 301 -31.29 8.01 7.89
C GLN I 301 -32.45 7.36 7.12
N ALA I 302 -33.64 7.95 7.20
CA ALA I 302 -34.77 7.43 6.45
C ALA I 302 -34.51 7.51 4.94
N VAL I 303 -33.93 8.61 4.48
CA VAL I 303 -33.62 8.75 3.06
C VAL I 303 -32.61 7.68 2.63
N VAL I 304 -31.61 7.43 3.47
CA VAL I 304 -30.62 6.40 3.16
C VAL I 304 -31.27 5.04 3.09
N LEU I 305 -32.16 4.74 4.03
CA LEU I 305 -32.82 3.44 4.06
C LEU I 305 -33.77 3.29 2.87
N CYS I 306 -34.46 4.35 2.48
CA CYS I 306 -35.46 4.31 1.42
C CYS I 306 -34.90 4.65 0.05
N SER I 307 -33.60 4.41 -0.17
CA SER I 307 -32.99 4.71 -1.46
C SER I 307 -32.08 3.61 -1.95
N LYS I 308 -32.01 2.46 -1.28
CA LYS I 308 -31.21 1.32 -1.69
C LYS I 308 -29.73 1.70 -1.82
N LYS I 309 -29.15 2.07 -0.67
CA LYS I 309 -27.73 2.38 -0.54
C LYS I 309 -27.30 3.57 -1.38
N THR I 310 -28.26 4.38 -1.83
CA THR I 310 -27.97 5.57 -2.63
C THR I 310 -28.23 6.82 -1.80
N PHE I 311 -27.35 7.81 -1.95
CA PHE I 311 -27.45 9.09 -1.23
C PHE I 311 -27.44 8.86 0.28
N GLN I 312 -26.40 8.18 0.74
CA GLN I 312 -26.24 7.91 2.16
C GLN I 312 -25.59 9.11 2.86
N ILE I 313 -25.54 9.03 4.19
CA ILE I 313 -24.91 10.10 4.97
C ILE I 313 -23.40 9.98 5.04
N THR I 314 -22.84 8.86 4.59
CA THR I 314 -21.39 8.67 4.66
C THR I 314 -20.69 9.38 3.50
N LYS I 315 -21.08 9.07 2.27
CA LYS I 315 -20.49 9.66 1.08
C LYS I 315 -21.45 10.65 0.46
N GLN I 316 -20.96 11.87 0.18
CA GLN I 316 -21.81 12.90 -0.39
C GLN I 316 -22.24 12.53 -1.80
N GLY I 317 -23.39 13.07 -2.21
CA GLY I 317 -23.95 12.81 -3.51
C GLY I 317 -24.27 14.10 -4.26
N ASP I 318 -24.74 13.93 -5.49
CA ASP I 318 -25.10 15.07 -6.33
C ASP I 318 -26.36 15.74 -5.80
N GLY I 319 -26.31 17.07 -5.70
CA GLY I 319 -27.47 17.80 -5.20
C GLY I 319 -28.67 17.70 -6.12
N VAL I 320 -28.44 17.78 -7.43
CA VAL I 320 -29.54 17.67 -8.40
C VAL I 320 -30.16 16.29 -8.34
N ASP I 321 -29.32 15.25 -8.30
CA ASP I 321 -29.84 13.88 -8.23
C ASP I 321 -30.60 13.64 -6.93
N PHE I 322 -30.06 14.15 -5.81
CA PHE I 322 -30.75 14.00 -4.53
C PHE I 322 -32.09 14.72 -4.54
N LEU I 323 -32.13 15.93 -5.10
CA LEU I 323 -33.39 16.67 -5.17
C LEU I 323 -34.41 15.94 -6.04
N SER I 324 -33.97 15.41 -7.18
CA SER I 324 -34.87 14.68 -8.06
C SER I 324 -35.41 13.43 -7.37
N TRP I 325 -34.54 12.68 -6.70
CA TRP I 325 -34.97 11.46 -6.02
C TRP I 325 -35.93 11.78 -4.89
N PHE I 326 -35.64 12.83 -4.11
CA PHE I 326 -36.53 13.20 -3.02
C PHE I 326 -37.89 13.66 -3.54
N LEU I 327 -37.90 14.44 -4.62
CA LEU I 327 -39.16 14.89 -5.19
C LEU I 327 -39.97 13.72 -5.71
N ASN I 328 -39.33 12.78 -6.39
CA ASN I 328 -40.04 11.61 -6.90
C ASN I 328 -40.59 10.76 -5.75
N ALA I 329 -39.80 10.58 -4.69
CA ALA I 329 -40.26 9.80 -3.55
C ALA I 329 -41.42 10.49 -2.84
N LEU I 330 -41.37 11.82 -2.73
CA LEU I 330 -42.47 12.53 -2.10
C LEU I 330 -43.74 12.48 -2.95
N HIS I 331 -43.58 12.53 -4.28
CA HIS I 331 -44.74 12.44 -5.16
C HIS I 331 -45.35 11.05 -5.13
N SER I 332 -44.51 10.01 -5.06
CA SER I 332 -45.01 8.65 -5.00
C SER I 332 -45.48 8.26 -3.60
N ALA I 333 -45.14 9.04 -2.58
CA ALA I 333 -45.56 8.75 -1.22
C ALA I 333 -46.75 9.59 -0.78
N LEU I 334 -46.90 10.79 -1.33
CA LEU I 334 -48.08 11.59 -1.01
C LEU I 334 -49.35 10.91 -1.48
N GLY I 335 -49.35 10.35 -2.69
CA GLY I 335 -50.48 9.58 -3.16
C GLY I 335 -50.57 8.26 -2.40
N GLY I 336 -51.79 7.77 -2.22
CA GLY I 336 -51.98 6.54 -1.47
C GLY I 336 -53.05 5.62 -2.02
N THR I 337 -52.66 4.37 -2.28
CA THR I 337 -53.58 3.32 -2.73
C THR I 337 -54.36 3.74 -3.98
N LYS I 338 -53.71 4.49 -4.86
CA LYS I 338 -54.31 4.96 -6.10
C LYS I 338 -53.23 5.65 -6.92
N LYS I 339 -53.54 5.90 -8.18
CA LYS I 339 -52.66 6.67 -9.06
C LYS I 339 -53.07 8.14 -9.08
N LYS I 340 -53.09 8.74 -7.89
CA LYS I 340 -53.49 10.13 -7.73
C LYS I 340 -52.27 11.01 -7.99
N LYS I 341 -52.12 11.42 -9.26
CA LYS I 341 -50.98 12.23 -9.65
C LYS I 341 -51.02 13.63 -9.06
N LYS I 342 -52.17 14.08 -8.57
CA LYS I 342 -52.33 15.44 -8.05
C LYS I 342 -51.84 15.50 -6.60
N THR I 343 -50.55 15.20 -6.44
CA THR I 343 -49.91 15.30 -5.13
C THR I 343 -49.55 16.75 -4.83
N ILE I 344 -49.25 17.00 -3.55
CA ILE I 344 -48.86 18.35 -3.13
C ILE I 344 -47.57 18.77 -3.84
N VAL I 345 -46.58 17.87 -3.88
CA VAL I 345 -45.34 18.18 -4.57
C VAL I 345 -45.58 18.32 -6.07
N THR I 346 -46.40 17.44 -6.65
CA THR I 346 -46.67 17.51 -8.08
C THR I 346 -47.45 18.77 -8.44
N ASP I 347 -48.24 19.30 -7.51
CA ASP I 347 -49.02 20.50 -7.78
C ASP I 347 -48.25 21.78 -7.46
N VAL I 348 -47.25 21.71 -6.59
CA VAL I 348 -46.53 22.92 -6.17
C VAL I 348 -45.21 23.14 -6.91
N PHE I 349 -44.61 22.10 -7.46
CA PHE I 349 -43.29 22.24 -8.08
C PHE I 349 -43.15 21.51 -9.40
N GLN I 350 -44.22 21.01 -9.99
CA GLN I 350 -44.16 20.31 -11.27
C GLN I 350 -45.01 21.05 -12.29
N GLY I 351 -44.44 21.25 -13.47
CA GLY I 351 -45.15 21.93 -14.55
C GLY I 351 -45.24 21.08 -15.80
N SER I 352 -45.76 21.66 -16.88
CA SER I 352 -45.94 20.95 -18.13
C SER I 352 -45.08 21.59 -19.21
N MET I 353 -44.26 20.79 -19.87
CA MET I 353 -43.43 21.23 -20.99
C MET I 353 -43.81 20.44 -22.23
N ARG I 354 -43.93 21.14 -23.36
CA ARG I 354 -44.33 20.55 -24.62
C ARG I 354 -43.11 20.52 -25.54
N ILE I 355 -42.45 19.37 -25.61
CA ILE I 355 -41.21 19.22 -26.37
C ILE I 355 -41.62 18.90 -27.80
N PHE I 356 -41.66 19.93 -28.64
CA PHE I 356 -41.89 19.74 -30.07
C PHE I 356 -40.61 19.22 -30.71
N THR I 357 -40.27 17.97 -30.41
CA THR I 357 -38.98 17.40 -30.77
C THR I 357 -39.02 16.76 -32.15
N LYS I 358 -37.84 16.69 -32.78
CA LYS I 358 -37.70 16.06 -34.08
C LYS I 358 -36.41 15.25 -34.15
N LYS I 359 -36.04 14.79 -35.33
CA LYS I 359 -34.81 14.03 -35.52
C LYS I 359 -34.25 14.35 -36.90
N LEU I 360 -32.92 14.10 -37.06
CA LEU I 360 -32.30 14.33 -38.35
C LEU I 360 -32.12 13.01 -39.09
N PRO I 361 -32.26 13.01 -40.43
CA PRO I 361 -32.19 11.76 -41.18
C PRO I 361 -30.84 11.06 -41.10
N HIS I 362 -29.78 11.75 -41.53
CA HIS I 362 -28.45 11.18 -41.59
C HIS I 362 -27.42 12.24 -41.93
N PRO I 363 -26.21 12.18 -41.37
CA PRO I 363 -25.17 13.14 -41.74
C PRO I 363 -24.40 12.72 -42.99
N ASP I 364 -24.37 11.42 -43.26
CA ASP I 364 -23.60 10.84 -44.35
C ASP I 364 -24.47 10.40 -45.52
N LEU I 365 -25.50 11.17 -45.85
CA LEU I 365 -26.41 10.82 -46.94
C LEU I 365 -26.56 12.00 -47.88
N PRO I 366 -26.81 11.74 -49.17
CA PRO I 366 -26.99 12.84 -50.13
C PRO I 366 -28.33 13.54 -49.96
N ALA I 367 -28.61 14.50 -50.85
CA ALA I 367 -29.84 15.27 -50.74
C ALA I 367 -31.07 14.40 -50.91
N GLU I 368 -31.04 13.45 -51.85
CA GLU I 368 -32.21 12.62 -52.12
C GLU I 368 -32.51 11.70 -50.94
N GLU I 369 -31.50 11.03 -50.41
CA GLU I 369 -31.72 10.11 -49.30
C GLU I 369 -32.15 10.86 -48.04
N LYS I 370 -31.61 12.06 -47.83
CA LYS I 370 -32.00 12.85 -46.66
C LYS I 370 -33.44 13.33 -46.80
N GLU I 371 -33.80 13.83 -47.99
CA GLU I 371 -35.17 14.32 -48.20
C GLU I 371 -36.18 13.18 -48.12
N GLN I 372 -35.79 11.98 -48.54
CA GLN I 372 -36.69 10.83 -48.43
C GLN I 372 -37.10 10.59 -46.98
N LEU I 373 -36.12 10.54 -46.07
CA LEU I 373 -36.42 10.39 -44.65
C LEU I 373 -37.10 11.62 -44.07
N LEU I 374 -36.80 12.82 -44.61
CA LEU I 374 -37.46 14.02 -44.13
C LEU I 374 -38.94 14.03 -44.47
N HIS I 375 -39.31 13.37 -45.57
CA HIS I 375 -40.70 13.33 -46.02
C HIS I 375 -41.43 12.05 -45.62
N ASN I 376 -40.70 10.99 -45.33
CA ASN I 376 -41.31 9.72 -44.94
C ASN I 376 -41.50 9.58 -43.43
N ASP I 377 -41.56 10.70 -42.71
CA ASP I 377 -41.75 10.73 -41.26
C ASP I 377 -40.62 10.03 -40.51
N GLU I 378 -39.48 9.80 -41.17
CA GLU I 378 -38.30 9.29 -40.48
C GLU I 378 -37.48 10.39 -39.84
N TYR I 379 -37.79 11.66 -40.14
CA TYR I 379 -37.16 12.81 -39.52
C TYR I 379 -38.23 13.84 -39.18
N GLN I 380 -39.37 13.37 -38.68
CA GLN I 380 -40.53 14.22 -38.45
C GLN I 380 -40.46 14.88 -37.08
N GLU I 381 -41.22 15.96 -36.94
CA GLU I 381 -41.34 16.70 -35.69
C GLU I 381 -42.61 16.28 -34.98
N THR I 382 -42.50 15.94 -33.69
CA THR I 382 -43.62 15.45 -32.91
C THR I 382 -43.67 16.18 -31.57
N MET I 383 -44.87 16.27 -31.01
CA MET I 383 -45.09 16.87 -29.70
C MET I 383 -45.21 15.75 -28.67
N VAL I 384 -44.30 15.73 -27.71
CA VAL I 384 -44.21 14.64 -26.74
C VAL I 384 -44.37 15.22 -25.33
N GLU I 385 -45.20 16.26 -25.21
CA GLU I 385 -45.39 17.03 -23.98
C GLU I 385 -45.40 16.15 -22.75
N SER I 386 -44.54 16.50 -21.79
CA SER I 386 -44.37 15.75 -20.55
C SER I 386 -44.45 16.71 -19.37
N THR I 387 -44.21 16.18 -18.17
CA THR I 387 -44.25 16.96 -16.94
C THR I 387 -42.82 17.25 -16.50
N PHE I 388 -42.41 18.51 -16.66
CA PHE I 388 -41.04 18.93 -16.32
C PHE I 388 -41.03 19.42 -14.88
N MET I 389 -40.78 18.49 -13.95
CA MET I 389 -40.67 18.88 -12.54
C MET I 389 -39.44 19.75 -12.31
N TYR I 390 -38.34 19.46 -13.00
CA TYR I 390 -37.12 20.24 -12.92
C TYR I 390 -36.63 20.54 -14.33
N LEU I 391 -36.35 21.83 -14.60
CA LEU I 391 -35.88 22.27 -15.90
C LEU I 391 -34.37 22.39 -15.84
N THR I 392 -33.67 21.42 -16.44
CA THR I 392 -32.21 21.38 -16.43
C THR I 392 -31.68 22.37 -17.45
N LEU I 393 -31.63 23.64 -17.05
CA LEU I 393 -31.07 24.69 -17.88
C LEU I 393 -29.55 24.51 -17.95
N ASP I 394 -29.06 24.04 -19.09
CA ASP I 394 -27.65 23.71 -19.24
C ASP I 394 -26.83 24.97 -19.52
N LEU I 395 -25.80 25.18 -18.71
CA LEU I 395 -24.89 26.30 -18.90
C LEU I 395 -23.89 26.00 -20.00
N PRO I 396 -23.43 27.02 -20.73
CA PRO I 396 -22.44 26.78 -21.80
C PRO I 396 -21.06 26.53 -21.22
N THR I 397 -20.30 25.67 -21.89
CA THR I 397 -18.95 25.35 -21.45
C THR I 397 -18.06 26.59 -21.52
N ALA I 398 -17.12 26.67 -20.58
CA ALA I 398 -16.22 27.81 -20.55
C ALA I 398 -15.37 27.84 -21.82
N PRO I 399 -15.13 29.03 -22.39
CA PRO I 399 -14.33 29.10 -23.62
C PRO I 399 -12.91 28.63 -23.45
N LEU I 400 -12.37 28.59 -22.22
CA LEU I 400 -11.00 28.17 -21.94
C LEU I 400 -10.01 29.06 -22.70
N TYR I 401 -10.30 30.34 -22.78
CA TYR I 401 -9.44 31.30 -23.45
C TYR I 401 -9.79 32.71 -22.98
N LYS I 402 -8.76 33.51 -22.75
CA LYS I 402 -8.95 34.88 -22.30
C LYS I 402 -9.38 35.79 -23.45
N ASP I 403 -9.74 37.01 -23.11
CA ASP I 403 -10.16 38.00 -24.10
C ASP I 403 -9.73 39.38 -23.63
N GLU I 404 -10.01 40.39 -24.46
CA GLU I 404 -9.67 41.76 -24.09
C GLU I 404 -10.47 42.24 -22.90
N LYS I 405 -11.78 42.01 -22.91
CA LYS I 405 -12.65 42.36 -21.79
C LYS I 405 -12.56 41.31 -20.70
N GLU I 406 -13.47 41.35 -19.72
CA GLU I 406 -13.54 40.36 -18.66
C GLU I 406 -12.23 40.32 -17.85
N GLN I 407 -12.00 41.43 -17.13
CA GLN I 407 -10.84 41.51 -16.26
C GLN I 407 -10.75 40.31 -15.33
N LEU I 408 -11.90 39.84 -14.83
CA LEU I 408 -11.96 38.55 -14.17
C LEU I 408 -12.05 37.45 -15.20
N ILE I 409 -11.35 36.35 -14.95
CA ILE I 409 -11.20 35.29 -15.95
C ILE I 409 -12.28 34.24 -15.77
N ILE I 410 -13.33 34.59 -15.03
CA ILE I 410 -14.49 33.71 -14.85
C ILE I 410 -15.52 34.08 -15.90
N PRO I 411 -15.83 33.19 -16.86
CA PRO I 411 -16.77 33.55 -17.92
C PRO I 411 -18.20 33.69 -17.41
N GLN I 412 -18.71 34.92 -17.38
CA GLN I 412 -20.09 35.16 -16.97
C GLN I 412 -21.06 34.77 -18.08
N VAL I 413 -22.33 34.68 -17.72
CA VAL I 413 -23.39 34.32 -18.67
C VAL I 413 -24.73 34.83 -18.14
N PRO I 414 -25.55 35.44 -18.99
CA PRO I 414 -26.85 35.94 -18.52
C PRO I 414 -27.86 34.83 -18.39
N LEU I 415 -28.75 34.98 -17.41
CA LEU I 415 -29.78 33.96 -17.18
C LEU I 415 -30.74 33.87 -18.35
N PHE I 416 -31.10 35.01 -18.95
CA PHE I 416 -32.05 35.00 -20.06
C PHE I 416 -31.52 34.19 -21.24
N ASN I 417 -30.25 34.36 -21.57
CA ASN I 417 -29.65 33.55 -22.62
C ASN I 417 -29.59 32.07 -22.22
N ILE I 418 -29.37 31.81 -20.93
CA ILE I 418 -29.30 30.43 -20.46
C ILE I 418 -30.66 29.76 -20.54
N LEU I 419 -31.71 30.47 -20.10
CA LEU I 419 -33.06 29.91 -20.09
C LEU I 419 -33.74 29.98 -21.44
N ALA I 420 -33.18 30.72 -22.40
CA ALA I 420 -33.80 30.81 -23.73
C ALA I 420 -33.69 29.51 -24.51
N LYS I 421 -32.83 28.59 -24.08
CA LYS I 421 -32.67 27.33 -24.80
C LYS I 421 -33.97 26.53 -24.78
N PHE I 422 -34.71 26.56 -23.67
CA PHE I 422 -35.95 25.83 -23.56
C PHE I 422 -37.06 26.42 -24.43
N ASN I 423 -36.87 27.62 -24.97
CA ASN I 423 -37.90 28.23 -25.81
C ASN I 423 -38.08 27.44 -27.11
N GLY I 424 -39.21 27.71 -27.77
CA GLY I 424 -39.54 26.96 -28.99
C GLY I 424 -38.52 27.16 -30.10
N ILE I 425 -38.05 28.40 -30.29
CA ILE I 425 -37.17 28.70 -31.40
C ILE I 425 -35.84 27.96 -31.25
N THR I 426 -35.28 27.97 -30.04
CA THR I 426 -33.96 27.37 -29.80
C THR I 426 -34.04 25.86 -29.96
N GLU I 427 -33.40 25.32 -31.00
CA GLU I 427 -33.34 23.89 -31.23
C GLU I 427 -32.11 23.30 -30.56
N LYS I 428 -32.26 22.08 -30.05
CA LYS I 428 -31.16 21.37 -29.40
C LYS I 428 -30.99 20.01 -30.03
N GLU I 429 -29.74 19.56 -30.12
CA GLU I 429 -29.40 18.28 -30.74
C GLU I 429 -29.02 17.28 -29.67
N TYR I 430 -29.48 16.04 -29.84
CA TYR I 430 -29.15 14.93 -28.96
C TYR I 430 -28.40 13.88 -29.76
N LYS I 431 -27.22 13.49 -29.27
CA LYS I 431 -26.35 12.55 -29.98
C LYS I 431 -26.72 11.11 -29.61
N THR I 432 -27.94 10.73 -30.00
CA THR I 432 -28.42 9.38 -29.75
C THR I 432 -27.65 8.38 -30.61
N TYR I 433 -27.81 7.10 -30.28
CA TYR I 433 -27.10 6.03 -30.97
C TYR I 433 -27.56 5.94 -32.41
N LYS I 434 -26.62 6.12 -33.35
CA LYS I 434 -26.89 6.00 -34.79
C LYS I 434 -28.02 6.93 -35.23
N GLU I 435 -28.07 8.13 -34.67
CA GLU I 435 -29.09 9.11 -35.02
C GLU I 435 -28.66 10.47 -34.50
N ASN I 436 -29.16 11.51 -35.18
CA ASN I 436 -28.94 12.90 -34.77
C ASN I 436 -30.28 13.46 -34.34
N PHE I 437 -30.60 13.29 -33.06
CA PHE I 437 -31.88 13.73 -32.51
C PHE I 437 -31.83 15.23 -32.27
N LEU I 438 -32.19 16.00 -33.29
CA LEU I 438 -32.26 17.46 -33.19
C LEU I 438 -33.65 17.83 -32.74
N LYS I 439 -33.78 18.17 -31.46
CA LYS I 439 -35.07 18.43 -30.82
C LYS I 439 -35.25 19.92 -30.58
N ARG I 440 -36.38 20.27 -29.97
CA ARG I 440 -36.69 21.65 -29.61
C ARG I 440 -37.81 21.62 -28.57
N PHE I 441 -37.61 22.29 -27.45
CA PHE I 441 -38.54 22.26 -26.34
C PHE I 441 -39.41 23.51 -26.31
N GLN I 442 -40.47 23.45 -25.53
CA GLN I 442 -41.38 24.57 -25.35
C GLN I 442 -42.18 24.35 -24.08
N LEU I 443 -42.18 25.34 -23.19
CA LEU I 443 -42.84 25.23 -21.90
C LEU I 443 -44.35 25.41 -22.08
N THR I 444 -45.10 24.30 -21.98
CA THR I 444 -46.55 24.37 -22.14
C THR I 444 -47.20 25.08 -20.96
N LYS I 445 -46.81 24.71 -19.74
CA LYS I 445 -47.41 25.29 -18.55
C LYS I 445 -46.34 25.43 -17.46
N LEU I 446 -46.35 26.56 -16.77
CA LEU I 446 -45.35 26.84 -15.75
C LEU I 446 -45.88 26.45 -14.38
N PRO I 447 -45.09 25.80 -13.54
CA PRO I 447 -45.54 25.46 -12.19
C PRO I 447 -45.52 26.68 -11.28
N PRO I 448 -46.27 26.65 -10.18
CA PRO I 448 -46.25 27.81 -9.26
C PRO I 448 -44.88 28.10 -8.68
N TYR I 449 -44.05 27.07 -8.45
CA TYR I 449 -42.70 27.24 -7.92
C TYR I 449 -41.76 26.47 -8.84
N LEU I 450 -41.29 27.12 -9.89
CA LEU I 450 -40.38 26.47 -10.83
C LEU I 450 -39.05 26.16 -10.16
N ILE I 451 -38.54 24.96 -10.41
CA ILE I 451 -37.26 24.51 -9.88
C ILE I 451 -36.31 24.30 -11.07
N PHE I 452 -35.23 25.08 -11.11
CA PHE I 452 -34.23 24.98 -12.16
C PHE I 452 -32.92 24.53 -11.54
N CYS I 453 -32.29 23.54 -12.17
CA CYS I 453 -31.03 22.96 -11.69
C CYS I 453 -30.03 22.99 -12.84
N ILE I 454 -29.11 23.97 -12.81
CA ILE I 454 -28.13 24.10 -13.87
C ILE I 454 -27.05 23.04 -13.69
N LYS I 455 -26.87 22.20 -14.71
CA LYS I 455 -25.89 21.12 -14.67
C LYS I 455 -24.50 21.72 -14.89
N ARG I 456 -23.91 22.21 -13.80
CA ARG I 456 -22.61 22.86 -13.86
C ARG I 456 -21.45 21.86 -13.82
N PHE I 457 -21.74 20.56 -13.72
CA PHE I 457 -20.71 19.54 -13.66
C PHE I 457 -20.96 18.53 -14.78
N THR I 458 -19.90 18.22 -15.53
CA THR I 458 -19.96 17.27 -16.64
C THR I 458 -18.80 16.28 -16.49
N LYS I 459 -18.73 15.34 -17.42
CA LYS I 459 -17.66 14.35 -17.47
C LYS I 459 -16.85 14.54 -18.74
N ASN I 460 -15.54 14.69 -18.60
CA ASN I 460 -14.66 14.88 -19.73
C ASN I 460 -14.27 13.52 -20.31
N ASN I 461 -13.36 13.52 -21.28
CA ASN I 461 -12.92 12.27 -21.88
C ASN I 461 -12.04 11.45 -20.95
N PHE I 462 -11.48 12.07 -19.91
CA PHE I 462 -10.65 11.34 -18.95
C PHE I 462 -10.90 11.75 -17.50
N PHE I 463 -11.85 12.63 -17.23
CA PHE I 463 -12.13 13.09 -15.88
C PHE I 463 -13.56 13.63 -15.83
N VAL I 464 -13.90 14.32 -14.75
CA VAL I 464 -15.21 14.93 -14.59
C VAL I 464 -15.04 16.35 -14.08
N GLU I 465 -15.12 17.32 -15.00
CA GLU I 465 -14.90 18.71 -14.67
C GLU I 465 -16.21 19.42 -14.35
N LYS I 466 -16.10 20.52 -13.61
CA LYS I 466 -17.23 21.36 -13.24
C LYS I 466 -17.11 22.69 -13.96
N ASN I 467 -18.13 23.06 -14.72
CA ASN I 467 -18.11 24.31 -15.45
C ASN I 467 -18.22 25.47 -14.48
N PRO I 468 -17.26 26.40 -14.45
CA PRO I 468 -17.31 27.52 -13.51
C PRO I 468 -18.04 28.76 -14.02
N THR I 469 -18.72 28.68 -15.17
CA THR I 469 -19.43 29.83 -15.70
C THR I 469 -20.49 30.31 -14.72
N ILE I 470 -20.55 31.62 -14.53
CA ILE I 470 -21.50 32.23 -13.61
C ILE I 470 -22.81 32.47 -14.35
N VAL I 471 -23.91 32.43 -13.60
CA VAL I 471 -25.25 32.63 -14.13
C VAL I 471 -25.74 33.98 -13.63
N ASN I 472 -25.68 34.99 -14.50
CA ASN I 472 -26.11 36.35 -14.14
C ASN I 472 -27.64 36.37 -14.12
N PHE I 473 -28.19 35.95 -12.99
CA PHE I 473 -29.63 35.83 -12.82
C PHE I 473 -30.14 36.92 -11.88
N PRO I 474 -30.88 37.92 -12.38
CA PRO I 474 -31.53 38.86 -11.47
C PRO I 474 -32.45 38.15 -10.51
N ILE I 475 -32.42 38.57 -9.25
CA ILE I 475 -33.14 37.88 -8.19
C ILE I 475 -34.28 38.75 -7.66
N THR I 476 -34.79 39.63 -8.50
CA THR I 476 -35.91 40.48 -8.13
C THR I 476 -37.17 40.21 -8.93
N ASN I 477 -37.08 40.21 -10.26
CA ASN I 477 -38.22 39.93 -11.10
C ASN I 477 -37.74 39.34 -12.43
N VAL I 478 -38.52 38.41 -12.97
CA VAL I 478 -38.20 37.77 -14.23
C VAL I 478 -39.47 37.14 -14.77
N ASP I 479 -39.56 37.03 -16.09
CA ASP I 479 -40.73 36.47 -16.75
C ASP I 479 -40.30 35.48 -17.80
N LEU I 480 -40.92 34.30 -17.79
CA LEU I 480 -40.65 33.27 -18.79
C LEU I 480 -41.61 33.34 -19.97
N ARG I 481 -42.50 34.34 -20.02
CA ARG I 481 -43.42 34.48 -21.14
C ARG I 481 -42.70 34.70 -22.45
N GLU I 482 -41.46 35.21 -22.41
CA GLU I 482 -40.67 35.36 -23.61
C GLU I 482 -40.14 34.03 -24.14
N TYR I 483 -40.28 32.95 -23.37
CA TYR I 483 -39.86 31.62 -23.80
C TYR I 483 -40.98 30.60 -23.72
N LEU I 484 -42.19 31.04 -23.40
CA LEU I 484 -43.33 30.13 -23.29
C LEU I 484 -43.87 29.77 -24.67
N SER I 485 -44.77 28.79 -24.69
CA SER I 485 -45.38 28.34 -25.94
C SER I 485 -46.39 29.36 -26.44
N GLU I 486 -46.39 29.60 -27.75
CA GLU I 486 -47.28 30.58 -28.34
C GLU I 486 -48.75 30.18 -28.26
N GLU I 487 -49.04 28.89 -28.11
CA GLU I 487 -50.43 28.44 -28.10
C GLU I 487 -51.20 28.96 -26.90
N VAL I 488 -50.58 28.97 -25.71
CA VAL I 488 -51.28 29.33 -24.49
C VAL I 488 -50.55 30.46 -23.79
N GLN I 489 -49.92 31.35 -24.56
CA GLN I 489 -49.15 32.44 -23.98
C GLN I 489 -50.02 33.32 -23.08
N ALA I 490 -51.24 33.63 -23.52
CA ALA I 490 -52.13 34.46 -22.73
C ALA I 490 -52.91 33.68 -21.68
N VAL I 491 -52.82 32.35 -21.69
CA VAL I 491 -53.56 31.56 -20.70
C VAL I 491 -52.95 31.74 -19.31
N HIS I 492 -51.63 31.80 -19.22
CA HIS I 492 -50.94 31.98 -17.95
C HIS I 492 -50.97 33.47 -17.60
N LYS I 493 -51.88 33.84 -16.70
CA LYS I 493 -52.04 35.24 -16.34
C LYS I 493 -50.80 35.79 -15.63
N ASN I 494 -50.22 35.01 -14.72
CA ASN I 494 -49.07 35.43 -13.95
C ASN I 494 -47.80 34.81 -14.51
N THR I 495 -46.79 35.65 -14.76
CA THR I 495 -45.51 35.16 -15.25
C THR I 495 -44.31 35.82 -14.58
N THR I 496 -44.52 36.75 -13.65
CA THR I 496 -43.43 37.48 -13.00
C THR I 496 -42.90 36.62 -11.85
N TYR I 497 -41.94 35.78 -12.15
CA TYR I 497 -41.35 34.86 -11.18
C TYR I 497 -40.10 35.47 -10.56
N ASP I 498 -39.93 35.22 -9.26
CA ASP I 498 -38.76 35.69 -8.52
C ASP I 498 -38.09 34.50 -7.83
N LEU I 499 -36.76 34.49 -7.85
CA LEU I 499 -36.01 33.41 -7.23
C LEU I 499 -36.20 33.42 -5.72
N ILE I 500 -36.44 32.24 -5.15
CA ILE I 500 -36.74 32.13 -3.73
C ILE I 500 -35.55 31.51 -2.99
N ALA I 501 -34.86 30.56 -3.62
CA ALA I 501 -33.77 29.86 -2.97
C ALA I 501 -32.77 29.37 -4.01
N ASN I 502 -31.49 29.51 -3.69
CA ASN I 502 -30.40 29.04 -4.54
C ASN I 502 -29.45 28.18 -3.71
N ILE I 503 -29.05 27.05 -4.26
CA ILE I 503 -28.10 26.14 -3.61
C ILE I 503 -26.87 26.09 -4.49
N VAL I 504 -25.73 26.55 -3.97
CA VAL I 504 -24.48 26.62 -4.70
C VAL I 504 -23.52 25.58 -4.14
N HIS I 505 -22.87 24.83 -5.02
CA HIS I 505 -21.91 23.80 -4.65
C HIS I 505 -20.50 24.34 -4.94
N ASP I 506 -19.95 25.07 -3.97
CA ASP I 506 -18.62 25.64 -4.13
C ASP I 506 -17.54 24.61 -3.83
N GLY I 507 -16.36 24.83 -4.40
CA GLY I 507 -15.22 23.96 -4.19
C GLY I 507 -14.97 23.06 -5.38
N LYS I 508 -13.95 22.23 -5.23
CA LYS I 508 -13.60 21.27 -6.26
C LYS I 508 -14.69 20.21 -6.40
N PRO I 509 -14.80 19.56 -7.56
CA PRO I 509 -15.83 18.52 -7.72
C PRO I 509 -15.71 17.40 -6.70
N SER I 510 -14.52 16.83 -6.53
CA SER I 510 -14.34 15.74 -5.57
C SER I 510 -14.59 16.23 -4.15
N GLU I 511 -13.78 17.18 -3.67
CA GLU I 511 -13.94 17.78 -2.36
C GLU I 511 -14.64 19.12 -2.54
N GLY I 512 -15.93 19.14 -2.29
CA GLY I 512 -16.72 20.35 -2.48
C GLY I 512 -17.73 20.55 -1.37
N SER I 513 -18.01 21.81 -1.09
CA SER I 513 -18.99 22.19 -0.09
C SER I 513 -20.29 22.63 -0.76
N TYR I 514 -21.40 22.36 -0.08
CA TYR I 514 -22.73 22.68 -0.59
C TYR I 514 -23.35 23.74 0.30
N ARG I 515 -23.39 24.98 -0.19
CA ARG I 515 -23.97 26.09 0.53
C ARG I 515 -25.30 26.49 -0.11
N ILE I 516 -26.24 26.94 0.70
CA ILE I 516 -27.57 27.32 0.24
C ILE I 516 -27.76 28.81 0.51
N HIS I 517 -28.08 29.56 -0.53
CA HIS I 517 -28.44 30.97 -0.42
C HIS I 517 -29.95 31.08 -0.64
N VAL I 518 -30.69 31.33 0.43
CA VAL I 518 -32.15 31.33 0.41
C VAL I 518 -32.64 32.73 0.72
N LEU I 519 -33.66 33.17 -0.01
CA LEU I 519 -34.28 34.47 0.23
C LEU I 519 -35.44 34.28 1.20
N HIS I 520 -35.23 34.70 2.44
CA HIS I 520 -36.24 34.48 3.48
C HIS I 520 -37.44 35.39 3.27
N HIS I 521 -38.61 34.88 3.62
CA HIS I 521 -39.84 35.67 3.58
C HIS I 521 -39.98 36.40 4.91
N GLY I 522 -41.07 37.15 5.07
CA GLY I 522 -41.23 37.96 6.26
C GLY I 522 -40.36 39.21 6.17
N THR I 523 -39.05 39.02 6.27
CA THR I 523 -38.09 40.06 5.96
C THR I 523 -37.69 39.96 4.50
N GLY I 524 -36.67 40.70 4.09
CA GLY I 524 -36.23 40.66 2.72
C GLY I 524 -34.82 40.15 2.53
N LYS I 525 -34.11 39.94 3.64
CA LYS I 525 -32.72 39.51 3.59
C LYS I 525 -32.61 38.11 3.00
N TRP I 526 -31.76 37.95 2.00
CA TRP I 526 -31.48 36.64 1.40
C TRP I 526 -30.28 36.05 2.13
N TYR I 527 -30.57 35.31 3.20
CA TYR I 527 -29.52 34.73 4.03
C TYR I 527 -28.88 33.53 3.36
N GLU I 528 -27.58 33.39 3.53
CA GLU I 528 -26.84 32.23 3.03
C GLU I 528 -26.50 31.34 4.22
N LEU I 529 -26.91 30.08 4.14
CA LEU I 529 -26.80 29.15 5.26
C LEU I 529 -25.79 28.05 4.94
N GLN I 530 -24.81 27.88 5.82
CA GLN I 530 -23.88 26.77 5.72
C GLN I 530 -24.53 25.52 6.31
N ASP I 531 -23.73 24.49 6.56
CA ASP I 531 -24.27 23.28 7.18
C ASP I 531 -24.86 23.59 8.56
N LEU I 532 -24.13 24.37 9.37
CA LEU I 532 -24.65 24.76 10.67
C LEU I 532 -24.42 26.25 10.97
N GLN I 533 -23.96 27.03 10.00
CA GLN I 533 -23.70 28.45 10.18
C GLN I 533 -24.67 29.25 9.32
N VAL I 534 -25.36 30.20 9.95
CA VAL I 534 -26.31 31.08 9.27
C VAL I 534 -25.69 32.47 9.19
N THR I 535 -25.49 32.95 7.97
CA THR I 535 -24.91 34.26 7.72
C THR I 535 -25.89 35.13 6.96
N ASP I 536 -25.44 36.33 6.61
CA ASP I 536 -26.22 37.27 5.82
C ASP I 536 -25.48 37.55 4.51
N ILE I 537 -26.17 37.38 3.39
CA ILE I 537 -25.59 37.52 2.07
C ILE I 537 -26.25 38.70 1.38
N LEU I 538 -25.44 39.57 0.78
CA LEU I 538 -25.97 40.69 0.02
C LEU I 538 -26.67 40.18 -1.24
N PRO I 539 -27.79 40.78 -1.62
CA PRO I 539 -28.49 40.31 -2.83
C PRO I 539 -27.63 40.33 -4.08
N GLN I 540 -26.77 41.34 -4.23
CA GLN I 540 -25.87 41.38 -5.38
C GLN I 540 -24.85 40.25 -5.32
N MET I 541 -24.46 39.82 -4.13
CA MET I 541 -23.52 38.72 -3.98
C MET I 541 -24.17 37.36 -4.23
N ILE I 542 -25.50 37.27 -4.14
CA ILE I 542 -26.20 36.03 -4.43
C ILE I 542 -25.99 35.64 -5.89
N THR I 543 -26.09 36.61 -6.79
CA THR I 543 -25.89 36.37 -8.22
C THR I 543 -24.43 36.20 -8.58
N LEU I 544 -23.51 36.21 -7.62
CA LEU I 544 -22.09 36.07 -7.88
C LEU I 544 -21.63 34.62 -7.78
N SER I 545 -22.01 33.92 -6.71
CA SER I 545 -21.63 32.53 -6.55
C SER I 545 -22.33 31.66 -7.59
N GLU I 546 -21.57 30.73 -8.17
CA GLU I 546 -22.11 29.84 -9.20
C GLU I 546 -23.20 28.97 -8.60
N ALA I 547 -24.45 29.22 -9.00
CA ALA I 547 -25.58 28.46 -8.48
C ALA I 547 -25.69 27.11 -9.19
N TYR I 548 -26.20 26.12 -8.46
CA TYR I 548 -26.43 24.79 -8.99
C TYR I 548 -27.91 24.48 -9.14
N ILE I 549 -28.68 24.62 -8.07
CA ILE I 549 -30.12 24.39 -8.08
C ILE I 549 -30.82 25.64 -7.57
N GLN I 550 -31.80 26.11 -8.33
CA GLN I 550 -32.53 27.32 -7.98
C GLN I 550 -34.03 27.04 -8.02
N ILE I 551 -34.75 27.61 -7.07
CA ILE I 551 -36.21 27.49 -6.99
C ILE I 551 -36.79 28.88 -6.95
N TRP I 552 -37.66 29.19 -7.90
CA TRP I 552 -38.24 30.52 -8.05
C TRP I 552 -39.75 30.46 -7.84
N LYS I 553 -40.28 31.49 -7.18
CA LYS I 553 -41.72 31.61 -6.93
C LYS I 553 -42.33 32.50 -8.01
N ARG I 554 -43.42 32.02 -8.60
CA ARG I 554 -44.05 32.74 -9.70
C ARG I 554 -44.88 33.93 -9.26
N ARG I 555 -45.07 34.11 -7.95
CA ARG I 555 -45.84 35.22 -7.40
C ARG I 555 -47.26 35.28 -7.98
N ALA J 126 97.72 0.56 -13.07
CA ALA J 126 96.48 -0.18 -12.93
C ALA J 126 95.41 0.67 -12.25
N TYR J 127 94.26 0.82 -12.91
CA TYR J 127 93.15 1.60 -12.38
C TYR J 127 91.86 0.83 -12.65
N ALA J 128 90.73 1.48 -12.40
CA ALA J 128 89.41 0.90 -12.64
C ALA J 128 88.82 1.57 -13.88
N ILE J 129 89.14 1.02 -15.04
CA ILE J 129 88.66 1.55 -16.30
C ILE J 129 87.30 0.94 -16.64
N ASN J 130 86.36 1.78 -17.03
CA ASN J 130 85.01 1.34 -17.37
C ASN J 130 84.75 1.62 -18.85
N VAL J 131 84.38 0.59 -19.59
CA VAL J 131 84.06 0.69 -21.01
C VAL J 131 82.69 0.03 -21.19
N SER J 132 81.64 0.83 -21.15
CA SER J 132 80.28 0.32 -21.29
C SER J 132 79.97 0.12 -22.77
N GLN J 133 79.80 -1.13 -23.18
CA GLN J 133 79.54 -1.43 -24.58
C GLN J 133 78.12 -0.99 -24.96
N LYS J 134 77.92 -0.75 -26.25
CA LYS J 134 76.62 -0.34 -26.75
C LYS J 134 75.60 -1.46 -26.59
N ARG J 135 74.35 -1.07 -26.37
CA ARG J 135 73.25 -2.00 -26.20
C ARG J 135 72.21 -1.71 -27.27
N LYS J 136 72.38 -2.33 -28.44
CA LYS J 136 71.44 -2.17 -29.55
C LYS J 136 70.26 -3.11 -29.32
N TYR J 137 69.14 -2.54 -28.88
CA TYR J 137 67.95 -3.34 -28.62
C TYR J 137 67.45 -3.99 -29.91
N ARG J 138 67.01 -5.24 -29.80
CA ARG J 138 66.53 -5.97 -30.96
C ARG J 138 65.25 -5.34 -31.50
N GLN J 139 65.18 -5.22 -32.82
CA GLN J 139 64.00 -4.65 -33.46
C GLN J 139 62.76 -5.48 -33.17
N TYR J 140 61.68 -4.79 -32.82
CA TYR J 140 60.41 -5.45 -32.48
C TYR J 140 59.32 -5.12 -33.50
N MET J 141 59.09 -3.85 -33.80
CA MET J 141 58.07 -3.43 -34.74
C MET J 141 58.71 -2.95 -36.04
N ASN J 142 57.92 -2.96 -37.10
CA ASN J 142 58.38 -2.62 -38.45
C ASN J 142 59.57 -3.50 -38.85
N ARG J 143 59.51 -4.76 -38.44
CA ARG J 143 60.57 -5.70 -38.80
C ARG J 143 60.46 -6.14 -40.27
N LYS J 144 59.23 -6.24 -40.77
CA LYS J 144 58.98 -6.65 -42.16
C LYS J 144 59.58 -8.01 -42.48
N GLY J 145 59.68 -8.88 -41.47
CA GLY J 145 60.27 -10.19 -41.63
C GLY J 145 59.32 -11.27 -41.12
N GLY J 146 59.89 -12.25 -40.43
CA GLY J 146 59.12 -13.35 -39.91
C GLY J 146 58.50 -13.03 -38.56
N PHE J 147 57.95 -14.07 -37.93
CA PHE J 147 57.29 -13.91 -36.65
C PHE J 147 58.31 -13.87 -35.51
N ASN J 148 59.06 -14.95 -35.33
CA ASN J 148 60.03 -15.03 -34.25
C ASN J 148 61.14 -14.00 -34.43
N ARG J 149 61.60 -13.46 -33.31
CA ARG J 149 62.66 -12.47 -33.35
C ARG J 149 63.96 -13.12 -33.85
N PRO J 150 64.74 -12.42 -34.67
CA PRO J 150 65.98 -13.01 -35.20
C PRO J 150 67.05 -13.15 -34.13
N LEU J 151 68.21 -13.68 -34.51
CA LEU J 151 69.31 -13.87 -33.58
C LEU J 151 70.23 -12.65 -33.59
N ASP K 242 5.10 -25.14 21.83
CA ASP K 242 3.88 -25.74 22.35
C ASP K 242 3.14 -24.77 23.27
N LYS K 243 3.47 -24.81 24.57
CA LYS K 243 2.82 -23.93 25.54
C LYS K 243 3.11 -22.47 25.21
N SER K 244 4.39 -22.14 25.01
CA SER K 244 4.74 -20.79 24.57
C SER K 244 4.14 -20.50 23.20
N LYS K 245 4.15 -21.49 22.31
CA LYS K 245 3.49 -21.33 21.02
C LYS K 245 1.99 -21.12 21.17
N GLU K 246 1.37 -21.84 22.11
CA GLU K 246 -0.06 -21.65 22.36
C GLU K 246 -0.35 -20.23 22.86
N LEU K 247 0.47 -19.73 23.78
CA LEU K 247 0.28 -18.37 24.27
C LEU K 247 0.48 -17.35 23.16
N HIS K 248 1.51 -17.54 22.32
CA HIS K 248 1.74 -16.62 21.22
C HIS K 248 0.59 -16.65 20.23
N ALA K 249 0.04 -17.84 19.96
CA ALA K 249 -1.12 -17.94 19.06
C ALA K 249 -2.34 -17.26 19.65
N ILE K 250 -2.54 -17.39 20.97
CA ILE K 250 -3.66 -16.70 21.62
C ILE K 250 -3.49 -15.20 21.50
N LYS K 251 -2.28 -14.70 21.72
CA LYS K 251 -2.02 -13.27 21.57
C LYS K 251 -2.25 -12.81 20.14
N GLU K 252 -1.79 -13.61 19.17
CA GLU K 252 -1.98 -13.26 17.76
C GLU K 252 -3.46 -13.20 17.39
N ARG K 253 -4.24 -14.17 17.86
CA ARG K 253 -5.68 -14.13 17.64
C ARG K 253 -6.30 -12.90 18.28
N TYR K 254 -5.88 -12.57 19.50
CA TYR K 254 -6.31 -11.32 20.12
C TYR K 254 -5.78 -10.12 19.36
N LEU K 255 -4.52 -10.18 18.92
CA LEU K 255 -3.91 -9.08 18.19
C LEU K 255 -2.74 -9.57 17.33
N ARG K 270 10.06 -17.76 -13.91
CA ARG K 270 11.10 -17.63 -12.90
C ARG K 270 11.82 -18.95 -12.68
N LYS K 271 11.46 -19.65 -11.61
CA LYS K 271 12.03 -20.94 -11.25
C LYS K 271 10.91 -21.98 -11.24
N PHE K 272 11.03 -22.99 -12.10
CA PHE K 272 10.01 -24.03 -12.23
C PHE K 272 10.20 -25.02 -11.10
N VAL K 273 9.60 -24.73 -9.94
CA VAL K 273 9.65 -25.62 -8.79
C VAL K 273 8.84 -26.88 -9.15
N PHE K 274 9.50 -28.03 -9.14
CA PHE K 274 8.83 -29.27 -9.52
C PHE K 274 8.03 -29.84 -8.36
N GLU K 275 8.68 -30.07 -7.23
CA GLU K 275 8.04 -30.69 -6.06
C GLU K 275 7.66 -29.60 -5.06
N TRP K 276 6.41 -29.62 -4.62
CA TRP K 276 5.94 -28.67 -3.62
C TRP K 276 6.74 -28.83 -2.33
N ASP K 277 7.41 -27.75 -1.92
CA ASP K 277 8.23 -27.81 -0.72
C ASP K 277 7.38 -28.01 0.52
N ALA K 278 7.98 -28.63 1.55
CA ALA K 278 7.27 -28.92 2.79
C ALA K 278 6.92 -27.67 3.58
N SER K 279 7.49 -26.50 3.21
CA SER K 279 7.15 -25.27 3.90
C SER K 279 5.68 -24.93 3.74
N GLU K 280 5.11 -25.19 2.56
CA GLU K 280 3.73 -24.88 2.23
C GLU K 280 2.73 -25.87 2.83
N ASP K 281 3.12 -26.71 3.79
CA ASP K 281 2.22 -27.69 4.37
C ASP K 281 1.51 -27.12 5.60
N THR K 282 0.43 -27.79 5.97
CA THR K 282 -0.43 -27.38 7.08
C THR K 282 -0.44 -28.47 8.15
N SER K 283 -1.35 -28.31 9.12
CA SER K 283 -1.61 -29.26 10.20
C SER K 283 -0.54 -29.25 11.28
N ILE K 284 0.07 -28.10 11.56
CA ILE K 284 0.96 -27.94 12.70
C ILE K 284 0.14 -27.25 13.78
N ASP K 285 -0.50 -28.05 14.63
CA ASP K 285 -1.43 -27.55 15.64
C ASP K 285 -0.79 -27.64 17.02
N TYR K 286 -0.83 -26.53 17.76
CA TYR K 286 -0.26 -26.50 19.11
C TYR K 286 -1.01 -27.42 20.06
N ASN K 287 -2.35 -27.42 19.99
CA ASN K 287 -3.14 -28.21 20.90
C ASN K 287 -2.92 -29.71 20.64
N PRO K 288 -2.89 -30.52 21.70
CA PRO K 288 -2.70 -31.96 21.52
C PRO K 288 -3.98 -32.66 21.07
N LEU K 289 -5.13 -32.14 21.51
CA LEU K 289 -6.40 -32.78 21.16
C LEU K 289 -6.68 -32.71 19.66
N TYR K 290 -6.24 -31.65 19.00
CA TYR K 290 -6.43 -31.50 17.56
C TYR K 290 -5.21 -31.94 16.77
N LYS K 291 -4.19 -32.49 17.42
CA LYS K 291 -3.01 -33.00 16.76
C LYS K 291 -2.95 -34.52 16.77
N GLU K 292 -3.24 -35.13 17.91
CA GLU K 292 -3.29 -36.59 18.06
C GLU K 292 -4.75 -36.97 18.33
N ARG K 293 -5.51 -37.16 17.26
CA ARG K 293 -6.93 -37.46 17.35
C ARG K 293 -7.17 -38.95 17.10
N HIS K 294 -8.16 -39.50 17.78
CA HIS K 294 -8.50 -40.91 17.60
C HIS K 294 -8.88 -41.18 16.15
N GLN K 295 -8.32 -42.23 15.58
CA GLN K 295 -8.56 -42.56 14.18
C GLN K 295 -9.97 -43.10 14.00
N VAL K 296 -10.34 -43.33 12.74
CA VAL K 296 -11.68 -43.82 12.40
C VAL K 296 -11.60 -45.35 12.42
N GLN K 297 -11.77 -45.90 13.62
CA GLN K 297 -11.85 -47.35 13.78
C GLN K 297 -13.28 -47.79 13.53
N LEU K 298 -13.53 -48.40 12.37
CA LEU K 298 -14.88 -48.72 11.95
C LEU K 298 -15.43 -49.92 12.72
N LEU K 299 -15.66 -49.75 14.02
CA LEU K 299 -16.29 -50.76 14.87
C LEU K 299 -15.53 -52.08 14.81
N GLY K 300 -14.21 -52.01 14.66
CA GLY K 300 -13.40 -53.22 14.61
C GLY K 300 -13.65 -54.10 13.40
N ARG K 301 -14.31 -53.58 12.37
CA ARG K 301 -14.61 -54.39 11.19
C ARG K 301 -14.33 -53.65 9.89
N GLY K 302 -13.63 -52.52 9.93
CA GLY K 302 -13.30 -51.78 8.72
C GLY K 302 -12.05 -50.95 8.94
N PHE K 303 -11.54 -50.41 7.84
CA PHE K 303 -10.33 -49.61 7.88
C PHE K 303 -10.27 -48.75 6.63
N ILE K 304 -9.18 -47.98 6.50
CA ILE K 304 -9.02 -47.09 5.35
C ILE K 304 -8.81 -47.90 4.08
N ALA K 305 -8.95 -47.22 2.94
CA ALA K 305 -8.79 -47.85 1.63
C ALA K 305 -7.34 -47.75 1.18
N GLY K 306 -6.99 -48.58 0.21
CA GLY K 306 -5.65 -48.57 -0.38
C GLY K 306 -4.55 -49.21 0.43
N ILE K 307 -4.48 -48.89 1.72
CA ILE K 307 -3.44 -49.47 2.58
C ILE K 307 -3.58 -50.99 2.62
N ASP K 308 -2.47 -51.64 2.96
CA ASP K 308 -2.46 -53.11 3.02
C ASP K 308 -3.44 -53.59 4.07
N LEU K 309 -4.32 -54.51 3.66
CA LEU K 309 -5.34 -55.01 4.57
C LEU K 309 -4.73 -55.75 5.75
N LYS K 310 -3.71 -56.57 5.49
CA LYS K 310 -3.02 -57.26 6.58
C LYS K 310 -2.35 -56.27 7.52
N GLN K 311 -1.67 -55.27 6.96
CA GLN K 311 -1.03 -54.25 7.79
C GLN K 311 -2.06 -53.42 8.56
N GLN K 312 -3.16 -53.06 7.88
CA GLN K 312 -4.20 -52.27 8.54
C GLN K 312 -4.82 -53.02 9.71
N LYS K 313 -5.13 -54.31 9.51
CA LYS K 313 -5.71 -55.11 10.58
C LYS K 313 -4.71 -55.39 11.70
N ARG K 314 -3.43 -55.55 11.35
CA ARG K 314 -2.41 -55.81 12.36
C ARG K 314 -2.26 -54.62 13.31
N GLU K 315 -2.28 -53.41 12.78
CA GLU K 315 -2.09 -52.19 13.57
C GLU K 315 -3.38 -51.69 14.20
N GLN K 316 -4.37 -52.57 14.37
CA GLN K 316 -5.63 -52.15 14.97
C GLN K 316 -5.42 -51.76 16.43
N SER K 317 -6.41 -51.07 16.99
CA SER K 317 -6.32 -50.59 18.36
C SER K 317 -6.60 -51.68 19.39
N ARG K 318 -7.15 -52.81 18.97
CA ARG K 318 -7.46 -53.96 19.81
C ARG K 318 -8.51 -53.67 20.87
N PHE K 319 -9.09 -52.47 20.87
CA PHE K 319 -10.16 -52.17 21.81
C PHE K 319 -11.44 -52.93 21.47
N TYR K 320 -11.80 -52.97 20.19
CA TYR K 320 -12.98 -53.73 19.78
C TYR K 320 -12.74 -55.23 19.91
N GLY K 321 -11.51 -55.68 19.64
CA GLY K 321 -11.20 -57.09 19.77
C GLY K 321 -11.37 -57.61 21.19
N ASP K 322 -10.97 -56.80 22.17
CA ASP K 322 -11.13 -57.20 23.57
C ASP K 322 -12.61 -57.38 23.93
N LEU K 323 -13.45 -56.44 23.48
CA LEU K 323 -14.88 -56.58 23.74
C LEU K 323 -15.47 -57.78 23.02
N MET K 324 -15.01 -58.04 21.79
CA MET K 324 -15.50 -59.19 21.04
C MET K 324 -15.12 -60.50 21.72
N GLU K 325 -13.90 -60.56 22.27
CA GLU K 325 -13.44 -61.78 22.94
C GLU K 325 -13.95 -61.90 24.37
N LYS K 326 -14.46 -60.81 24.96
CA LYS K 326 -15.01 -60.86 26.32
C LYS K 326 -16.53 -60.73 26.35
N ARG K 327 -17.18 -60.75 25.18
CA ARG K 327 -18.63 -60.63 25.15
C ARG K 327 -19.28 -61.78 24.36
N ARG K 328 -18.55 -62.33 23.39
CA ARG K 328 -19.10 -63.37 22.54
C ARG K 328 -19.38 -64.64 23.33
N THR K 329 -20.40 -65.38 22.88
CA THR K 329 -20.77 -66.63 23.52
C THR K 329 -19.76 -67.72 23.20
N LEU K 330 -19.81 -68.80 24.00
CA LEU K 330 -18.88 -69.92 23.79
C LEU K 330 -19.08 -70.56 22.42
N GLU K 331 -20.35 -70.78 22.03
CA GLU K 331 -20.61 -71.27 20.68
C GLU K 331 -20.21 -70.24 19.63
N GLU K 332 -20.47 -68.97 19.90
CA GLU K 332 -20.02 -67.92 19.01
C GLU K 332 -18.50 -67.88 18.94
N LYS K 333 -17.83 -68.08 20.09
CA LYS K 333 -16.37 -68.13 20.08
C LYS K 333 -15.86 -69.29 19.25
N GLU K 334 -16.50 -70.45 19.35
CA GLU K 334 -16.09 -71.60 18.55
C GLU K 334 -16.30 -71.34 17.06
N GLN K 335 -17.43 -70.73 16.70
CA GLN K 335 -17.67 -70.39 15.30
C GLN K 335 -16.64 -69.39 14.78
N GLU K 336 -16.30 -68.39 15.61
CA GLU K 336 -15.28 -67.42 15.21
C GLU K 336 -13.93 -68.09 15.05
N GLU K 337 -13.60 -69.04 15.95
CA GLU K 337 -12.34 -69.76 15.83
C GLU K 337 -12.31 -70.59 14.55
N ALA K 338 -13.43 -71.23 14.21
CA ALA K 338 -13.49 -71.99 12.96
C ALA K 338 -13.31 -71.07 11.75
N ARG K 339 -13.95 -69.90 11.77
CA ARG K 339 -13.81 -68.96 10.66
C ARG K 339 -12.37 -68.46 10.55
N LEU K 340 -11.74 -68.18 11.69
CA LEU K 340 -10.34 -67.74 11.69
C LEU K 340 -9.43 -68.84 11.17
N ARG K 341 -9.70 -70.09 11.55
CA ARG K 341 -8.93 -71.21 11.02
C ARG K 341 -9.09 -71.32 9.51
N LYS K 342 -10.31 -71.14 9.02
CA LYS K 342 -10.54 -71.17 7.57
C LYS K 342 -9.78 -70.05 6.87
N LEU K 343 -9.79 -68.85 7.45
CA LEU K 343 -9.07 -67.73 6.86
C LEU K 343 -7.56 -68.00 6.86
N ARG K 344 -7.04 -68.56 7.96
CA ARG K 344 -5.62 -68.89 8.02
C ARG K 344 -5.27 -69.97 7.00
N LYS K 345 -6.15 -70.95 6.81
CA LYS K 345 -5.91 -71.97 5.79
C LYS K 345 -5.91 -71.37 4.40
N LYS K 346 -6.81 -70.42 4.13
CA LYS K 346 -6.81 -69.73 2.85
C LYS K 346 -5.51 -68.95 2.65
N GLU K 347 -5.04 -68.27 3.69
CA GLU K 347 -3.78 -67.54 3.60
C GLU K 347 -2.61 -68.49 3.33
N ALA K 348 -2.60 -69.64 4.01
CA ALA K 348 -1.56 -70.63 3.78
C ALA K 348 -1.60 -71.16 2.36
N LYS K 349 -2.81 -71.40 1.84
CA LYS K 349 -2.95 -71.81 0.44
C LYS K 349 -2.38 -70.74 -0.48
N GLN K 350 -2.63 -69.47 -0.19
CA GLN K 350 -1.96 -68.39 -0.89
C GLN K 350 -0.46 -68.45 -0.67
N ARG K 351 -0.04 -68.70 0.57
CA ARG K 351 1.38 -68.86 0.87
C ARG K 351 1.94 -70.14 0.26
N TRP K 352 1.10 -71.16 0.03
CA TRP K 352 1.57 -72.40 -0.57
C TRP K 352 1.88 -72.23 -2.05
N ASP K 353 1.16 -71.33 -2.73
CA ASP K 353 1.39 -71.09 -4.15
C ASP K 353 2.60 -70.21 -4.41
N ASP K 354 3.22 -69.64 -3.38
CA ASP K 354 4.40 -68.80 -3.53
C ASP K 354 5.65 -69.65 -3.32
N ARG K 355 6.52 -69.67 -4.32
CA ARG K 355 7.75 -70.45 -4.25
C ARG K 355 8.76 -69.88 -5.23
N HIS K 356 10.01 -70.27 -5.04
CA HIS K 356 11.10 -69.79 -5.89
C HIS K 356 12.27 -70.76 -5.88
N LYS O 58 -23.07 -44.93 -46.58
CA LYS O 58 -21.65 -44.85 -46.27
C LYS O 58 -21.19 -46.08 -45.49
N GLU O 59 -21.10 -47.20 -46.19
CA GLU O 59 -20.65 -48.44 -45.55
C GLU O 59 -19.19 -48.34 -45.15
N ASP O 60 -18.83 -49.09 -44.11
CA ASP O 60 -17.46 -49.08 -43.60
C ASP O 60 -16.54 -49.89 -44.51
N MET O 61 -15.27 -49.92 -44.16
CA MET O 61 -14.25 -50.63 -44.92
C MET O 61 -13.32 -51.34 -43.94
N PRO O 62 -12.67 -52.42 -44.39
CA PRO O 62 -11.75 -53.12 -43.50
C PRO O 62 -10.55 -52.25 -43.16
N PRO O 63 -9.94 -52.45 -41.99
CA PRO O 63 -8.75 -51.66 -41.64
C PRO O 63 -7.54 -51.95 -42.52
N GLU O 64 -7.55 -53.07 -43.26
CA GLU O 64 -6.42 -53.39 -44.11
C GLU O 64 -6.22 -52.32 -45.18
N HIS O 65 -7.30 -51.78 -45.73
CA HIS O 65 -7.18 -50.72 -46.72
C HIS O 65 -6.54 -49.48 -46.12
N VAL O 66 -6.95 -49.11 -44.89
CA VAL O 66 -6.36 -47.94 -44.24
C VAL O 66 -4.89 -48.17 -43.97
N ARG O 67 -4.52 -49.38 -43.52
CA ARG O 67 -3.12 -49.67 -43.26
C ARG O 67 -2.29 -49.62 -44.54
N LYS O 68 -2.83 -50.17 -45.63
CA LYS O 68 -2.12 -50.11 -46.91
C LYS O 68 -1.95 -48.67 -47.39
N ILE O 69 -2.99 -47.84 -47.21
CA ILE O 69 -2.90 -46.44 -47.60
C ILE O 69 -1.84 -45.73 -46.77
N ILE O 70 -1.80 -46.00 -45.46
CA ILE O 70 -0.80 -45.38 -44.59
C ILE O 70 0.60 -45.80 -45.00
N ARG O 71 0.79 -47.09 -45.31
CA ARG O 71 2.10 -47.56 -45.74
C ARG O 71 2.44 -47.12 -47.16
N ASP O 72 1.46 -46.62 -47.91
CA ASP O 72 1.69 -46.14 -49.28
C ASP O 72 1.72 -44.61 -49.35
N HIS O 73 0.87 -43.92 -48.60
CA HIS O 73 0.84 -42.47 -48.61
C HIS O 73 1.71 -41.90 -47.49
N ASP O 84 -0.15 -31.71 -55.96
CA ASP O 84 -1.33 -31.17 -55.31
C ASP O 84 -1.45 -31.68 -53.87
N LYS O 85 -1.00 -30.87 -52.92
CA LYS O 85 -1.07 -31.18 -51.49
C LYS O 85 -2.22 -30.45 -50.82
N ARG O 86 -3.34 -30.27 -51.52
CA ARG O 86 -4.45 -29.47 -51.02
C ARG O 86 -5.29 -30.20 -49.97
N VAL O 87 -5.77 -31.39 -50.30
CA VAL O 87 -6.69 -32.10 -49.41
C VAL O 87 -5.99 -32.46 -48.10
N TYR O 88 -4.75 -32.96 -48.19
CA TYR O 88 -4.03 -33.35 -46.98
C TYR O 88 -3.78 -32.14 -46.08
N LEU O 89 -3.39 -31.01 -46.65
CA LEU O 89 -3.11 -29.83 -45.85
C LEU O 89 -4.39 -29.26 -45.24
N GLY O 90 -5.50 -29.32 -45.99
CA GLY O 90 -6.73 -28.72 -45.50
C GLY O 90 -7.30 -29.41 -44.27
N ALA O 91 -7.24 -30.74 -44.25
CA ALA O 91 -7.84 -31.50 -43.16
C ALA O 91 -6.89 -31.73 -41.99
N LEU O 92 -5.64 -31.29 -42.09
CA LEU O 92 -4.67 -31.52 -41.02
C LEU O 92 -4.93 -30.68 -39.78
N LYS O 93 -5.87 -29.74 -39.83
CA LYS O 93 -6.12 -28.79 -38.74
C LYS O 93 -6.74 -29.42 -37.50
N TYR O 94 -6.93 -30.74 -37.40
CA TYR O 94 -7.60 -31.34 -36.27
C TYR O 94 -6.77 -32.42 -35.58
N MET O 95 -5.44 -32.34 -35.69
CA MET O 95 -4.58 -33.32 -35.03
C MET O 95 -4.73 -33.37 -33.51
N PRO O 96 -4.81 -32.26 -32.78
CA PRO O 96 -4.99 -32.38 -31.32
C PRO O 96 -6.23 -33.14 -30.92
N HIS O 97 -7.32 -33.05 -31.68
CA HIS O 97 -8.50 -33.85 -31.38
C HIS O 97 -8.19 -35.34 -31.51
N ALA O 98 -7.44 -35.72 -32.54
CA ALA O 98 -7.04 -37.12 -32.70
C ALA O 98 -6.13 -37.57 -31.55
N VAL O 99 -5.23 -36.69 -31.12
CA VAL O 99 -4.35 -37.04 -29.99
C VAL O 99 -5.16 -37.25 -28.73
N LEU O 100 -6.13 -36.36 -28.47
CA LEU O 100 -6.99 -36.51 -27.31
C LEU O 100 -7.81 -37.79 -27.38
N LYS O 101 -8.32 -38.12 -28.56
CA LYS O 101 -9.09 -39.36 -28.72
C LYS O 101 -8.20 -40.58 -28.48
N LEU O 102 -6.97 -40.55 -28.98
CA LEU O 102 -6.05 -41.67 -28.76
C LEU O 102 -5.71 -41.81 -27.28
N LEU O 103 -5.50 -40.69 -26.59
CA LEU O 103 -5.24 -40.76 -25.16
C LEU O 103 -6.43 -41.31 -24.39
N GLU O 104 -7.64 -40.87 -24.75
CA GLU O 104 -8.83 -41.34 -24.05
C GLU O 104 -9.07 -42.83 -24.29
N ASN O 105 -8.88 -43.29 -25.51
CA ASN O 105 -9.21 -44.67 -25.89
C ASN O 105 -8.04 -45.63 -25.70
N MET O 106 -7.14 -45.35 -24.75
CA MET O 106 -6.05 -46.27 -24.48
C MET O 106 -6.58 -47.47 -23.69
N PRO O 107 -6.03 -48.66 -23.92
CA PRO O 107 -6.55 -49.84 -23.22
C PRO O 107 -6.31 -49.77 -21.72
N MET O 108 -7.24 -50.38 -20.98
CA MET O 108 -7.11 -50.51 -19.54
C MET O 108 -6.21 -51.69 -19.20
N PRO O 109 -5.66 -51.73 -17.98
CA PRO O 109 -4.82 -52.88 -17.60
C PRO O 109 -5.55 -54.21 -17.69
N TRP O 110 -6.85 -54.24 -17.41
CA TRP O 110 -7.60 -55.49 -17.47
C TRP O 110 -7.69 -56.06 -18.88
N GLU O 111 -7.47 -55.24 -19.91
CA GLU O 111 -7.62 -55.66 -21.29
C GLU O 111 -6.26 -55.90 -21.93
N GLN O 112 -6.16 -56.96 -22.72
CA GLN O 112 -4.92 -57.26 -23.44
C GLN O 112 -4.85 -56.49 -24.75
N ILE O 113 -5.82 -56.70 -25.62
CA ILE O 113 -5.93 -55.98 -26.88
C ILE O 113 -7.32 -55.33 -26.94
N ARG O 114 -7.35 -54.02 -27.21
CA ARG O 114 -8.58 -53.25 -27.21
C ARG O 114 -8.81 -52.71 -28.63
N ASP O 115 -9.51 -53.50 -29.44
CA ASP O 115 -9.89 -53.04 -30.77
C ASP O 115 -10.86 -51.87 -30.66
N VAL O 116 -10.64 -50.84 -31.48
CA VAL O 116 -11.46 -49.63 -31.42
C VAL O 116 -11.75 -49.14 -32.83
N PRO O 117 -12.88 -48.46 -33.00
CA PRO O 117 -13.19 -47.86 -34.30
C PRO O 117 -12.58 -46.47 -34.45
N VAL O 118 -12.02 -46.22 -35.62
CA VAL O 118 -11.34 -44.96 -35.90
C VAL O 118 -11.93 -44.35 -37.17
N LEU O 119 -11.53 -43.12 -37.44
CA LEU O 119 -11.97 -42.38 -38.62
C LEU O 119 -10.74 -42.10 -39.48
N TYR O 120 -10.47 -42.99 -40.44
CA TYR O 120 -9.31 -42.86 -41.30
C TYR O 120 -9.59 -41.84 -42.40
N HIS O 121 -8.85 -40.73 -42.37
CA HIS O 121 -9.03 -39.68 -43.36
C HIS O 121 -8.69 -40.19 -44.76
N ILE O 122 -9.40 -39.66 -45.75
CA ILE O 122 -9.14 -40.04 -47.14
C ILE O 122 -7.71 -39.71 -47.53
N THR O 123 -7.25 -38.50 -47.15
CA THR O 123 -5.85 -38.16 -47.37
C THR O 123 -4.92 -38.98 -46.49
N GLY O 124 -5.37 -39.33 -45.28
CA GLY O 124 -4.55 -40.09 -44.38
C GLY O 124 -3.70 -39.26 -43.45
N ALA O 125 -4.01 -37.97 -43.32
CA ALA O 125 -3.20 -37.10 -42.46
C ALA O 125 -3.46 -37.36 -40.98
N ILE O 126 -4.70 -37.62 -40.60
CA ILE O 126 -5.05 -37.82 -39.20
C ILE O 126 -6.18 -38.85 -39.12
N SER O 127 -6.03 -39.82 -38.23
CA SER O 127 -7.07 -40.80 -37.95
C SER O 127 -7.51 -40.63 -36.49
N PHE O 128 -8.80 -40.38 -36.30
CA PHE O 128 -9.36 -40.11 -34.98
C PHE O 128 -10.25 -41.28 -34.55
N VAL O 129 -10.11 -41.68 -33.29
CA VAL O 129 -10.89 -42.78 -32.74
C VAL O 129 -12.28 -42.27 -32.44
N ASN O 130 -13.26 -42.66 -33.27
CA ASN O 130 -14.63 -42.18 -33.11
C ASN O 130 -15.27 -42.64 -31.83
N GLU O 131 -14.80 -43.73 -31.23
CA GLU O 131 -15.42 -44.25 -30.03
C GLU O 131 -15.15 -43.35 -28.83
N ILE O 132 -15.95 -43.53 -27.79
CA ILE O 132 -15.80 -42.81 -26.54
C ILE O 132 -15.67 -43.84 -25.42
N PRO O 133 -14.88 -43.56 -24.37
CA PRO O 133 -14.66 -44.56 -23.30
C PRO O 133 -15.72 -44.51 -22.21
N TRP O 134 -16.92 -44.99 -22.54
CA TRP O 134 -18.02 -45.07 -21.59
C TRP O 134 -17.99 -46.43 -20.91
N VAL O 135 -17.84 -46.44 -19.59
CA VAL O 135 -17.70 -47.65 -18.80
C VAL O 135 -18.60 -47.56 -17.58
N ILE O 136 -19.23 -48.69 -17.22
CA ILE O 136 -20.05 -48.72 -16.02
C ILE O 136 -19.19 -48.44 -14.80
N GLU O 137 -19.66 -47.52 -13.95
CA GLU O 137 -18.86 -47.10 -12.80
C GLU O 137 -18.52 -48.24 -11.85
N PRO O 138 -19.46 -49.07 -11.38
CA PRO O 138 -19.05 -50.16 -10.48
C PRO O 138 -18.13 -51.17 -11.14
N VAL O 139 -18.31 -51.46 -12.43
CA VAL O 139 -17.43 -52.40 -13.11
C VAL O 139 -16.02 -51.84 -13.19
N TYR O 140 -15.89 -50.56 -13.53
CA TYR O 140 -14.58 -49.93 -13.59
C TYR O 140 -13.93 -49.89 -12.21
N ILE O 141 -14.72 -49.61 -11.17
CA ILE O 141 -14.18 -49.60 -9.81
C ILE O 141 -13.68 -50.99 -9.42
N SER O 142 -14.44 -52.03 -9.76
CA SER O 142 -14.00 -53.39 -9.46
C SER O 142 -12.73 -53.74 -10.22
N GLN O 143 -12.65 -53.34 -11.49
CA GLN O 143 -11.44 -53.58 -12.27
C GLN O 143 -10.24 -52.88 -11.64
N TRP O 144 -10.44 -51.63 -11.21
CA TRP O 144 -9.35 -50.89 -10.57
C TRP O 144 -8.92 -51.54 -9.27
N GLY O 145 -9.87 -52.02 -8.47
CA GLY O 145 -9.52 -52.68 -7.23
C GLY O 145 -8.78 -53.98 -7.46
N SER O 146 -9.23 -54.77 -8.43
CA SER O 146 -8.52 -56.01 -8.76
C SER O 146 -7.11 -55.71 -9.27
N MET O 147 -6.98 -54.66 -10.10
CA MET O 147 -5.66 -54.26 -10.58
C MET O 147 -4.76 -53.84 -9.44
N TRP O 148 -5.31 -53.10 -8.46
CA TRP O 148 -4.51 -52.69 -7.31
C TRP O 148 -4.05 -53.89 -6.50
N ILE O 149 -4.94 -54.85 -6.28
CA ILE O 149 -4.58 -56.04 -5.51
C ILE O 149 -3.50 -56.83 -6.24
N MET O 150 -3.67 -57.02 -7.56
CA MET O 150 -2.69 -57.75 -8.34
C MET O 150 -1.34 -57.04 -8.36
N MET O 151 -1.36 -55.70 -8.46
CA MET O 151 -0.12 -54.94 -8.45
C MET O 151 0.59 -55.05 -7.11
N ARG O 152 -0.16 -54.96 -6.01
CA ARG O 152 0.44 -55.13 -4.70
C ARG O 152 1.06 -56.51 -4.56
N ARG O 153 0.36 -57.55 -5.02
CA ARG O 153 0.89 -58.91 -4.94
C ARG O 153 2.17 -59.04 -5.76
N GLU O 154 2.16 -58.53 -7.00
CA GLU O 154 3.32 -58.65 -7.87
C GLU O 154 4.51 -57.88 -7.31
N LYS O 155 4.27 -56.69 -6.74
CA LYS O 155 5.35 -55.91 -6.16
C LYS O 155 5.94 -56.60 -4.93
N ARG O 156 5.08 -57.11 -4.05
CA ARG O 156 5.56 -57.80 -2.86
C ARG O 156 6.19 -59.15 -3.17
N ASP O 157 5.92 -59.71 -4.35
CA ASP O 157 6.48 -61.01 -4.73
C ASP O 157 7.68 -60.86 -5.66
N ARG O 158 7.52 -60.15 -6.77
CA ARG O 158 8.60 -59.95 -7.73
C ARG O 158 9.41 -58.71 -7.33
N ARG O 159 10.17 -58.86 -6.24
CA ARG O 159 10.98 -57.77 -5.74
C ARG O 159 12.08 -57.35 -6.71
N HIS O 160 12.45 -58.23 -7.65
CA HIS O 160 13.39 -57.89 -8.71
C HIS O 160 12.62 -57.29 -9.88
N PHE O 161 12.08 -56.10 -9.64
CA PHE O 161 11.25 -55.41 -10.61
C PHE O 161 12.10 -54.43 -11.41
N LYS O 162 12.11 -54.61 -12.74
CA LYS O 162 12.86 -53.76 -13.65
C LYS O 162 11.86 -52.99 -14.50
N ARG O 163 11.47 -51.82 -14.02
CA ARG O 163 10.57 -50.95 -14.79
C ARG O 163 11.28 -50.46 -16.04
N MET O 164 10.49 -50.23 -17.10
CA MET O 164 11.06 -49.70 -18.34
C MET O 164 11.84 -48.42 -18.07
N ARG O 165 11.21 -47.46 -17.41
CA ARG O 165 11.85 -46.27 -16.86
C ARG O 165 12.85 -45.63 -17.84
N PHE O 166 12.47 -45.63 -19.12
CA PHE O 166 13.34 -45.11 -20.17
C PHE O 166 12.50 -44.86 -21.41
N PRO O 167 12.91 -43.93 -22.26
CA PRO O 167 12.23 -43.74 -23.54
C PRO O 167 12.45 -44.94 -24.44
N PRO O 168 11.55 -45.18 -25.40
CA PRO O 168 11.71 -46.33 -26.29
C PRO O 168 12.96 -46.20 -27.14
N PHE O 169 13.40 -47.33 -27.69
CA PHE O 169 14.68 -47.40 -28.39
C PHE O 169 14.72 -46.55 -29.66
N ASP O 170 13.56 -46.10 -30.15
CA ASP O 170 13.51 -45.35 -31.41
C ASP O 170 13.89 -43.89 -31.16
N ASP O 171 15.18 -43.67 -30.93
CA ASP O 171 15.69 -42.30 -30.87
C ASP O 171 15.63 -41.65 -32.25
N GLU O 172 16.12 -42.36 -33.26
CA GLU O 172 15.96 -41.96 -34.65
C GLU O 172 15.51 -43.13 -35.53
N GLU O 173 15.22 -44.28 -34.94
CA GLU O 173 14.81 -45.44 -35.72
C GLU O 173 13.45 -45.19 -36.36
N PRO O 174 13.16 -45.82 -37.50
CA PRO O 174 11.86 -45.64 -38.12
C PRO O 174 10.77 -46.25 -37.25
N PRO O 175 9.55 -45.75 -37.34
CA PRO O 175 8.46 -46.32 -36.54
C PRO O 175 8.18 -47.75 -36.97
N LEU O 176 8.03 -48.63 -35.97
CA LEU O 176 7.78 -50.03 -36.24
C LEU O 176 6.42 -50.21 -36.90
N ASP O 177 6.38 -51.03 -37.94
CA ASP O 177 5.14 -51.28 -38.66
C ASP O 177 4.21 -52.13 -37.78
N TYR O 178 3.05 -51.58 -37.44
CA TYR O 178 2.11 -52.30 -36.59
C TYR O 178 1.66 -53.61 -37.20
N ALA O 179 1.61 -53.68 -38.54
CA ALA O 179 1.29 -54.95 -39.19
C ALA O 179 2.38 -55.99 -38.94
N ASP O 180 3.64 -55.57 -39.01
CA ASP O 180 4.74 -56.52 -38.92
C ASP O 180 5.06 -56.90 -37.48
N ASN O 181 5.43 -55.91 -36.66
CA ASN O 181 5.96 -56.17 -35.32
C ASN O 181 4.91 -56.04 -34.22
N ILE O 182 3.65 -55.74 -34.57
CA ILE O 182 2.61 -55.59 -33.56
C ILE O 182 1.37 -56.42 -33.85
N LEU O 183 1.11 -56.81 -35.10
CA LEU O 183 -0.08 -57.59 -35.43
C LEU O 183 0.18 -59.09 -35.46
N ASP O 184 1.37 -59.52 -35.09
CA ASP O 184 1.74 -60.94 -35.15
C ASP O 184 1.95 -61.54 -33.77
N VAL O 185 2.79 -60.93 -32.93
CA VAL O 185 3.12 -61.52 -31.64
C VAL O 185 1.89 -61.50 -30.74
N GLU O 186 1.58 -62.66 -30.16
CA GLU O 186 0.49 -62.73 -29.20
C GLU O 186 0.91 -62.04 -27.90
N PRO O 187 0.11 -61.11 -27.38
CA PRO O 187 0.51 -60.37 -26.18
C PRO O 187 0.49 -61.25 -24.95
N LEU O 188 1.27 -60.84 -23.96
CA LEU O 188 1.32 -61.55 -22.69
C LEU O 188 0.03 -61.32 -21.90
N GLU O 189 -0.20 -62.19 -20.92
CA GLU O 189 -1.40 -62.09 -20.10
C GLU O 189 -1.40 -60.80 -19.30
N ALA O 190 -2.55 -60.13 -19.27
CA ALA O 190 -2.67 -58.86 -18.58
C ALA O 190 -2.80 -59.09 -17.07
N ILE O 191 -3.07 -58.01 -16.34
CA ILE O 191 -3.22 -58.10 -14.88
C ILE O 191 -4.66 -58.45 -14.55
N GLN O 192 -4.98 -59.74 -14.59
CA GLN O 192 -6.33 -60.22 -14.29
C GLN O 192 -6.27 -61.02 -13.00
N LEU O 193 -6.82 -60.46 -11.92
CA LEU O 193 -6.83 -61.15 -10.64
C LEU O 193 -7.65 -62.43 -10.73
N GLU O 194 -7.22 -63.45 -10.00
CA GLU O 194 -7.92 -64.72 -10.02
C GLU O 194 -9.33 -64.57 -9.45
N LEU O 195 -10.26 -65.31 -10.05
CA LEU O 195 -11.68 -65.23 -9.69
C LEU O 195 -12.12 -66.57 -9.15
N ASP O 196 -12.42 -66.63 -7.86
CA ASP O 196 -12.90 -67.87 -7.25
C ASP O 196 -14.40 -67.99 -7.45
N PRO O 197 -14.88 -69.05 -8.10
CA PRO O 197 -16.32 -69.18 -8.36
C PRO O 197 -17.17 -69.34 -7.10
N GLU O 198 -16.56 -69.37 -5.91
CA GLU O 198 -17.35 -69.44 -4.69
C GLU O 198 -18.03 -68.11 -4.40
N GLU O 199 -17.33 -67.00 -4.64
CA GLU O 199 -17.88 -65.66 -4.41
C GLU O 199 -17.89 -64.78 -5.65
N ASP O 200 -17.19 -65.16 -6.71
CA ASP O 200 -17.16 -64.39 -7.95
C ASP O 200 -18.02 -65.00 -9.05
N ALA O 201 -18.88 -65.95 -8.69
CA ALA O 201 -19.74 -66.58 -9.70
C ALA O 201 -20.69 -65.61 -10.38
N PRO O 202 -21.42 -64.72 -9.68
CA PRO O 202 -22.33 -63.82 -10.39
C PRO O 202 -21.64 -62.84 -11.33
N VAL O 203 -20.35 -62.61 -11.16
CA VAL O 203 -19.62 -61.64 -11.98
C VAL O 203 -18.39 -62.29 -12.60
N LEU O 204 -18.43 -63.62 -12.77
CA LEU O 204 -17.29 -64.33 -13.32
C LEU O 204 -16.98 -63.88 -14.75
N ASP O 205 -18.00 -63.90 -15.62
CA ASP O 205 -17.76 -63.52 -17.01
C ASP O 205 -17.86 -62.00 -17.19
N TRP O 206 -18.64 -61.33 -16.36
CA TRP O 206 -18.86 -59.90 -16.52
C TRP O 206 -17.72 -59.07 -15.96
N PHE O 207 -16.73 -59.69 -15.32
CA PHE O 207 -15.68 -58.92 -14.65
C PHE O 207 -14.68 -58.34 -15.65
N TYR O 208 -14.39 -59.08 -16.72
CA TYR O 208 -13.34 -58.69 -17.66
C TYR O 208 -13.92 -58.66 -19.07
N ASP O 209 -13.81 -57.49 -19.71
CA ASP O 209 -14.20 -57.29 -21.11
C ASP O 209 -13.87 -55.86 -21.54
N HIS O 210 -13.75 -55.64 -22.85
CA HIS O 210 -13.62 -54.27 -23.34
C HIS O 210 -14.87 -53.47 -23.02
N GLN O 211 -16.04 -54.08 -23.21
CA GLN O 211 -17.31 -53.52 -22.76
C GLN O 211 -18.07 -54.67 -22.09
N PRO O 212 -18.20 -54.66 -20.76
CA PRO O 212 -18.73 -55.85 -20.07
C PRO O 212 -20.12 -56.27 -20.52
N LEU O 213 -21.03 -55.32 -20.69
CA LEU O 213 -22.43 -55.61 -21.01
C LEU O 213 -22.83 -54.99 -22.34
N ARG O 214 -21.95 -55.11 -23.35
CA ARG O 214 -22.26 -54.54 -24.66
C ARG O 214 -23.37 -55.30 -25.38
N ASP O 215 -23.78 -56.46 -24.88
CA ASP O 215 -24.82 -57.26 -25.51
C ASP O 215 -25.92 -57.71 -24.57
N SER O 216 -25.71 -57.68 -23.26
CA SER O 216 -26.72 -58.14 -22.29
C SER O 216 -27.84 -57.11 -22.22
N ARG O 217 -28.93 -57.37 -22.95
CA ARG O 217 -30.06 -56.44 -22.96
C ARG O 217 -30.71 -56.33 -21.59
N LYS O 218 -30.76 -57.44 -20.86
CA LYS O 218 -31.40 -57.43 -19.54
C LYS O 218 -30.62 -56.54 -18.56
N TYR O 219 -29.30 -56.54 -18.66
CA TYR O 219 -28.49 -55.82 -17.68
C TYR O 219 -28.21 -54.39 -18.13
N VAL O 220 -27.91 -54.19 -19.41
CA VAL O 220 -27.48 -52.89 -19.92
C VAL O 220 -28.48 -52.39 -20.95
N ASN O 221 -28.39 -51.09 -21.24
CA ASN O 221 -29.27 -50.47 -22.22
C ASN O 221 -29.05 -51.07 -23.61
N GLY O 222 -27.80 -51.28 -23.98
CA GLY O 222 -27.49 -51.81 -25.30
C GLY O 222 -26.12 -51.32 -25.76
N SER O 223 -25.98 -51.23 -27.09
CA SER O 223 -24.69 -50.87 -27.67
C SER O 223 -24.25 -49.47 -27.24
N THR O 224 -25.20 -48.53 -27.15
CA THR O 224 -24.84 -47.17 -26.75
C THR O 224 -24.25 -47.12 -25.35
N TYR O 225 -24.52 -48.13 -24.53
CA TYR O 225 -24.02 -48.21 -23.16
C TYR O 225 -24.41 -46.96 -22.36
N GLN O 226 -25.72 -46.78 -22.19
CA GLN O 226 -26.26 -45.63 -21.49
C GLN O 226 -26.84 -45.96 -20.12
N ARG O 227 -27.27 -47.20 -19.89
CA ARG O 227 -27.85 -47.62 -18.62
C ARG O 227 -27.14 -48.87 -18.13
N TRP O 228 -26.81 -48.89 -16.83
CA TRP O 228 -26.13 -50.03 -16.20
C TRP O 228 -26.91 -50.39 -14.94
N GLN O 229 -27.91 -51.26 -15.10
CA GLN O 229 -28.74 -51.72 -14.00
C GLN O 229 -28.50 -53.21 -13.80
N PHE O 230 -27.82 -53.56 -12.72
CA PHE O 230 -27.50 -54.94 -12.40
C PHE O 230 -28.29 -55.40 -11.18
N THR O 231 -28.32 -56.71 -11.00
CA THR O 231 -29.03 -57.29 -9.86
C THR O 231 -28.26 -57.05 -8.56
N LEU O 232 -28.96 -57.24 -7.44
CA LEU O 232 -28.34 -57.04 -6.14
C LEU O 232 -27.15 -57.96 -5.89
N PRO O 233 -27.21 -59.27 -6.17
CA PRO O 233 -26.00 -60.10 -5.97
C PRO O 233 -24.83 -59.67 -6.83
N MET O 234 -25.09 -59.22 -8.06
CA MET O 234 -24.00 -58.75 -8.92
C MET O 234 -23.31 -57.54 -8.31
N MET O 235 -24.10 -56.58 -7.79
CA MET O 235 -23.50 -55.42 -7.16
C MET O 235 -22.79 -55.79 -5.87
N SER O 236 -23.30 -56.77 -5.13
CA SER O 236 -22.62 -57.22 -3.92
C SER O 236 -21.26 -57.83 -4.26
N THR O 237 -21.22 -58.66 -5.31
CA THR O 237 -19.95 -59.23 -5.74
C THR O 237 -18.99 -58.17 -6.22
N LEU O 238 -19.50 -57.16 -6.93
CA LEU O 238 -18.66 -56.05 -7.39
C LEU O 238 -18.08 -55.29 -6.21
N TYR O 239 -18.89 -55.02 -5.19
CA TYR O 239 -18.40 -54.32 -4.01
C TYR O 239 -17.39 -55.15 -3.24
N ARG O 240 -17.61 -56.47 -3.17
CA ARG O 240 -16.66 -57.34 -2.50
C ARG O 240 -15.33 -57.36 -3.25
N LEU O 241 -15.36 -57.42 -4.57
CA LEU O 241 -14.15 -57.42 -5.37
C LEU O 241 -13.47 -56.06 -5.40
N ALA O 242 -14.11 -55.01 -4.89
CA ALA O 242 -13.56 -53.66 -4.94
C ALA O 242 -13.55 -52.98 -3.58
N ASN O 243 -13.79 -53.72 -2.49
CA ASN O 243 -13.80 -53.12 -1.16
C ASN O 243 -12.43 -52.63 -0.72
N GLN O 244 -11.36 -53.04 -1.40
CA GLN O 244 -10.03 -52.59 -1.04
C GLN O 244 -9.84 -51.11 -1.35
N LEU O 245 -10.38 -50.65 -2.48
CA LEU O 245 -10.26 -49.26 -2.87
C LEU O 245 -11.36 -48.39 -2.29
N LEU O 246 -12.34 -48.96 -1.62
CA LEU O 246 -13.43 -48.19 -1.02
C LEU O 246 -13.09 -47.86 0.43
N THR O 247 -13.49 -46.66 0.86
CA THR O 247 -13.11 -46.16 2.18
C THR O 247 -13.84 -46.84 3.32
N ASP O 248 -14.90 -47.61 3.03
CA ASP O 248 -15.64 -48.37 4.04
C ASP O 248 -16.16 -47.46 5.15
N LEU O 249 -16.79 -46.36 4.76
CA LEU O 249 -17.41 -45.45 5.70
C LEU O 249 -18.91 -45.71 5.78
N VAL O 250 -19.54 -45.17 6.83
CA VAL O 250 -20.96 -45.36 7.05
C VAL O 250 -21.67 -44.00 7.10
N ASP O 251 -21.26 -43.15 8.03
CA ASP O 251 -21.84 -41.84 8.21
C ASP O 251 -20.86 -40.77 7.74
N ASP O 252 -21.36 -39.81 6.96
CA ASP O 252 -20.52 -38.74 6.44
C ASP O 252 -20.07 -37.79 7.55
N ASN O 253 -20.57 -38.01 8.78
CA ASN O 253 -20.16 -37.18 9.90
C ASN O 253 -18.68 -37.35 10.23
N TYR O 254 -18.04 -38.43 9.76
CA TYR O 254 -16.62 -38.62 9.98
C TYR O 254 -15.75 -37.60 9.26
N PHE O 255 -16.32 -36.84 8.33
CA PHE O 255 -15.62 -35.79 7.62
C PHE O 255 -16.08 -34.41 8.09
N TYR O 256 -16.37 -34.29 9.39
CA TYR O 256 -16.82 -33.03 9.96
C TYR O 256 -15.74 -31.98 9.85
N LEU O 257 -16.13 -30.77 9.44
CA LEU O 257 -15.19 -29.66 9.21
C LEU O 257 -14.10 -30.03 8.22
N PHE O 258 -14.41 -30.97 7.30
CA PHE O 258 -13.47 -31.36 6.27
C PHE O 258 -14.16 -31.59 4.93
N ASP O 259 -15.35 -31.02 4.73
CA ASP O 259 -16.12 -31.21 3.51
C ASP O 259 -15.87 -30.05 2.55
N LEU O 260 -16.53 -30.09 1.39
CA LEU O 260 -16.39 -29.03 0.41
C LEU O 260 -16.87 -27.70 0.97
N LYS O 261 -17.99 -27.70 1.69
CA LYS O 261 -18.50 -26.48 2.29
C LYS O 261 -17.53 -25.94 3.33
N ALA O 262 -16.95 -26.83 4.14
CA ALA O 262 -15.98 -26.39 5.15
C ALA O 262 -14.75 -25.78 4.50
N PHE O 263 -14.25 -26.40 3.43
CA PHE O 263 -13.09 -25.85 2.73
C PHE O 263 -13.42 -24.50 2.09
N PHE O 264 -14.61 -24.37 1.51
CA PHE O 264 -15.02 -23.09 0.93
C PHE O 264 -15.12 -22.02 2.00
N THR O 265 -15.69 -22.34 3.16
CA THR O 265 -15.78 -21.38 4.24
C THR O 265 -14.40 -21.00 4.78
N SER O 266 -13.48 -21.96 4.83
CA SER O 266 -12.12 -21.65 5.28
C SER O 266 -11.41 -20.74 4.30
N LYS O 267 -11.53 -21.03 3.01
CA LYS O 267 -10.89 -20.18 2.00
C LYS O 267 -11.49 -18.78 1.99
N ALA O 268 -12.82 -18.69 2.13
CA ALA O 268 -13.48 -17.39 2.08
C ALA O 268 -13.17 -16.54 3.31
N LEU O 269 -12.84 -17.18 4.43
CA LEU O 269 -12.58 -16.47 5.67
C LEU O 269 -11.10 -16.20 5.89
N ASN O 270 -10.25 -16.50 4.90
CA ASN O 270 -8.80 -16.30 5.00
C ASN O 270 -8.23 -17.08 6.20
N MET O 271 -8.82 -18.23 6.48
CA MET O 271 -8.36 -19.11 7.55
C MET O 271 -7.76 -20.36 6.93
N ALA O 272 -7.35 -21.30 7.78
CA ALA O 272 -6.72 -22.53 7.33
C ALA O 272 -7.14 -23.67 8.24
N ILE O 273 -7.90 -24.62 7.70
CA ILE O 273 -8.20 -25.87 8.39
C ILE O 273 -6.91 -26.68 8.42
N PRO O 274 -6.44 -27.13 9.58
CA PRO O 274 -5.14 -27.81 9.62
C PRO O 274 -5.03 -28.99 8.68
N GLY O 275 -6.08 -29.79 8.55
CA GLY O 275 -6.07 -30.88 7.60
C GLY O 275 -6.39 -30.50 6.18
N GLY O 276 -6.66 -29.22 5.92
CA GLY O 276 -7.07 -28.79 4.61
C GLY O 276 -6.13 -27.76 4.00
N PRO O 277 -6.45 -27.30 2.81
CA PRO O 277 -5.56 -26.39 2.09
C PRO O 277 -5.75 -24.94 2.54
N LYS O 278 -4.98 -24.06 1.92
CA LYS O 278 -5.06 -22.63 2.18
C LYS O 278 -4.75 -21.89 0.88
N PHE O 279 -5.49 -20.81 0.64
CA PHE O 279 -5.34 -20.02 -0.57
C PHE O 279 -5.19 -18.55 -0.21
N GLU O 280 -4.94 -17.73 -1.23
CA GLU O 280 -4.83 -16.30 -1.01
C GLU O 280 -6.18 -15.75 -0.52
N PRO O 281 -6.15 -14.74 0.34
CA PRO O 281 -7.42 -14.19 0.87
C PRO O 281 -8.29 -13.63 -0.25
N LEU O 282 -9.60 -13.88 -0.14
CA LEU O 282 -10.53 -13.34 -1.12
C LEU O 282 -10.65 -11.84 -1.01
N VAL O 283 -10.59 -11.30 0.21
CA VAL O 283 -10.65 -9.87 0.46
C VAL O 283 -9.46 -9.49 1.34
N ARG O 284 -8.76 -8.42 0.95
CA ARG O 284 -7.59 -7.99 1.70
C ARG O 284 -7.97 -7.63 3.13
N ASP O 285 -7.20 -8.15 4.08
CA ASP O 285 -7.47 -7.94 5.50
C ASP O 285 -6.47 -6.95 6.07
N ILE O 286 -6.99 -5.93 6.77
CA ILE O 286 -6.11 -4.95 7.39
C ILE O 286 -5.31 -5.58 8.52
N ASN O 287 -4.24 -4.90 8.90
CA ASN O 287 -3.38 -5.39 9.97
C ASN O 287 -4.07 -5.29 11.32
N LEU O 288 -3.47 -5.94 12.32
CA LEU O 288 -4.01 -5.87 13.68
C LEU O 288 -3.96 -4.45 14.21
N GLN O 289 -2.89 -3.72 13.90
CA GLN O 289 -2.74 -2.36 14.41
C GLN O 289 -3.68 -1.37 13.73
N ASP O 290 -4.40 -1.80 12.68
CA ASP O 290 -5.32 -0.89 11.99
C ASP O 290 -6.41 -0.38 12.93
N GLU O 291 -6.76 -1.18 13.94
CA GLU O 291 -7.66 -0.74 14.99
C GLU O 291 -6.87 -0.47 16.27
N ASP O 292 -7.34 0.50 17.06
CA ASP O 292 -6.60 0.98 18.23
C ASP O 292 -7.49 0.88 19.47
N TRP O 293 -7.52 -0.31 20.07
CA TRP O 293 -8.10 -0.54 21.38
C TRP O 293 -9.52 0.01 21.49
N ASN O 294 -10.33 -0.33 20.49
CA ASN O 294 -11.73 0.09 20.49
C ASN O 294 -12.46 -0.43 21.72
N GLU O 295 -13.55 0.27 22.08
CA GLU O 295 -14.29 -0.10 23.28
C GLU O 295 -14.78 -1.54 23.21
N PHE O 296 -15.14 -2.00 22.01
CA PHE O 296 -15.54 -3.39 21.81
C PHE O 296 -14.38 -4.26 21.34
N ASN O 297 -13.16 -3.72 21.30
CA ASN O 297 -11.98 -4.47 20.89
C ASN O 297 -10.86 -4.41 21.92
N ASP O 298 -11.16 -4.05 23.16
CA ASP O 298 -10.15 -3.94 24.20
C ASP O 298 -9.76 -5.33 24.68
N ILE O 299 -8.47 -5.66 24.56
CA ILE O 299 -7.98 -6.95 25.04
C ILE O 299 -8.12 -7.07 26.55
N ASN O 300 -8.08 -5.94 27.26
CA ASN O 300 -8.14 -5.93 28.72
C ASN O 300 -9.53 -6.23 29.26
N LYS O 301 -10.49 -6.59 28.41
CA LYS O 301 -11.83 -6.93 28.86
C LYS O 301 -12.25 -8.34 28.49
N ILE O 302 -11.65 -8.95 27.48
CA ILE O 302 -12.05 -10.28 27.02
C ILE O 302 -11.48 -11.32 27.99
N ILE O 303 -12.36 -12.15 28.55
CA ILE O 303 -11.94 -13.25 29.39
C ILE O 303 -11.50 -14.40 28.49
N ILE O 304 -10.29 -14.92 28.73
CA ILE O 304 -9.70 -15.95 27.90
C ILE O 304 -9.69 -17.26 28.70
N ARG O 305 -10.31 -18.28 28.14
CA ARG O 305 -10.29 -19.63 28.70
C ARG O 305 -9.57 -20.62 27.79
N GLN O 306 -9.96 -20.68 26.52
CA GLN O 306 -9.29 -21.49 25.52
C GLN O 306 -9.16 -20.67 24.25
N PRO O 307 -8.07 -20.81 23.51
CA PRO O 307 -7.91 -20.05 22.26
C PRO O 307 -8.80 -20.61 21.16
N ILE O 308 -9.60 -19.74 20.56
CA ILE O 308 -10.50 -20.15 19.48
C ILE O 308 -9.68 -20.44 18.23
N ARG O 309 -9.50 -21.73 17.93
CA ARG O 309 -8.71 -22.12 16.77
C ARG O 309 -9.49 -21.86 15.48
N THR O 310 -8.79 -22.02 14.35
CA THR O 310 -9.44 -21.83 13.05
C THR O 310 -10.55 -22.83 12.81
N GLU O 311 -10.48 -24.01 13.43
CA GLU O 311 -11.57 -24.97 13.29
C GLU O 311 -12.83 -24.48 13.99
N TYR O 312 -12.69 -23.98 15.21
CA TYR O 312 -13.84 -23.46 15.95
C TYR O 312 -14.45 -22.23 15.29
N LYS O 313 -13.73 -21.57 14.39
CA LYS O 313 -14.28 -20.45 13.64
C LYS O 313 -14.91 -20.90 12.33
N ILE O 314 -14.26 -21.83 11.62
CA ILE O 314 -14.83 -22.36 10.39
C ILE O 314 -16.06 -23.22 10.67
N ALA O 315 -16.26 -23.67 11.91
CA ALA O 315 -17.42 -24.48 12.22
C ALA O 315 -18.66 -23.62 12.48
N PHE O 316 -18.49 -22.54 13.25
CA PHE O 316 -19.56 -21.57 13.52
C PHE O 316 -19.12 -20.22 12.97
N PRO O 317 -19.17 -20.03 11.65
CA PRO O 317 -18.62 -18.80 11.06
C PRO O 317 -19.32 -17.54 11.53
N TYR O 318 -20.62 -17.60 11.80
CA TYR O 318 -21.38 -16.40 12.14
C TYR O 318 -21.17 -15.94 13.57
N LEU O 319 -20.66 -16.80 14.45
CA LEU O 319 -20.49 -16.43 15.85
C LEU O 319 -19.04 -16.19 16.25
N TYR O 320 -18.07 -16.73 15.51
CA TYR O 320 -16.67 -16.63 15.89
C TYR O 320 -15.83 -16.00 14.77
N ASN O 321 -16.42 -15.10 13.99
CA ASN O 321 -15.68 -14.43 12.92
C ASN O 321 -16.39 -13.13 12.59
N ASN O 322 -15.74 -12.01 12.90
CA ASN O 322 -16.28 -10.70 12.53
C ASN O 322 -16.23 -10.52 11.01
N LEU O 323 -17.31 -10.00 10.45
CA LEU O 323 -17.46 -9.81 9.01
C LEU O 323 -17.23 -11.11 8.25
N PRO O 324 -18.12 -12.10 8.40
CA PRO O 324 -17.95 -13.38 7.69
C PRO O 324 -18.59 -13.36 6.30
N HIS O 325 -18.19 -12.38 5.50
CA HIS O 325 -18.79 -12.21 4.18
C HIS O 325 -18.58 -13.43 3.30
N HIS O 326 -19.69 -13.93 2.73
CA HIS O 326 -19.67 -15.09 1.84
C HIS O 326 -19.07 -16.32 2.52
N VAL O 327 -19.61 -16.68 3.68
CA VAL O 327 -19.14 -17.82 4.45
C VAL O 327 -20.22 -18.88 4.41
N HIS O 328 -20.01 -19.92 3.62
CA HIS O 328 -20.98 -20.99 3.51
C HIS O 328 -20.99 -21.83 4.79
N LEU O 329 -22.18 -22.03 5.35
CA LEU O 329 -22.33 -22.81 6.57
C LEU O 329 -22.17 -24.30 6.24
N THR O 330 -21.97 -25.09 7.29
CA THR O 330 -21.78 -26.53 7.16
C THR O 330 -22.90 -27.27 7.89
N TRP O 331 -23.24 -28.44 7.38
CA TRP O 331 -24.35 -29.21 7.91
C TRP O 331 -24.04 -29.74 9.30
N TYR O 332 -25.03 -29.69 10.18
CA TYR O 332 -24.87 -30.23 11.52
C TYR O 332 -24.73 -31.76 11.44
N HIS O 333 -24.33 -32.35 12.57
CA HIS O 333 -24.03 -33.77 12.61
C HIS O 333 -25.26 -34.60 12.27
N THR O 334 -25.18 -35.32 11.15
CA THR O 334 -26.20 -36.30 10.81
C THR O 334 -26.14 -37.44 11.83
N PRO O 335 -27.27 -38.10 12.09
CA PRO O 335 -27.27 -39.18 13.08
C PRO O 335 -26.28 -40.28 12.69
N ASN O 336 -25.61 -40.82 13.69
CA ASN O 336 -24.57 -41.82 13.45
C ASN O 336 -25.16 -43.06 12.81
N VAL O 337 -24.52 -43.53 11.75
CA VAL O 337 -24.98 -44.73 11.05
C VAL O 337 -24.51 -45.94 11.82
N VAL O 338 -25.34 -46.44 12.74
CA VAL O 338 -24.99 -47.59 13.57
C VAL O 338 -25.40 -48.82 12.77
N PHE O 339 -24.50 -49.24 11.87
CA PHE O 339 -24.72 -50.39 11.02
C PHE O 339 -23.64 -51.43 11.33
N ILE O 340 -24.04 -52.54 11.95
CA ILE O 340 -23.10 -53.59 12.30
C ILE O 340 -22.75 -54.36 11.03
N LYS O 341 -21.59 -54.05 10.47
CA LYS O 341 -21.17 -54.70 9.23
C LYS O 341 -20.91 -56.19 9.47
N THR O 342 -21.27 -57.00 8.49
CA THR O 342 -21.07 -58.44 8.60
C THR O 342 -19.60 -58.79 8.60
N GLU O 343 -19.26 -59.91 9.25
CA GLU O 343 -17.89 -60.39 9.29
C GLU O 343 -17.76 -61.86 8.96
N ASP O 344 -18.84 -62.62 9.04
CA ASP O 344 -18.80 -64.05 8.74
C ASP O 344 -20.10 -64.47 8.03
N PRO O 345 -20.01 -65.02 6.82
CA PRO O 345 -21.23 -65.41 6.12
C PRO O 345 -22.03 -66.49 6.82
N ASP O 346 -21.38 -67.28 7.69
CA ASP O 346 -22.08 -68.38 8.36
C ASP O 346 -23.20 -67.87 9.26
N LEU O 347 -22.96 -66.76 9.95
CA LEU O 347 -23.94 -66.23 10.89
C LEU O 347 -25.21 -65.81 10.13
N PRO O 348 -26.37 -65.91 10.78
CA PRO O 348 -27.62 -65.53 10.12
C PRO O 348 -27.65 -64.03 9.81
N ALA O 349 -28.66 -63.65 9.03
CA ALA O 349 -28.76 -62.26 8.57
C ALA O 349 -29.08 -61.31 9.72
N PHE O 350 -30.22 -61.52 10.37
CA PHE O 350 -30.67 -60.64 11.45
C PHE O 350 -30.36 -61.33 12.79
N TYR O 351 -29.11 -61.21 13.20
CA TYR O 351 -28.62 -61.80 14.44
C TYR O 351 -28.03 -60.72 15.34
N PHE O 352 -28.22 -60.87 16.64
CA PHE O 352 -27.69 -59.91 17.60
C PHE O 352 -26.17 -60.09 17.72
N ASP O 353 -25.42 -59.28 16.99
CA ASP O 353 -23.97 -59.38 17.00
C ASP O 353 -23.41 -58.95 18.37
N PRO O 354 -22.28 -59.52 18.78
CA PRO O 354 -21.68 -59.11 20.07
C PRO O 354 -21.31 -57.65 20.14
N LEU O 355 -21.08 -56.98 19.00
CA LEU O 355 -20.74 -55.57 19.02
C LEU O 355 -21.88 -54.73 19.58
N ILE O 356 -23.12 -55.08 19.24
CA ILE O 356 -24.28 -54.36 19.77
C ILE O 356 -24.39 -54.60 21.26
N ASN O 357 -24.59 -53.52 22.02
CA ASN O 357 -24.71 -53.64 23.46
C ASN O 357 -25.92 -54.47 23.82
N PRO O 358 -25.81 -55.36 24.82
CA PRO O 358 -26.95 -56.22 25.17
C PRO O 358 -28.11 -55.41 25.71
N ILE O 359 -29.32 -55.89 25.43
CA ILE O 359 -30.56 -55.27 25.89
C ILE O 359 -31.01 -55.96 27.16
N SER O 360 -31.22 -55.20 28.23
CA SER O 360 -31.60 -55.75 29.51
C SER O 360 -33.08 -56.08 29.50
N HIS O 361 -33.41 -57.37 29.55
CA HIS O 361 -34.80 -57.84 29.60
C HIS O 361 -35.31 -57.64 31.02
N ARG O 362 -35.74 -56.42 31.30
CA ARG O 362 -36.23 -56.03 32.63
C ARG O 362 -35.19 -56.31 33.72
N GLU O 369 -47.09 -53.66 31.26
CA GLU O 369 -47.82 -54.49 30.31
C GLU O 369 -49.07 -55.08 30.94
N PRO O 370 -50.15 -54.29 31.00
CA PRO O 370 -51.41 -54.77 31.57
C PRO O 370 -52.20 -55.64 30.59
N LEU O 371 -51.61 -56.75 30.20
CA LEU O 371 -52.20 -57.60 29.17
C LEU O 371 -53.55 -58.15 29.63
N PRO O 372 -54.59 -58.04 28.81
CA PRO O 372 -55.89 -58.63 29.19
C PRO O 372 -55.80 -60.14 29.29
N ASP O 373 -56.60 -60.70 30.19
CA ASP O 373 -56.60 -62.13 30.42
C ASP O 373 -57.20 -62.87 29.24
N ASP O 374 -56.90 -64.17 29.16
CA ASP O 374 -57.41 -65.02 28.10
C ASP O 374 -58.81 -65.55 28.39
N ASP O 375 -59.42 -65.15 29.50
CA ASP O 375 -60.77 -65.61 29.85
C ASP O 375 -61.83 -65.09 28.88
N GLU O 376 -61.50 -64.10 28.04
CA GLU O 376 -62.44 -63.57 27.08
C GLU O 376 -62.52 -64.50 25.87
N GLU O 377 -63.18 -64.05 24.81
CA GLU O 377 -63.40 -64.85 23.60
C GLU O 377 -62.67 -64.25 22.40
N PHE O 378 -61.45 -63.77 22.62
CA PHE O 378 -60.63 -63.20 21.55
C PHE O 378 -60.07 -64.35 20.72
N GLU O 379 -60.91 -64.88 19.84
CA GLU O 379 -60.56 -66.00 18.97
C GLU O 379 -60.45 -65.52 17.53
N LEU O 380 -59.36 -65.91 16.87
CA LEU O 380 -59.11 -65.50 15.48
C LEU O 380 -59.59 -66.58 14.51
N PRO O 381 -60.03 -66.18 13.33
CA PRO O 381 -60.45 -67.18 12.32
C PRO O 381 -59.30 -68.09 11.94
N GLU O 382 -59.66 -69.32 11.54
CA GLU O 382 -58.65 -70.30 11.17
C GLU O 382 -57.83 -69.88 9.96
N PHE O 383 -58.33 -68.95 9.16
CA PHE O 383 -57.59 -68.45 8.01
C PHE O 383 -56.69 -67.27 8.34
N VAL O 384 -56.70 -66.78 9.57
CA VAL O 384 -55.85 -65.67 9.98
C VAL O 384 -54.43 -66.18 10.20
N GLU O 385 -53.48 -65.61 9.47
CA GLU O 385 -52.08 -66.00 9.57
C GLU O 385 -51.24 -64.77 9.30
N PRO O 386 -49.97 -64.77 9.73
CA PRO O 386 -49.08 -63.66 9.36
C PRO O 386 -48.91 -63.58 7.86
N PHE O 387 -48.70 -62.36 7.35
CA PHE O 387 -48.66 -62.15 5.91
C PHE O 387 -47.52 -62.92 5.27
N LEU O 388 -46.36 -62.96 5.91
CA LEU O 388 -45.20 -63.62 5.31
C LEU O 388 -44.80 -64.86 6.10
N LYS O 389 -45.80 -65.67 6.49
CA LYS O 389 -45.51 -66.91 7.20
C LYS O 389 -44.63 -67.83 6.37
N ASP O 390 -44.89 -67.92 5.07
CA ASP O 390 -44.06 -68.75 4.21
C ASP O 390 -42.70 -68.11 3.93
N THR O 391 -42.66 -66.78 3.84
CA THR O 391 -41.40 -66.10 3.57
C THR O 391 -40.50 -66.13 4.80
N PRO O 392 -39.25 -66.58 4.68
CA PRO O 392 -38.36 -66.63 5.84
C PRO O 392 -37.93 -65.24 6.27
N LEU O 393 -37.46 -65.16 7.52
CA LEU O 393 -36.94 -63.92 8.07
C LEU O 393 -35.49 -63.65 7.68
N TYR O 394 -34.87 -64.56 6.93
CA TYR O 394 -33.51 -64.39 6.47
C TYR O 394 -33.35 -65.07 5.12
N THR O 395 -32.29 -64.68 4.40
CA THR O 395 -32.04 -65.21 3.07
C THR O 395 -30.55 -65.14 2.79
N ASP O 396 -30.13 -65.84 1.74
CA ASP O 396 -28.72 -65.84 1.37
C ASP O 396 -28.26 -64.44 0.96
N ASN O 397 -29.08 -63.73 0.20
CA ASN O 397 -28.76 -62.37 -0.25
C ASN O 397 -29.30 -61.30 0.68
N THR O 398 -30.01 -61.69 1.75
CA THR O 398 -30.61 -60.70 2.64
C THR O 398 -29.54 -59.88 3.37
N ALA O 399 -28.58 -60.56 3.99
CA ALA O 399 -27.52 -59.85 4.70
C ALA O 399 -26.66 -59.04 3.74
N ASN O 400 -26.30 -59.63 2.60
CA ASN O 400 -25.53 -58.90 1.61
C ASN O 400 -26.30 -57.70 1.09
N GLY O 401 -27.60 -57.87 0.82
CA GLY O 401 -28.40 -56.75 0.38
C GLY O 401 -28.47 -55.64 1.41
N ILE O 402 -28.63 -56.00 2.68
CA ILE O 402 -28.64 -54.99 3.74
C ILE O 402 -27.27 -54.34 3.89
N ALA O 403 -26.21 -55.01 3.44
CA ALA O 403 -24.88 -54.40 3.49
C ALA O 403 -24.75 -53.27 2.48
N LEU O 404 -25.28 -53.46 1.27
CA LEU O 404 -25.14 -52.46 0.21
C LEU O 404 -25.86 -51.15 0.52
N LEU O 405 -26.76 -51.14 1.51
CA LEU O 405 -27.41 -49.88 1.88
C LEU O 405 -26.38 -48.83 2.29
N TRP O 406 -25.42 -49.22 3.11
CA TRP O 406 -24.32 -48.34 3.52
C TRP O 406 -23.10 -48.73 2.71
N ALA O 407 -22.77 -47.92 1.72
CA ALA O 407 -21.69 -48.21 0.78
C ALA O 407 -21.34 -46.94 0.03
N PRO O 408 -20.19 -46.90 -0.65
CA PRO O 408 -19.91 -45.79 -1.55
C PRO O 408 -20.97 -45.68 -2.64
N ARG O 409 -21.15 -44.47 -3.15
CA ARG O 409 -22.27 -44.17 -4.03
C ARG O 409 -22.45 -45.14 -5.20
N PRO O 410 -21.42 -45.49 -5.97
CA PRO O 410 -21.66 -46.46 -7.06
C PRO O 410 -22.16 -47.80 -6.56
N PHE O 411 -21.73 -48.24 -5.38
CA PHE O 411 -22.26 -49.47 -4.81
C PHE O 411 -23.65 -49.27 -4.21
N ASN O 412 -23.93 -48.07 -3.69
CA ASN O 412 -25.23 -47.82 -3.06
C ASN O 412 -26.36 -47.96 -4.07
N LEU O 413 -26.19 -47.43 -5.27
CA LEU O 413 -27.23 -47.51 -6.29
C LEU O 413 -27.22 -48.88 -6.96
N ARG O 414 -28.34 -49.18 -7.62
CA ARG O 414 -28.48 -50.42 -8.38
C ARG O 414 -28.75 -50.19 -9.86
N SER O 415 -28.94 -48.94 -10.29
CA SER O 415 -29.12 -48.61 -11.69
C SER O 415 -28.44 -47.27 -11.95
N GLY O 416 -27.49 -47.26 -12.88
CA GLY O 416 -26.73 -46.07 -13.18
C GLY O 416 -26.48 -45.92 -14.67
N ARG O 417 -25.90 -44.79 -15.03
CA ARG O 417 -25.52 -44.48 -16.40
C ARG O 417 -24.01 -44.66 -16.56
N THR O 418 -23.61 -45.26 -17.67
CA THR O 418 -22.20 -45.57 -17.91
C THR O 418 -21.44 -44.27 -18.15
N ARG O 419 -20.78 -43.76 -17.12
CA ARG O 419 -20.04 -42.52 -17.22
C ARG O 419 -18.75 -42.74 -18.04
N ARG O 420 -18.10 -41.64 -18.38
CA ARG O 420 -16.84 -41.71 -19.12
C ARG O 420 -15.74 -42.29 -18.24
N ALA O 421 -14.74 -42.89 -18.88
CA ALA O 421 -13.63 -43.49 -18.15
C ALA O 421 -12.85 -42.43 -17.39
N LEU O 422 -12.54 -41.30 -18.05
CA LEU O 422 -11.79 -40.24 -17.40
C LEU O 422 -12.60 -39.57 -16.30
N ASP O 423 -13.93 -39.59 -16.41
CA ASP O 423 -14.80 -38.93 -15.45
C ASP O 423 -15.09 -39.78 -14.22
N ILE O 424 -14.29 -40.79 -13.94
CA ILE O 424 -14.46 -41.64 -12.77
C ILE O 424 -13.15 -41.69 -11.99
N PRO O 425 -12.87 -40.70 -11.14
CA PRO O 425 -11.62 -40.72 -10.37
C PRO O 425 -11.66 -41.79 -9.29
N LEU O 426 -10.76 -42.76 -9.40
CA LEU O 426 -10.72 -43.89 -8.47
C LEU O 426 -9.96 -43.57 -7.19
N VAL O 427 -9.37 -42.39 -7.06
CA VAL O 427 -8.57 -42.04 -5.89
C VAL O 427 -9.05 -40.76 -5.22
N LYS O 428 -10.15 -40.17 -5.69
CA LYS O 428 -10.61 -38.90 -5.11
C LYS O 428 -11.06 -39.07 -3.67
N ASN O 429 -11.74 -40.18 -3.36
CA ASN O 429 -12.24 -40.39 -2.00
C ASN O 429 -11.10 -40.52 -1.00
N TRP O 430 -9.96 -41.07 -1.42
CA TRP O 430 -8.81 -41.19 -0.52
C TRP O 430 -8.27 -39.81 -0.14
N TYR O 431 -8.08 -38.93 -1.12
CA TYR O 431 -7.62 -37.58 -0.83
C TYR O 431 -8.64 -36.80 -0.02
N ARG O 432 -9.93 -36.97 -0.34
CA ARG O 432 -10.97 -36.22 0.37
C ARG O 432 -10.98 -36.54 1.86
N GLU O 433 -10.69 -37.78 2.23
CA GLU O 433 -10.64 -38.15 3.64
C GLU O 433 -9.41 -37.54 4.30
N HIS O 434 -9.43 -37.54 5.63
CA HIS O 434 -8.30 -37.03 6.39
C HIS O 434 -7.03 -37.83 6.08
N CYS O 435 -5.90 -37.13 6.05
CA CYS O 435 -4.65 -37.78 5.68
C CYS O 435 -4.32 -38.90 6.66
N PRO O 436 -3.72 -39.99 6.17
CA PRO O 436 -3.38 -41.11 7.07
C PRO O 436 -2.38 -40.67 8.13
N ALA O 437 -2.50 -41.29 9.31
CA ALA O 437 -1.67 -40.91 10.45
C ALA O 437 -0.20 -41.23 10.20
N GLY O 438 0.67 -40.34 10.69
CA GLY O 438 2.10 -40.56 10.60
C GLY O 438 2.68 -40.45 9.20
N GLN O 439 1.96 -39.84 8.27
CA GLN O 439 2.47 -39.68 6.93
C GLN O 439 3.64 -38.68 6.91
N PRO O 440 4.57 -38.82 5.97
CA PRO O 440 5.68 -37.86 5.87
C PRO O 440 5.17 -36.50 5.43
N VAL O 441 6.06 -35.50 5.59
CA VAL O 441 5.70 -34.13 5.26
C VAL O 441 5.37 -34.00 3.77
N LYS O 442 6.09 -34.73 2.93
CA LYS O 442 5.82 -34.69 1.49
C LYS O 442 4.40 -35.19 1.19
N VAL O 443 3.99 -36.28 1.83
CA VAL O 443 2.67 -36.83 1.59
C VAL O 443 1.59 -35.87 2.07
N ARG O 444 1.79 -35.27 3.24
CA ARG O 444 0.81 -34.31 3.75
C ARG O 444 0.71 -33.09 2.83
N VAL O 445 1.84 -32.61 2.32
CA VAL O 445 1.82 -31.47 1.41
C VAL O 445 1.11 -31.84 0.11
N SER O 446 1.34 -33.07 -0.37
CA SER O 446 0.66 -33.52 -1.59
C SER O 446 -0.85 -33.60 -1.36
N TYR O 447 -1.27 -34.11 -0.21
CA TYR O 447 -2.69 -34.17 0.10
C TYR O 447 -3.29 -32.77 0.19
N GLN O 448 -2.57 -31.83 0.81
CA GLN O 448 -3.05 -30.47 0.91
C GLN O 448 -3.17 -29.83 -0.47
N LYS O 449 -2.22 -30.08 -1.36
CA LYS O 449 -2.29 -29.53 -2.71
C LYS O 449 -3.44 -30.14 -3.50
N LEU O 450 -3.68 -31.44 -3.33
CA LEU O 450 -4.81 -32.06 -3.99
C LEU O 450 -6.13 -31.49 -3.48
N LEU O 451 -6.22 -31.24 -2.17
CA LEU O 451 -7.42 -30.62 -1.61
C LEU O 451 -7.60 -29.21 -2.14
N LYS O 452 -6.49 -28.47 -2.28
CA LYS O 452 -6.57 -27.12 -2.85
C LYS O 452 -7.08 -27.17 -4.29
N TYR O 453 -6.57 -28.11 -5.08
CA TYR O 453 -7.04 -28.22 -6.46
C TYR O 453 -8.53 -28.58 -6.51
N TYR O 454 -8.97 -29.50 -5.63
CA TYR O 454 -10.38 -29.87 -5.59
C TYR O 454 -11.25 -28.68 -5.19
N VAL O 455 -10.82 -27.93 -4.17
CA VAL O 455 -11.60 -26.78 -3.72
C VAL O 455 -11.65 -25.70 -4.80
N LEU O 456 -10.56 -25.53 -5.54
CA LEU O 456 -10.56 -24.55 -6.63
C LEU O 456 -11.50 -24.99 -7.75
N ASN O 457 -11.47 -26.28 -8.11
CA ASN O 457 -12.38 -26.76 -9.14
C ASN O 457 -13.82 -26.77 -8.68
N ALA O 458 -14.08 -26.78 -7.37
CA ALA O 458 -15.44 -26.78 -6.85
C ALA O 458 -16.01 -25.38 -6.71
N LEU O 459 -15.21 -24.44 -6.19
CA LEU O 459 -15.70 -23.07 -6.02
C LEU O 459 -15.95 -22.39 -7.36
N LYS O 460 -15.24 -22.79 -8.41
CA LYS O 460 -15.40 -22.24 -9.74
C LYS O 460 -16.31 -23.10 -10.63
N HIS O 461 -17.27 -23.79 -10.03
CA HIS O 461 -18.14 -24.72 -10.77
C HIS O 461 -19.30 -23.96 -11.40
N ARG O 462 -18.97 -23.17 -12.41
CA ARG O 462 -19.99 -22.49 -13.19
C ARG O 462 -20.75 -23.52 -14.01
N PRO O 463 -22.08 -23.55 -13.90
CA PRO O 463 -22.84 -24.56 -14.64
C PRO O 463 -22.65 -24.38 -16.13
N PRO O 464 -22.64 -25.48 -16.90
CA PRO O 464 -22.37 -25.38 -18.33
C PRO O 464 -23.46 -24.65 -19.08
N LYS O 465 -23.07 -24.06 -20.21
CA LYS O 465 -23.98 -23.29 -21.05
C LYS O 465 -24.74 -24.20 -22.00
N ALA O 466 -25.80 -23.64 -22.59
CA ALA O 466 -26.69 -24.38 -23.49
C ALA O 466 -26.13 -24.31 -24.90
N GLN O 467 -25.47 -25.38 -25.33
CA GLN O 467 -24.94 -25.48 -26.68
C GLN O 467 -26.03 -25.98 -27.63
N LYS O 468 -25.70 -25.95 -28.93
CA LYS O 468 -26.60 -26.44 -29.97
C LYS O 468 -26.42 -27.94 -30.24
N LYS O 469 -25.52 -28.60 -29.51
CA LYS O 469 -25.31 -30.05 -29.62
C LYS O 469 -24.90 -30.44 -31.03
N ARG O 470 -23.76 -29.91 -31.46
CA ARG O 470 -23.14 -30.27 -32.73
C ARG O 470 -21.92 -31.15 -32.46
N TYR O 471 -21.89 -32.33 -33.07
CA TYR O 471 -20.82 -33.30 -32.82
C TYR O 471 -19.76 -33.15 -33.91
N LEU O 472 -18.56 -32.73 -33.50
CA LEU O 472 -17.47 -32.56 -34.46
C LEU O 472 -17.09 -33.88 -35.11
N PHE O 473 -17.02 -34.95 -34.30
CA PHE O 473 -16.69 -36.26 -34.85
C PHE O 473 -17.76 -36.73 -35.84
N ARG O 474 -19.03 -36.58 -35.48
CA ARG O 474 -20.10 -36.97 -36.40
C ARG O 474 -20.11 -36.09 -37.64
N SER O 475 -19.76 -34.81 -37.48
CA SER O 475 -19.66 -33.91 -38.63
C SER O 475 -18.57 -34.38 -39.59
N PHE O 476 -17.40 -34.71 -39.05
CA PHE O 476 -16.31 -35.21 -39.90
C PHE O 476 -16.68 -36.55 -40.53
N LYS O 477 -17.46 -37.36 -39.83
CA LYS O 477 -17.95 -38.60 -40.40
C LYS O 477 -18.88 -38.34 -41.58
N ALA O 478 -19.74 -37.33 -41.45
CA ALA O 478 -20.63 -36.97 -42.55
C ALA O 478 -19.84 -36.45 -43.75
N THR O 479 -18.67 -35.85 -43.50
CA THR O 479 -17.84 -35.36 -44.58
C THR O 479 -17.34 -36.52 -45.44
N LYS O 480 -17.41 -36.35 -46.76
CA LYS O 480 -17.00 -37.40 -47.69
C LYS O 480 -15.50 -37.67 -47.66
N PHE O 481 -14.71 -36.80 -47.04
CA PHE O 481 -13.26 -36.96 -47.00
C PHE O 481 -12.77 -37.78 -45.82
N PHE O 482 -13.62 -38.62 -45.24
CA PHE O 482 -13.24 -39.44 -44.09
C PHE O 482 -13.85 -40.83 -44.24
N GLN O 483 -13.07 -41.85 -43.90
CA GLN O 483 -13.51 -43.23 -43.91
C GLN O 483 -13.66 -43.73 -42.48
N SER O 484 -14.23 -44.92 -42.35
CA SER O 484 -14.46 -45.54 -41.04
C SER O 484 -14.02 -46.99 -41.07
N THR O 485 -13.36 -47.43 -40.01
CA THR O 485 -12.89 -48.80 -39.89
C THR O 485 -12.76 -49.11 -38.40
N LYS O 486 -12.12 -50.24 -38.08
CA LYS O 486 -11.91 -50.67 -36.70
C LYS O 486 -10.55 -51.32 -36.59
N LEU O 487 -9.74 -50.88 -35.64
CA LEU O 487 -8.39 -51.39 -35.49
C LEU O 487 -7.98 -51.31 -34.03
N ASP O 488 -6.95 -52.07 -33.68
CA ASP O 488 -6.49 -52.12 -32.30
C ASP O 488 -5.93 -50.77 -31.87
N TRP O 489 -5.99 -50.51 -30.56
CA TRP O 489 -5.50 -49.24 -30.03
C TRP O 489 -4.01 -49.07 -30.25
N VAL O 490 -3.25 -50.17 -30.25
CA VAL O 490 -1.81 -50.08 -30.47
C VAL O 490 -1.52 -49.67 -31.91
N GLU O 491 -2.19 -50.30 -32.87
CA GLU O 491 -1.99 -49.94 -34.28
C GLU O 491 -2.43 -48.51 -34.55
N VAL O 492 -3.57 -48.10 -33.98
CA VAL O 492 -4.05 -46.74 -34.16
C VAL O 492 -3.08 -45.75 -33.52
N GLY O 493 -2.53 -46.09 -32.36
CA GLY O 493 -1.56 -45.22 -31.73
C GLY O 493 -0.29 -45.08 -32.54
N LEU O 494 0.20 -46.18 -33.12
CA LEU O 494 1.38 -46.11 -33.98
C LEU O 494 1.10 -45.27 -35.21
N GLN O 495 -0.08 -45.45 -35.81
CA GLN O 495 -0.45 -44.63 -36.97
C GLN O 495 -0.55 -43.16 -36.60
N VAL O 496 -1.08 -42.85 -35.42
CA VAL O 496 -1.21 -41.47 -34.98
C VAL O 496 0.17 -40.87 -34.71
N CYS O 497 1.08 -41.66 -34.14
CA CYS O 497 2.44 -41.17 -33.92
C CYS O 497 3.13 -40.88 -35.25
N ARG O 498 2.98 -41.78 -36.24
CA ARG O 498 3.57 -41.53 -37.55
C ARG O 498 2.96 -40.29 -38.20
N GLN O 499 1.64 -40.13 -38.07
CA GLN O 499 0.97 -38.96 -38.65
C GLN O 499 1.44 -37.68 -37.98
N GLY O 500 1.61 -37.69 -36.65
CA GLY O 500 2.10 -36.51 -35.96
C GLY O 500 3.53 -36.17 -36.35
N TYR O 501 4.37 -37.20 -36.51
CA TYR O 501 5.73 -36.96 -36.99
C TYR O 501 5.73 -36.36 -38.38
N ASN O 502 4.87 -36.88 -39.27
CA ASN O 502 4.77 -36.33 -40.62
C ASN O 502 4.28 -34.89 -40.60
N MET O 503 3.32 -34.58 -39.72
CA MET O 503 2.82 -33.21 -39.62
C MET O 503 3.89 -32.27 -39.10
N LEU O 504 4.65 -32.71 -38.09
CA LEU O 504 5.74 -31.88 -37.59
C LEU O 504 6.81 -31.67 -38.66
N ASN O 505 7.10 -32.70 -39.45
CA ASN O 505 8.05 -32.55 -40.54
C ASN O 505 7.54 -31.57 -41.59
N LEU O 506 6.25 -31.63 -41.90
CA LEU O 506 5.68 -30.68 -42.85
C LEU O 506 5.73 -29.25 -42.31
N LEU O 507 5.50 -29.08 -41.00
CA LEU O 507 5.53 -27.75 -40.42
C LEU O 507 6.95 -27.22 -40.28
N ILE O 508 7.95 -28.10 -40.20
CA ILE O 508 9.34 -27.68 -40.08
C ILE O 508 10.09 -27.82 -41.39
N HIS O 509 9.40 -28.13 -42.48
CA HIS O 509 10.03 -28.26 -43.80
C HIS O 509 9.42 -27.34 -44.84
N ARG O 510 8.10 -27.13 -44.80
CA ARG O 510 7.47 -26.21 -45.74
C ARG O 510 7.93 -24.76 -45.53
N LYS O 511 8.34 -24.41 -44.33
CA LYS O 511 8.81 -23.06 -44.02
C LYS O 511 10.25 -22.82 -44.46
N ASN O 512 10.82 -23.72 -45.27
CA ASN O 512 12.19 -23.60 -45.78
C ASN O 512 13.23 -23.56 -44.67
N LEU O 513 12.89 -24.05 -43.48
CA LEU O 513 13.83 -24.13 -42.36
C LEU O 513 14.46 -25.52 -42.30
N ASN O 514 15.22 -25.84 -43.34
CA ASN O 514 15.85 -27.15 -43.50
C ASN O 514 17.14 -27.30 -42.70
N TYR O 515 17.40 -26.41 -41.74
CA TYR O 515 18.59 -26.47 -40.91
C TYR O 515 18.34 -27.15 -39.58
N LEU O 516 17.16 -27.76 -39.40
CA LEU O 516 16.82 -28.47 -38.18
C LEU O 516 16.12 -29.78 -38.55
N HIS O 517 16.20 -30.74 -37.65
CA HIS O 517 15.59 -32.05 -37.86
C HIS O 517 14.82 -32.47 -36.62
N LEU O 518 13.67 -33.12 -36.85
CA LEU O 518 12.83 -33.62 -35.77
C LEU O 518 13.11 -35.11 -35.59
N ASP O 519 13.57 -35.49 -34.40
CA ASP O 519 13.91 -36.88 -34.12
C ASP O 519 12.65 -37.74 -34.05
N TYR O 520 12.85 -39.05 -34.17
CA TYR O 520 11.75 -40.00 -34.05
C TYR O 520 11.12 -39.98 -32.67
N ASN O 521 11.80 -39.42 -31.67
CA ASN O 521 11.23 -39.20 -30.35
C ASN O 521 10.56 -37.84 -30.23
N PHE O 522 10.33 -37.17 -31.37
CA PHE O 522 9.68 -35.86 -31.43
C PHE O 522 10.49 -34.77 -30.74
N ASN O 523 11.78 -35.00 -30.53
CA ASN O 523 12.69 -33.99 -29.97
C ASN O 523 13.43 -33.35 -31.14
N LEU O 524 12.95 -32.17 -31.55
CA LEU O 524 13.55 -31.48 -32.69
C LEU O 524 14.89 -30.87 -32.29
N LYS O 525 15.95 -31.23 -33.01
CA LYS O 525 17.28 -30.72 -32.77
C LYS O 525 17.81 -30.04 -34.02
N PRO O 526 18.43 -28.87 -33.90
CA PRO O 526 19.00 -28.22 -35.10
C PRO O 526 20.10 -29.07 -35.72
N VAL O 527 20.15 -29.05 -37.06
CA VAL O 527 21.15 -29.85 -37.77
C VAL O 527 22.54 -29.26 -37.57
N LYS O 528 22.67 -27.94 -37.69
CA LYS O 528 23.98 -27.29 -37.59
C LYS O 528 23.77 -25.85 -37.18
N THR O 529 24.86 -25.08 -37.23
CA THR O 529 24.81 -23.67 -36.86
C THR O 529 24.00 -22.89 -37.89
N LEU O 530 23.47 -21.75 -37.45
CA LEU O 530 22.63 -20.90 -38.29
C LEU O 530 22.89 -19.44 -37.96
N THR O 531 22.57 -18.58 -38.92
CA THR O 531 22.79 -17.14 -38.76
C THR O 531 21.61 -16.52 -38.01
N THR O 532 21.76 -15.24 -37.68
CA THR O 532 20.71 -14.52 -36.98
C THR O 532 19.43 -14.45 -37.81
N LYS O 533 19.57 -14.28 -39.13
CA LYS O 533 18.40 -14.36 -40.00
C LYS O 533 17.77 -15.74 -39.94
N GLU O 534 18.60 -16.79 -39.96
CA GLU O 534 18.08 -18.14 -39.83
C GLU O 534 17.62 -18.42 -38.41
N ARG O 535 18.24 -17.78 -37.42
CA ARG O 535 17.78 -17.93 -36.04
C ARG O 535 16.36 -17.40 -35.88
N LYS O 536 16.08 -16.23 -36.46
CA LYS O 536 14.71 -15.73 -36.50
C LYS O 536 13.83 -16.63 -37.36
N LYS O 537 14.40 -17.20 -38.42
CA LYS O 537 13.68 -18.20 -39.20
C LYS O 537 13.46 -19.48 -38.41
N SER O 538 14.34 -19.76 -37.46
CA SER O 538 14.20 -20.92 -36.58
C SER O 538 13.33 -20.64 -35.37
N ARG O 539 12.55 -19.55 -35.39
CA ARG O 539 11.67 -19.24 -34.28
C ARG O 539 10.55 -20.26 -34.18
N PHE O 540 10.53 -20.98 -33.06
CA PHE O 540 9.49 -21.95 -32.76
C PHE O 540 8.56 -21.37 -31.72
N GLY O 541 7.30 -21.18 -32.10
CA GLY O 541 6.35 -20.56 -31.18
C GLY O 541 6.07 -21.45 -29.97
N ASN O 542 5.65 -20.81 -28.88
CA ASN O 542 5.30 -21.56 -27.68
C ASN O 542 4.20 -22.58 -27.96
N ALA O 543 3.27 -22.25 -28.86
CA ALA O 543 2.26 -23.21 -29.28
C ALA O 543 2.90 -24.39 -29.99
N PHE O 544 3.89 -24.12 -30.86
CA PHE O 544 4.58 -25.19 -31.55
C PHE O 544 5.35 -26.08 -30.57
N HIS O 545 5.99 -25.46 -29.58
CA HIS O 545 6.73 -26.24 -28.57
C HIS O 545 5.78 -27.09 -27.74
N LEU O 546 4.63 -26.53 -27.36
CA LEU O 546 3.66 -27.30 -26.60
C LEU O 546 3.11 -28.46 -27.42
N CYS O 547 2.82 -28.22 -28.70
CA CYS O 547 2.35 -29.30 -29.56
C CYS O 547 3.41 -30.38 -29.71
N ARG O 548 4.67 -29.98 -29.86
CA ARG O 548 5.75 -30.96 -29.96
C ARG O 548 5.86 -31.79 -28.69
N GLU O 549 5.77 -31.15 -27.53
CA GLU O 549 5.84 -31.89 -26.27
C GLU O 549 4.67 -32.85 -26.11
N VAL O 550 3.46 -32.41 -26.47
CA VAL O 550 2.29 -33.28 -26.39
C VAL O 550 2.43 -34.47 -27.33
N LEU O 551 2.90 -34.20 -28.56
CA LEU O 551 3.11 -35.28 -29.51
C LEU O 551 4.18 -36.25 -29.03
N ARG O 552 5.23 -35.73 -28.40
CA ARG O 552 6.27 -36.61 -27.86
C ARG O 552 5.71 -37.50 -26.75
N LEU O 553 4.90 -36.92 -25.87
CA LEU O 553 4.29 -37.73 -24.80
C LEU O 553 3.36 -38.79 -25.38
N THR O 554 2.54 -38.41 -26.37
CA THR O 554 1.64 -39.38 -26.99
C THR O 554 2.40 -40.49 -27.69
N LYS O 555 3.48 -40.13 -28.40
CA LYS O 555 4.29 -41.14 -29.08
C LYS O 555 4.98 -42.06 -28.08
N LEU O 556 5.45 -41.51 -26.97
CA LEU O 556 6.05 -42.35 -25.93
C LEU O 556 5.03 -43.33 -25.36
N VAL O 557 3.81 -42.85 -25.10
CA VAL O 557 2.78 -43.73 -24.57
C VAL O 557 2.43 -44.82 -25.58
N VAL O 558 2.28 -44.43 -26.85
CA VAL O 558 1.93 -45.41 -27.89
C VAL O 558 3.04 -46.44 -28.05
N ASP O 559 4.29 -46.01 -27.99
CA ASP O 559 5.40 -46.94 -28.14
C ASP O 559 5.51 -47.86 -26.93
N SER O 560 5.23 -47.34 -25.73
CA SER O 560 5.20 -48.20 -24.56
C SER O 560 4.10 -49.25 -24.69
N HIS O 561 2.93 -48.85 -25.19
CA HIS O 561 1.86 -49.82 -25.43
C HIS O 561 2.28 -50.86 -26.46
N VAL O 562 2.97 -50.43 -27.52
CA VAL O 562 3.44 -51.35 -28.54
C VAL O 562 4.42 -52.36 -27.94
N GLN O 563 5.36 -51.86 -27.14
CA GLN O 563 6.32 -52.75 -26.49
C GLN O 563 5.63 -53.72 -25.55
N TYR O 564 4.56 -53.27 -24.88
CA TYR O 564 3.76 -54.18 -24.07
C TYR O 564 3.09 -55.24 -24.95
N ARG O 565 2.71 -54.86 -26.16
CA ARG O 565 2.07 -55.78 -27.10
C ARG O 565 3.07 -56.48 -28.01
N LEU O 566 4.36 -56.14 -27.92
CA LEU O 566 5.40 -56.82 -28.68
C LEU O 566 6.15 -57.84 -27.84
N GLY O 567 5.74 -58.06 -26.59
CA GLY O 567 6.42 -59.00 -25.72
C GLY O 567 7.74 -58.52 -25.17
N ASN O 568 8.01 -57.22 -25.21
CA ASN O 568 9.26 -56.71 -24.66
C ASN O 568 9.24 -56.69 -23.13
N VAL O 569 8.10 -56.36 -22.54
CA VAL O 569 7.96 -56.27 -21.09
C VAL O 569 6.61 -56.84 -20.67
N ASP O 570 6.51 -57.20 -19.39
CA ASP O 570 5.30 -57.77 -18.85
C ASP O 570 4.21 -56.71 -18.72
N ALA O 571 2.97 -57.20 -18.54
CA ALA O 571 1.84 -56.28 -18.40
C ALA O 571 1.97 -55.43 -17.14
N PHE O 572 2.44 -56.01 -16.03
CA PHE O 572 2.73 -55.22 -14.85
C PHE O 572 3.84 -54.22 -15.12
N GLN O 573 4.85 -54.63 -15.88
CA GLN O 573 5.88 -53.69 -16.32
C GLN O 573 5.29 -52.60 -17.19
N LEU O 574 4.30 -52.94 -18.02
CA LEU O 574 3.63 -51.93 -18.83
C LEU O 574 2.88 -50.93 -17.96
N ALA O 575 2.21 -51.42 -16.91
CA ALA O 575 1.52 -50.52 -15.99
C ALA O 575 2.50 -49.60 -15.27
N ASP O 576 3.64 -50.15 -14.83
CA ASP O 576 4.68 -49.33 -14.21
C ASP O 576 5.21 -48.29 -15.19
N GLY O 577 5.40 -48.68 -16.44
CA GLY O 577 5.86 -47.74 -17.45
C GLY O 577 4.87 -46.62 -17.70
N LEU O 578 3.57 -46.96 -17.72
CA LEU O 578 2.55 -45.93 -17.86
C LEU O 578 2.54 -44.99 -16.66
N GLN O 579 2.70 -45.56 -15.46
CA GLN O 579 2.77 -44.74 -14.25
C GLN O 579 3.97 -43.79 -14.32
N TYR O 580 5.07 -44.25 -14.89
CA TYR O 580 6.24 -43.39 -15.03
C TYR O 580 6.04 -42.35 -16.13
N ILE O 581 5.33 -42.71 -17.19
CA ILE O 581 5.13 -41.84 -18.34
C ILE O 581 4.05 -40.80 -18.05
N PHE O 582 3.31 -40.98 -16.97
CA PHE O 582 2.32 -40.00 -16.55
C PHE O 582 2.80 -39.22 -15.32
N ALA O 583 3.14 -39.91 -14.24
CA ALA O 583 3.69 -39.24 -13.07
C ALA O 583 5.20 -39.10 -13.21
N HIS O 584 5.74 -37.99 -12.72
CA HIS O 584 7.14 -37.62 -12.91
C HIS O 584 7.52 -37.57 -14.38
N VAL O 585 6.59 -37.08 -15.21
CA VAL O 585 6.81 -37.02 -16.65
C VAL O 585 7.11 -35.61 -17.13
N GLY O 586 7.01 -34.60 -16.27
CA GLY O 586 7.42 -33.26 -16.67
C GLY O 586 8.87 -33.19 -17.09
N GLN O 587 9.73 -33.93 -16.37
CA GLN O 587 11.13 -34.05 -16.78
C GLN O 587 11.24 -34.76 -18.13
N LEU O 588 10.45 -35.84 -18.32
CA LEU O 588 10.51 -36.57 -19.58
C LEU O 588 9.90 -35.77 -20.73
N THR O 589 8.71 -35.20 -20.51
CA THR O 589 8.06 -34.44 -21.57
C THR O 589 8.73 -33.09 -21.79
N GLY O 590 9.09 -32.40 -20.71
CA GLY O 590 9.66 -31.06 -20.84
C GLY O 590 8.71 -30.04 -21.42
N MET O 591 7.45 -30.11 -21.06
CA MET O 591 6.44 -29.18 -21.56
C MET O 591 6.28 -27.94 -20.70
N TYR O 592 6.97 -27.86 -19.55
CA TYR O 592 6.82 -26.71 -18.68
C TYR O 592 7.31 -25.43 -19.36
N ARG O 593 8.44 -25.51 -20.06
CA ARG O 593 8.99 -24.33 -20.73
C ARG O 593 8.06 -23.85 -21.84
N TYR O 594 7.46 -24.78 -22.57
CA TYR O 594 6.57 -24.41 -23.67
C TYR O 594 5.36 -23.62 -23.16
N LYS O 595 4.78 -24.05 -22.05
CA LYS O 595 3.65 -23.36 -21.44
C LYS O 595 3.80 -23.46 -19.93
N TYR O 596 4.10 -22.33 -19.27
CA TYR O 596 4.37 -22.36 -17.84
C TYR O 596 3.14 -22.80 -17.05
N LYS O 597 1.94 -22.57 -17.58
CA LYS O 597 0.73 -22.90 -16.86
C LYS O 597 0.61 -24.39 -16.58
N LEU O 598 1.26 -25.23 -17.39
CA LEU O 598 1.19 -26.67 -17.20
C LEU O 598 1.90 -27.13 -15.93
N MET O 599 2.68 -26.25 -15.30
CA MET O 599 3.39 -26.64 -14.08
C MET O 599 2.42 -26.98 -12.96
N ARG O 600 1.24 -26.35 -12.96
CA ARG O 600 0.21 -26.72 -11.98
C ARG O 600 -0.23 -28.16 -12.18
N GLN O 601 -0.46 -28.56 -13.44
CA GLN O 601 -0.81 -29.93 -13.73
C GLN O 601 0.32 -30.89 -13.37
N ILE O 602 1.56 -30.47 -13.59
CA ILE O 602 2.71 -31.30 -13.23
C ILE O 602 2.76 -31.50 -11.72
N ARG O 603 2.52 -30.44 -10.96
CA ARG O 603 2.51 -30.56 -9.50
C ARG O 603 1.36 -31.43 -9.02
N MET O 604 0.20 -31.33 -9.68
CA MET O 604 -0.92 -32.20 -9.33
C MET O 604 -0.58 -33.66 -9.60
N CYS O 605 0.06 -33.94 -10.73
CA CYS O 605 0.47 -35.30 -11.04
C CYS O 605 1.49 -35.81 -10.03
N LYS O 606 2.42 -34.94 -9.62
CA LYS O 606 3.40 -35.31 -8.60
C LYS O 606 2.72 -35.64 -7.27
N ASP O 607 1.71 -34.85 -6.89
CA ASP O 607 0.99 -35.12 -5.66
C ASP O 607 0.21 -36.42 -5.75
N LEU O 608 -0.40 -36.69 -6.90
CA LEU O 608 -1.11 -37.95 -7.10
C LEU O 608 -0.15 -39.12 -7.02
N LYS O 609 1.04 -38.98 -7.61
CA LYS O 609 2.05 -40.03 -7.52
C LYS O 609 2.48 -40.26 -6.09
N HIS O 610 2.70 -39.18 -5.34
CA HIS O 610 3.09 -39.33 -3.94
C HIS O 610 2.03 -40.05 -3.13
N LEU O 611 0.76 -39.68 -3.33
CA LEU O 611 -0.33 -40.33 -2.61
C LEU O 611 -0.41 -41.82 -2.99
N ILE O 612 -0.38 -42.12 -4.29
CA ILE O 612 -0.51 -43.50 -4.74
C ILE O 612 0.64 -44.36 -4.22
N TYR O 613 1.84 -43.79 -4.27
CA TYR O 613 3.01 -44.50 -3.75
C TYR O 613 2.77 -44.78 -2.28
N TYR O 614 2.65 -43.73 -1.50
CA TYR O 614 2.64 -43.85 -0.05
C TYR O 614 1.47 -44.70 0.42
N ARG O 615 0.46 -44.89 -0.43
CA ARG O 615 -0.65 -45.77 -0.06
C ARG O 615 -0.39 -47.21 -0.45
N PHE O 616 0.02 -47.43 -1.70
CA PHE O 616 0.22 -48.80 -2.19
C PHE O 616 1.46 -49.43 -1.58
N ASN O 617 2.57 -48.69 -1.55
CA ASN O 617 3.85 -49.24 -1.08
C ASN O 617 3.82 -49.29 0.45
N THR O 618 3.04 -50.24 0.96
CA THR O 618 2.96 -50.49 2.39
C THR O 618 2.89 -51.99 2.63
N GLY O 619 3.40 -52.42 3.78
CA GLY O 619 3.42 -53.82 4.12
C GLY O 619 4.55 -54.55 3.42
N PRO O 620 4.25 -55.75 2.90
CA PRO O 620 5.31 -56.51 2.21
C PRO O 620 5.90 -55.80 1.01
N VAL O 621 5.10 -55.02 0.29
CA VAL O 621 5.57 -54.29 -0.88
C VAL O 621 6.13 -52.95 -0.41
N GLY O 622 7.47 -52.86 -0.38
CA GLY O 622 8.15 -51.66 0.02
C GLY O 622 8.39 -50.71 -1.15
N LYS O 623 9.37 -49.83 -0.97
CA LYS O 623 9.71 -48.88 -2.02
C LYS O 623 10.28 -49.60 -3.23
N GLY O 624 9.77 -49.25 -4.42
CA GLY O 624 10.21 -49.88 -5.64
C GLY O 624 9.54 -49.29 -6.87
N PRO O 625 9.85 -49.84 -8.04
CA PRO O 625 9.30 -49.33 -9.31
C PRO O 625 8.04 -50.04 -9.79
N GLY O 626 7.49 -50.97 -9.02
CA GLY O 626 6.38 -51.77 -9.47
C GLY O 626 5.00 -51.15 -9.35
N CYS O 627 4.92 -49.90 -8.90
CA CYS O 627 3.62 -49.24 -8.78
C CYS O 627 3.02 -48.99 -10.17
N GLY O 628 1.90 -49.64 -10.45
CA GLY O 628 1.28 -49.56 -11.75
C GLY O 628 -0.09 -48.91 -11.75
N PHE O 629 -0.41 -48.16 -10.70
CA PHE O 629 -1.70 -47.49 -10.60
C PHE O 629 -1.56 -46.11 -11.23
N TRP O 630 -2.00 -45.97 -12.48
CA TRP O 630 -1.75 -44.77 -13.26
C TRP O 630 -3.01 -44.04 -13.70
N ALA O 631 -4.18 -44.45 -13.20
CA ALA O 631 -5.42 -43.84 -13.64
C ALA O 631 -5.48 -42.36 -13.30
N ALA O 632 -4.99 -41.97 -12.12
CA ALA O 632 -5.07 -40.58 -11.69
C ALA O 632 -4.26 -39.68 -12.61
N GLY O 633 -2.98 -40.02 -12.84
CA GLY O 633 -2.17 -39.23 -13.74
C GLY O 633 -2.73 -39.22 -15.15
N TRP O 634 -3.27 -40.35 -15.59
CA TRP O 634 -3.90 -40.43 -16.91
C TRP O 634 -5.08 -39.46 -16.99
N ARG O 635 -5.91 -39.42 -15.95
CA ARG O 635 -7.04 -38.50 -15.94
C ARG O 635 -6.57 -37.05 -15.96
N VAL O 636 -5.55 -36.74 -15.16
CA VAL O 636 -5.06 -35.36 -15.09
C VAL O 636 -4.53 -34.91 -16.45
N TRP O 637 -3.74 -35.77 -17.09
CA TRP O 637 -3.16 -35.40 -18.39
C TRP O 637 -4.22 -35.38 -19.49
N LEU O 638 -5.25 -36.24 -19.37
CA LEU O 638 -6.34 -36.18 -20.33
C LEU O 638 -7.11 -34.86 -20.20
N PHE O 639 -7.35 -34.41 -18.97
CA PHE O 639 -7.99 -33.12 -18.77
C PHE O 639 -7.14 -31.98 -19.31
N PHE O 640 -5.82 -32.05 -19.06
CA PHE O 640 -4.93 -31.01 -19.57
C PHE O 640 -4.92 -30.99 -21.09
N MET O 641 -4.91 -32.17 -21.72
CA MET O 641 -4.94 -32.23 -23.18
C MET O 641 -6.26 -31.69 -23.73
N ARG O 642 -7.38 -32.03 -23.07
CA ARG O 642 -8.67 -31.54 -23.53
C ARG O 642 -8.75 -30.03 -23.43
N GLY O 643 -8.17 -29.46 -22.37
CA GLY O 643 -8.13 -28.01 -22.26
C GLY O 643 -7.20 -27.37 -23.27
N ILE O 644 -6.06 -28.00 -23.55
CA ILE O 644 -5.07 -27.41 -24.44
C ILE O 644 -5.50 -27.50 -25.90
N THR O 645 -6.32 -28.51 -26.23
CA THR O 645 -6.67 -28.81 -27.63
C THR O 645 -7.20 -27.63 -28.43
N PRO O 646 -8.13 -26.80 -27.94
CA PRO O 646 -8.62 -25.70 -28.79
C PRO O 646 -7.53 -24.71 -29.20
N LEU O 647 -6.62 -24.37 -28.30
CA LEU O 647 -5.58 -23.41 -28.63
C LEU O 647 -4.64 -23.95 -29.70
N LEU O 648 -4.18 -25.18 -29.53
CA LEU O 648 -3.28 -25.79 -30.51
C LEU O 648 -3.99 -26.01 -31.84
N GLU O 649 -5.26 -26.40 -31.81
CA GLU O 649 -6.01 -26.57 -33.04
C GLU O 649 -6.16 -25.25 -33.79
N ARG O 650 -6.46 -24.17 -33.05
CA ARG O 650 -6.57 -22.87 -33.68
C ARG O 650 -5.24 -22.43 -34.29
N TRP O 651 -4.14 -22.66 -33.57
CA TRP O 651 -2.82 -22.30 -34.10
C TRP O 651 -2.52 -23.08 -35.38
N LEU O 652 -2.77 -24.39 -35.37
CA LEU O 652 -2.50 -25.21 -36.54
C LEU O 652 -3.37 -24.80 -37.71
N GLY O 653 -4.65 -24.48 -37.45
CA GLY O 653 -5.51 -24.03 -38.52
C GLY O 653 -5.08 -22.70 -39.11
N ASN O 654 -4.68 -21.76 -38.26
CA ASN O 654 -4.19 -20.48 -38.73
C ASN O 654 -2.92 -20.66 -39.56
N LEU O 655 -2.06 -21.61 -39.17
CA LEU O 655 -0.83 -21.83 -39.91
C LEU O 655 -1.11 -22.24 -41.35
N LEU O 656 -2.08 -23.12 -41.56
CA LEU O 656 -2.42 -23.60 -42.90
C LEU O 656 -3.66 -22.87 -43.42
N ALA O 657 -3.41 -21.69 -43.98
CA ALA O 657 -4.45 -20.86 -44.58
C ALA O 657 -4.04 -20.49 -46.00
N ARG O 658 -5.00 -20.56 -46.92
CA ARG O 658 -4.78 -20.22 -48.32
C ARG O 658 -3.62 -20.99 -48.94
N SER O 679 -2.37 6.49 -22.93
CA SER O 679 -0.96 6.71 -22.62
C SER O 679 -0.31 7.60 -23.68
N HIS O 680 -0.69 7.42 -24.93
CA HIS O 680 -0.19 8.19 -26.06
C HIS O 680 -1.29 9.04 -26.68
N PHE O 681 -2.11 9.66 -25.83
CA PHE O 681 -3.25 10.42 -26.32
C PHE O 681 -2.82 11.66 -27.10
N ASP O 682 -1.71 12.27 -26.70
CA ASP O 682 -1.29 13.53 -27.32
C ASP O 682 -0.91 13.33 -28.78
N LEU O 683 0.04 12.42 -29.04
CA LEU O 683 0.49 12.19 -30.41
C LEU O 683 -0.64 11.64 -31.28
N GLU O 684 -1.43 10.72 -30.74
CA GLU O 684 -2.54 10.15 -31.50
C GLU O 684 -3.57 11.22 -31.86
N LEU O 685 -3.90 12.09 -30.90
CA LEU O 685 -4.87 13.16 -31.18
C LEU O 685 -4.32 14.14 -32.19
N ARG O 686 -3.04 14.50 -32.08
CA ARG O 686 -2.44 15.40 -33.07
C ARG O 686 -2.46 14.78 -34.45
N ALA O 687 -2.13 13.49 -34.55
CA ALA O 687 -2.16 12.82 -35.85
C ALA O 687 -3.56 12.76 -36.42
N ALA O 688 -4.56 12.49 -35.57
CA ALA O 688 -5.94 12.42 -36.04
C ALA O 688 -6.41 13.79 -36.53
N VAL O 689 -6.10 14.85 -35.79
CA VAL O 689 -6.50 16.20 -36.20
C VAL O 689 -5.81 16.58 -37.50
N MET O 690 -4.52 16.27 -37.62
CA MET O 690 -3.80 16.58 -38.86
C MET O 690 -4.38 15.82 -40.04
N HIS O 691 -4.70 14.54 -39.85
CA HIS O 691 -5.27 13.75 -40.94
C HIS O 691 -6.63 14.30 -41.35
N ASP O 692 -7.47 14.66 -40.38
CA ASP O 692 -8.79 15.20 -40.69
C ASP O 692 -8.66 16.52 -41.46
N ILE O 693 -7.77 17.41 -41.00
CA ILE O 693 -7.60 18.69 -41.67
C ILE O 693 -7.06 18.49 -43.08
N LEU O 694 -6.08 17.59 -43.23
CA LEU O 694 -5.49 17.36 -44.55
C LEU O 694 -6.50 16.76 -45.52
N ASP O 695 -7.31 15.80 -45.06
CA ASP O 695 -8.32 15.20 -45.92
C ASP O 695 -9.39 16.21 -46.29
N MET O 696 -9.75 17.09 -45.35
CA MET O 696 -10.69 18.16 -45.67
C MET O 696 -10.06 19.18 -46.61
N MET O 697 -8.77 19.45 -46.44
CA MET O 697 -8.11 20.47 -47.23
C MET O 697 -8.03 20.05 -48.70
N PRO O 698 -8.19 20.98 -49.63
CA PRO O 698 -8.07 20.64 -51.05
C PRO O 698 -6.62 20.39 -51.45
N GLU O 699 -6.46 19.72 -52.60
CA GLU O 699 -5.12 19.47 -53.11
C GLU O 699 -4.39 20.77 -53.46
N GLY O 700 -5.12 21.81 -53.83
CA GLY O 700 -4.51 23.10 -54.09
C GLY O 700 -3.96 23.78 -52.86
N ILE O 701 -4.46 23.41 -51.67
CA ILE O 701 -3.99 24.00 -50.42
C ILE O 701 -3.18 23.02 -49.58
N LYS O 702 -3.16 21.73 -49.93
CA LYS O 702 -2.41 20.74 -49.18
C LYS O 702 -0.95 20.67 -49.59
N GLN O 703 -0.53 21.46 -50.59
CA GLN O 703 0.87 21.44 -51.01
C GLN O 703 1.78 22.05 -49.94
N ASN O 704 1.40 23.20 -49.41
CA ASN O 704 2.24 23.91 -48.44
C ASN O 704 1.50 24.40 -47.20
N LYS O 705 0.17 24.53 -47.23
CA LYS O 705 -0.55 25.07 -46.09
C LYS O 705 -0.78 24.04 -44.99
N ALA O 706 -0.46 22.77 -45.22
CA ALA O 706 -0.55 21.78 -44.16
C ALA O 706 0.41 22.11 -43.02
N ARG O 707 1.63 22.54 -43.35
CA ARG O 707 2.56 22.99 -42.33
C ARG O 707 2.01 24.20 -41.58
N THR O 708 1.32 25.10 -42.29
CA THR O 708 0.72 26.25 -41.64
C THR O 708 -0.38 25.83 -40.66
N ILE O 709 -1.20 24.85 -41.04
CA ILE O 709 -2.24 24.36 -40.14
C ILE O 709 -1.62 23.67 -38.94
N LEU O 710 -0.54 22.91 -39.15
CA LEU O 710 0.16 22.29 -38.04
C LEU O 710 0.74 23.34 -37.10
N GLN O 711 1.30 24.41 -37.65
CA GLN O 711 1.83 25.49 -36.83
C GLN O 711 0.73 26.18 -36.04
N HIS O 712 -0.44 26.37 -36.67
CA HIS O 712 -1.57 26.95 -35.97
C HIS O 712 -2.03 26.06 -34.82
N LEU O 713 -2.07 24.75 -35.04
CA LEU O 713 -2.43 23.82 -33.97
C LEU O 713 -1.40 23.87 -32.84
N SER O 714 -0.12 23.96 -33.19
CA SER O 714 0.93 24.07 -32.17
C SER O 714 0.78 25.36 -31.38
N GLU O 715 0.47 26.46 -32.06
CA GLU O 715 0.25 27.72 -31.36
C GLU O 715 -0.94 27.64 -30.43
N ALA O 716 -2.01 26.98 -30.87
CA ALA O 716 -3.18 26.78 -30.00
C ALA O 716 -2.81 25.94 -28.78
N TRP O 717 -2.02 24.89 -28.98
CA TRP O 717 -1.62 24.04 -27.86
C TRP O 717 -0.77 24.81 -26.86
N ARG O 718 0.25 25.53 -27.34
CA ARG O 718 1.08 26.33 -26.47
C ARG O 718 0.32 27.49 -25.84
N CYS O 719 -0.78 27.91 -26.45
CA CYS O 719 -1.57 29.00 -25.90
C CYS O 719 -2.36 28.55 -24.67
N TRP O 720 -2.99 27.39 -24.75
CA TRP O 720 -3.78 26.88 -23.64
C TRP O 720 -2.91 26.45 -22.46
N LYS O 721 -1.64 26.13 -22.72
CA LYS O 721 -0.72 25.72 -21.66
C LYS O 721 -0.07 26.90 -20.95
N ALA O 722 -0.37 28.14 -21.35
CA ALA O 722 0.23 29.31 -20.73
C ALA O 722 -0.78 30.41 -20.48
N ASN O 723 -2.08 30.11 -20.50
CA ASN O 723 -3.16 31.06 -20.22
C ASN O 723 -3.17 32.23 -21.20
N ILE O 724 -2.44 32.13 -22.30
CA ILE O 724 -2.41 33.15 -23.34
C ILE O 724 -3.48 32.80 -24.37
N PRO O 725 -4.43 33.69 -24.65
CA PRO O 725 -5.48 33.36 -25.62
C PRO O 725 -4.91 33.14 -27.01
N TRP O 726 -5.49 32.17 -27.72
CA TRP O 726 -5.12 31.90 -29.11
C TRP O 726 -6.15 32.59 -30.01
N LYS O 727 -5.73 33.63 -30.71
CA LYS O 727 -6.61 34.45 -31.54
C LYS O 727 -6.11 34.42 -32.97
N VAL O 728 -6.82 33.69 -33.83
CA VAL O 728 -6.50 33.64 -35.25
C VAL O 728 -7.71 34.15 -36.02
N PRO O 729 -7.93 35.46 -36.06
CA PRO O 729 -9.15 35.98 -36.73
C PRO O 729 -9.18 35.72 -38.22
N GLY O 730 -8.04 35.45 -38.85
CA GLY O 730 -7.99 35.14 -40.26
C GLY O 730 -8.24 33.69 -40.62
N LEU O 731 -8.60 32.86 -39.63
CA LEU O 731 -8.82 31.44 -39.85
C LEU O 731 -10.31 31.13 -39.96
N PRO O 732 -10.67 30.09 -40.72
CA PRO O 732 -12.08 29.72 -40.85
C PRO O 732 -12.68 29.33 -39.50
N THR O 733 -13.97 29.66 -39.33
CA THR O 733 -14.66 29.29 -38.10
C THR O 733 -14.68 27.79 -37.85
N PRO O 734 -14.97 26.92 -38.83
CA PRO O 734 -14.84 25.48 -38.56
C PRO O 734 -13.42 25.06 -38.21
N ILE O 735 -12.42 25.70 -38.82
CA ILE O 735 -11.03 25.39 -38.48
C ILE O 735 -10.75 25.78 -37.03
N GLU O 736 -11.24 26.95 -36.61
CA GLU O 736 -11.06 27.37 -35.22
C GLU O 736 -11.77 26.43 -34.27
N ASN O 737 -12.98 25.97 -34.62
CA ASN O 737 -13.70 25.04 -33.78
C ASN O 737 -12.95 23.71 -33.65
N MET O 738 -12.42 23.20 -34.76
CA MET O 738 -11.65 21.96 -34.71
C MET O 738 -10.39 22.13 -33.86
N ILE O 739 -9.71 23.27 -34.01
CA ILE O 739 -8.51 23.53 -33.22
C ILE O 739 -8.86 23.59 -31.73
N LEU O 740 -9.97 24.26 -31.40
CA LEU O 740 -10.39 24.35 -30.01
C LEU O 740 -10.74 22.97 -29.44
N ARG O 741 -11.42 22.14 -30.23
CA ARG O 741 -11.76 20.80 -29.77
C ARG O 741 -10.50 19.97 -29.53
N TYR O 742 -9.53 20.05 -30.46
CA TYR O 742 -8.27 19.34 -30.28
C TYR O 742 -7.53 19.84 -29.05
N VAL O 743 -7.54 21.16 -28.83
CA VAL O 743 -6.87 21.73 -27.67
C VAL O 743 -7.52 21.24 -26.38
N LYS O 744 -8.86 21.21 -26.35
CA LYS O 744 -9.55 20.73 -25.16
C LYS O 744 -9.24 19.27 -24.88
N ALA O 745 -9.24 18.44 -25.93
CA ALA O 745 -8.93 17.02 -25.76
C ALA O 745 -7.50 16.84 -25.24
N LYS O 746 -6.55 17.57 -25.83
CA LYS O 746 -5.17 17.46 -25.41
C LYS O 746 -4.98 17.98 -23.98
N ALA O 747 -5.70 19.04 -23.61
CA ALA O 747 -5.60 19.55 -22.24
C ALA O 747 -6.15 18.53 -21.24
N ASP O 748 -7.27 17.90 -21.56
CA ASP O 748 -7.81 16.87 -20.67
C ASP O 748 -6.84 15.70 -20.55
N TRP O 749 -6.28 15.25 -21.66
CA TRP O 749 -5.34 14.14 -21.62
C TRP O 749 -4.09 14.50 -20.83
N TRP O 750 -3.58 15.72 -21.02
CA TRP O 750 -2.40 16.16 -20.29
C TRP O 750 -2.68 16.28 -18.80
N THR O 751 -3.85 16.80 -18.42
CA THR O 751 -4.19 16.90 -17.01
C THR O 751 -4.29 15.52 -16.37
N ASN O 752 -4.95 14.58 -17.06
CA ASN O 752 -5.05 13.22 -16.52
C ASN O 752 -3.69 12.57 -16.40
N THR O 753 -2.84 12.73 -17.42
CA THR O 753 -1.50 12.14 -17.38
C THR O 753 -0.67 12.75 -16.25
N ALA O 754 -0.76 14.06 -16.06
CA ALA O 754 0.00 14.72 -15.00
C ALA O 754 -0.49 14.27 -13.62
N HIS O 755 -1.80 14.15 -13.44
CA HIS O 755 -2.31 13.67 -12.16
C HIS O 755 -1.85 12.24 -11.90
N TYR O 756 -1.90 11.37 -12.91
CA TYR O 756 -1.45 10.00 -12.73
C TYR O 756 0.04 9.94 -12.40
N ASN O 757 0.85 10.74 -13.10
CA ASN O 757 2.28 10.74 -12.85
C ASN O 757 2.60 11.27 -11.47
N ARG O 758 1.89 12.31 -11.03
CA ARG O 758 2.11 12.83 -9.68
C ARG O 758 1.72 11.82 -8.63
N GLU O 759 0.61 11.10 -8.84
CA GLU O 759 0.21 10.05 -7.91
C GLU O 759 1.26 8.94 -7.85
N ARG O 760 1.77 8.53 -9.01
CA ARG O 760 2.79 7.48 -9.04
C ARG O 760 4.07 7.93 -8.35
N ILE O 761 4.47 9.19 -8.57
CA ILE O 761 5.69 9.70 -7.93
C ILE O 761 5.51 9.76 -6.42
N ARG O 762 4.34 10.23 -5.97
CA ARG O 762 4.08 10.28 -4.53
C ARG O 762 4.06 8.88 -3.92
N ARG O 763 3.51 7.90 -4.65
CA ARG O 763 3.48 6.53 -4.14
C ARG O 763 4.87 5.91 -4.11
N GLY O 764 5.74 6.26 -5.07
CA GLY O 764 7.08 5.72 -5.10
C GLY O 764 7.36 4.85 -6.31
N ALA O 765 6.69 5.16 -7.43
CA ALA O 765 6.88 4.40 -8.65
C ALA O 765 8.27 4.67 -9.24
N THR O 766 8.65 3.81 -10.19
CA THR O 766 9.96 3.89 -10.84
C THR O 766 9.86 4.82 -12.04
N VAL O 767 10.57 5.94 -11.99
CA VAL O 767 10.57 6.94 -13.05
C VAL O 767 12.01 7.24 -13.43
N ASP O 768 12.18 8.17 -14.37
CA ASP O 768 13.48 8.59 -14.86
C ASP O 768 13.58 10.10 -14.75
N LYS O 769 14.71 10.64 -15.19
CA LYS O 769 14.93 12.09 -15.09
C LYS O 769 14.07 12.86 -16.08
N THR O 770 13.94 12.34 -17.31
CA THR O 770 13.09 13.01 -18.30
C THR O 770 11.63 12.99 -17.87
N VAL O 771 11.16 11.84 -17.40
CA VAL O 771 9.77 11.73 -16.95
C VAL O 771 9.53 12.65 -15.75
N CYS O 772 10.47 12.67 -14.80
CA CYS O 772 10.32 13.53 -13.64
C CYS O 772 10.30 14.99 -14.04
N LYS O 773 11.17 15.39 -14.97
CA LYS O 773 11.19 16.78 -15.42
C LYS O 773 9.88 17.16 -16.10
N LYS O 774 9.38 16.29 -16.99
CA LYS O 774 8.13 16.58 -17.68
C LYS O 774 6.97 16.67 -16.70
N ASN O 775 6.90 15.74 -15.74
CA ASN O 775 5.82 15.76 -14.76
C ASN O 775 5.90 17.00 -13.89
N LEU O 776 7.11 17.39 -13.48
CA LEU O 776 7.27 18.61 -12.68
C LEU O 776 6.83 19.83 -13.46
N GLY O 777 7.19 19.91 -14.74
CA GLY O 777 6.77 21.05 -15.55
C GLY O 777 5.26 21.12 -15.71
N ARG O 778 4.64 19.98 -16.00
CA ARG O 778 3.18 19.95 -16.14
C ARG O 778 2.49 20.32 -14.83
N LEU O 779 2.99 19.79 -13.72
CA LEU O 779 2.40 20.11 -12.42
C LEU O 779 2.57 21.58 -12.08
N THR O 780 3.73 22.16 -12.40
CA THR O 780 3.94 23.58 -12.15
C THR O 780 3.01 24.43 -12.99
N ARG O 781 2.82 24.07 -14.26
CA ARG O 781 1.90 24.81 -15.11
C ARG O 781 0.46 24.70 -14.58
N LEU O 782 0.05 23.50 -14.18
CA LEU O 782 -1.29 23.32 -13.64
C LEU O 782 -1.47 24.12 -12.36
N TYR O 783 -0.47 24.11 -11.48
CA TYR O 783 -0.57 24.87 -10.24
C TYR O 783 -0.62 26.37 -10.51
N LEU O 784 0.14 26.85 -11.49
CA LEU O 784 0.09 28.27 -11.84
C LEU O 784 -1.29 28.64 -12.39
N LYS O 785 -1.86 27.79 -13.24
CA LYS O 785 -3.20 28.07 -13.77
C LYS O 785 -4.23 28.06 -12.64
N ALA O 786 -4.12 27.11 -11.71
CA ALA O 786 -5.06 27.04 -10.60
C ALA O 786 -4.93 28.25 -9.69
N GLU O 787 -3.70 28.72 -9.46
CA GLU O 787 -3.49 29.90 -8.63
C GLU O 787 -4.03 31.15 -9.32
N GLN O 788 -3.86 31.25 -10.64
CA GLN O 788 -4.45 32.36 -11.36
C GLN O 788 -5.97 32.35 -11.27
N GLU O 789 -6.57 31.16 -11.43
CA GLU O 789 -8.02 31.05 -11.31
C GLU O 789 -8.49 31.41 -9.90
N ARG O 790 -7.74 30.97 -8.89
CA ARG O 790 -8.11 31.28 -7.51
C ARG O 790 -8.02 32.78 -7.24
N GLN O 791 -6.98 33.43 -7.76
CA GLN O 791 -6.87 34.88 -7.59
C GLN O 791 -7.98 35.61 -8.32
N HIS O 792 -8.33 35.16 -9.52
CA HIS O 792 -9.43 35.77 -10.26
C HIS O 792 -10.75 35.61 -9.50
N ASN O 793 -10.97 34.42 -8.92
CA ASN O 793 -12.19 34.21 -8.14
C ASN O 793 -12.20 35.03 -6.86
N TYR O 794 -11.04 35.21 -6.23
CA TYR O 794 -10.96 36.07 -5.05
C TYR O 794 -11.29 37.51 -5.40
N LEU O 795 -10.78 37.99 -6.53
CA LEU O 795 -11.15 39.32 -7.00
C LEU O 795 -12.65 39.40 -7.30
N LYS O 796 -13.20 38.36 -7.92
CA LYS O 796 -14.62 38.34 -8.24
C LYS O 796 -15.47 38.23 -6.98
N ASP O 797 -15.12 37.29 -6.09
CA ASP O 797 -15.87 37.09 -4.87
C ASP O 797 -15.55 38.12 -3.79
N GLY O 798 -14.55 38.97 -4.02
CA GLY O 798 -14.16 39.98 -3.06
C GLY O 798 -13.40 39.38 -1.89
N PRO O 799 -13.15 40.20 -0.86
CA PRO O 799 -12.44 39.70 0.31
C PRO O 799 -13.28 38.65 1.04
N TYR O 800 -12.67 37.50 1.31
CA TYR O 800 -13.37 36.44 2.03
C TYR O 800 -13.71 36.87 3.45
N ILE O 801 -12.77 37.55 4.12
CA ILE O 801 -13.00 37.99 5.49
C ILE O 801 -14.05 39.09 5.51
N THR O 802 -15.07 38.92 6.35
CA THR O 802 -16.12 39.92 6.47
C THR O 802 -15.58 41.17 7.16
N ALA O 803 -16.30 42.28 6.97
CA ALA O 803 -15.88 43.54 7.58
C ALA O 803 -15.96 43.49 9.10
N GLU O 804 -17.05 42.91 9.63
CA GLU O 804 -17.20 42.85 11.09
C GLU O 804 -16.11 41.97 11.72
N GLU O 805 -15.84 40.82 11.12
CA GLU O 805 -14.80 39.94 11.66
C GLU O 805 -13.44 40.59 11.58
N ALA O 806 -13.15 41.28 10.47
CA ALA O 806 -11.87 41.98 10.33
C ALA O 806 -11.74 43.08 11.38
N VAL O 807 -12.82 43.83 11.61
CA VAL O 807 -12.79 44.89 12.61
C VAL O 807 -12.57 44.31 14.01
N ALA O 808 -13.23 43.19 14.32
CA ALA O 808 -13.04 42.56 15.61
C ALA O 808 -11.61 42.07 15.78
N VAL O 809 -11.04 41.47 14.73
CA VAL O 809 -9.67 40.98 14.79
C VAL O 809 -8.70 42.15 15.00
N TYR O 810 -8.93 43.25 14.27
CA TYR O 810 -8.07 44.41 14.43
C TYR O 810 -8.18 44.99 15.83
N THR O 811 -9.39 45.03 16.38
CA THR O 811 -9.57 45.52 17.76
C THR O 811 -8.84 44.63 18.76
N THR O 812 -8.93 43.31 18.57
CA THR O 812 -8.23 42.40 19.47
C THR O 812 -6.72 42.57 19.37
N THR O 813 -6.19 42.71 18.15
CA THR O 813 -4.77 42.92 17.98
C THR O 813 -4.31 44.24 18.58
N VAL O 814 -5.12 45.30 18.43
CA VAL O 814 -4.79 46.59 19.01
C VAL O 814 -4.77 46.50 20.53
N HIS O 815 -5.76 45.80 21.11
CA HIS O 815 -5.79 45.63 22.56
C HIS O 815 -4.57 44.86 23.05
N TRP O 816 -4.20 43.80 22.32
CA TRP O 816 -3.02 43.02 22.69
C TRP O 816 -1.75 43.87 22.64
N LEU O 817 -1.60 44.65 21.57
CA LEU O 817 -0.42 45.50 21.44
C LEU O 817 -0.38 46.56 22.53
N GLU O 818 -1.53 47.17 22.85
CA GLU O 818 -1.59 48.17 23.90
C GLU O 818 -1.24 47.57 25.25
N SER O 819 -1.74 46.36 25.53
CA SER O 819 -1.37 45.69 26.78
C SER O 819 0.13 45.40 26.82
N ARG O 820 0.70 44.96 25.69
CA ARG O 820 2.13 44.75 25.62
C ARG O 820 2.90 46.06 25.53
N ARG O 821 2.23 47.16 25.17
CA ARG O 821 2.86 48.47 25.06
C ARG O 821 4.04 48.44 24.10
N PHE O 822 3.83 47.83 22.93
CA PHE O 822 4.88 47.67 21.94
C PHE O 822 5.06 48.99 21.18
N SER O 823 6.21 49.62 21.36
CA SER O 823 6.52 50.84 20.62
C SER O 823 6.71 50.50 19.15
N PRO O 824 6.03 51.18 18.24
CA PRO O 824 6.16 50.84 16.82
C PRO O 824 7.60 51.03 16.34
N ILE O 825 7.99 50.17 15.40
CA ILE O 825 9.33 50.22 14.81
C ILE O 825 9.34 51.31 13.74
N PRO O 826 10.01 52.44 13.99
CA PRO O 826 9.95 53.55 13.04
C PRO O 826 10.75 53.26 11.78
N PHE O 827 10.61 54.16 10.82
CA PHE O 827 11.40 54.08 9.60
C PHE O 827 12.88 54.27 9.94
N PRO O 828 13.78 53.63 9.21
CA PRO O 828 15.21 53.72 9.53
C PRO O 828 15.70 55.15 9.47
N PRO O 829 16.17 55.69 10.60
CA PRO O 829 16.64 57.08 10.61
C PRO O 829 17.86 57.27 9.71
N LEU O 830 18.16 58.54 9.43
CA LEU O 830 19.30 58.88 8.59
C LEU O 830 20.62 58.51 9.23
N SER O 831 20.66 58.36 10.56
CA SER O 831 21.90 58.10 11.30
C SER O 831 21.70 56.96 12.27
N TYR O 832 21.09 55.86 11.80
CA TYR O 832 20.89 54.69 12.64
C TYR O 832 22.23 54.13 13.09
N LYS O 833 22.31 53.78 14.38
CA LYS O 833 23.57 53.34 14.96
C LYS O 833 24.06 52.05 14.33
N HIS O 834 23.16 51.10 14.09
CA HIS O 834 23.51 49.79 13.57
C HIS O 834 23.06 49.59 12.13
N ASP O 835 22.86 50.68 11.38
CA ASP O 835 22.44 50.54 9.99
C ASP O 835 23.49 49.83 9.15
N THR O 836 24.76 50.19 9.34
CA THR O 836 25.84 49.54 8.58
C THR O 836 25.92 48.06 8.90
N LYS O 837 25.81 47.71 10.19
CA LYS O 837 25.87 46.30 10.58
C LYS O 837 24.72 45.51 9.98
N LEU O 838 23.50 46.06 10.04
CA LEU O 838 22.35 45.37 9.47
C LEU O 838 22.48 45.22 7.96
N LEU O 839 22.96 46.26 7.28
CA LEU O 839 23.16 46.18 5.84
C LEU O 839 24.19 45.12 5.49
N ILE O 840 25.29 45.07 6.24
CA ILE O 840 26.32 44.08 5.98
C ILE O 840 25.79 42.67 6.23
N LEU O 841 25.01 42.50 7.29
CA LEU O 841 24.45 41.18 7.58
C LEU O 841 23.49 40.75 6.48
N ALA O 842 22.65 41.67 6.00
CA ALA O 842 21.72 41.33 4.92
C ALA O 842 22.47 40.98 3.65
N LEU O 843 23.51 41.75 3.32
CA LEU O 843 24.30 41.45 2.13
C LEU O 843 24.98 40.10 2.23
N GLU O 844 25.51 39.77 3.42
CA GLU O 844 26.14 38.47 3.63
C GLU O 844 25.12 37.35 3.49
N ARG O 845 23.94 37.51 4.10
CA ARG O 845 22.93 36.47 4.03
C ARG O 845 22.40 36.27 2.62
N LEU O 846 22.37 37.34 1.82
CA LEU O 846 21.97 37.20 0.43
C LEU O 846 23.07 36.60 -0.43
N LYS O 847 24.33 36.89 -0.13
CA LYS O 847 25.45 36.36 -0.90
C LYS O 847 25.63 34.87 -0.66
N GLU O 848 25.33 34.38 0.54
CA GLU O 848 25.53 32.98 0.86
C GLU O 848 24.75 32.05 -0.05
N ALA O 849 23.63 32.51 -0.61
CA ALA O 849 22.87 31.69 -1.55
C ALA O 849 23.69 31.42 -2.81
N TYR O 850 24.42 32.42 -3.30
CA TYR O 850 25.20 32.26 -4.52
C TYR O 850 26.47 31.47 -4.26
N SER O 851 26.35 30.15 -4.17
CA SER O 851 27.51 29.29 -3.99
C SER O 851 28.34 29.24 -5.26
N VAL O 852 29.61 28.86 -5.10
CA VAL O 852 30.51 28.79 -6.23
C VAL O 852 30.11 27.61 -7.12
N LYS O 853 29.51 27.92 -8.26
CA LYS O 853 29.07 26.92 -9.22
C LYS O 853 29.94 27.00 -10.47
N SER O 854 29.56 26.21 -11.49
CA SER O 854 30.28 26.25 -12.75
C SER O 854 30.18 27.62 -13.40
N ARG O 855 29.00 28.23 -13.38
CA ARG O 855 28.81 29.57 -13.93
C ARG O 855 27.58 30.18 -13.27
N LEU O 856 27.30 31.43 -13.65
CA LEU O 856 26.14 32.15 -13.15
C LEU O 856 25.42 32.82 -14.31
N ASN O 857 24.10 32.92 -14.19
CA ASN O 857 23.29 33.54 -15.22
C ASN O 857 23.56 35.05 -15.28
N GLN O 858 23.06 35.68 -16.35
CA GLN O 858 23.21 37.12 -16.49
C GLN O 858 22.54 37.86 -15.35
N SER O 859 21.33 37.43 -14.96
CA SER O 859 20.69 38.01 -13.79
C SER O 859 21.48 37.70 -12.53
N GLN O 860 22.01 36.48 -12.41
CA GLN O 860 22.84 36.14 -11.26
C GLN O 860 24.12 36.98 -11.24
N ARG O 861 24.74 37.18 -12.41
CA ARG O 861 25.92 38.02 -12.47
C ARG O 861 25.60 39.46 -12.08
N GLU O 862 24.48 39.99 -12.54
CA GLU O 862 24.08 41.34 -12.15
C GLU O 862 23.82 41.43 -10.65
N GLU O 863 23.20 40.40 -10.08
CA GLU O 863 22.97 40.37 -8.63
C GLU O 863 24.28 40.37 -7.86
N LEU O 864 25.23 39.55 -8.31
CA LEU O 864 26.54 39.51 -7.64
C LEU O 864 27.26 40.84 -7.76
N GLY O 865 27.15 41.48 -8.93
CA GLY O 865 27.75 42.80 -9.09
C GLY O 865 27.11 43.84 -8.19
N LEU O 866 25.79 43.80 -8.06
CA LEU O 866 25.10 44.73 -7.16
C LEU O 866 25.49 44.48 -5.71
N ILE O 867 25.65 43.21 -5.33
CA ILE O 867 26.09 42.90 -3.98
C ILE O 867 27.50 43.43 -3.73
N GLU O 868 28.39 43.26 -4.70
CA GLU O 868 29.74 43.80 -4.56
C GLU O 868 29.73 45.33 -4.46
N GLN O 869 28.89 45.98 -5.27
CA GLN O 869 28.80 47.43 -5.22
C GLN O 869 28.26 47.91 -3.87
N ALA O 870 27.27 47.18 -3.33
CA ALA O 870 26.76 47.52 -2.00
C ALA O 870 27.84 47.35 -0.94
N TYR O 871 28.63 46.27 -1.04
CA TYR O 871 29.76 46.08 -0.15
C TYR O 871 30.87 47.11 -0.38
N ASP O 872 30.84 47.82 -1.50
CA ASP O 872 31.84 48.84 -1.78
C ASP O 872 31.44 50.21 -1.24
N ASN O 873 30.18 50.59 -1.39
CA ASN O 873 29.68 51.89 -0.92
C ASN O 873 28.46 51.65 -0.03
N PRO O 874 28.68 51.28 1.23
CA PRO O 874 27.54 51.02 2.12
C PRO O 874 26.60 52.21 2.29
N HIS O 875 27.15 53.43 2.36
CA HIS O 875 26.30 54.60 2.56
C HIS O 875 25.39 54.83 1.36
N GLU O 876 25.95 54.79 0.15
CA GLU O 876 25.14 54.98 -1.05
C GLU O 876 24.12 53.86 -1.21
N ALA O 877 24.51 52.63 -0.89
CA ALA O 877 23.58 51.51 -0.97
C ALA O 877 22.43 51.68 0.01
N LEU O 878 22.73 52.11 1.24
CA LEU O 878 21.67 52.35 2.21
C LEU O 878 20.75 53.48 1.77
N SER O 879 21.32 54.53 1.17
CA SER O 879 20.50 55.62 0.66
C SER O 879 19.57 55.14 -0.46
N ARG O 880 20.11 54.32 -1.37
CA ARG O 880 19.28 53.78 -2.44
C ARG O 880 18.19 52.87 -1.89
N ILE O 881 18.52 52.07 -0.87
CA ILE O 881 17.52 51.19 -0.26
C ILE O 881 16.41 52.01 0.38
N LYS O 882 16.78 53.07 1.09
CA LYS O 882 15.77 53.94 1.71
C LYS O 882 14.90 54.61 0.65
N ARG O 883 15.51 55.07 -0.45
CA ARG O 883 14.74 55.70 -1.51
C ARG O 883 13.77 54.71 -2.15
N HIS O 884 14.22 53.48 -2.37
CA HIS O 884 13.33 52.45 -2.92
C HIS O 884 12.20 52.12 -1.95
N LEU O 885 12.51 52.05 -0.66
CA LEU O 885 11.47 51.74 0.33
C LEU O 885 10.42 52.84 0.41
N LEU O 886 10.86 54.10 0.39
CA LEU O 886 9.91 55.20 0.52
C LEU O 886 9.17 55.53 -0.77
N THR O 887 9.66 55.10 -1.93
CA THR O 887 9.07 55.49 -3.20
C THR O 887 8.58 54.31 -4.02
N GLN O 888 9.37 53.24 -4.14
CA GLN O 888 9.06 52.14 -5.04
C GLN O 888 7.93 51.29 -4.44
N ARG O 889 6.70 51.72 -4.71
CA ARG O 889 5.51 51.00 -4.28
C ARG O 889 4.93 50.13 -5.39
N ALA O 890 5.69 49.91 -6.47
CA ALA O 890 5.25 49.06 -7.58
C ALA O 890 6.49 48.37 -8.13
N PHE O 891 6.71 47.14 -7.70
CA PHE O 891 7.92 46.40 -8.04
C PHE O 891 7.76 45.67 -9.38
N LYS O 892 8.78 44.92 -9.76
CA LYS O 892 8.79 44.20 -11.03
C LYS O 892 8.21 42.81 -10.84
N GLU O 893 8.37 41.95 -11.85
CA GLU O 893 7.82 40.61 -11.82
C GLU O 893 8.75 39.67 -11.07
N VAL O 894 8.18 38.91 -10.13
CA VAL O 894 8.92 37.94 -9.32
C VAL O 894 8.75 36.57 -9.96
N GLY O 895 9.87 35.91 -10.25
CA GLY O 895 9.80 34.59 -10.85
C GLY O 895 9.24 33.55 -9.89
N ILE O 896 8.77 32.45 -10.46
CA ILE O 896 8.16 31.38 -9.68
C ILE O 896 8.58 30.04 -10.28
N GLU O 897 9.25 29.22 -9.46
CA GLU O 897 9.61 27.86 -9.84
C GLU O 897 9.28 26.95 -8.67
N PHE O 898 9.04 25.68 -8.98
CA PHE O 898 8.59 24.70 -7.99
C PHE O 898 9.72 23.72 -7.71
N MET O 899 10.12 23.63 -6.44
CA MET O 899 11.11 22.64 -6.04
C MET O 899 10.58 21.24 -6.27
N ASP O 900 11.42 20.37 -6.81
CA ASP O 900 10.97 19.04 -7.23
C ASP O 900 10.90 18.08 -6.05
N LEU O 901 10.20 18.47 -4.99
CA LEU O 901 9.96 17.56 -3.87
C LEU O 901 8.97 16.48 -4.30
N TYR O 902 9.30 15.23 -3.97
CA TYR O 902 8.45 14.12 -4.38
C TYR O 902 7.06 14.18 -3.76
N SER O 903 6.99 14.55 -2.48
CA SER O 903 5.72 14.52 -1.74
C SER O 903 4.99 15.86 -1.78
N HIS O 904 5.63 16.93 -1.29
CA HIS O 904 4.99 18.23 -1.16
C HIS O 904 5.77 19.25 -1.98
N LEU O 905 5.28 19.53 -3.18
CA LEU O 905 5.90 20.54 -4.03
C LEU O 905 5.86 21.90 -3.35
N VAL O 906 6.97 22.63 -3.43
CA VAL O 906 7.08 23.94 -2.81
C VAL O 906 7.62 24.94 -3.83
N PRO O 907 7.20 26.20 -3.77
CA PRO O 907 7.65 27.18 -4.76
C PRO O 907 9.02 27.76 -4.40
N VAL O 908 9.64 28.36 -5.41
CA VAL O 908 10.90 29.08 -5.23
C VAL O 908 10.81 30.42 -5.94
N TYR O 909 10.45 31.47 -5.19
CA TYR O 909 10.24 32.79 -5.75
C TYR O 909 11.52 33.61 -5.66
N ASP O 910 11.96 34.15 -6.79
CA ASP O 910 13.19 34.94 -6.88
C ASP O 910 12.82 36.39 -7.18
N VAL O 911 13.11 37.28 -6.23
CA VAL O 911 12.81 38.70 -6.38
C VAL O 911 13.90 39.36 -7.23
N GLU O 912 13.64 40.59 -7.68
CA GLU O 912 14.63 41.33 -8.44
C GLU O 912 15.84 41.64 -7.57
N PRO O 913 17.04 41.72 -8.16
CA PRO O 913 18.25 41.87 -7.34
C PRO O 913 18.23 43.09 -6.41
N LEU O 914 17.99 44.29 -6.96
CA LEU O 914 17.88 45.47 -6.10
C LEU O 914 16.69 45.35 -5.17
N GLU O 915 15.56 44.84 -5.68
CA GLU O 915 14.41 44.62 -4.82
C GLU O 915 14.71 43.60 -3.74
N LYS O 916 15.45 42.54 -4.08
CA LYS O 916 15.82 41.55 -3.07
C LYS O 916 16.72 42.16 -2.01
N ILE O 917 17.66 43.02 -2.42
CA ILE O 917 18.54 43.66 -1.45
C ILE O 917 17.76 44.56 -0.51
N THR O 918 16.84 45.35 -1.08
CA THR O 918 16.01 46.21 -0.24
C THR O 918 15.15 45.40 0.72
N ASP O 919 14.57 44.30 0.23
CA ASP O 919 13.74 43.45 1.07
C ASP O 919 14.57 42.82 2.20
N ALA O 920 15.79 42.38 1.88
CA ALA O 920 16.64 41.78 2.91
C ALA O 920 17.03 42.79 3.96
N TYR O 921 17.37 44.02 3.55
CA TYR O 921 17.68 45.06 4.51
C TYR O 921 16.47 45.37 5.39
N LEU O 922 15.30 45.47 4.78
CA LEU O 922 14.09 45.74 5.55
C LEU O 922 13.81 44.61 6.53
N ASP O 923 14.01 43.36 6.10
CA ASP O 923 13.75 42.21 6.97
C ASP O 923 14.72 42.18 8.15
N GLN O 924 16.00 42.43 7.89
CA GLN O 924 16.97 42.45 8.98
C GLN O 924 16.66 43.57 9.96
N TYR O 925 16.31 44.76 9.44
CA TYR O 925 15.97 45.87 10.32
C TYR O 925 14.73 45.57 11.14
N LEU O 926 13.71 44.98 10.51
CA LEU O 926 12.47 44.67 11.21
C LEU O 926 12.68 43.60 12.26
N TRP O 927 13.49 42.58 11.96
CA TRP O 927 13.78 41.55 12.95
C TRP O 927 14.54 42.13 14.14
N TYR O 928 15.53 42.98 13.87
CA TYR O 928 16.28 43.61 14.96
C TYR O 928 15.37 44.48 15.82
N GLU O 929 14.51 45.27 15.18
CA GLU O 929 13.61 46.15 15.93
C GLU O 929 12.60 45.35 16.73
N ALA O 930 12.07 44.27 16.16
CA ALA O 930 11.13 43.41 16.88
C ALA O 930 11.80 42.76 18.08
N ASP O 931 13.04 42.28 17.91
CA ASP O 931 13.77 41.71 19.03
C ASP O 931 14.00 42.74 20.13
N LYS O 932 14.37 43.96 19.74
CA LYS O 932 14.59 45.02 20.73
C LYS O 932 13.30 45.37 21.47
N ARG O 933 12.19 45.46 20.74
CA ARG O 933 10.91 45.86 21.32
C ARG O 933 10.09 44.68 21.82
N ARG O 934 10.56 43.45 21.61
CA ARG O 934 9.86 42.24 22.03
C ARG O 934 8.48 42.15 21.38
N LEU O 935 8.47 42.24 20.05
CA LEU O 935 7.22 42.15 19.30
C LEU O 935 6.73 40.71 19.22
N PHE O 936 7.57 39.82 18.69
CA PHE O 936 7.21 38.42 18.63
C PHE O 936 7.11 37.85 20.05
N PRO O 937 6.14 36.99 20.32
CA PRO O 937 5.97 36.46 21.67
C PRO O 937 6.84 35.24 21.89
N PRO O 938 7.04 34.83 23.15
CA PRO O 938 7.87 33.65 23.40
C PRO O 938 7.30 32.37 22.78
N TRP O 939 5.98 32.20 22.79
CA TRP O 939 5.39 30.97 22.29
C TRP O 939 5.59 30.81 20.78
N ILE O 940 5.98 31.89 20.10
CA ILE O 940 6.43 31.76 18.72
C ILE O 940 7.72 30.95 18.75
N LYS O 941 7.66 29.71 18.29
CA LYS O 941 8.70 28.73 18.60
C LYS O 941 10.02 28.96 17.87
N PRO O 942 10.04 29.03 16.51
CA PRO O 942 11.35 29.02 15.82
C PRO O 942 12.20 30.25 16.14
N ALA O 943 13.27 30.03 16.90
CA ALA O 943 14.18 31.10 17.28
C ALA O 943 15.60 30.55 17.35
N ASP O 944 16.56 31.47 17.48
CA ASP O 944 17.96 31.05 17.55
C ASP O 944 18.30 30.49 18.93
N THR O 945 17.53 30.87 19.95
CA THR O 945 17.83 30.42 21.31
C THR O 945 17.69 28.91 21.44
N GLU O 946 16.63 28.35 20.86
CA GLU O 946 16.36 26.92 20.99
C GLU O 946 16.22 26.28 19.61
N PRO O 947 17.10 25.36 19.22
CA PRO O 947 16.91 24.63 17.96
C PRO O 947 15.71 23.72 18.04
N PRO O 948 15.16 23.29 16.91
CA PRO O 948 13.92 22.50 16.91
C PRO O 948 13.99 21.26 17.78
N PRO O 949 15.04 20.43 17.68
CA PRO O 949 15.11 19.28 18.60
C PRO O 949 15.16 19.69 20.06
N LEU O 950 15.88 20.76 20.37
CA LEU O 950 15.87 21.28 21.73
C LEU O 950 14.53 21.86 22.10
N LEU O 951 13.80 22.41 21.12
CA LEU O 951 12.44 22.88 21.38
C LEU O 951 11.53 21.72 21.78
N VAL O 952 11.64 20.60 21.07
CA VAL O 952 10.85 19.42 21.42
C VAL O 952 11.23 18.90 22.79
N TYR O 953 12.54 18.85 23.07
CA TYR O 953 12.99 18.38 24.38
C TYR O 953 12.51 19.29 25.50
N LYS O 954 12.53 20.60 25.27
CA LYS O 954 12.05 21.54 26.28
C LYS O 954 10.55 21.42 26.48
N TRP O 955 9.79 21.21 25.41
CA TRP O 955 8.36 21.00 25.54
C TRP O 955 8.07 19.74 26.34
N CYS O 956 8.81 18.66 26.07
CA CYS O 956 8.63 17.42 26.81
C CYS O 956 8.96 17.62 28.30
N GLN O 957 10.07 18.30 28.58
CA GLN O 957 10.45 18.53 29.97
C GLN O 957 9.46 19.41 30.70
N GLY O 958 8.96 20.46 30.05
CA GLY O 958 8.01 21.35 30.68
C GLY O 958 6.60 20.80 30.80
N ILE O 959 6.25 19.83 29.98
CA ILE O 959 4.94 19.19 30.10
C ILE O 959 4.83 18.50 31.46
N ASN O 960 5.87 17.76 31.84
CA ASN O 960 5.88 17.07 33.13
C ASN O 960 6.07 18.04 34.30
N ASN O 961 6.52 19.26 34.03
CA ASN O 961 6.79 20.21 35.09
C ASN O 961 5.51 20.86 35.64
N LEU O 962 4.39 20.73 34.94
CA LEU O 962 3.14 21.24 35.46
C LEU O 962 2.72 20.43 36.69
N GLN O 963 2.11 21.12 37.66
CA GLN O 963 1.67 20.45 38.88
C GLN O 963 0.60 19.40 38.56
N ASP O 964 0.81 18.19 39.06
CA ASP O 964 -0.11 17.07 38.85
C ASP O 964 -0.41 16.86 37.37
N VAL O 965 0.66 16.87 36.55
CA VAL O 965 0.51 16.73 35.11
C VAL O 965 0.19 15.31 34.68
N TRP O 966 0.13 14.36 35.61
CA TRP O 966 -0.18 12.98 35.28
C TRP O 966 -1.21 12.34 36.20
N GLU O 967 -1.63 13.00 37.28
CA GLU O 967 -2.51 12.38 38.26
C GLU O 967 -3.94 12.27 37.73
N THR O 968 -4.25 11.15 37.06
CA THR O 968 -5.58 10.90 36.57
C THR O 968 -6.49 10.24 37.60
N SER O 969 -6.03 10.11 38.85
CA SER O 969 -6.83 9.45 39.88
C SER O 969 -8.14 10.19 40.12
N GLU O 970 -8.10 11.51 40.13
CA GLU O 970 -9.30 12.33 40.33
C GLU O 970 -10.14 12.47 39.08
N GLY O 971 -9.88 11.69 38.03
CA GLY O 971 -10.64 11.76 36.81
C GLY O 971 -10.18 12.78 35.81
N GLU O 972 -9.17 13.58 36.13
CA GLU O 972 -8.69 14.62 35.23
C GLU O 972 -8.08 14.00 33.98
N CYS O 973 -8.18 14.73 32.86
CA CYS O 973 -7.66 14.27 31.58
C CYS O 973 -6.96 15.43 30.89
N ASN O 974 -5.78 15.16 30.34
CA ASN O 974 -4.98 16.17 29.66
C ASN O 974 -4.96 15.87 28.16
N VAL O 975 -5.30 16.87 27.36
CA VAL O 975 -5.39 16.72 25.91
C VAL O 975 -4.44 17.72 25.27
N MET O 976 -3.52 17.22 24.46
CA MET O 976 -2.57 18.05 23.73
C MET O 976 -2.98 18.03 22.26
N LEU O 977 -3.49 19.16 21.77
CA LEU O 977 -3.98 19.25 20.40
C LEU O 977 -2.87 19.74 19.48
N GLU O 978 -2.53 18.92 18.48
CA GLU O 978 -1.54 19.29 17.47
C GLU O 978 -2.29 19.60 16.19
N SER O 979 -2.22 20.86 15.77
CA SER O 979 -2.96 21.33 14.60
C SER O 979 -2.08 22.27 13.78
N ARG O 980 -2.46 22.46 12.52
CA ARG O 980 -1.79 23.39 11.63
C ARG O 980 -2.83 24.25 10.93
N PHE O 981 -2.44 25.49 10.61
CA PHE O 981 -3.32 26.42 9.93
C PHE O 981 -3.25 26.13 8.44
N GLU O 982 -4.23 25.40 7.93
CA GLU O 982 -4.24 25.05 6.52
C GLU O 982 -4.37 26.29 5.66
N LYS O 983 -3.55 26.36 4.62
CA LYS O 983 -3.53 27.49 3.68
C LYS O 983 -3.30 28.82 4.38
N MET O 984 -2.53 28.83 5.47
CA MET O 984 -2.26 30.07 6.18
C MET O 984 -1.47 31.04 5.31
N TYR O 985 -0.43 30.55 4.64
CA TYR O 985 0.34 31.41 3.75
C TYR O 985 -0.51 31.85 2.55
N GLU O 986 -1.29 30.93 1.99
CA GLU O 986 -2.05 31.26 0.78
C GLU O 986 -3.20 32.22 1.09
N LYS O 987 -3.90 32.03 2.20
CA LYS O 987 -5.06 32.85 2.54
C LYS O 987 -4.68 33.98 3.49
N ILE O 988 -3.86 34.90 2.99
CA ILE O 988 -3.41 36.06 3.74
C ILE O 988 -3.93 37.30 3.01
N ASP O 989 -4.93 37.96 3.60
CA ASP O 989 -5.52 39.14 2.98
C ASP O 989 -4.51 40.28 2.97
N LEU O 990 -4.17 40.75 1.76
CA LEU O 990 -3.18 41.82 1.63
C LEU O 990 -3.66 43.11 2.30
N THR O 991 -4.94 43.44 2.13
CA THR O 991 -5.47 44.66 2.74
C THR O 991 -5.45 44.57 4.26
N LEU O 992 -5.85 43.41 4.80
CA LEU O 992 -5.80 43.22 6.24
C LEU O 992 -4.37 43.24 6.75
N LEU O 993 -3.44 42.69 5.97
CA LEU O 993 -2.03 42.72 6.35
C LEU O 993 -1.52 44.16 6.41
N ASN O 994 -1.91 44.99 5.43
CA ASN O 994 -1.52 46.39 5.43
C ASN O 994 -2.13 47.12 6.63
N ARG O 995 -3.39 46.82 6.94
CA ARG O 995 -4.06 47.52 8.04
C ARG O 995 -3.50 47.09 9.39
N LEU O 996 -2.98 45.88 9.48
CA LEU O 996 -2.48 45.38 10.76
C LEU O 996 -1.02 45.74 10.97
N LEU O 997 -0.19 45.56 9.95
CA LEU O 997 1.24 45.83 10.08
C LEU O 997 1.49 47.31 10.36
N ARG O 998 0.60 48.19 9.91
CA ARG O 998 0.77 49.61 10.19
C ARG O 998 0.66 49.91 11.68
N LEU O 999 0.02 49.01 12.44
CA LEU O 999 -0.08 49.21 13.89
C LEU O 999 1.24 48.88 14.58
N ILE O 1000 2.12 48.15 13.92
CA ILE O 1000 3.40 47.75 14.48
C ILE O 1000 4.56 48.35 13.69
N VAL O 1001 4.66 48.02 12.40
CA VAL O 1001 5.73 48.54 11.56
C VAL O 1001 5.42 49.99 11.19
N ASP O 1002 6.43 50.69 10.66
CA ASP O 1002 6.22 52.06 10.21
C ASP O 1002 5.19 52.10 9.09
N HIS O 1003 4.34 53.14 9.12
CA HIS O 1003 3.24 53.22 8.17
C HIS O 1003 3.74 53.19 6.73
N ASN O 1004 4.78 53.98 6.44
CA ASN O 1004 5.39 53.94 5.11
C ASN O 1004 6.01 52.58 4.83
N ILE O 1005 6.72 52.02 5.82
CA ILE O 1005 7.33 50.71 5.64
C ILE O 1005 6.28 49.63 5.50
N ALA O 1006 5.20 49.73 6.28
CA ALA O 1006 4.11 48.76 6.17
C ALA O 1006 3.46 48.83 4.80
N ASP O 1007 3.22 50.04 4.29
CA ASP O 1007 2.65 50.19 2.96
C ASP O 1007 3.58 49.63 1.89
N TYR O 1008 4.88 49.87 2.04
CA TYR O 1008 5.84 49.33 1.08
C TYR O 1008 5.84 47.81 1.10
N MET O 1009 5.79 47.21 2.29
CA MET O 1009 5.76 45.76 2.40
C MET O 1009 4.48 45.19 1.80
N THR O 1010 3.34 45.85 2.06
CA THR O 1010 2.08 45.39 1.50
C THR O 1010 2.09 45.48 -0.02
N ALA O 1011 2.65 46.56 -0.57
CA ALA O 1011 2.76 46.69 -2.02
C ALA O 1011 3.68 45.61 -2.60
N LYS O 1012 4.80 45.34 -1.93
CA LYS O 1012 5.70 44.28 -2.37
C LYS O 1012 5.01 42.93 -2.33
N ASN O 1013 4.06 42.75 -1.40
CA ASN O 1013 3.32 41.50 -1.34
C ASN O 1013 2.48 41.28 -2.59
N ASN O 1014 2.14 42.37 -3.30
CA ASN O 1014 1.38 42.29 -4.53
C ASN O 1014 2.33 42.47 -5.71
N VAL O 1015 2.50 41.41 -6.50
CA VAL O 1015 3.40 41.45 -7.65
C VAL O 1015 2.82 40.56 -8.74
N VAL O 1016 3.48 40.55 -9.91
CA VAL O 1016 3.07 39.72 -11.03
C VAL O 1016 3.98 38.51 -11.07
N ILE O 1017 3.46 37.36 -10.63
CA ILE O 1017 4.24 36.14 -10.65
C ILE O 1017 4.43 35.67 -12.08
N ASN O 1018 5.69 35.64 -12.53
CA ASN O 1018 6.03 35.30 -13.90
C ASN O 1018 6.76 33.95 -13.91
N TYR O 1019 6.38 33.07 -14.82
CA TYR O 1019 7.03 31.78 -14.99
C TYR O 1019 6.79 31.33 -16.42
N LYS O 1020 7.89 31.14 -17.16
CA LYS O 1020 7.86 30.77 -18.59
C LYS O 1020 6.93 31.74 -19.31
N ASP O 1021 5.94 31.27 -20.06
CA ASP O 1021 5.03 32.14 -20.79
C ASP O 1021 3.78 32.50 -19.98
N MET O 1022 3.71 32.08 -18.72
CA MET O 1022 2.55 32.32 -17.87
C MET O 1022 2.86 33.44 -16.89
N ASN O 1023 1.97 34.43 -16.83
CA ASN O 1023 2.09 35.55 -15.92
C ASN O 1023 0.74 35.81 -15.26
N HIS O 1024 0.73 35.88 -13.93
CA HIS O 1024 -0.48 36.12 -13.17
C HIS O 1024 -0.18 37.12 -12.06
N THR O 1025 -1.22 37.83 -11.63
CA THR O 1025 -1.11 38.78 -10.54
C THR O 1025 -1.39 38.08 -9.21
N ASN O 1026 -1.01 38.75 -8.12
CA ASN O 1026 -1.24 38.26 -6.77
C ASN O 1026 -1.93 39.33 -5.94
N SER O 1027 -3.05 38.96 -5.32
CA SER O 1027 -3.81 39.87 -4.48
C SER O 1027 -4.23 39.31 -3.14
N TYR O 1028 -4.26 37.98 -2.95
CA TYR O 1028 -4.74 37.38 -1.72
C TYR O 1028 -3.74 36.47 -1.03
N GLY O 1029 -2.49 36.43 -1.48
CA GLY O 1029 -1.51 35.57 -0.86
C GLY O 1029 -0.12 36.16 -0.76
N ILE O 1030 0.44 36.16 0.46
CA ILE O 1030 1.79 36.66 0.65
C ILE O 1030 2.80 35.76 -0.05
N ILE O 1031 3.75 36.38 -0.75
CA ILE O 1031 4.80 35.65 -1.46
C ILE O 1031 5.86 35.24 -0.45
N ARG O 1032 6.14 33.94 -0.39
CA ARG O 1032 7.13 33.44 0.57
C ARG O 1032 8.54 33.75 0.12
N GLY O 1033 8.73 34.02 -1.17
CA GLY O 1033 10.07 34.32 -1.67
C GLY O 1033 10.64 35.61 -1.14
N LEU O 1034 9.80 36.61 -0.91
CA LEU O 1034 10.26 37.89 -0.41
C LEU O 1034 10.94 37.74 0.95
N GLN O 1035 12.02 38.49 1.14
CA GLN O 1035 12.77 38.41 2.39
C GLN O 1035 11.95 38.91 3.58
N PHE O 1036 10.91 39.70 3.32
CA PHE O 1036 10.07 40.21 4.39
C PHE O 1036 9.00 39.22 4.84
N ALA O 1037 8.95 38.04 4.22
CA ALA O 1037 7.94 37.05 4.58
C ALA O 1037 8.05 36.64 6.05
N SER O 1038 9.28 36.54 6.56
CA SER O 1038 9.48 36.09 7.93
C SER O 1038 8.75 36.99 8.93
N PHE O 1039 8.93 38.31 8.82
CA PHE O 1039 8.24 39.22 9.72
C PHE O 1039 6.74 39.20 9.49
N ILE O 1040 6.31 39.14 8.22
CA ILE O 1040 4.89 39.13 7.90
C ILE O 1040 4.23 37.86 8.43
N VAL O 1041 4.88 36.71 8.19
CA VAL O 1041 4.33 35.45 8.66
C VAL O 1041 4.33 35.40 10.18
N GLN O 1042 5.35 35.97 10.82
CA GLN O 1042 5.39 35.99 12.27
C GLN O 1042 4.26 36.85 12.84
N TYR O 1043 4.00 38.01 12.22
CA TYR O 1043 2.92 38.87 12.69
C TYR O 1043 1.56 38.20 12.48
N TYR O 1044 1.36 37.56 11.32
CA TYR O 1044 0.11 36.86 11.08
C TYR O 1044 -0.08 35.72 12.06
N GLY O 1045 0.99 34.97 12.35
CA GLY O 1045 0.89 33.91 13.33
C GLY O 1045 0.61 34.41 14.73
N LEU O 1046 1.20 35.56 15.09
CA LEU O 1046 0.92 36.16 16.38
C LEU O 1046 -0.54 36.58 16.49
N VAL O 1047 -1.09 37.17 15.42
CA VAL O 1047 -2.49 37.56 15.44
C VAL O 1047 -3.37 36.32 15.57
N MET O 1048 -3.06 35.27 14.80
CA MET O 1048 -3.84 34.04 14.86
C MET O 1048 -3.78 33.41 16.24
N ASP O 1049 -2.59 33.40 16.86
CA ASP O 1049 -2.45 32.85 18.20
C ASP O 1049 -3.23 33.67 19.22
N LEU O 1050 -3.19 35.00 19.12
CA LEU O 1050 -3.96 35.83 20.03
C LEU O 1050 -5.45 35.56 19.88
N LEU O 1051 -5.90 35.33 18.64
CA LEU O 1051 -7.29 34.94 18.43
C LEU O 1051 -7.59 33.59 19.06
N VAL O 1052 -6.68 32.63 18.92
CA VAL O 1052 -6.93 31.27 19.39
C VAL O 1052 -6.72 31.17 20.89
N LEU O 1053 -5.55 31.60 21.37
CA LEU O 1053 -5.24 31.46 22.80
C LEU O 1053 -6.16 32.33 23.64
N GLY O 1054 -6.56 33.48 23.15
CA GLY O 1054 -7.39 34.38 23.94
C GLY O 1054 -6.56 35.45 24.63
N LEU O 1055 -7.24 36.54 24.99
CA LEU O 1055 -6.55 37.69 25.56
C LEU O 1055 -5.94 37.37 26.91
N HIS O 1056 -6.74 36.79 27.82
CA HIS O 1056 -6.25 36.50 29.16
C HIS O 1056 -5.15 35.44 29.13
N ARG O 1057 -5.35 34.39 28.34
CA ARG O 1057 -4.38 33.30 28.30
C ARG O 1057 -3.05 33.76 27.73
N ALA O 1058 -3.08 34.55 26.65
CA ALA O 1058 -1.85 35.06 26.06
C ALA O 1058 -1.12 35.99 27.03
N SER O 1059 -1.88 36.83 27.73
CA SER O 1059 -1.28 37.74 28.70
C SER O 1059 -0.62 36.95 29.83
N GLU O 1060 -1.28 35.90 30.31
CA GLU O 1060 -0.69 35.09 31.36
C GLU O 1060 0.53 34.32 30.87
N MET O 1061 0.51 33.89 29.61
CA MET O 1061 1.65 33.13 29.07
C MET O 1061 2.84 34.04 28.80
N ALA O 1062 2.60 35.31 28.49
CA ALA O 1062 3.68 36.26 28.26
C ALA O 1062 4.09 37.03 29.51
N GLY O 1063 3.47 36.75 30.65
CA GLY O 1063 3.81 37.41 31.89
C GLY O 1063 3.51 38.88 31.88
N PRO O 1064 3.91 39.58 32.94
CA PRO O 1064 3.76 41.03 32.98
C PRO O 1064 4.71 41.70 32.00
N PRO O 1065 4.36 42.88 31.47
CA PRO O 1065 5.29 43.56 30.57
C PRO O 1065 6.62 43.91 31.22
N GLN O 1066 6.61 44.26 32.51
CA GLN O 1066 7.85 44.65 33.17
C GLN O 1066 8.82 43.48 33.28
N MET O 1067 8.33 42.31 33.68
CA MET O 1067 9.15 41.11 33.85
C MET O 1067 8.50 39.97 33.09
N PRO O 1068 8.69 39.91 31.77
CA PRO O 1068 8.05 38.87 30.98
C PRO O 1068 8.54 37.48 31.35
N ASN O 1069 7.66 36.49 31.23
CA ASN O 1069 8.00 35.11 31.54
C ASN O 1069 8.70 34.45 30.36
N ASP O 1070 9.50 33.43 30.68
CA ASP O 1070 10.24 32.70 29.67
C ASP O 1070 9.29 31.79 28.88
N PHE O 1071 9.86 30.99 27.97
CA PHE O 1071 9.05 30.12 27.14
C PHE O 1071 8.50 28.96 27.96
N LEU O 1072 7.24 28.62 27.71
CA LEU O 1072 6.56 27.51 28.37
C LEU O 1072 6.64 27.63 29.88
N SER O 1073 6.50 28.85 30.39
CA SER O 1073 6.57 29.11 31.82
C SER O 1073 5.46 30.10 32.20
N PHE O 1074 4.90 29.90 33.38
CA PHE O 1074 3.88 30.78 33.94
C PHE O 1074 4.50 31.61 35.05
N GLN O 1075 3.97 32.82 35.25
CA GLN O 1075 4.49 33.73 36.26
C GLN O 1075 4.37 33.14 37.66
N ASP O 1076 3.37 32.29 37.86
CA ASP O 1076 3.16 31.66 39.16
C ASP O 1076 2.51 30.30 38.96
N ILE O 1077 2.57 29.47 40.01
CA ILE O 1077 1.93 28.16 39.95
C ILE O 1077 0.42 28.31 39.85
N ALA O 1078 -0.14 29.30 40.56
CA ALA O 1078 -1.57 29.57 40.44
C ALA O 1078 -1.93 30.00 39.03
N THR O 1079 -1.10 30.82 38.41
CA THR O 1079 -1.35 31.27 37.04
C THR O 1079 -1.18 30.14 36.01
N GLU O 1080 -0.55 29.03 36.38
CA GLU O 1080 -0.46 27.89 35.48
C GLU O 1080 -1.77 27.13 35.40
N ALA O 1081 -2.50 27.04 36.50
CA ALA O 1081 -3.78 26.35 36.56
C ALA O 1081 -4.97 27.30 36.46
N ALA O 1082 -4.75 28.50 35.91
CA ALA O 1082 -5.82 29.48 35.81
C ALA O 1082 -6.78 29.21 34.66
N HIS O 1083 -6.42 28.31 33.74
CA HIS O 1083 -7.23 28.01 32.58
C HIS O 1083 -6.82 26.65 32.04
N PRO O 1084 -7.69 25.99 31.26
CA PRO O 1084 -7.29 24.71 30.67
C PRO O 1084 -6.03 24.78 29.83
N ILE O 1085 -5.83 25.87 29.08
CA ILE O 1085 -4.64 26.01 28.27
C ILE O 1085 -3.44 26.22 29.17
N ARG O 1086 -2.47 25.31 29.10
CA ARG O 1086 -1.27 25.37 29.95
C ARG O 1086 -0.02 25.64 29.15
N LEU O 1087 0.25 24.86 28.10
CA LEU O 1087 1.44 25.01 27.28
C LEU O 1087 1.02 25.13 25.82
N PHE O 1088 1.67 26.03 25.10
CA PHE O 1088 1.31 26.31 23.71
C PHE O 1088 2.54 26.86 23.00
N CYS O 1089 2.87 26.27 21.85
CA CYS O 1089 4.05 26.64 21.08
C CYS O 1089 3.62 26.91 19.64
N ARG O 1090 3.53 28.19 19.28
CA ARG O 1090 3.11 28.59 17.94
C ARG O 1090 4.29 28.54 16.96
N TYR O 1091 4.50 27.35 16.42
CA TYR O 1091 5.50 27.18 15.38
C TYR O 1091 5.04 27.85 14.10
N ILE O 1092 5.90 27.83 13.09
CA ILE O 1092 5.59 28.42 11.79
C ILE O 1092 4.54 27.57 11.09
N ASP O 1093 3.31 28.06 11.06
CA ASP O 1093 2.16 27.37 10.45
C ASP O 1093 1.91 26.00 11.07
N ARG O 1094 2.16 25.86 12.38
CA ARG O 1094 1.93 24.61 13.08
C ARG O 1094 1.70 24.92 14.55
N ILE O 1095 0.48 24.69 15.03
CA ILE O 1095 0.12 24.98 16.41
C ILE O 1095 0.23 23.70 17.23
N HIS O 1096 0.39 23.88 18.55
CA HIS O 1096 0.41 22.75 19.48
C HIS O 1096 0.07 23.30 20.86
N ILE O 1097 -1.10 22.96 21.37
CA ILE O 1097 -1.59 23.45 22.65
C ILE O 1097 -1.84 22.25 23.56
N PHE O 1098 -1.30 22.31 24.77
CA PHE O 1098 -1.52 21.28 25.78
C PHE O 1098 -2.54 21.80 26.78
N PHE O 1099 -3.68 21.11 26.88
CA PHE O 1099 -4.77 21.52 27.74
C PHE O 1099 -5.01 20.45 28.80
N ARG O 1100 -4.94 20.85 30.07
CA ARG O 1100 -5.21 19.94 31.19
C ARG O 1100 -6.62 20.23 31.71
N PHE O 1101 -7.61 19.67 31.02
CA PHE O 1101 -9.00 19.88 31.37
C PHE O 1101 -9.37 19.05 32.60
N THR O 1102 -9.95 19.71 33.60
CA THR O 1102 -10.42 18.99 34.78
C THR O 1102 -11.61 18.11 34.42
N ALA O 1103 -12.02 17.28 35.38
CA ALA O 1103 -13.13 16.36 35.15
C ALA O 1103 -14.42 17.12 34.85
N ASP O 1104 -14.74 18.10 35.69
CA ASP O 1104 -15.94 18.91 35.44
C ASP O 1104 -15.80 19.70 34.15
N GLU O 1105 -14.62 20.27 33.89
CA GLU O 1105 -14.40 21.02 32.66
C GLU O 1105 -14.52 20.12 31.44
N ALA O 1106 -13.95 18.92 31.51
CA ALA O 1106 -14.05 17.98 30.40
C ALA O 1106 -15.50 17.58 30.17
N ARG O 1107 -16.26 17.33 31.24
CA ARG O 1107 -17.66 16.98 31.10
C ARG O 1107 -18.45 18.12 30.47
N ASP O 1108 -18.18 19.35 30.90
CA ASP O 1108 -18.89 20.51 30.33
C ASP O 1108 -18.55 20.68 28.86
N LEU O 1109 -17.28 20.51 28.49
CA LEU O 1109 -16.90 20.63 27.08
C LEU O 1109 -17.54 19.54 26.23
N ILE O 1110 -17.59 18.33 26.75
CA ILE O 1110 -18.24 17.23 26.03
C ILE O 1110 -19.73 17.51 25.86
N GLN O 1111 -20.38 18.01 26.91
CA GLN O 1111 -21.79 18.35 26.82
C GLN O 1111 -22.03 19.45 25.80
N ARG O 1112 -21.17 20.46 25.78
CA ARG O 1112 -21.32 21.54 24.81
C ARG O 1112 -21.15 21.03 23.39
N TYR O 1113 -20.13 20.18 23.16
CA TYR O 1113 -19.92 19.63 21.83
C TYR O 1113 -21.09 18.77 21.38
N LEU O 1114 -21.64 17.96 22.29
CA LEU O 1114 -22.79 17.14 21.95
C LEU O 1114 -24.02 18.00 21.67
N THR O 1115 -24.19 19.09 22.42
CA THR O 1115 -25.31 19.99 22.17
C THR O 1115 -25.19 20.65 20.80
N GLU O 1116 -23.98 21.08 20.43
CA GLU O 1116 -23.77 21.77 19.16
C GLU O 1116 -23.46 20.81 18.02
N HIS O 1117 -23.27 19.53 18.29
CA HIS O 1117 -22.99 18.56 17.24
C HIS O 1117 -23.27 17.14 17.72
N PRO O 1118 -24.53 16.78 17.95
CA PRO O 1118 -24.82 15.45 18.50
C PRO O 1118 -24.46 14.34 17.53
N ASP O 1119 -24.01 13.23 18.09
CA ASP O 1119 -23.68 12.02 17.34
C ASP O 1119 -24.28 10.82 18.06
N PRO O 1120 -25.61 10.65 17.97
CA PRO O 1120 -26.26 9.56 18.72
C PRO O 1120 -25.84 8.18 18.28
N ASN O 1121 -25.29 8.02 17.07
CA ASN O 1121 -24.82 6.73 16.60
C ASN O 1121 -23.40 6.42 17.08
N ASN O 1122 -22.85 7.22 17.99
CA ASN O 1122 -21.49 7.04 18.50
C ASN O 1122 -20.49 6.96 17.34
N GLU O 1123 -20.61 7.91 16.41
CA GLU O 1123 -19.76 7.96 15.23
C GLU O 1123 -18.62 8.96 15.37
N ASN O 1124 -18.41 9.51 16.57
CA ASN O 1124 -17.28 10.42 16.77
C ASN O 1124 -15.95 9.70 16.61
N ILE O 1125 -15.86 8.46 17.10
CA ILE O 1125 -14.62 7.69 17.01
C ILE O 1125 -14.35 7.13 15.63
N VAL O 1126 -15.27 7.34 14.67
CA VAL O 1126 -15.08 6.79 13.35
C VAL O 1126 -13.97 7.52 12.59
N GLY O 1127 -13.55 8.68 13.08
CA GLY O 1127 -12.60 9.49 12.35
C GLY O 1127 -11.42 10.00 13.16
N TYR O 1128 -11.38 9.68 14.45
CA TYR O 1128 -10.29 10.12 15.31
C TYR O 1128 -8.95 9.66 14.76
N ASN O 1129 -7.99 10.59 14.71
CA ASN O 1129 -6.69 10.34 14.10
C ASN O 1129 -5.71 9.80 15.15
N ASN O 1130 -5.33 8.54 15.00
CA ASN O 1130 -4.32 7.91 15.84
C ASN O 1130 -3.03 7.76 15.05
N LYS O 1131 -1.93 7.60 15.78
CA LYS O 1131 -0.60 7.50 15.17
C LYS O 1131 -0.31 6.03 14.87
N LYS O 1132 -0.24 5.69 13.58
CA LYS O 1132 0.06 4.32 13.19
C LYS O 1132 1.52 3.94 13.40
N CYS O 1133 2.39 4.91 13.70
CA CYS O 1133 3.80 4.63 13.92
C CYS O 1133 3.98 3.88 15.23
N TRP O 1134 3.50 4.47 16.33
CA TRP O 1134 3.60 3.82 17.64
C TRP O 1134 2.73 2.56 17.66
N PRO O 1135 3.10 1.55 18.44
CA PRO O 1135 2.31 0.32 18.48
C PRO O 1135 0.97 0.56 19.17
N ARG O 1136 0.07 -0.42 19.02
CA ARG O 1136 -1.29 -0.29 19.50
C ARG O 1136 -1.37 -0.13 21.01
N ASP O 1137 -0.34 -0.56 21.75
CA ASP O 1137 -0.39 -0.44 23.20
C ASP O 1137 -0.24 1.00 23.66
N ALA O 1138 0.56 1.79 22.95
CA ALA O 1138 0.87 3.17 23.36
C ALA O 1138 -0.03 4.22 22.74
N ARG O 1139 -0.86 3.86 21.76
CA ARG O 1139 -1.66 4.85 21.06
C ARG O 1139 -2.80 5.36 21.94
N MET O 1140 -3.61 6.25 21.36
CA MET O 1140 -4.62 6.98 22.13
C MET O 1140 -5.68 6.07 22.73
N ARG O 1141 -5.85 4.87 22.20
CA ARG O 1141 -6.78 3.83 22.65
C ARG O 1141 -8.24 4.14 22.34
N LEU O 1142 -8.55 5.33 21.81
CA LEU O 1142 -9.87 5.65 21.30
C LEU O 1142 -11.01 5.26 22.22
N MET O 1143 -11.07 5.84 23.42
CA MET O 1143 -12.10 5.50 24.37
C MET O 1143 -13.38 6.29 24.10
N LYS O 1144 -14.34 6.15 25.01
CA LYS O 1144 -15.62 6.83 24.85
C LYS O 1144 -15.50 8.29 25.28
N HIS O 1145 -15.10 8.53 26.52
CA HIS O 1145 -14.88 9.89 27.00
C HIS O 1145 -13.70 10.53 26.28
N ASP O 1146 -12.66 9.74 26.01
CA ASP O 1146 -11.45 10.29 25.39
C ASP O 1146 -11.72 10.86 24.01
N VAL O 1147 -12.37 10.08 23.14
CA VAL O 1147 -12.62 10.53 21.78
C VAL O 1147 -13.53 11.74 21.77
N ASN O 1148 -14.58 11.71 22.59
CA ASN O 1148 -15.51 12.83 22.65
C ASN O 1148 -14.83 14.09 23.17
N LEU O 1149 -13.99 13.96 24.19
CA LEU O 1149 -13.27 15.12 24.72
C LEU O 1149 -12.28 15.67 23.70
N GLY O 1150 -11.62 14.78 22.96
CA GLY O 1150 -10.70 15.24 21.92
C GLY O 1150 -11.43 15.98 20.82
N ARG O 1151 -12.57 15.45 20.38
CA ARG O 1151 -13.35 16.14 19.36
C ARG O 1151 -13.88 17.47 19.88
N ALA O 1152 -14.27 17.52 21.16
CA ALA O 1152 -14.74 18.77 21.75
C ALA O 1152 -13.63 19.81 21.80
N VAL O 1153 -12.42 19.40 22.18
CA VAL O 1153 -11.30 20.33 22.22
C VAL O 1153 -10.96 20.82 20.82
N PHE O 1154 -10.96 19.92 19.84
CA PHE O 1154 -10.68 20.33 18.47
C PHE O 1154 -11.72 21.31 17.97
N TRP O 1155 -13.00 21.06 18.26
CA TRP O 1155 -14.05 21.98 17.84
C TRP O 1155 -13.91 23.34 18.53
N ASP O 1156 -13.67 23.33 19.84
CA ASP O 1156 -13.54 24.58 20.58
C ASP O 1156 -12.36 25.41 20.10
N ILE O 1157 -11.26 24.74 19.72
CA ILE O 1157 -10.14 25.46 19.13
C ILE O 1157 -10.50 25.99 17.75
N LYS O 1158 -11.17 25.17 16.93
CA LYS O 1158 -11.58 25.60 15.61
C LYS O 1158 -12.64 26.69 15.68
N ASN O 1159 -13.57 26.59 16.63
CA ASN O 1159 -14.64 27.57 16.75
C ASN O 1159 -14.16 28.91 17.28
N ARG O 1160 -12.94 28.98 17.79
CA ARG O 1160 -12.40 30.26 18.26
C ARG O 1160 -11.88 31.09 17.09
N LEU O 1161 -10.93 30.54 16.35
CA LEU O 1161 -10.38 31.24 15.20
C LEU O 1161 -11.41 31.27 14.07
N PRO O 1162 -11.75 32.44 13.54
CA PRO O 1162 -12.71 32.49 12.43
C PRO O 1162 -12.21 31.72 11.22
N ARG O 1163 -13.14 31.09 10.51
CA ARG O 1163 -12.79 30.30 9.33
C ARG O 1163 -12.50 31.19 8.11
N SER O 1164 -12.90 32.46 8.14
CA SER O 1164 -12.61 33.35 7.02
C SER O 1164 -11.11 33.63 6.92
N VAL O 1165 -10.46 33.89 8.05
CA VAL O 1165 -9.04 34.19 8.03
C VAL O 1165 -8.22 32.92 7.82
N THR O 1166 -8.37 31.95 8.75
CA THR O 1166 -7.65 30.68 8.67
C THR O 1166 -8.35 29.69 9.57
N THR O 1167 -8.47 28.45 9.11
CA THR O 1167 -9.20 27.41 9.83
C THR O 1167 -8.32 26.18 9.96
N VAL O 1168 -8.23 25.65 11.17
CA VAL O 1168 -7.49 24.42 11.44
C VAL O 1168 -8.43 23.25 11.18
N GLN O 1169 -8.20 22.53 10.08
CA GLN O 1169 -9.06 21.42 9.72
C GLN O 1169 -8.98 20.32 10.77
N TRP O 1170 -10.11 19.66 11.00
CA TRP O 1170 -10.19 18.58 11.98
C TRP O 1170 -9.60 17.28 11.47
N GLU O 1171 -9.27 17.19 10.18
CA GLU O 1171 -8.70 15.98 9.61
C GLU O 1171 -7.18 15.98 9.69
N ASN O 1172 -6.53 17.01 9.17
CA ASN O 1172 -5.08 17.08 9.15
C ASN O 1172 -4.48 17.43 10.51
N SER O 1173 -5.32 17.76 11.50
CA SER O 1173 -4.83 18.04 12.85
C SER O 1173 -4.74 16.74 13.63
N PHE O 1174 -4.51 16.85 14.95
CA PHE O 1174 -4.44 15.67 15.80
C PHE O 1174 -4.64 16.09 17.24
N VAL O 1175 -5.68 15.56 17.87
CA VAL O 1175 -5.95 15.82 19.28
C VAL O 1175 -5.77 14.49 20.02
N SER O 1176 -4.79 14.43 20.90
CA SER O 1176 -4.52 13.24 21.70
C SER O 1176 -4.75 13.55 23.17
N VAL O 1177 -5.39 12.62 23.87
CA VAL O 1177 -5.74 12.81 25.27
C VAL O 1177 -5.05 11.73 26.11
N TYR O 1178 -4.82 12.06 27.37
CA TYR O 1178 -4.31 11.11 28.36
C TYR O 1178 -5.22 11.15 29.57
N SER O 1179 -5.70 9.98 29.99
CA SER O 1179 -6.69 9.90 31.06
C SER O 1179 -6.59 8.51 31.68
N LYS O 1180 -7.62 8.16 32.46
CA LYS O 1180 -7.66 6.84 33.10
C LYS O 1180 -7.64 5.72 32.07
N ASP O 1181 -8.20 5.96 30.88
CA ASP O 1181 -8.23 4.95 29.84
C ASP O 1181 -7.14 5.14 28.78
N ASN O 1182 -6.53 6.32 28.72
CA ASN O 1182 -5.41 6.57 27.81
C ASN O 1182 -4.15 6.83 28.63
N PRO O 1183 -3.23 5.88 28.73
CA PRO O 1183 -2.08 6.07 29.62
C PRO O 1183 -0.93 6.85 29.01
N ASN O 1184 -0.86 6.89 27.69
CA ASN O 1184 0.25 7.52 26.99
C ASN O 1184 -0.23 8.76 26.25
N LEU O 1185 0.46 9.89 26.49
CA LEU O 1185 0.16 11.16 25.82
C LEU O 1185 1.14 11.31 24.66
N LEU O 1186 0.62 11.24 23.43
CA LEU O 1186 1.44 11.27 22.24
C LEU O 1186 1.42 12.65 21.60
N PHE O 1187 2.60 13.13 21.19
CA PHE O 1187 2.74 14.42 20.54
C PHE O 1187 3.70 14.28 19.37
N ASN O 1188 3.62 15.22 18.43
CA ASN O 1188 4.47 15.22 17.23
C ASN O 1188 4.93 16.65 16.99
N MET O 1189 6.09 16.99 17.56
CA MET O 1189 6.65 18.34 17.46
C MET O 1189 7.99 18.30 16.73
N CYS O 1190 8.18 19.26 15.83
CA CYS O 1190 9.45 19.44 15.11
C CYS O 1190 9.87 18.16 14.40
N GLY O 1191 8.91 17.47 13.79
CA GLY O 1191 9.23 16.27 13.04
C GLY O 1191 9.72 15.10 13.85
N PHE O 1192 9.46 15.09 15.15
CA PHE O 1192 9.90 14.02 16.05
C PHE O 1192 8.67 13.47 16.76
N GLU O 1193 8.12 12.37 16.25
CA GLU O 1193 6.93 11.76 16.83
C GLU O 1193 7.30 11.17 18.18
N CYS O 1194 6.87 11.85 19.24
CA CYS O 1194 7.16 11.42 20.60
C CYS O 1194 5.93 10.80 21.24
N ARG O 1195 6.14 10.16 22.39
CA ARG O 1195 5.05 9.55 23.15
C ARG O 1195 5.48 9.50 24.61
N ILE O 1196 4.96 10.44 25.41
CA ILE O 1196 5.30 10.52 26.82
C ILE O 1196 4.47 9.49 27.58
N LEU O 1197 5.14 8.61 28.32
CA LEU O 1197 4.48 7.59 29.12
C LEU O 1197 4.85 7.77 30.58
N PRO O 1198 3.95 8.26 31.42
CA PRO O 1198 4.31 8.51 32.83
C PRO O 1198 4.64 7.23 33.57
N LYS O 1199 5.56 7.36 34.53
CA LYS O 1199 5.96 6.20 35.32
C LYS O 1199 4.83 5.69 36.20
N CYS O 1200 3.83 6.54 36.49
CA CYS O 1200 2.67 6.11 37.26
C CYS O 1200 1.93 4.99 36.54
N ARG O 1201 1.92 5.03 35.21
CA ARG O 1201 1.33 3.97 34.41
C ARG O 1201 2.36 3.02 33.83
N THR O 1202 3.64 3.41 33.81
CA THR O 1202 4.71 2.58 33.31
C THR O 1202 5.38 1.75 34.40
N SER O 1203 4.64 1.42 35.46
CA SER O 1203 5.19 0.63 36.56
C SER O 1203 5.41 -0.81 36.10
N TYR O 1204 6.22 -1.53 36.88
CA TYR O 1204 6.62 -2.91 36.56
C TYR O 1204 7.33 -2.98 35.21
N GLU O 1205 8.08 -1.93 34.88
CA GLU O 1205 8.85 -1.88 33.64
C GLU O 1205 10.12 -1.08 33.93
N GLU O 1206 11.22 -1.80 34.18
CA GLU O 1206 12.47 -1.16 34.58
C GLU O 1206 12.97 -0.21 33.51
N PHE O 1207 13.88 0.69 33.89
CA PHE O 1207 14.39 1.73 32.99
C PHE O 1207 15.70 1.25 32.38
N THR O 1208 15.66 0.91 31.10
CA THR O 1208 16.84 0.56 30.32
C THR O 1208 17.09 1.68 29.33
N HIS O 1209 18.09 2.51 29.61
CA HIS O 1209 18.28 3.76 28.88
C HIS O 1209 18.82 3.50 27.47
N LYS O 1210 17.94 3.04 26.57
CA LYS O 1210 18.33 2.90 25.18
C LYS O 1210 18.47 4.27 24.53
N ASP O 1211 19.06 4.27 23.33
CA ASP O 1211 19.30 5.53 22.63
C ASP O 1211 17.99 6.25 22.30
N GLY O 1212 16.97 5.50 21.89
CA GLY O 1212 15.70 6.09 21.54
C GLY O 1212 14.96 6.73 22.70
N VAL O 1213 15.06 6.16 23.89
CA VAL O 1213 14.32 6.66 25.05
C VAL O 1213 14.95 7.95 25.54
N TRP O 1214 14.13 8.81 26.13
CA TRP O 1214 14.57 10.09 26.69
C TRP O 1214 13.93 10.25 28.05
N ASN O 1215 14.68 9.91 29.11
CA ASN O 1215 14.16 9.98 30.47
C ASN O 1215 13.91 11.44 30.85
N LEU O 1216 12.64 11.80 30.96
CA LEU O 1216 12.23 13.16 31.35
C LEU O 1216 11.98 13.15 32.85
N GLN O 1217 12.95 13.65 33.61
CA GLN O 1217 12.86 13.67 35.07
C GLN O 1217 11.95 14.81 35.51
N ASN O 1218 11.88 15.03 36.82
CA ASN O 1218 11.04 16.09 37.38
C ASN O 1218 11.83 17.39 37.43
N GLU O 1219 11.26 18.41 38.07
CA GLU O 1219 11.90 19.72 38.19
C GLU O 1219 12.47 19.96 39.58
N VAL O 1220 11.68 19.75 40.62
CA VAL O 1220 12.14 19.95 41.99
C VAL O 1220 12.69 18.66 42.59
N THR O 1221 11.89 17.59 42.54
CA THR O 1221 12.36 16.31 43.08
C THR O 1221 13.52 15.72 42.29
N LYS O 1222 13.69 16.15 41.04
CA LYS O 1222 14.77 15.68 40.16
C LYS O 1222 14.69 14.18 39.88
N GLU O 1223 13.57 13.55 40.23
CA GLU O 1223 13.36 12.13 39.97
C GLU O 1223 12.68 11.93 38.61
N ARG O 1224 12.87 10.74 38.04
CA ARG O 1224 12.26 10.41 36.77
C ARG O 1224 10.76 10.20 36.93
N THR O 1225 9.96 11.23 36.64
CA THR O 1225 8.52 11.12 36.82
C THR O 1225 7.84 10.51 35.61
N ALA O 1226 8.55 10.43 34.49
CA ALA O 1226 7.98 9.88 33.27
C ALA O 1226 9.11 9.40 32.37
N GLN O 1227 8.77 9.09 31.13
CA GLN O 1227 9.74 8.66 30.12
C GLN O 1227 9.18 9.02 28.75
N CYS O 1228 9.77 10.03 28.11
CA CYS O 1228 9.30 10.53 26.82
C CYS O 1228 9.95 9.73 25.71
N PHE O 1229 9.34 8.60 25.37
CA PHE O 1229 9.82 7.81 24.25
C PHE O 1229 9.71 8.61 22.95
N LEU O 1230 10.77 8.58 22.16
CA LEU O 1230 10.86 9.39 20.96
C LEU O 1230 11.11 8.50 19.75
N ARG O 1231 10.74 9.00 18.58
CA ARG O 1231 10.94 8.29 17.33
C ARG O 1231 10.79 9.28 16.18
N VAL O 1232 11.49 9.02 15.08
CA VAL O 1232 11.44 9.91 13.93
C VAL O 1232 10.04 9.88 13.33
N ASP O 1233 9.47 11.05 13.09
CA ASP O 1233 8.16 11.14 12.47
C ASP O 1233 8.19 10.56 11.07
N ASP O 1234 7.10 9.90 10.68
CA ASP O 1234 7.04 9.26 9.37
C ASP O 1234 7.21 10.26 8.24
N GLU O 1235 6.83 11.52 8.46
CA GLU O 1235 7.05 12.54 7.45
C GLU O 1235 8.54 12.76 7.20
N SER O 1236 9.33 12.81 8.28
CA SER O 1236 10.77 12.98 8.12
C SER O 1236 11.41 11.80 7.38
N MET O 1237 10.97 10.58 7.71
CA MET O 1237 11.51 9.40 7.03
C MET O 1237 11.10 9.40 5.57
N GLN O 1238 9.87 9.81 5.26
CA GLN O 1238 9.44 9.91 3.88
C GLN O 1238 10.26 10.94 3.12
N ARG O 1239 10.53 12.09 3.75
CA ARG O 1239 11.35 13.11 3.12
C ARG O 1239 12.77 12.61 2.85
N PHE O 1240 13.35 11.88 3.82
CA PHE O 1240 14.68 11.33 3.63
C PHE O 1240 14.70 10.31 2.50
N HIS O 1241 13.70 9.43 2.46
CA HIS O 1241 13.63 8.45 1.38
C HIS O 1241 13.46 9.12 0.02
N ASN O 1242 12.64 10.18 -0.04
CA ASN O 1242 12.47 10.92 -1.28
C ASN O 1242 13.78 11.58 -1.71
N ARG O 1243 14.51 12.15 -0.75
CA ARG O 1243 15.79 12.77 -1.08
C ARG O 1243 16.78 11.73 -1.60
N VAL O 1244 16.83 10.56 -0.97
CA VAL O 1244 17.74 9.51 -1.43
C VAL O 1244 17.35 9.05 -2.84
N ARG O 1245 16.04 8.88 -3.07
CA ARG O 1245 15.57 8.45 -4.38
C ARG O 1245 15.92 9.49 -5.45
N GLN O 1246 15.73 10.78 -5.12
CA GLN O 1246 16.07 11.84 -6.06
C GLN O 1246 17.57 11.86 -6.36
N ILE O 1247 18.39 11.71 -5.31
CA ILE O 1247 19.83 11.71 -5.50
C ILE O 1247 20.27 10.56 -6.39
N LEU O 1248 19.71 9.37 -6.15
CA LEU O 1248 20.04 8.22 -6.99
C LEU O 1248 19.56 8.43 -8.42
N MET O 1249 18.35 8.96 -8.59
CA MET O 1249 17.79 9.13 -9.93
C MET O 1249 18.45 10.29 -10.67
N ALA O 1250 18.71 11.40 -9.98
CA ALA O 1250 19.31 12.57 -10.60
C ALA O 1250 20.83 12.53 -10.58
N SER O 1251 21.42 11.37 -10.29
CA SER O 1251 22.87 11.21 -10.38
C SER O 1251 23.31 11.44 -11.82
N GLY O 1252 22.84 10.60 -12.73
CA GLY O 1252 23.12 10.80 -14.14
C GLY O 1252 24.60 10.72 -14.43
N SER O 1253 25.14 11.77 -15.04
CA SER O 1253 26.54 11.83 -15.44
C SER O 1253 27.45 12.37 -14.34
N THR O 1254 26.90 12.70 -13.18
CA THR O 1254 27.72 13.20 -12.08
C THR O 1254 28.70 12.12 -11.62
N THR O 1255 29.90 12.54 -11.24
CA THR O 1255 30.93 11.60 -10.81
C THR O 1255 30.49 10.89 -9.54
N PHE O 1256 31.04 9.69 -9.33
CA PHE O 1256 30.71 8.91 -8.15
C PHE O 1256 31.05 9.67 -6.87
N THR O 1257 32.10 10.49 -6.91
CA THR O 1257 32.46 11.30 -5.76
C THR O 1257 31.34 12.28 -5.40
N LYS O 1258 30.70 12.88 -6.41
CA LYS O 1258 29.62 13.82 -6.15
C LYS O 1258 28.43 13.12 -5.51
N ILE O 1259 28.07 11.94 -6.02
CA ILE O 1259 26.96 11.19 -5.45
C ILE O 1259 27.28 10.77 -4.02
N VAL O 1260 28.52 10.36 -3.77
CA VAL O 1260 28.93 9.96 -2.44
C VAL O 1260 28.86 11.16 -1.49
N ASN O 1261 29.29 12.33 -1.96
CA ASN O 1261 29.22 13.53 -1.13
C ASN O 1261 27.79 13.91 -0.82
N LYS O 1262 26.89 13.79 -1.81
CA LYS O 1262 25.48 14.10 -1.57
C LYS O 1262 24.88 13.13 -0.56
N TRP O 1263 25.19 11.84 -0.69
CA TRP O 1263 24.68 10.85 0.25
C TRP O 1263 25.22 11.10 1.65
N ASN O 1264 26.50 11.45 1.75
CA ASN O 1264 27.10 11.76 3.04
C ASN O 1264 26.45 12.97 3.68
N THR O 1265 26.17 14.01 2.88
CA THR O 1265 25.49 15.20 3.40
C THR O 1265 24.10 14.85 3.91
N ALA O 1266 23.35 14.06 3.13
CA ALA O 1266 22.01 13.67 3.55
C ALA O 1266 22.04 12.86 4.83
N LEU O 1267 22.96 11.90 4.92
CA LEU O 1267 23.07 11.06 6.11
C LEU O 1267 23.50 11.89 7.32
N ILE O 1268 24.42 12.84 7.12
CA ILE O 1268 24.87 13.70 8.21
C ILE O 1268 23.71 14.54 8.72
N GLY O 1269 22.93 15.11 7.81
CA GLY O 1269 21.78 15.89 8.24
C GLY O 1269 20.77 15.05 9.00
N LEU O 1270 20.45 13.87 8.47
CA LEU O 1270 19.46 13.00 9.10
C LEU O 1270 19.92 12.57 10.49
N MET O 1271 21.20 12.20 10.62
CA MET O 1271 21.70 11.72 11.90
C MET O 1271 21.89 12.84 12.91
N THR O 1272 22.30 14.04 12.47
CA THR O 1272 22.51 15.15 13.39
C THR O 1272 21.19 15.76 13.83
N TYR O 1273 20.16 15.73 12.99
CA TYR O 1273 18.87 16.26 13.40
C TYR O 1273 18.18 15.32 14.39
N PHE O 1274 17.90 14.10 13.94
CA PHE O 1274 17.36 13.06 14.82
C PHE O 1274 18.52 12.29 15.46
N ARG O 1275 19.19 12.97 16.40
CA ARG O 1275 20.37 12.39 17.03
C ARG O 1275 20.04 11.08 17.75
N GLU O 1276 19.03 11.11 18.62
CA GLU O 1276 18.66 9.93 19.40
C GLU O 1276 17.60 9.09 18.70
N ALA O 1277 16.57 9.75 18.15
CA ALA O 1277 15.41 9.05 17.61
C ALA O 1277 15.77 8.14 16.44
N VAL O 1278 16.93 8.35 15.81
CA VAL O 1278 17.33 7.52 14.67
C VAL O 1278 17.59 6.07 15.06
N VAL O 1279 17.70 5.78 16.35
CA VAL O 1279 17.94 4.41 16.80
C VAL O 1279 16.65 3.69 17.13
N ASN O 1280 15.73 4.37 17.82
CA ASN O 1280 14.46 3.73 18.19
C ASN O 1280 13.65 3.35 16.95
N THR O 1281 13.63 4.21 15.95
CA THR O 1281 12.87 3.97 14.72
C THR O 1281 13.62 2.91 13.89
N GLN O 1282 13.34 1.64 14.22
CA GLN O 1282 13.94 0.54 13.45
C GLN O 1282 13.60 0.64 11.97
N GLU O 1283 12.43 1.19 11.65
CA GLU O 1283 12.11 1.45 10.26
C GLU O 1283 13.09 2.45 9.65
N LEU O 1284 13.49 3.46 10.42
CA LEU O 1284 14.47 4.42 9.92
C LEU O 1284 15.82 3.76 9.68
N LEU O 1285 16.23 2.86 10.59
CA LEU O 1285 17.49 2.15 10.38
C LEU O 1285 17.43 1.26 9.15
N ASP O 1286 16.31 0.57 8.94
CA ASP O 1286 16.16 -0.25 7.75
C ASP O 1286 16.18 0.61 6.50
N LEU O 1287 15.53 1.78 6.55
CA LEU O 1287 15.55 2.69 5.40
C LEU O 1287 16.96 3.18 5.12
N LEU O 1288 17.72 3.49 6.17
CA LEU O 1288 19.10 3.92 5.97
C LEU O 1288 19.95 2.82 5.35
N VAL O 1289 19.77 1.58 5.81
CA VAL O 1289 20.52 0.46 5.24
C VAL O 1289 20.14 0.26 3.77
N LYS O 1290 18.85 0.35 3.45
CA LYS O 1290 18.41 0.20 2.08
C LYS O 1290 18.96 1.32 1.19
N CYS O 1291 18.97 2.55 1.69
CA CYS O 1291 19.51 3.67 0.94
C CYS O 1291 21.00 3.50 0.69
N GLU O 1292 21.74 3.06 1.70
CA GLU O 1292 23.17 2.81 1.52
C GLU O 1292 23.41 1.71 0.50
N ASN O 1293 22.61 0.64 0.57
CA ASN O 1293 22.75 -0.44 -0.42
C ASN O 1293 22.45 0.06 -1.82
N LYS O 1294 21.41 0.89 -1.97
CA LYS O 1294 21.07 1.43 -3.28
C LYS O 1294 22.18 2.32 -3.82
N ILE O 1295 22.76 3.17 -2.96
CA ILE O 1295 23.84 4.04 -3.40
C ILE O 1295 25.07 3.23 -3.78
N GLN O 1296 25.38 2.19 -3.01
CA GLN O 1296 26.51 1.32 -3.35
C GLN O 1296 26.26 0.60 -4.66
N THR O 1297 25.03 0.14 -4.89
CA THR O 1297 24.70 -0.52 -6.15
C THR O 1297 24.83 0.43 -7.33
N ARG O 1298 24.38 1.69 -7.16
CA ARG O 1298 24.52 2.67 -8.23
C ARG O 1298 25.99 2.95 -8.52
N ILE O 1299 26.80 3.07 -7.47
CA ILE O 1299 28.23 3.32 -7.68
C ILE O 1299 28.88 2.13 -8.39
N LYS O 1300 28.51 0.91 -7.98
CA LYS O 1300 29.06 -0.28 -8.63
C LYS O 1300 28.66 -0.36 -10.09
N ILE O 1301 27.39 -0.04 -10.39
CA ILE O 1301 26.94 -0.02 -11.78
C ILE O 1301 27.72 1.02 -12.58
N GLY O 1302 27.93 2.20 -11.99
CA GLY O 1302 28.77 3.19 -12.64
C GLY O 1302 30.20 2.75 -12.85
N LEU O 1303 30.70 1.86 -12.00
CA LEU O 1303 32.07 1.36 -12.15
C LEU O 1303 32.10 0.08 -12.98
N ASN O 1304 31.38 -0.94 -12.54
CA ASN O 1304 31.35 -2.21 -13.26
C ASN O 1304 30.04 -2.36 -14.01
N SER O 1305 30.13 -2.75 -15.29
CA SER O 1305 28.93 -2.94 -16.09
C SER O 1305 28.05 -4.06 -15.54
N LYS O 1306 28.66 -5.18 -15.17
CA LYS O 1306 27.91 -6.30 -14.61
C LYS O 1306 27.68 -6.10 -13.12
N MET O 1307 27.19 -7.14 -12.44
CA MET O 1307 26.95 -7.06 -11.00
C MET O 1307 28.18 -7.57 -10.27
N PRO O 1308 28.91 -6.71 -9.55
CA PRO O 1308 30.11 -7.18 -8.86
C PRO O 1308 29.76 -8.04 -7.65
N SER O 1309 30.32 -9.25 -7.61
CA SER O 1309 30.06 -10.18 -6.52
C SER O 1309 30.83 -9.71 -5.29
N ARG O 1310 30.13 -9.00 -4.41
CA ARG O 1310 30.67 -8.54 -3.13
C ARG O 1310 31.91 -7.66 -3.33
N PHE O 1311 31.68 -6.50 -3.95
CA PHE O 1311 32.76 -5.53 -4.09
C PHE O 1311 33.19 -5.05 -2.71
N PRO O 1312 34.49 -4.84 -2.49
CA PRO O 1312 34.98 -4.50 -1.14
C PRO O 1312 34.47 -3.14 -0.71
N PRO O 1313 34.24 -2.95 0.59
CA PRO O 1313 33.87 -1.62 1.09
C PRO O 1313 35.01 -0.61 1.00
N VAL O 1314 36.24 -1.07 0.80
CA VAL O 1314 37.37 -0.15 0.67
C VAL O 1314 37.17 0.77 -0.52
N VAL O 1315 36.58 0.26 -1.60
CA VAL O 1315 36.29 1.10 -2.75
C VAL O 1315 35.34 2.22 -2.37
N PHE O 1316 34.34 1.92 -1.54
CA PHE O 1316 33.31 2.88 -1.17
C PHE O 1316 33.70 3.70 0.07
N TYR O 1317 34.04 3.03 1.16
CA TYR O 1317 34.14 3.67 2.46
C TYR O 1317 35.50 4.30 2.74
N THR O 1318 36.45 4.22 1.81
CA THR O 1318 37.74 4.84 2.03
C THR O 1318 37.61 6.36 1.99
N PRO O 1319 38.32 7.10 2.85
CA PRO O 1319 38.19 8.56 2.87
C PRO O 1319 38.65 9.18 1.55
N LYS O 1320 38.22 10.42 1.34
CA LYS O 1320 38.55 11.12 0.10
C LYS O 1320 40.05 11.35 -0.04
N GLU O 1321 40.72 11.67 1.07
CA GLU O 1321 42.15 11.92 1.02
C GLU O 1321 42.92 10.70 0.50
N LEU O 1322 42.48 9.50 0.87
CA LEU O 1322 43.13 8.29 0.40
C LEU O 1322 42.69 7.90 -1.01
N GLY O 1323 41.74 8.61 -1.60
CA GLY O 1323 41.25 8.32 -2.94
C GLY O 1323 39.92 7.62 -2.98
N GLY O 1324 39.38 7.20 -1.84
CA GLY O 1324 38.09 6.53 -1.83
C GLY O 1324 36.94 7.50 -1.97
N LEU O 1325 35.74 6.94 -1.99
CA LEU O 1325 34.53 7.75 -2.14
C LEU O 1325 34.16 8.51 -0.88
N GLY O 1326 34.71 8.15 0.28
CA GLY O 1326 34.43 8.84 1.52
C GLY O 1326 32.99 8.75 1.96
N MET O 1327 32.43 7.54 1.92
CA MET O 1327 31.04 7.33 2.30
C MET O 1327 30.90 7.23 3.81
N LEU O 1328 29.97 8.00 4.37
CA LEU O 1328 29.62 7.93 5.78
C LEU O 1328 28.29 7.18 5.91
N SER O 1329 28.36 5.94 6.38
CA SER O 1329 27.19 5.08 6.44
C SER O 1329 26.98 4.57 7.85
N MET O 1330 25.72 4.42 8.24
CA MET O 1330 25.34 3.89 9.54
C MET O 1330 24.94 2.43 9.48
N GLY O 1331 25.55 1.65 8.57
CA GLY O 1331 25.26 0.24 8.47
C GLY O 1331 26.25 -0.61 9.25
N HIS O 1332 25.90 -1.89 9.38
CA HIS O 1332 26.75 -2.85 10.08
C HIS O 1332 27.66 -3.58 9.10
N VAL O 1333 28.47 -2.79 8.39
CA VAL O 1333 29.37 -3.31 7.37
C VAL O 1333 30.65 -3.74 8.09
N LEU O 1334 30.69 -5.02 8.48
CA LEU O 1334 31.86 -5.55 9.16
C LEU O 1334 33.03 -5.66 8.19
N ILE O 1335 34.18 -5.13 8.58
CA ILE O 1335 35.36 -5.18 7.71
C ILE O 1335 35.84 -6.62 7.60
N PRO O 1336 36.00 -7.16 6.39
CA PRO O 1336 36.47 -8.54 6.27
C PRO O 1336 37.91 -8.71 6.72
N GLN O 1337 38.12 -9.48 7.80
CA GLN O 1337 39.47 -9.75 8.28
C GLN O 1337 40.26 -10.61 7.31
N SER O 1338 39.61 -11.26 6.36
CA SER O 1338 40.32 -12.09 5.38
C SER O 1338 41.22 -11.25 4.49
N ASP O 1339 40.74 -10.07 4.08
CA ASP O 1339 41.47 -9.25 3.12
C ASP O 1339 41.86 -7.91 3.73
N LEU O 1340 42.37 -7.93 4.95
CA LEU O 1340 42.83 -6.73 5.63
C LEU O 1340 44.35 -6.72 5.83
N ARG O 1341 45.07 -7.64 5.19
CA ARG O 1341 46.51 -7.77 5.36
C ARG O 1341 47.24 -7.06 4.23
N TRP O 1342 48.19 -6.20 4.59
CA TRP O 1342 48.99 -5.45 3.63
C TRP O 1342 50.26 -6.22 3.29
N SER O 1343 50.98 -5.71 2.30
CA SER O 1343 52.24 -6.29 1.87
C SER O 1343 53.40 -5.34 2.20
N LYS O 1344 54.62 -5.79 1.89
CA LYS O 1344 55.80 -4.97 2.12
C LYS O 1344 56.91 -5.47 1.21
N GLN O 1345 57.32 -4.65 0.24
CA GLN O 1345 58.35 -5.03 -0.72
C GLN O 1345 59.72 -4.74 -0.12
N THR O 1346 60.14 -5.61 0.79
CA THR O 1346 61.43 -5.48 1.43
C THR O 1346 62.56 -5.74 0.44
N ASP O 1347 63.72 -5.15 0.72
CA ASP O 1347 64.89 -5.31 -0.14
C ASP O 1347 65.52 -6.68 -0.03
N VAL O 1348 65.12 -7.50 0.94
CA VAL O 1348 65.72 -8.82 1.14
C VAL O 1348 64.67 -9.90 0.92
N GLY O 1349 63.69 -9.63 0.07
CA GLY O 1349 62.67 -10.60 -0.23
C GLY O 1349 61.26 -10.04 -0.18
N ILE O 1350 60.30 -10.85 0.23
CA ILE O 1350 58.91 -10.44 0.37
C ILE O 1350 58.50 -10.62 1.83
N THR O 1351 57.94 -9.57 2.41
CA THR O 1351 57.49 -9.58 3.80
C THR O 1351 56.00 -9.34 3.86
N HIS O 1352 55.31 -10.07 4.74
CA HIS O 1352 53.89 -9.92 4.92
C HIS O 1352 53.59 -8.97 6.08
N PHE O 1353 52.34 -8.50 6.13
CA PHE O 1353 51.90 -7.58 7.17
C PHE O 1353 50.54 -8.03 7.70
N ARG O 1354 50.28 -7.66 8.95
CA ARG O 1354 49.03 -7.99 9.63
C ARG O 1354 48.21 -6.73 9.87
N SER O 1355 46.99 -6.92 10.34
CA SER O 1355 46.09 -5.81 10.62
C SER O 1355 45.82 -5.67 12.12
N GLN O 1363 36.46 -7.06 13.12
CA GLN O 1363 36.66 -5.81 12.39
C GLN O 1363 35.36 -5.33 11.76
N LEU O 1364 34.89 -4.17 12.20
CA LEU O 1364 33.66 -3.59 11.69
C LEU O 1364 33.89 -2.11 11.37
N ILE O 1365 33.42 -1.68 10.21
CA ILE O 1365 33.49 -0.28 9.82
C ILE O 1365 32.61 0.53 10.78
N PRO O 1366 33.14 1.57 11.42
CA PRO O 1366 32.36 2.28 12.44
C PRO O 1366 31.15 2.97 11.85
N ASN O 1367 30.11 3.08 12.68
CA ASN O 1367 28.87 3.75 12.32
C ASN O 1367 28.67 4.98 13.20
N LEU O 1368 28.01 5.98 12.64
CA LEU O 1368 27.77 7.25 13.33
C LEU O 1368 26.69 7.15 14.42
N TYR O 1369 26.21 5.96 14.77
CA TYR O 1369 25.19 5.83 15.79
C TYR O 1369 25.69 6.31 17.15
N ARG O 1370 27.00 6.28 17.37
CA ARG O 1370 27.59 6.70 18.64
C ARG O 1370 28.61 7.81 18.52
N TYR O 1371 29.12 8.09 17.32
CA TYR O 1371 30.10 9.15 17.14
C TYR O 1371 29.51 10.55 17.31
N ILE O 1372 28.18 10.66 17.37
CA ILE O 1372 27.49 11.93 17.57
C ILE O 1372 26.73 11.84 18.89
N GLN O 1373 26.93 12.82 19.77
CA GLN O 1373 26.31 12.78 21.08
C GLN O 1373 24.79 12.86 20.94
N PRO O 1374 24.05 12.13 21.77
CA PRO O 1374 22.58 12.20 21.71
C PRO O 1374 22.06 13.58 22.11
N TRP O 1375 20.82 13.86 21.69
CA TRP O 1375 20.26 15.19 21.88
C TRP O 1375 20.13 15.55 23.36
N GLU O 1376 19.68 14.60 24.18
CA GLU O 1376 19.53 14.90 25.61
C GLU O 1376 20.87 15.12 26.28
N SER O 1377 21.86 14.26 25.98
CA SER O 1377 23.20 14.46 26.50
C SER O 1377 23.79 15.77 25.99
N GLU O 1378 23.56 16.09 24.72
CA GLU O 1378 24.06 17.35 24.17
C GLU O 1378 23.45 18.54 24.89
N PHE O 1379 22.16 18.48 25.20
CA PHE O 1379 21.50 19.58 25.89
C PHE O 1379 22.01 19.73 27.31
N ILE O 1380 22.18 18.61 28.02
CA ILE O 1380 22.70 18.67 29.39
C ILE O 1380 24.11 19.24 29.40
N ASP O 1381 24.96 18.75 28.48
CA ASP O 1381 26.33 19.24 28.39
C ASP O 1381 26.34 20.72 28.00
N SER O 1382 25.42 21.14 27.13
CA SER O 1382 25.36 22.54 26.74
C SER O 1382 24.97 23.42 27.91
N GLN O 1383 24.02 22.98 28.73
CA GLN O 1383 23.64 23.75 29.91
C GLN O 1383 24.82 23.85 30.89
N ARG O 1384 25.50 22.73 31.13
CA ARG O 1384 26.65 22.74 32.03
C ARG O 1384 27.76 23.64 31.49
N VAL O 1385 27.99 23.59 30.18
CA VAL O 1385 29.05 24.40 29.58
C VAL O 1385 28.69 25.88 29.62
N TRP O 1386 27.40 26.20 29.45
CA TRP O 1386 26.98 27.58 29.57
C TRP O 1386 27.21 28.10 30.99
N ALA O 1387 26.86 27.29 31.98
CA ALA O 1387 27.10 27.70 33.37
C ALA O 1387 28.59 27.88 33.64
N GLU O 1388 29.42 26.94 33.16
CA GLU O 1388 30.85 27.03 33.39
C GLU O 1388 31.46 28.24 32.69
N TYR O 1389 31.04 28.51 31.46
CA TYR O 1389 31.55 29.65 30.72
C TYR O 1389 31.14 30.97 31.38
N ALA O 1390 29.89 31.06 31.84
CA ALA O 1390 29.47 32.26 32.56
C ALA O 1390 30.28 32.45 33.83
N LEU O 1391 30.53 31.36 34.57
CA LEU O 1391 31.32 31.45 35.78
C LEU O 1391 32.75 31.89 35.48
N LYS O 1392 33.35 31.34 34.43
CA LYS O 1392 34.72 31.70 34.08
C LYS O 1392 34.81 33.15 33.63
N ARG O 1393 33.82 33.61 32.84
CA ARG O 1393 33.81 35.00 32.42
C ARG O 1393 33.65 35.94 33.61
N GLN O 1394 32.79 35.57 34.56
CA GLN O 1394 32.63 36.39 35.76
C GLN O 1394 33.92 36.42 36.58
N GLU O 1395 34.59 35.28 36.71
CA GLU O 1395 35.84 35.23 37.45
C GLU O 1395 36.91 36.09 36.78
N ALA O 1396 36.98 36.05 35.44
CA ALA O 1396 37.94 36.90 34.73
C ALA O 1396 37.59 38.37 34.90
N ILE O 1397 36.29 38.70 34.90
CA ILE O 1397 35.87 40.08 35.10
C ILE O 1397 36.18 40.54 36.51
N ALA O 1398 36.22 39.62 37.48
CA ALA O 1398 36.56 39.98 38.85
C ALA O 1398 37.96 40.57 38.93
N GLN O 1399 38.90 39.99 38.19
CA GLN O 1399 40.25 40.54 38.08
C GLN O 1399 40.39 41.52 36.93
N ASN O 1400 39.30 41.81 36.23
CA ASN O 1400 39.27 42.76 35.10
C ASN O 1400 40.25 42.32 34.00
N ARG O 1401 40.05 41.10 33.52
CA ARG O 1401 40.85 40.56 32.44
C ARG O 1401 39.94 39.81 31.47
N ARG O 1402 40.39 39.73 30.22
CA ARG O 1402 39.63 39.01 29.20
C ARG O 1402 39.74 37.51 29.42
N LEU O 1403 38.73 36.78 28.97
CA LEU O 1403 38.73 35.32 29.05
C LEU O 1403 39.53 34.77 27.89
N THR O 1404 40.73 34.26 28.17
CA THR O 1404 41.61 33.78 27.13
C THR O 1404 41.12 32.46 26.56
N LEU O 1405 41.53 32.18 25.32
CA LEU O 1405 41.17 30.92 24.68
C LEU O 1405 41.78 29.72 25.37
N GLU O 1406 42.90 29.91 26.09
CA GLU O 1406 43.49 28.81 26.85
C GLU O 1406 42.67 28.50 28.09
N ASP O 1407 42.16 29.52 28.77
CA ASP O 1407 41.29 29.31 29.92
C ASP O 1407 39.91 28.87 29.46
N LEU O 1408 39.31 27.96 30.23
CA LEU O 1408 38.00 27.39 29.92
C LEU O 1408 38.00 26.76 28.53
N GLU O 1409 39.10 26.10 28.19
CA GLU O 1409 39.25 25.44 26.89
C GLU O 1409 38.91 23.96 26.94
N ASP O 1410 38.44 23.46 28.08
CA ASP O 1410 38.00 22.06 28.15
C ASP O 1410 36.83 21.82 27.20
N SER O 1411 35.86 22.73 27.18
CA SER O 1411 34.75 22.67 26.24
C SER O 1411 35.06 23.46 24.97
N TRP O 1412 36.19 23.15 24.34
CA TRP O 1412 36.57 23.84 23.11
C TRP O 1412 35.68 23.45 21.94
N ASP O 1413 35.09 22.26 21.99
CA ASP O 1413 34.17 21.78 20.95
C ASP O 1413 32.73 21.86 21.41
N ARG O 1414 32.40 21.25 22.55
CA ARG O 1414 31.07 21.36 23.10
C ARG O 1414 30.82 22.76 23.64
N GLY O 1415 29.58 23.23 23.55
CA GLY O 1415 29.26 24.58 24.00
C GLY O 1415 27.78 24.72 24.24
N ILE O 1416 27.41 25.93 24.69
CA ILE O 1416 26.00 26.20 25.01
C ILE O 1416 25.10 26.07 23.79
N PRO O 1417 25.40 26.69 22.63
CA PRO O 1417 24.60 26.39 21.44
C PRO O 1417 25.19 25.23 20.66
N ARG O 1418 25.49 24.14 21.36
CA ARG O 1418 26.13 22.93 20.86
C ARG O 1418 27.60 23.15 20.50
N ILE O 1419 28.11 24.38 20.56
CA ILE O 1419 29.50 24.68 20.28
C ILE O 1419 29.87 26.01 20.93
N ASN O 1420 31.01 26.05 21.60
CA ASN O 1420 31.48 27.27 22.27
C ASN O 1420 32.21 28.13 21.25
N THR O 1421 31.42 28.92 20.52
CA THR O 1421 31.95 29.83 19.50
C THR O 1421 32.03 31.27 19.99
N LEU O 1422 32.04 31.49 21.30
CA LEU O 1422 32.10 32.85 21.83
C LEU O 1422 33.40 33.55 21.46
N PHE O 1423 34.44 32.80 21.13
CA PHE O 1423 35.72 33.38 20.73
C PHE O 1423 35.86 33.53 19.22
N GLN O 1424 34.83 33.20 18.46
CA GLN O 1424 34.90 33.30 17.00
C GLN O 1424 34.88 34.76 16.57
N LYS O 1425 35.44 35.00 15.39
CA LYS O 1425 35.50 36.36 14.84
C LYS O 1425 34.10 36.89 14.55
N ASP O 1426 33.95 38.21 14.70
CA ASP O 1426 32.71 38.92 14.39
C ASP O 1426 31.54 38.44 15.26
N ARG O 1427 31.83 38.06 16.50
CA ARG O 1427 30.76 37.67 17.42
C ARG O 1427 29.83 38.85 17.70
N HIS O 1428 30.39 40.03 17.94
CA HIS O 1428 29.56 41.21 18.16
C HIS O 1428 28.79 41.60 16.91
N THR O 1429 29.36 41.35 15.73
CA THR O 1429 28.68 41.72 14.49
C THR O 1429 27.49 40.82 14.21
N LEU O 1430 27.66 39.51 14.40
CA LEU O 1430 26.57 38.58 14.13
C LEU O 1430 25.47 38.65 15.17
N ALA O 1431 25.84 38.85 16.44
CA ALA O 1431 24.84 38.85 17.51
C ALA O 1431 23.85 40.00 17.38
N TYR O 1432 24.24 41.08 16.70
CA TYR O 1432 23.34 42.21 16.52
C TYR O 1432 22.20 41.87 15.57
N ASP O 1433 22.44 40.96 14.63
CA ASP O 1433 21.43 40.57 13.65
C ASP O 1433 20.71 39.31 14.13
N LYS O 1434 19.47 39.47 14.55
CA LYS O 1434 18.67 38.37 15.08
C LYS O 1434 17.85 37.73 13.96
N GLY O 1435 16.92 36.86 14.34
CA GLY O 1435 16.07 36.17 13.38
C GLY O 1435 16.80 35.21 12.48
N TRP O 1436 17.75 34.45 13.01
CA TRP O 1436 18.50 33.50 12.20
C TRP O 1436 17.65 32.28 11.85
N ARG O 1437 16.93 31.74 12.83
CA ARG O 1437 16.19 30.49 12.64
C ARG O 1437 15.10 30.64 11.60
N VAL O 1438 14.27 31.70 11.73
CA VAL O 1438 13.18 31.90 10.79
C VAL O 1438 13.72 32.15 9.39
N ARG O 1439 14.76 32.98 9.27
CA ARG O 1439 15.34 33.27 7.96
C ARG O 1439 15.94 32.01 7.33
N THR O 1440 16.47 31.10 8.14
CA THR O 1440 16.99 29.84 7.61
C THR O 1440 15.87 28.92 7.17
N ASP O 1441 14.79 28.85 7.96
CA ASP O 1441 13.67 28.00 7.59
C ASP O 1441 12.91 28.58 6.40
N PHE O 1442 12.67 29.89 6.39
CA PHE O 1442 11.99 30.53 5.27
C PHE O 1442 12.83 30.55 4.00
N LYS O 1443 14.13 30.24 4.09
CA LYS O 1443 14.98 30.21 2.91
C LYS O 1443 14.64 29.07 1.96
N GLN O 1444 13.82 28.11 2.39
CA GLN O 1444 13.44 27.01 1.51
C GLN O 1444 12.64 27.50 0.31
N TYR O 1445 11.87 28.57 0.49
CA TYR O 1445 11.07 29.14 -0.58
C TYR O 1445 11.81 30.21 -1.37
N GLN O 1446 13.05 30.53 -0.99
CA GLN O 1446 13.83 31.55 -1.68
C GLN O 1446 14.90 30.99 -2.61
N VAL O 1447 15.34 29.74 -2.39
CA VAL O 1447 16.37 29.12 -3.19
C VAL O 1447 15.90 27.74 -3.60
N LEU O 1448 16.22 27.34 -4.84
CA LEU O 1448 15.78 26.07 -5.40
C LEU O 1448 16.69 24.91 -4.99
N LYS O 1449 17.49 25.08 -3.96
CA LYS O 1449 18.37 24.02 -3.47
C LYS O 1449 17.96 23.62 -2.05
N GLN O 1450 17.73 22.33 -1.84
CA GLN O 1450 17.31 21.83 -0.54
C GLN O 1450 18.51 21.73 0.38
N ASN O 1451 18.49 22.49 1.48
CA ASN O 1451 19.59 22.50 2.43
C ASN O 1451 19.25 21.58 3.60
N PRO O 1452 19.97 20.48 3.79
CA PRO O 1452 19.65 19.58 4.92
C PRO O 1452 19.90 20.20 6.28
N PHE O 1453 20.68 21.27 6.36
CA PHE O 1453 20.97 21.94 7.64
C PHE O 1453 19.95 23.04 7.92
N TRP O 1454 18.67 22.69 7.88
CA TRP O 1454 17.61 23.65 8.15
C TRP O 1454 17.44 23.95 9.63
N TRP O 1455 18.13 23.21 10.51
CA TRP O 1455 17.96 23.41 11.95
C TRP O 1455 18.68 24.66 12.43
N THR O 1456 19.99 24.72 12.21
CA THR O 1456 20.78 25.86 12.65
C THR O 1456 21.97 26.04 11.72
N HIS O 1457 22.54 27.25 11.76
CA HIS O 1457 23.68 27.60 10.92
C HIS O 1457 24.98 27.35 11.67
N GLN O 1458 26.01 26.91 10.92
CA GLN O 1458 27.30 26.66 11.53
C GLN O 1458 27.93 27.94 12.07
N ARG O 1459 27.79 29.04 11.34
CA ARG O 1459 28.39 30.31 11.73
C ARG O 1459 27.52 31.10 12.71
N HIS O 1460 26.35 30.58 13.07
CA HIS O 1460 25.46 31.24 14.01
C HIS O 1460 25.30 30.48 15.33
N ASP O 1461 25.14 29.16 15.27
CA ASP O 1461 25.05 28.35 16.47
C ASP O 1461 26.32 27.59 16.79
N GLY O 1462 27.12 27.25 15.79
CA GLY O 1462 28.35 26.53 16.00
C GLY O 1462 28.29 25.10 15.49
N LYS O 1463 29.47 24.51 15.32
CA LYS O 1463 29.57 23.14 14.84
C LYS O 1463 28.98 22.18 15.88
N LEU O 1464 27.89 21.50 15.49
CA LEU O 1464 27.19 20.60 16.40
C LEU O 1464 27.76 19.20 16.41
N TRP O 1465 28.80 18.93 15.60
CA TRP O 1465 29.37 17.59 15.54
C TRP O 1465 30.84 17.69 15.16
N ASN O 1466 31.59 16.64 15.47
CA ASN O 1466 33.02 16.53 15.15
C ASN O 1466 33.29 15.11 14.69
N LEU O 1467 33.28 14.89 13.38
CA LEU O 1467 33.40 13.56 12.81
C LEU O 1467 34.84 13.22 12.40
N ASN O 1468 35.82 14.02 12.82
CA ASN O 1468 37.21 13.69 12.50
C ASN O 1468 37.63 12.36 13.11
N ASN O 1469 37.22 12.11 14.36
CA ASN O 1469 37.47 10.81 14.97
C ASN O 1469 36.86 9.69 14.15
N TYR O 1470 35.70 9.93 13.53
CA TYR O 1470 35.10 8.92 12.66
C TYR O 1470 35.99 8.65 11.45
N ARG O 1471 36.57 9.70 10.86
CA ARG O 1471 37.45 9.51 9.72
C ARG O 1471 38.69 8.71 10.12
N THR O 1472 39.27 9.04 11.27
CA THR O 1472 40.44 8.31 11.74
C THR O 1472 40.11 6.85 12.00
N ASP O 1473 38.95 6.59 12.63
CA ASP O 1473 38.53 5.23 12.92
C ASP O 1473 38.26 4.45 11.64
N MET O 1474 37.69 5.10 10.63
CA MET O 1474 37.43 4.42 9.37
C MET O 1474 38.74 4.13 8.63
N ILE O 1475 39.72 5.02 8.76
CA ILE O 1475 41.02 4.76 8.15
C ILE O 1475 41.73 3.61 8.84
N GLN O 1476 41.65 3.56 10.18
CA GLN O 1476 42.35 2.51 10.92
C GLN O 1476 41.67 1.16 10.75
N ALA O 1477 40.33 1.13 10.83
CA ALA O 1477 39.59 -0.13 10.79
C ALA O 1477 39.56 -0.75 9.41
N LEU O 1478 39.98 -0.03 8.36
CA LEU O 1478 40.11 -0.62 7.04
C LEU O 1478 41.44 -1.33 6.85
N GLY O 1479 42.34 -1.24 7.83
CA GLY O 1479 43.64 -1.87 7.75
C GLY O 1479 44.76 -0.86 7.79
N GLY O 1480 44.45 0.34 8.29
CA GLY O 1480 45.42 1.42 8.32
C GLY O 1480 45.66 1.99 6.93
N VAL O 1481 46.57 2.96 6.88
CA VAL O 1481 46.90 3.59 5.60
C VAL O 1481 47.53 2.58 4.67
N GLU O 1482 48.47 1.78 5.18
CA GLU O 1482 49.14 0.77 4.36
C GLU O 1482 48.15 -0.26 3.85
N GLY O 1483 47.25 -0.73 4.72
CA GLY O 1483 46.27 -1.71 4.30
C GLY O 1483 45.29 -1.16 3.27
N ILE O 1484 44.86 0.10 3.46
CA ILE O 1484 43.97 0.72 2.49
C ILE O 1484 44.65 0.87 1.14
N LEU O 1485 45.88 1.37 1.13
CA LEU O 1485 46.62 1.53 -0.11
C LEU O 1485 47.01 0.20 -0.74
N GLU O 1486 47.02 -0.89 0.04
CA GLU O 1486 47.39 -2.18 -0.50
C GLU O 1486 46.42 -2.62 -1.60
N HIS O 1487 45.13 -2.41 -1.38
CA HIS O 1487 44.14 -2.71 -2.42
C HIS O 1487 44.18 -1.71 -3.56
N THR O 1488 44.84 -0.58 -3.39
CA THR O 1488 44.97 0.45 -4.41
C THR O 1488 46.27 0.26 -5.19
N LEU O 1489 46.44 1.08 -6.23
CA LEU O 1489 47.62 1.03 -7.09
C LEU O 1489 48.70 2.00 -6.65
N PHE O 1490 48.78 2.33 -5.36
CA PHE O 1490 49.83 3.21 -4.89
C PHE O 1490 51.20 2.55 -4.95
N LYS O 1491 51.25 1.22 -4.78
CA LYS O 1491 52.53 0.52 -4.84
C LYS O 1491 53.15 0.59 -6.22
N GLY O 1492 52.33 0.48 -7.27
CA GLY O 1492 52.84 0.55 -8.62
C GLY O 1492 53.37 1.92 -9.02
N THR O 1493 52.92 2.98 -8.35
CA THR O 1493 53.40 4.32 -8.63
C THR O 1493 54.84 4.54 -8.14
N TYR O 1494 55.38 3.61 -7.35
CA TYR O 1494 56.74 3.73 -6.83
C TYR O 1494 56.94 5.04 -6.07
N PHE O 1495 55.93 5.42 -5.29
CA PHE O 1495 56.01 6.61 -4.45
C PHE O 1495 56.34 6.19 -3.02
N PRO O 1496 57.59 6.31 -2.58
CA PRO O 1496 57.95 5.87 -1.22
C PRO O 1496 57.56 6.83 -0.12
N THR O 1497 56.75 7.85 -0.41
CA THR O 1497 56.36 8.86 0.56
C THR O 1497 54.84 8.86 0.69
N TRP O 1498 54.35 8.13 1.69
CA TRP O 1498 52.91 8.10 1.95
C TRP O 1498 52.39 9.36 2.60
N GLU O 1499 53.26 10.36 2.78
CA GLU O 1499 52.87 11.64 3.37
C GLU O 1499 53.17 12.83 2.48
N GLY O 1500 54.04 12.68 1.49
CA GLY O 1500 54.43 13.80 0.64
C GLY O 1500 53.66 13.91 -0.65
N LEU O 1501 53.11 12.80 -1.15
CA LEU O 1501 52.42 12.81 -2.43
C LEU O 1501 51.16 13.66 -2.36
N PHE O 1502 50.90 14.41 -3.44
CA PHE O 1502 49.75 15.28 -3.55
C PHE O 1502 48.93 14.91 -4.77
N TRP O 1503 47.62 14.80 -4.61
CA TRP O 1503 46.71 14.45 -5.68
C TRP O 1503 46.08 15.71 -6.28
N GLU O 1504 46.14 15.82 -7.60
CA GLU O 1504 45.61 16.99 -8.31
C GLU O 1504 44.09 16.88 -8.37
N LYS O 1505 43.42 17.60 -7.47
CA LYS O 1505 41.96 17.60 -7.45
C LYS O 1505 41.42 18.42 -8.63
N ALA O 1506 40.83 17.72 -9.60
CA ALA O 1506 40.28 18.35 -10.81
C ALA O 1506 41.33 19.20 -11.51
N SER O 1507 42.56 18.68 -11.59
CA SER O 1507 43.66 19.39 -12.22
C SER O 1507 44.53 18.48 -13.08
N GLY O 1508 44.04 17.30 -13.48
CA GLY O 1508 44.84 16.41 -14.29
C GLY O 1508 45.20 17.02 -15.65
N PHE O 1509 44.20 17.59 -16.32
CA PHE O 1509 44.42 18.32 -17.55
C PHE O 1509 44.77 19.77 -17.24
N GLU O 1510 44.78 20.61 -18.27
CA GLU O 1510 44.97 22.04 -18.04
C GLU O 1510 43.86 22.60 -17.15
N GLU O 1511 42.62 22.58 -17.64
CA GLU O 1511 41.47 22.85 -16.80
C GLU O 1511 40.32 21.95 -17.21
N SER O 1512 40.65 20.80 -17.82
CA SER O 1512 39.65 19.90 -18.41
C SER O 1512 38.77 20.64 -19.41
N MET O 1513 39.39 21.59 -20.12
CA MET O 1513 38.70 22.44 -21.10
C MET O 1513 37.53 23.20 -20.48
N LYS O 1514 37.64 23.54 -19.19
CA LYS O 1514 36.57 24.30 -18.55
C LYS O 1514 36.57 25.76 -18.97
N TRP O 1515 37.75 26.32 -19.25
CA TRP O 1515 37.86 27.69 -19.77
C TRP O 1515 37.71 27.66 -21.29
N LYS O 1516 36.51 27.29 -21.72
CA LYS O 1516 36.20 27.15 -23.13
C LYS O 1516 34.68 27.16 -23.29
N LYS O 1517 34.22 26.98 -24.53
CA LYS O 1517 32.80 26.99 -24.83
C LYS O 1517 32.38 25.72 -25.55
N LEU O 1518 32.80 24.57 -25.03
CA LEU O 1518 32.48 23.30 -25.67
C LEU O 1518 31.00 22.96 -25.50
N THR O 1519 30.57 21.91 -26.21
CA THR O 1519 29.17 21.49 -26.21
C THR O 1519 28.85 20.72 -24.92
N ASN O 1520 27.61 20.24 -24.84
CA ASN O 1520 27.18 19.50 -23.66
C ASN O 1520 27.82 18.12 -23.59
N ALA O 1521 28.04 17.48 -24.73
CA ALA O 1521 28.67 16.16 -24.74
C ALA O 1521 30.09 16.22 -24.22
N GLN O 1522 30.85 17.24 -24.63
CA GLN O 1522 32.20 17.41 -24.12
C GLN O 1522 32.20 17.67 -22.62
N ARG O 1523 31.23 18.46 -22.15
CA ARG O 1523 31.12 18.71 -20.71
C ARG O 1523 30.82 17.42 -19.96
N SER O 1524 29.92 16.58 -20.49
CA SER O 1524 29.62 15.32 -19.83
C SER O 1524 30.83 14.41 -19.82
N GLY O 1525 31.58 14.35 -20.92
CA GLY O 1525 32.80 13.56 -20.94
C GLY O 1525 33.82 14.05 -19.93
N LEU O 1526 33.99 15.37 -19.83
CA LEU O 1526 34.90 15.94 -18.85
C LEU O 1526 34.47 15.61 -17.42
N ASN O 1527 33.16 15.68 -17.16
CA ASN O 1527 32.66 15.36 -15.82
C ASN O 1527 32.81 13.88 -15.50
N GLN O 1528 32.72 13.01 -16.51
CA GLN O 1528 32.90 11.59 -16.30
C GLN O 1528 34.36 11.17 -16.30
N ILE O 1529 35.28 12.07 -16.71
CA ILE O 1529 36.71 11.73 -16.66
C ILE O 1529 37.17 11.41 -15.25
N PRO O 1530 36.79 12.15 -14.19
CA PRO O 1530 37.21 11.73 -12.84
C PRO O 1530 36.74 10.34 -12.45
N ASN O 1531 35.64 9.85 -13.02
CA ASN O 1531 35.20 8.49 -12.72
C ASN O 1531 36.24 7.47 -13.20
N ARG O 1532 36.82 7.71 -14.38
CA ARG O 1532 37.87 6.82 -14.87
C ARG O 1532 39.08 6.82 -13.95
N ARG O 1533 39.48 8.00 -13.47
CA ARG O 1533 40.60 8.07 -12.54
C ARG O 1533 40.30 7.35 -11.23
N PHE O 1534 39.08 7.53 -10.72
CA PHE O 1534 38.69 6.84 -9.48
C PHE O 1534 38.69 5.34 -9.67
N THR O 1535 38.21 4.86 -10.81
CA THR O 1535 38.24 3.43 -11.10
C THR O 1535 39.67 2.92 -11.19
N LEU O 1536 40.55 3.68 -11.85
CA LEU O 1536 41.94 3.27 -11.98
C LEU O 1536 42.64 3.20 -10.62
N TRP O 1537 42.36 4.16 -9.74
CA TRP O 1537 42.99 4.18 -8.43
C TRP O 1537 42.66 2.91 -7.64
N TRP O 1538 41.39 2.54 -7.62
CA TRP O 1538 40.94 1.33 -6.93
C TRP O 1538 40.78 0.15 -7.88
N SER O 1539 41.50 0.16 -9.01
CA SER O 1539 41.39 -0.94 -9.97
C SER O 1539 41.84 -2.28 -9.41
N PRO O 1540 42.98 -2.42 -8.71
CA PRO O 1540 43.37 -3.74 -8.22
C PRO O 1540 42.33 -4.38 -7.31
N THR O 1541 41.67 -3.60 -6.46
CA THR O 1541 40.62 -4.15 -5.62
C THR O 1541 39.37 -4.50 -6.39
N ILE O 1542 39.21 -3.98 -7.61
CA ILE O 1542 38.01 -4.23 -8.41
C ILE O 1542 38.27 -5.17 -9.57
N ASN O 1543 39.49 -5.31 -10.05
CA ASN O 1543 39.80 -6.16 -11.18
C ASN O 1543 40.06 -7.61 -10.78
N ARG O 1544 39.97 -7.92 -9.49
CA ARG O 1544 40.20 -9.28 -9.04
C ARG O 1544 39.14 -10.22 -9.58
N ALA O 1545 39.56 -11.43 -9.99
CA ALA O 1545 38.63 -12.42 -10.51
C ALA O 1545 37.63 -12.89 -9.46
N ASN O 1546 37.91 -12.66 -8.18
CA ASN O 1546 36.99 -13.01 -7.10
C ASN O 1546 36.02 -11.87 -6.78
N VAL O 1547 36.12 -10.74 -7.48
CA VAL O 1547 35.18 -9.64 -7.28
C VAL O 1547 34.05 -9.71 -8.29
N TYR O 1548 34.36 -9.89 -9.57
CA TYR O 1548 33.36 -10.07 -10.61
C TYR O 1548 33.26 -11.54 -10.99
N VAL O 1549 32.37 -11.83 -11.94
CA VAL O 1549 32.20 -13.18 -12.45
C VAL O 1549 33.39 -13.52 -13.33
N GLY O 1550 33.57 -14.80 -13.64
CA GLY O 1550 34.68 -15.21 -14.47
C GLY O 1550 34.50 -14.83 -15.93
N PHE O 1551 35.18 -13.76 -16.35
CA PHE O 1551 35.14 -13.29 -17.73
C PHE O 1551 36.55 -12.90 -18.17
N GLN O 1552 37.52 -13.75 -17.87
CA GLN O 1552 38.93 -13.44 -18.08
C GLN O 1552 39.19 -12.98 -19.51
N VAL O 1553 39.68 -11.75 -19.63
CA VAL O 1553 40.06 -11.17 -20.92
C VAL O 1553 41.43 -10.50 -20.74
N GLN O 1554 42.35 -10.81 -21.64
CA GLN O 1554 43.70 -10.29 -21.57
C GLN O 1554 43.84 -9.11 -22.52
N LEU O 1555 44.47 -8.04 -22.05
CA LEU O 1555 44.70 -6.87 -22.89
C LEU O 1555 45.62 -7.23 -24.05
N ASP O 1556 45.31 -6.69 -25.22
CA ASP O 1556 46.07 -7.00 -26.42
C ASP O 1556 47.53 -6.57 -26.27
N LEU O 1557 48.44 -7.48 -26.59
CA LEU O 1557 49.88 -7.22 -26.53
C LEU O 1557 50.30 -6.70 -25.16
N THR O 1558 49.70 -7.27 -24.11
CA THR O 1558 50.00 -6.85 -22.74
C THR O 1558 49.62 -7.96 -21.78
N GLY O 1559 50.17 -7.89 -20.58
CA GLY O 1559 49.90 -8.86 -19.53
C GLY O 1559 48.70 -8.56 -18.67
N ILE O 1560 47.99 -7.46 -18.94
CA ILE O 1560 46.82 -7.08 -18.16
C ILE O 1560 45.68 -8.03 -18.50
N PHE O 1561 45.36 -8.93 -17.57
CA PHE O 1561 44.29 -9.90 -17.73
C PHE O 1561 43.08 -9.40 -16.95
N MET O 1562 42.29 -8.53 -17.57
CA MET O 1562 41.14 -7.91 -16.94
C MET O 1562 40.02 -8.94 -16.81
N HIS O 1563 39.89 -9.56 -15.64
CA HIS O 1563 38.84 -10.53 -15.36
C HIS O 1563 37.53 -9.78 -15.17
N GLY O 1564 36.95 -9.36 -16.28
CA GLY O 1564 35.71 -8.59 -16.27
C GLY O 1564 35.67 -7.55 -17.37
N LYS O 1565 34.64 -6.72 -17.37
CA LYS O 1565 34.46 -5.68 -18.39
C LYS O 1565 34.09 -4.38 -17.69
N ILE O 1566 35.09 -3.58 -17.35
CA ILE O 1566 34.88 -2.25 -16.79
C ILE O 1566 35.37 -1.24 -17.82
N PRO O 1567 34.47 -0.59 -18.57
CA PRO O 1567 34.93 0.27 -19.68
C PRO O 1567 35.84 1.41 -19.24
N THR O 1568 35.56 2.02 -18.09
CA THR O 1568 36.42 3.09 -17.60
C THR O 1568 37.81 2.58 -17.27
N LEU O 1569 37.88 1.49 -16.48
CA LEU O 1569 39.17 0.92 -16.12
C LEU O 1569 39.86 0.30 -17.32
N LYS O 1570 39.10 -0.29 -18.25
CA LYS O 1570 39.70 -0.82 -19.47
C LYS O 1570 40.34 0.29 -20.29
N ILE O 1571 39.64 1.41 -20.44
CA ILE O 1571 40.19 2.54 -21.19
C ILE O 1571 41.43 3.08 -20.49
N SER O 1572 41.38 3.20 -19.16
CA SER O 1572 42.53 3.70 -18.42
C SER O 1572 43.74 2.79 -18.58
N LEU O 1573 43.53 1.48 -18.49
CA LEU O 1573 44.62 0.53 -18.66
C LEU O 1573 45.18 0.57 -20.09
N ILE O 1574 44.30 0.69 -21.08
CA ILE O 1574 44.76 0.75 -22.46
C ILE O 1574 45.58 2.00 -22.70
N GLN O 1575 45.14 3.13 -22.16
CA GLN O 1575 45.90 4.37 -22.31
C GLN O 1575 47.22 4.31 -21.56
N ILE O 1576 47.24 3.63 -20.41
CA ILE O 1576 48.47 3.51 -19.64
C ILE O 1576 49.53 2.74 -20.42
N PHE O 1577 49.11 1.72 -21.17
CA PHE O 1577 50.01 0.90 -21.97
C PHE O 1577 50.05 1.33 -23.43
N ARG O 1578 49.89 2.63 -23.69
CA ARG O 1578 49.86 3.12 -25.07
C ARG O 1578 51.23 2.99 -25.73
N ALA O 1579 51.20 2.92 -27.06
CA ALA O 1579 52.41 2.88 -27.89
C ALA O 1579 53.21 1.60 -27.68
N HIS O 1580 52.51 0.48 -27.52
CA HIS O 1580 53.13 -0.85 -27.42
C HIS O 1580 54.18 -0.88 -26.32
N LEU O 1581 53.71 -0.71 -25.08
CA LEU O 1581 54.63 -0.57 -23.96
C LEU O 1581 55.06 -1.90 -23.37
N TRP O 1582 54.19 -2.92 -23.39
CA TRP O 1582 54.49 -4.17 -22.71
C TRP O 1582 55.66 -4.91 -23.36
N GLN O 1583 55.60 -5.09 -24.69
CA GLN O 1583 56.67 -5.81 -25.37
C GLN O 1583 57.99 -5.06 -25.28
N LYS O 1584 57.94 -3.74 -25.43
CA LYS O 1584 59.15 -2.93 -25.31
C LYS O 1584 59.73 -3.03 -23.90
N ILE O 1585 58.87 -3.03 -22.88
CA ILE O 1585 59.35 -3.15 -21.50
C ILE O 1585 60.00 -4.51 -21.28
N HIS O 1586 59.38 -5.57 -21.79
CA HIS O 1586 59.96 -6.90 -21.64
C HIS O 1586 61.32 -6.98 -22.33
N GLU O 1587 61.41 -6.45 -23.55
CA GLU O 1587 62.68 -6.47 -24.27
C GLU O 1587 63.74 -5.65 -23.54
N SER O 1588 63.34 -4.49 -22.99
CA SER O 1588 64.29 -3.66 -22.25
C SER O 1588 64.77 -4.36 -21.00
N ILE O 1589 63.88 -5.05 -20.29
CA ILE O 1589 64.29 -5.79 -19.10
C ILE O 1589 65.26 -6.91 -19.48
N VAL O 1590 64.97 -7.62 -20.56
CA VAL O 1590 65.87 -8.69 -21.01
C VAL O 1590 67.24 -8.13 -21.36
N MET O 1591 67.26 -7.03 -22.11
CA MET O 1591 68.53 -6.42 -22.50
C MET O 1591 69.30 -5.91 -21.29
N ASP O 1592 68.61 -5.31 -20.33
CA ASP O 1592 69.28 -4.82 -19.12
C ASP O 1592 69.88 -5.98 -18.34
N LEU O 1593 69.13 -7.08 -18.20
CA LEU O 1593 69.67 -8.26 -17.51
C LEU O 1593 70.89 -8.81 -18.23
N CYS O 1594 70.82 -8.90 -19.57
CA CYS O 1594 71.95 -9.41 -20.33
C CYS O 1594 73.18 -8.52 -20.18
N GLN O 1595 72.98 -7.19 -20.23
CA GLN O 1595 74.10 -6.27 -20.08
C GLN O 1595 74.69 -6.36 -18.67
N VAL O 1596 73.84 -6.43 -17.65
CA VAL O 1596 74.33 -6.54 -16.27
C VAL O 1596 75.13 -7.82 -16.09
N PHE O 1597 74.66 -8.92 -16.68
CA PHE O 1597 75.40 -10.18 -16.60
C PHE O 1597 76.74 -10.07 -17.33
N ASP O 1598 76.71 -9.60 -18.57
CA ASP O 1598 77.92 -9.53 -19.40
C ASP O 1598 78.92 -8.50 -18.89
N GLN O 1599 78.51 -7.59 -18.00
CA GLN O 1599 79.47 -6.64 -17.43
C GLN O 1599 80.57 -7.36 -16.66
N GLU O 1600 80.22 -8.39 -15.90
CA GLU O 1600 81.18 -9.17 -15.14
C GLU O 1600 80.90 -10.66 -15.29
N LEU O 1601 80.57 -11.09 -16.52
CA LEU O 1601 80.26 -12.50 -16.75
C LEU O 1601 81.53 -13.35 -16.76
N ASP O 1602 82.67 -12.77 -17.15
CA ASP O 1602 83.90 -13.54 -17.25
C ASP O 1602 84.31 -14.11 -15.90
N ALA O 1603 84.23 -13.31 -14.84
CA ALA O 1603 84.57 -13.80 -13.51
C ALA O 1603 83.59 -14.85 -13.02
N LEU O 1604 82.33 -14.82 -13.49
CA LEU O 1604 81.31 -15.76 -13.06
C LEU O 1604 81.27 -17.03 -13.90
N GLU O 1605 82.34 -17.32 -14.63
CA GLU O 1605 82.46 -18.54 -15.44
C GLU O 1605 81.32 -18.63 -16.47
N ILE O 1606 81.30 -17.67 -17.38
CA ILE O 1606 80.34 -17.61 -18.47
C ILE O 1606 81.09 -17.64 -19.79
N GLU O 1607 80.71 -18.55 -20.68
CA GLU O 1607 81.39 -18.67 -21.97
C GLU O 1607 80.85 -17.66 -22.98
N THR O 1608 79.57 -17.76 -23.32
CA THR O 1608 78.95 -16.91 -24.32
C THR O 1608 77.50 -16.70 -23.97
N VAL O 1609 77.07 -15.45 -23.96
CA VAL O 1609 75.70 -15.07 -23.60
C VAL O 1609 75.00 -14.54 -24.84
N GLN O 1610 73.89 -15.16 -25.20
CA GLN O 1610 73.11 -14.74 -26.36
C GLN O 1610 71.64 -15.00 -26.07
N LYS O 1611 70.78 -14.09 -26.53
CA LYS O 1611 69.35 -14.25 -26.33
C LYS O 1611 68.76 -15.13 -27.43
N GLU O 1612 67.93 -16.08 -27.02
CA GLU O 1612 67.33 -17.02 -27.96
C GLU O 1612 66.33 -16.30 -28.86
N THR O 1613 65.85 -17.04 -29.87
CA THR O 1613 64.86 -16.50 -30.81
C THR O 1613 63.47 -16.69 -30.22
N ILE O 1614 63.03 -15.67 -29.49
CA ILE O 1614 61.74 -15.69 -28.81
C ILE O 1614 60.76 -14.82 -29.58
N HIS O 1615 59.57 -15.35 -29.82
CA HIS O 1615 58.55 -14.60 -30.55
C HIS O 1615 58.05 -13.42 -29.72
N PRO O 1616 57.63 -12.34 -30.37
CA PRO O 1616 57.03 -11.22 -29.61
C PRO O 1616 55.83 -11.64 -28.80
N ARG O 1617 55.03 -12.59 -29.30
CA ARG O 1617 53.89 -13.09 -28.55
C ARG O 1617 54.28 -14.04 -27.43
N LYS O 1618 55.58 -14.34 -27.28
CA LYS O 1618 56.05 -15.17 -26.18
C LYS O 1618 56.45 -14.36 -24.96
N SER O 1619 56.29 -13.04 -24.99
CA SER O 1619 56.55 -12.19 -23.84
C SER O 1619 55.27 -11.74 -23.14
N TYR O 1620 54.11 -12.15 -23.65
CA TYR O 1620 52.83 -11.82 -23.03
C TYR O 1620 51.89 -13.00 -22.87
N LYS O 1621 52.08 -14.09 -23.61
CA LYS O 1621 51.21 -15.26 -23.52
C LYS O 1621 51.69 -16.14 -22.36
N MET O 1622 50.87 -16.27 -21.33
CA MET O 1622 51.22 -17.11 -20.19
C MET O 1622 51.09 -18.60 -20.50
N ASN O 1623 50.28 -18.96 -21.51
CA ASN O 1623 50.09 -20.37 -21.84
C ASN O 1623 51.39 -21.01 -22.31
N SER O 1624 52.14 -20.31 -23.16
CA SER O 1624 53.39 -20.81 -23.70
C SER O 1624 54.51 -19.86 -23.33
N SER O 1625 55.56 -20.38 -22.72
CA SER O 1625 56.73 -19.61 -22.31
C SER O 1625 57.94 -20.02 -23.12
N CYS O 1626 59.08 -19.44 -22.79
CA CYS O 1626 60.34 -19.74 -23.46
C CYS O 1626 61.48 -19.36 -22.52
N ALA O 1627 62.71 -19.34 -23.05
CA ALA O 1627 63.88 -18.93 -22.29
C ALA O 1627 64.36 -17.58 -22.78
N ASP O 1628 64.66 -16.69 -21.85
CA ASP O 1628 65.08 -15.34 -22.20
C ASP O 1628 66.55 -15.29 -22.56
N ILE O 1629 67.42 -15.69 -21.62
CA ILE O 1629 68.87 -15.65 -21.81
C ILE O 1629 69.38 -17.07 -21.97
N LEU O 1630 70.23 -17.28 -22.97
CA LEU O 1630 70.90 -18.55 -23.20
C LEU O 1630 72.40 -18.27 -23.13
N LEU O 1631 72.95 -18.34 -21.91
CA LEU O 1631 74.34 -18.02 -21.65
C LEU O 1631 75.10 -19.30 -21.33
N PHE O 1632 76.17 -19.56 -22.07
CA PHE O 1632 77.02 -20.71 -21.81
C PHE O 1632 77.97 -20.42 -20.65
N ALA O 1633 78.51 -21.49 -20.07
CA ALA O 1633 79.36 -21.38 -18.88
C ALA O 1633 80.77 -21.91 -19.07
N SER O 1634 81.07 -22.57 -20.20
CA SER O 1634 82.40 -23.09 -20.51
C SER O 1634 82.87 -24.16 -19.53
N TYR O 1635 81.98 -24.62 -18.64
CA TYR O 1635 82.36 -25.61 -17.64
C TYR O 1635 81.12 -26.36 -17.20
N LYS O 1636 81.35 -27.45 -16.47
CA LYS O 1636 80.26 -28.29 -15.95
C LYS O 1636 79.64 -27.57 -14.76
N TRP O 1637 78.74 -26.62 -15.07
CA TRP O 1637 78.05 -25.86 -14.04
C TRP O 1637 77.09 -26.78 -13.29
N ASN O 1638 77.39 -27.05 -12.02
CA ASN O 1638 76.53 -27.89 -11.19
C ASN O 1638 75.16 -27.27 -11.05
N VAL O 1639 74.15 -27.92 -11.60
CA VAL O 1639 72.78 -27.38 -11.58
C VAL O 1639 72.25 -27.46 -10.15
N SER O 1640 72.16 -26.31 -9.49
CA SER O 1640 71.62 -26.27 -8.14
C SER O 1640 70.11 -26.53 -8.16
N ARG O 1641 69.61 -26.96 -7.01
CA ARG O 1641 68.19 -27.27 -6.91
C ARG O 1641 67.36 -26.00 -7.18
N PRO O 1642 66.29 -26.11 -7.96
CA PRO O 1642 65.47 -24.93 -8.24
C PRO O 1642 64.67 -24.48 -7.03
N SER O 1643 65.07 -23.36 -6.44
CA SER O 1643 64.41 -22.83 -5.25
C SER O 1643 64.25 -21.32 -5.39
N LEU O 1644 63.52 -20.73 -4.46
CA LEU O 1644 63.30 -19.29 -4.47
C LEU O 1644 64.61 -18.55 -4.19
N LEU O 1645 64.81 -17.44 -4.90
CA LEU O 1645 65.99 -16.61 -4.65
C LEU O 1645 65.95 -16.01 -3.25
N ALA O 1646 64.76 -15.79 -2.70
CA ALA O 1646 64.64 -15.29 -1.34
C ALA O 1646 65.15 -16.27 -0.29
N ASP O 1647 65.31 -17.54 -0.65
CA ASP O 1647 65.81 -18.54 0.29
C ASP O 1647 67.31 -18.39 0.47
N SER O 1648 67.77 -18.57 1.71
CA SER O 1648 69.19 -18.50 2.04
C SER O 1648 69.83 -19.87 2.21
N LYS O 1649 69.13 -20.94 1.83
CA LYS O 1649 69.66 -22.29 1.96
C LYS O 1649 70.49 -22.64 0.74
N ASP O 1650 71.69 -23.17 0.98
CA ASP O 1650 72.62 -23.56 -0.07
C ASP O 1650 72.52 -25.07 -0.26
N VAL O 1651 71.56 -25.50 -1.05
CA VAL O 1651 71.35 -26.91 -1.36
C VAL O 1651 71.47 -27.10 -2.86
N MET O 1652 72.34 -28.03 -3.27
CA MET O 1652 72.56 -28.32 -4.68
C MET O 1652 72.60 -29.82 -4.87
N ASP O 1653 71.65 -30.34 -5.64
CA ASP O 1653 71.60 -31.76 -5.93
C ASP O 1653 72.72 -32.16 -6.88
N SER O 1654 72.98 -33.46 -6.97
CA SER O 1654 74.04 -34.00 -7.82
C SER O 1654 73.58 -33.95 -9.26
N THR O 1655 73.66 -32.74 -9.84
CA THR O 1655 73.28 -32.53 -11.23
C THR O 1655 74.16 -31.42 -11.81
N THR O 1656 74.80 -31.70 -12.93
CA THR O 1656 75.70 -30.76 -13.58
C THR O 1656 75.42 -30.69 -15.07
N THR O 1657 75.73 -29.56 -15.67
CA THR O 1657 75.54 -29.33 -17.09
C THR O 1657 76.43 -28.15 -17.50
N GLN O 1658 76.35 -27.79 -18.79
CA GLN O 1658 77.16 -26.71 -19.34
C GLN O 1658 76.37 -25.45 -19.66
N LYS O 1659 75.19 -25.59 -20.27
CA LYS O 1659 74.37 -24.45 -20.64
C LYS O 1659 73.35 -24.17 -19.55
N TYR O 1660 73.33 -22.93 -19.07
CA TYR O 1660 72.39 -22.48 -18.05
C TYR O 1660 71.51 -21.39 -18.65
N TRP O 1661 70.21 -21.51 -18.44
CA TRP O 1661 69.24 -20.57 -19.00
C TRP O 1661 68.65 -19.69 -17.90
N ILE O 1662 68.20 -18.51 -18.30
CA ILE O 1662 67.52 -17.57 -17.40
C ILE O 1662 66.33 -16.98 -18.15
N ASP O 1663 65.21 -16.84 -17.44
CA ASP O 1663 63.98 -16.35 -18.03
C ASP O 1663 63.41 -15.23 -17.17
N ILE O 1664 62.59 -14.38 -17.80
CA ILE O 1664 61.95 -13.25 -17.14
C ILE O 1664 60.51 -13.17 -17.61
N GLN O 1665 59.58 -13.01 -16.66
CA GLN O 1665 58.16 -12.91 -16.96
C GLN O 1665 57.60 -11.61 -16.40
N LEU O 1666 56.54 -11.11 -17.05
CA LEU O 1666 55.88 -9.88 -16.66
C LEU O 1666 54.47 -10.19 -16.20
N ARG O 1667 54.11 -9.68 -15.02
CA ARG O 1667 52.78 -9.90 -14.45
C ARG O 1667 52.24 -8.60 -13.87
N TRP O 1668 50.92 -8.48 -13.90
CA TRP O 1668 50.21 -7.34 -13.30
C TRP O 1668 49.32 -7.93 -12.20
N GLY O 1669 49.88 -8.05 -11.00
CA GLY O 1669 49.17 -8.72 -9.93
C GLY O 1669 48.03 -7.88 -9.37
N ASP O 1670 46.96 -8.57 -8.99
CA ASP O 1670 45.81 -7.95 -8.37
C ASP O 1670 46.04 -7.82 -6.86
N TYR O 1671 44.98 -7.49 -6.12
CA TYR O 1671 45.09 -7.43 -4.66
C TYR O 1671 45.45 -8.79 -4.07
N ASP O 1672 44.89 -9.86 -4.64
CA ASP O 1672 45.18 -11.21 -4.17
C ASP O 1672 46.33 -11.87 -4.93
N SER O 1673 46.63 -11.41 -6.15
CA SER O 1673 47.68 -11.99 -6.98
C SER O 1673 49.00 -11.25 -6.85
N HIS O 1674 49.27 -10.64 -5.69
CA HIS O 1674 50.51 -9.91 -5.46
C HIS O 1674 51.61 -10.78 -4.86
N ASP O 1675 51.32 -12.04 -4.55
CA ASP O 1675 52.31 -12.96 -3.99
C ASP O 1675 53.28 -13.37 -5.10
N ILE O 1676 54.29 -12.52 -5.31
CA ILE O 1676 55.21 -12.71 -6.42
C ILE O 1676 56.04 -13.98 -6.24
N GLU O 1677 56.47 -14.25 -5.00
CA GLU O 1677 57.36 -15.39 -4.77
C GLU O 1677 56.65 -16.71 -5.07
N ARG O 1678 55.48 -16.92 -4.48
CA ARG O 1678 54.77 -18.19 -4.67
C ARG O 1678 54.30 -18.36 -6.12
N TYR O 1679 53.77 -17.29 -6.71
CA TYR O 1679 53.32 -17.37 -8.10
C TYR O 1679 54.49 -17.65 -9.04
N ALA O 1680 55.64 -17.03 -8.78
CA ALA O 1680 56.82 -17.28 -9.60
C ALA O 1680 57.31 -18.71 -9.45
N ARG O 1681 57.31 -19.23 -8.21
CA ARG O 1681 57.71 -20.62 -8.00
C ARG O 1681 56.77 -21.58 -8.73
N ALA O 1682 55.47 -21.32 -8.66
CA ALA O 1682 54.50 -22.17 -9.36
C ALA O 1682 54.69 -22.08 -10.87
N LYS O 1683 54.95 -20.87 -11.38
CA LYS O 1683 55.17 -20.70 -12.81
C LYS O 1683 56.42 -21.45 -13.27
N PHE O 1684 57.50 -21.37 -12.48
CA PHE O 1684 58.72 -22.10 -12.82
C PHE O 1684 58.49 -23.61 -12.80
N LEU O 1685 57.76 -24.09 -11.79
CA LEU O 1685 57.47 -25.52 -11.72
C LEU O 1685 56.64 -25.97 -12.90
N ASP O 1686 55.63 -25.19 -13.30
CA ASP O 1686 54.81 -25.55 -14.45
C ASP O 1686 55.60 -25.46 -15.74
N TYR O 1687 56.54 -24.52 -15.85
CA TYR O 1687 57.36 -24.40 -17.04
C TYR O 1687 58.41 -25.50 -17.13
N THR O 1688 58.80 -26.09 -15.99
CA THR O 1688 59.74 -27.20 -16.02
C THR O 1688 59.16 -28.40 -16.76
N THR O 1689 57.88 -28.69 -16.54
CA THR O 1689 57.18 -29.76 -17.23
C THR O 1689 56.14 -29.24 -18.22
N ASP O 1690 56.37 -28.03 -18.74
CA ASP O 1690 55.43 -27.43 -19.68
C ASP O 1690 55.35 -28.24 -20.96
N ASN O 1691 54.14 -28.30 -21.54
CA ASN O 1691 53.93 -29.05 -22.77
C ASN O 1691 54.57 -28.36 -23.98
N MET O 1692 54.60 -27.03 -23.99
CA MET O 1692 55.10 -26.28 -25.14
C MET O 1692 56.22 -25.32 -24.83
N SER O 1693 56.41 -24.91 -23.58
CA SER O 1693 57.52 -24.00 -23.22
C SER O 1693 58.80 -24.83 -23.18
N ILE O 1694 59.37 -25.04 -24.37
CA ILE O 1694 60.53 -25.93 -24.51
C ILE O 1694 61.78 -25.07 -24.31
N TYR O 1695 62.16 -24.92 -23.04
CA TYR O 1695 63.42 -24.27 -22.74
C TYR O 1695 64.58 -25.21 -23.05
N PRO O 1696 65.72 -24.69 -23.50
CA PRO O 1696 66.83 -25.59 -23.87
C PRO O 1696 67.50 -26.22 -22.65
N SER O 1697 67.71 -25.46 -21.58
CA SER O 1697 68.35 -25.98 -20.38
C SER O 1697 67.31 -26.32 -19.34
N PRO O 1698 67.20 -27.58 -18.92
CA PRO O 1698 66.28 -27.90 -17.82
C PRO O 1698 66.58 -27.14 -16.54
N THR O 1699 67.83 -26.74 -16.34
CA THR O 1699 68.19 -25.87 -15.21
C THR O 1699 68.10 -24.40 -15.60
N GLY O 1700 66.94 -24.02 -16.14
CA GLY O 1700 66.72 -22.65 -16.56
C GLY O 1700 65.83 -21.88 -15.60
N VAL O 1701 66.42 -20.93 -14.88
CA VAL O 1701 65.65 -20.15 -13.93
C VAL O 1701 64.70 -19.21 -14.67
N LEU O 1702 63.67 -18.78 -13.96
CA LEU O 1702 62.69 -17.85 -14.50
C LEU O 1702 62.44 -16.73 -13.48
N ILE O 1703 62.28 -15.52 -13.98
CA ILE O 1703 62.04 -14.36 -13.15
C ILE O 1703 60.65 -13.83 -13.44
N ALA O 1704 60.11 -13.09 -12.48
CA ALA O 1704 58.79 -12.50 -12.60
C ALA O 1704 58.85 -11.04 -12.17
N ILE O 1705 58.02 -10.21 -12.80
CA ILE O 1705 57.92 -8.79 -12.46
C ILE O 1705 56.47 -8.49 -12.14
N ASP O 1706 56.23 -8.04 -10.90
CA ASP O 1706 54.89 -7.62 -10.48
C ASP O 1706 54.76 -6.13 -10.79
N LEU O 1707 54.50 -5.85 -12.08
CA LEU O 1707 54.45 -4.46 -12.54
C LEU O 1707 53.36 -3.68 -11.83
N ALA O 1708 52.19 -4.30 -11.60
CA ALA O 1708 51.10 -3.61 -10.92
C ALA O 1708 51.48 -3.24 -9.49
N TYR O 1709 52.19 -4.12 -8.79
CA TYR O 1709 52.54 -3.91 -7.39
C TYR O 1709 54.01 -3.56 -7.20
N ASN O 1710 54.75 -3.32 -8.28
CA ASN O 1710 56.16 -2.91 -8.22
C ASN O 1710 56.99 -3.91 -7.40
N LEU O 1711 57.04 -5.14 -7.91
CA LEU O 1711 57.81 -6.19 -7.25
C LEU O 1711 58.42 -7.11 -8.31
N HIS O 1712 59.48 -7.81 -7.91
CA HIS O 1712 60.18 -8.73 -8.79
C HIS O 1712 60.67 -9.92 -8.00
N SER O 1713 60.64 -11.10 -8.61
CA SER O 1713 61.04 -12.32 -7.93
C SER O 1713 61.49 -13.34 -8.97
N ALA O 1714 62.19 -14.37 -8.49
CA ALA O 1714 62.69 -15.44 -9.34
C ALA O 1714 62.92 -16.66 -8.47
N TYR O 1715 62.24 -17.77 -8.78
CA TYR O 1715 62.30 -18.99 -7.99
C TYR O 1715 62.69 -20.17 -8.87
N GLY O 1716 63.73 -19.99 -9.66
CA GLY O 1716 64.26 -21.04 -10.51
C GLY O 1716 65.56 -21.61 -10.00
N ASN O 1717 66.25 -22.31 -10.89
CA ASN O 1717 67.53 -22.94 -10.56
C ASN O 1717 68.59 -21.85 -10.47
N TRP O 1718 68.87 -21.39 -9.26
CA TRP O 1718 69.90 -20.37 -9.07
C TRP O 1718 71.28 -20.99 -9.26
N PHE O 1719 72.01 -20.49 -10.25
CA PHE O 1719 73.33 -21.03 -10.54
C PHE O 1719 74.30 -20.71 -9.40
N PRO O 1720 75.26 -21.60 -9.14
CA PRO O 1720 76.25 -21.34 -8.08
C PRO O 1720 77.00 -20.04 -8.28
N GLY O 1721 76.82 -19.10 -7.35
CA GLY O 1721 77.42 -17.79 -7.43
C GLY O 1721 76.64 -16.78 -8.24
N SER O 1722 75.53 -17.19 -8.87
CA SER O 1722 74.73 -16.28 -9.68
C SER O 1722 73.50 -15.75 -8.96
N LYS O 1723 73.07 -16.40 -7.88
CA LYS O 1723 71.93 -15.88 -7.12
C LYS O 1723 72.18 -14.49 -6.56
N PRO O 1724 73.32 -14.20 -5.93
CA PRO O 1724 73.58 -12.79 -5.56
C PRO O 1724 73.64 -11.87 -6.76
N LEU O 1725 74.20 -12.34 -7.88
CA LEU O 1725 74.25 -11.52 -9.09
C LEU O 1725 72.84 -11.23 -9.61
N ILE O 1726 71.99 -12.24 -9.65
CA ILE O 1726 70.62 -12.06 -10.10
C ILE O 1726 69.87 -11.12 -9.17
N GLN O 1727 70.08 -11.27 -7.87
CA GLN O 1727 69.43 -10.40 -6.90
C GLN O 1727 69.85 -8.95 -7.08
N GLN O 1728 71.15 -8.71 -7.24
CA GLN O 1728 71.64 -7.36 -7.44
C GLN O 1728 71.13 -6.76 -8.74
N ALA O 1729 71.11 -7.56 -9.81
CA ALA O 1729 70.59 -7.08 -11.09
C ALA O 1729 69.12 -6.70 -10.98
N MET O 1730 68.33 -7.56 -10.32
CA MET O 1730 66.91 -7.27 -10.16
C MET O 1730 66.68 -6.04 -9.30
N ALA O 1731 67.45 -5.88 -8.23
CA ALA O 1731 67.32 -4.70 -7.38
C ALA O 1731 67.66 -3.43 -8.15
N LYS O 1732 68.77 -3.45 -8.90
CA LYS O 1732 69.16 -2.28 -9.66
C LYS O 1732 68.13 -1.96 -10.74
N ILE O 1733 67.59 -2.98 -11.40
CA ILE O 1733 66.56 -2.76 -12.40
C ILE O 1733 65.33 -2.12 -11.76
N MET O 1734 64.77 -2.77 -10.73
CA MET O 1734 63.58 -2.23 -10.08
C MET O 1734 63.81 -0.83 -9.56
N LYS O 1735 65.05 -0.49 -9.21
CA LYS O 1735 65.37 0.88 -8.84
C LYS O 1735 65.30 1.81 -10.05
N ALA O 1736 65.96 1.45 -11.14
CA ALA O 1736 66.12 2.36 -12.27
C ALA O 1736 65.96 1.65 -13.61
N ASN O 1737 64.96 0.79 -13.74
CA ASN O 1737 64.65 0.22 -15.05
C ASN O 1737 64.07 1.30 -15.94
N PRO O 1738 64.62 1.51 -17.14
CA PRO O 1738 64.15 2.63 -17.98
C PRO O 1738 62.69 2.49 -18.41
N ALA O 1739 62.34 1.36 -19.01
CA ALA O 1739 60.97 1.14 -19.43
C ALA O 1739 60.02 1.11 -18.23
N LEU O 1740 60.44 0.47 -17.14
CA LEU O 1740 59.61 0.43 -15.94
C LEU O 1740 59.44 1.83 -15.35
N TYR O 1741 60.50 2.64 -15.37
CA TYR O 1741 60.39 4.01 -14.89
C TYR O 1741 59.42 4.82 -15.75
N VAL O 1742 59.49 4.63 -17.08
CA VAL O 1742 58.57 5.32 -17.96
C VAL O 1742 57.13 4.89 -17.68
N LEU O 1743 56.91 3.59 -17.48
CA LEU O 1743 55.58 3.09 -17.18
C LEU O 1743 55.07 3.64 -15.86
N ARG O 1744 55.95 3.72 -14.84
CA ARG O 1744 55.54 4.26 -13.56
C ARG O 1744 55.19 5.74 -13.68
N GLU O 1745 55.97 6.49 -14.46
CA GLU O 1745 55.64 7.89 -14.69
C GLU O 1745 54.30 8.04 -15.39
N ARG O 1746 54.03 7.21 -16.39
CA ARG O 1746 52.76 7.27 -17.09
C ARG O 1746 51.60 6.91 -16.17
N ILE O 1747 51.81 5.93 -15.28
CA ILE O 1747 50.75 5.53 -14.36
C ILE O 1747 50.49 6.63 -13.34
N ARG O 1748 51.55 7.30 -12.88
CA ARG O 1748 51.37 8.44 -11.98
C ARG O 1748 50.62 9.58 -12.66
N LYS O 1749 50.95 9.84 -13.93
CA LYS O 1749 50.25 10.90 -14.67
C LYS O 1749 48.79 10.54 -14.87
N GLY O 1750 48.49 9.28 -15.19
CA GLY O 1750 47.12 8.88 -15.44
C GLY O 1750 46.23 8.98 -14.21
N LEU O 1751 46.78 8.70 -13.03
CA LEU O 1751 46.00 8.69 -11.80
C LEU O 1751 45.94 10.07 -11.13
N GLN O 1752 46.38 11.12 -11.83
CA GLN O 1752 46.36 12.49 -11.29
C GLN O 1752 47.14 12.58 -9.98
N LEU O 1753 48.23 11.82 -9.89
CA LEU O 1753 49.08 11.81 -8.72
C LEU O 1753 50.47 12.31 -9.13
N TYR O 1754 51.01 13.22 -8.32
CA TYR O 1754 52.33 13.80 -8.61
C TYR O 1754 52.94 14.23 -7.28
N SER O 1755 54.06 13.61 -6.91
CA SER O 1755 54.72 13.94 -5.66
C SER O 1755 55.23 15.37 -5.69
N SER O 1756 55.24 16.01 -4.52
CA SER O 1756 55.74 17.37 -4.40
C SER O 1756 57.25 17.36 -4.62
N GLU O 1757 57.68 17.89 -5.76
CA GLU O 1757 59.10 17.87 -6.10
C GLU O 1757 59.89 18.72 -5.11
N PRO O 1758 61.11 18.30 -4.78
CA PRO O 1758 61.93 19.09 -3.85
C PRO O 1758 62.21 20.49 -4.40
N THR O 1759 62.27 21.46 -3.48
CA THR O 1759 62.51 22.85 -3.84
C THR O 1759 63.99 23.17 -3.71
N GLU O 1760 64.39 24.26 -4.35
CA GLU O 1760 65.78 24.69 -4.32
C GLU O 1760 66.17 25.08 -2.89
N PRO O 1761 67.31 24.62 -2.40
CA PRO O 1761 67.69 24.93 -1.01
C PRO O 1761 68.10 26.38 -0.84
N TYR O 1762 68.03 26.85 0.40
CA TYR O 1762 68.46 28.20 0.74
C TYR O 1762 69.98 28.26 0.83
N LEU O 1763 70.51 29.46 0.59
CA LEU O 1763 71.96 29.69 0.64
C LEU O 1763 72.32 30.21 2.02
N SER O 1764 72.81 29.33 2.87
CA SER O 1764 73.20 29.68 4.22
C SER O 1764 74.61 30.27 4.22
N SER O 1765 75.19 30.44 5.41
CA SER O 1765 76.54 30.99 5.51
C SER O 1765 77.59 30.08 4.90
N GLN O 1766 77.28 28.79 4.74
CA GLN O 1766 78.20 27.85 4.11
C GLN O 1766 78.09 27.86 2.59
N ASN O 1767 76.89 28.12 2.06
CA ASN O 1767 76.67 28.20 0.63
C ASN O 1767 76.69 29.63 0.10
N TYR O 1768 77.17 30.58 0.90
CA TYR O 1768 77.22 31.97 0.46
C TYR O 1768 78.14 32.14 -0.75
N GLY O 1769 79.31 31.52 -0.71
CA GLY O 1769 80.25 31.58 -1.81
C GLY O 1769 79.98 30.61 -2.93
N GLU O 1770 78.96 29.76 -2.81
CA GLU O 1770 78.63 28.80 -3.85
C GLU O 1770 77.99 29.45 -5.07
N LEU O 1771 77.59 30.71 -4.98
CA LEU O 1771 76.91 31.39 -6.08
C LEU O 1771 77.87 32.08 -7.04
N PHE O 1772 79.18 31.91 -6.86
CA PHE O 1772 80.17 32.52 -7.71
C PHE O 1772 80.69 31.56 -8.79
N SER O 1773 80.07 30.40 -8.94
CA SER O 1773 80.53 29.41 -9.91
C SER O 1773 80.20 29.86 -11.34
N ASN O 1774 80.48 28.98 -12.29
CA ASN O 1774 80.25 29.31 -13.69
C ASN O 1774 78.76 29.45 -14.00
N GLN O 1775 77.89 28.93 -13.13
CA GLN O 1775 76.46 29.12 -13.31
C GLN O 1775 76.08 30.55 -12.98
N ILE O 1776 75.56 31.27 -13.97
CA ILE O 1776 75.24 32.68 -13.80
C ILE O 1776 74.08 32.82 -12.82
N ILE O 1777 74.25 33.67 -11.82
CA ILE O 1777 73.24 33.91 -10.80
C ILE O 1777 72.95 35.40 -10.77
N TRP O 1778 71.66 35.75 -10.89
CA TRP O 1778 71.21 37.14 -10.81
C TRP O 1778 70.43 37.29 -9.51
N PHE O 1779 71.04 37.97 -8.54
CA PHE O 1779 70.41 38.15 -7.23
C PHE O 1779 69.32 39.18 -7.36
N VAL O 1780 68.12 38.72 -7.73
CA VAL O 1780 66.98 39.59 -7.92
C VAL O 1780 66.43 40.01 -6.56
N ASP O 1781 66.35 41.31 -6.34
CA ASP O 1781 65.82 41.84 -5.08
C ASP O 1781 65.10 43.14 -5.42
N ASP O 1782 63.79 43.07 -5.63
CA ASP O 1782 62.97 44.21 -5.99
C ASP O 1782 61.94 44.49 -4.90
N THR O 1783 62.34 44.33 -3.63
CA THR O 1783 61.45 44.65 -2.53
C THR O 1783 61.15 46.14 -2.49
N ASN O 1784 62.14 46.98 -2.81
CA ASN O 1784 61.98 48.42 -2.80
C ASN O 1784 61.29 48.96 -4.05
N VAL O 1785 60.66 48.08 -4.84
CA VAL O 1785 59.91 48.52 -6.01
C VAL O 1785 58.74 49.41 -5.62
N TYR O 1786 58.24 49.26 -4.39
CA TYR O 1786 57.16 50.11 -3.91
C TYR O 1786 57.70 51.48 -3.54
N ARG O 1787 58.17 52.23 -4.54
CA ARG O 1787 58.75 53.55 -4.33
C ARG O 1787 57.67 54.60 -4.53
N VAL O 1788 57.33 55.32 -3.46
CA VAL O 1788 56.34 56.39 -3.49
C VAL O 1788 56.79 57.47 -2.51
N THR O 1789 56.17 58.64 -2.62
CA THR O 1789 56.51 59.78 -1.76
C THR O 1789 55.28 60.08 -0.90
N ILE O 1790 55.28 59.59 0.33
CA ILE O 1790 54.25 59.90 1.31
C ILE O 1790 54.82 61.05 2.14
N HIS O 1791 54.59 62.28 1.67
CA HIS O 1791 55.14 63.47 2.30
C HIS O 1791 54.01 64.28 2.90
N LYS O 1792 54.16 64.63 4.17
CA LYS O 1792 53.12 65.37 4.88
C LYS O 1792 53.09 66.81 4.40
N THR O 1793 52.06 67.15 3.62
CA THR O 1793 51.87 68.52 3.19
C THR O 1793 51.53 69.40 4.39
N PHE O 1794 51.65 70.72 4.20
CA PHE O 1794 51.50 71.66 5.31
C PHE O 1794 50.12 71.55 5.95
N GLU O 1795 49.07 71.43 5.14
CA GLU O 1795 47.72 71.36 5.68
C GLU O 1795 46.79 70.73 4.68
N GLY O 1796 45.70 70.14 5.19
CA GLY O 1796 44.65 69.61 4.37
C GLY O 1796 44.78 68.13 4.04
N ASN O 1797 45.98 67.71 3.67
CA ASN O 1797 46.26 66.33 3.28
C ASN O 1797 47.77 66.14 3.26
N LEU O 1798 48.22 65.01 2.72
CA LEU O 1798 49.62 64.74 2.47
C LEU O 1798 49.82 64.43 1.00
N THR O 1799 50.97 64.82 0.46
CA THR O 1799 51.24 64.62 -0.96
C THR O 1799 51.26 63.13 -1.29
N THR O 1800 50.25 62.68 -2.01
CA THR O 1800 50.13 61.27 -2.41
C THR O 1800 50.67 61.09 -3.84
N LYS O 1801 51.93 61.45 -4.00
CA LYS O 1801 52.58 61.38 -5.31
C LYS O 1801 53.48 60.15 -5.37
N PRO O 1802 53.13 59.13 -6.15
CA PRO O 1802 54.02 57.98 -6.30
C PRO O 1802 55.32 58.37 -7.01
N ILE O 1803 56.38 57.66 -6.67
CA ILE O 1803 57.70 57.89 -7.26
C ILE O 1803 57.96 56.81 -8.30
N ASN O 1804 58.82 57.13 -9.27
CA ASN O 1804 59.19 56.17 -10.30
C ASN O 1804 60.04 55.06 -9.67
N GLY O 1805 59.50 53.85 -9.64
CA GLY O 1805 60.19 52.73 -9.04
C GLY O 1805 61.24 52.15 -9.95
N ALA O 1806 61.70 50.96 -9.58
CA ALA O 1806 62.74 50.26 -10.34
C ALA O 1806 62.86 48.84 -9.79
N ILE O 1807 63.62 48.02 -10.51
CA ILE O 1807 63.95 46.67 -10.08
C ILE O 1807 65.47 46.54 -10.06
N PHE O 1808 65.95 45.59 -9.27
CA PHE O 1808 67.39 45.37 -9.08
C PHE O 1808 67.76 44.00 -9.64
N ILE O 1809 68.72 43.98 -10.56
CA ILE O 1809 69.25 42.75 -11.13
C ILE O 1809 70.75 42.91 -11.21
N PHE O 1810 71.47 42.17 -10.37
CA PHE O 1810 72.92 42.21 -10.33
C PHE O 1810 73.47 40.79 -10.30
N ASN O 1811 74.63 40.60 -10.93
CA ASN O 1811 75.25 39.28 -11.01
C ASN O 1811 76.62 39.33 -10.35
N PRO O 1812 76.74 38.99 -9.06
CA PRO O 1812 78.07 38.91 -8.45
C PRO O 1812 78.96 37.84 -9.08
N ARG O 1813 78.35 36.81 -9.69
CA ARG O 1813 79.12 35.79 -10.38
C ARG O 1813 79.85 36.33 -11.60
N THR O 1814 79.45 37.49 -12.11
CA THR O 1814 80.10 38.11 -13.25
C THR O 1814 80.37 39.60 -13.07
N GLY O 1815 80.07 40.17 -11.91
CA GLY O 1815 80.28 41.59 -11.69
C GLY O 1815 79.43 42.48 -12.56
N GLN O 1816 78.17 42.12 -12.78
CA GLN O 1816 77.28 42.89 -13.64
C GLN O 1816 76.23 43.62 -12.80
N LEU O 1817 75.57 44.59 -13.42
CA LEU O 1817 74.51 45.35 -12.77
C LEU O 1817 73.58 45.90 -13.84
N PHE O 1818 72.34 45.40 -13.88
CA PHE O 1818 71.34 45.85 -14.82
C PHE O 1818 70.11 46.33 -14.04
N LEU O 1819 69.72 47.57 -14.25
CA LEU O 1819 68.63 48.20 -13.51
C LEU O 1819 67.49 48.51 -14.47
N LYS O 1820 66.34 47.89 -14.23
CA LYS O 1820 65.11 48.17 -14.99
C LYS O 1820 64.22 49.05 -14.14
N ILE O 1821 63.98 50.27 -14.61
CA ILE O 1821 63.21 51.25 -13.85
C ILE O 1821 61.74 51.14 -14.20
N ILE O 1822 60.90 51.22 -13.17
CA ILE O 1822 59.45 51.13 -13.32
C ILE O 1822 58.88 52.52 -13.11
N HIS O 1823 58.30 53.08 -14.17
CA HIS O 1823 57.71 54.42 -14.10
C HIS O 1823 56.51 54.42 -13.16
N THR O 1824 56.35 55.52 -12.43
CA THR O 1824 55.20 55.66 -11.55
C THR O 1824 53.89 55.66 -12.31
N SER O 1825 53.89 56.08 -13.57
CA SER O 1825 52.66 56.05 -14.37
C SER O 1825 52.17 54.62 -14.56
N VAL O 1826 53.07 53.66 -14.74
CA VAL O 1826 52.66 52.27 -14.88
C VAL O 1826 52.01 51.75 -13.60
N TRP O 1827 52.51 52.19 -12.44
CA TRP O 1827 52.00 51.72 -11.16
C TRP O 1827 50.87 52.58 -10.60
N ALA O 1828 50.47 53.64 -11.29
CA ALA O 1828 49.41 54.53 -10.84
C ALA O 1828 48.27 54.54 -11.86
N GLY O 1829 47.05 54.40 -11.36
CA GLY O 1829 45.88 54.45 -12.22
C GLY O 1829 45.65 53.24 -13.08
N GLN O 1830 46.19 52.08 -12.69
CA GLN O 1830 46.00 50.85 -13.47
C GLN O 1830 44.79 50.05 -13.03
N LYS O 1831 44.10 50.46 -11.97
CA LYS O 1831 42.89 49.80 -11.48
C LYS O 1831 43.17 48.33 -11.14
N ARG O 1832 44.10 48.13 -10.22
CA ARG O 1832 44.48 46.79 -9.80
C ARG O 1832 45.06 46.85 -8.39
N LEU O 1833 45.17 45.68 -7.77
CA LEU O 1833 45.72 45.57 -6.42
C LEU O 1833 47.24 45.38 -6.51
N GLY O 1834 47.88 45.05 -5.38
CA GLY O 1834 49.32 44.84 -5.38
C GLY O 1834 49.76 43.50 -5.91
N GLN O 1835 48.86 42.50 -5.92
CA GLN O 1835 49.21 41.20 -6.49
C GLN O 1835 49.39 41.31 -8.00
N LEU O 1836 48.56 42.12 -8.67
CA LEU O 1836 48.75 42.36 -10.09
C LEU O 1836 50.07 43.07 -10.35
N ALA O 1837 50.45 44.01 -9.48
CA ALA O 1837 51.73 44.68 -9.62
C ALA O 1837 52.89 43.71 -9.45
N LYS O 1838 52.79 42.80 -8.48
CA LYS O 1838 53.84 41.80 -8.29
C LYS O 1838 53.93 40.86 -9.49
N TRP O 1839 52.78 40.46 -10.04
CA TRP O 1839 52.79 39.61 -11.23
C TRP O 1839 53.41 40.35 -12.41
N LYS O 1840 53.10 41.64 -12.55
CA LYS O 1840 53.71 42.43 -13.62
C LYS O 1840 55.21 42.54 -13.45
N THR O 1841 55.67 42.71 -12.21
CA THR O 1841 57.11 42.77 -11.95
C THR O 1841 57.79 41.45 -12.31
N ALA O 1842 57.17 40.33 -11.92
CA ALA O 1842 57.73 39.03 -12.27
C ALA O 1842 57.76 38.82 -13.77
N GLU O 1843 56.69 39.24 -14.47
CA GLU O 1843 56.65 39.14 -15.92
C GLU O 1843 57.74 39.99 -16.56
N GLU O 1844 57.96 41.19 -16.03
CA GLU O 1844 59.02 42.06 -16.54
C GLU O 1844 60.40 41.42 -16.33
N VAL O 1845 60.60 40.79 -15.17
CA VAL O 1845 61.87 40.11 -14.92
C VAL O 1845 62.06 38.96 -15.90
N ALA O 1846 61.01 38.19 -16.13
CA ALA O 1846 61.10 37.08 -17.09
C ALA O 1846 61.37 37.59 -18.50
N ALA O 1847 60.74 38.70 -18.88
CA ALA O 1847 60.94 39.26 -20.21
C ALA O 1847 62.35 39.82 -20.36
N LEU O 1848 62.91 40.37 -19.28
CA LEU O 1848 64.30 40.84 -19.34
C LEU O 1848 65.27 39.67 -19.41
N ILE O 1849 64.94 38.56 -18.76
CA ILE O 1849 65.75 37.35 -18.89
C ILE O 1849 65.69 36.83 -20.32
N ARG O 1850 64.49 36.85 -20.92
CA ARG O 1850 64.34 36.41 -22.31
C ARG O 1850 65.08 37.35 -23.26
N SER O 1851 65.13 38.64 -22.93
CA SER O 1851 65.90 39.57 -23.75
C SER O 1851 67.39 39.22 -23.72
N LEU O 1852 67.88 38.78 -22.56
CA LEU O 1852 69.23 38.26 -22.49
C LEU O 1852 69.33 36.96 -23.28
N PRO O 1853 70.46 36.69 -23.92
CA PRO O 1853 70.58 35.48 -24.74
C PRO O 1853 70.49 34.22 -23.90
N VAL O 1854 70.04 33.14 -24.56
CA VAL O 1854 69.96 31.85 -23.88
C VAL O 1854 71.35 31.40 -23.42
N GLU O 1855 72.37 31.66 -24.24
CA GLU O 1855 73.74 31.37 -23.83
C GLU O 1855 74.18 32.21 -22.64
N GLU O 1856 73.52 33.33 -22.38
CA GLU O 1856 73.79 34.17 -21.23
C GLU O 1856 72.66 34.14 -20.21
N GLN O 1857 71.74 33.20 -20.33
CA GLN O 1857 70.65 33.08 -19.38
C GLN O 1857 71.20 32.69 -18.00
N PRO O 1858 70.79 33.36 -16.93
CA PRO O 1858 71.28 32.98 -15.60
C PRO O 1858 70.83 31.58 -15.19
N LYS O 1859 71.79 30.68 -15.00
CA LYS O 1859 71.47 29.31 -14.63
C LYS O 1859 70.76 29.24 -13.28
N GLN O 1860 70.92 30.24 -12.42
CA GLN O 1860 70.22 30.31 -11.15
C GLN O 1860 69.65 31.70 -10.98
N ILE O 1861 68.51 31.80 -10.31
CA ILE O 1861 67.82 33.06 -10.07
C ILE O 1861 67.55 33.15 -8.58
N ILE O 1862 68.46 33.79 -7.84
CA ILE O 1862 68.30 33.99 -6.41
C ILE O 1862 67.37 35.17 -6.21
N VAL O 1863 66.25 34.95 -5.54
CA VAL O 1863 65.25 35.99 -5.30
C VAL O 1863 65.22 36.27 -3.81
N THR O 1864 65.35 37.56 -3.45
CA THR O 1864 65.26 37.95 -2.05
C THR O 1864 63.82 37.87 -1.56
N ARG O 1865 62.86 38.28 -2.39
CA ARG O 1865 61.46 38.19 -2.02
C ARG O 1865 61.04 36.73 -1.90
N LYS O 1866 60.51 36.37 -0.73
CA LYS O 1866 60.13 34.97 -0.49
C LYS O 1866 59.03 34.52 -1.43
N GLY O 1867 57.97 35.30 -1.55
CA GLY O 1867 56.82 34.93 -2.34
C GLY O 1867 56.93 35.16 -3.83
N MET O 1868 58.07 35.68 -4.30
CA MET O 1868 58.25 35.97 -5.71
C MET O 1868 58.77 34.78 -6.52
N LEU O 1869 59.08 33.66 -5.87
CA LEU O 1869 59.61 32.51 -6.61
C LEU O 1869 58.54 31.84 -7.44
N ASP O 1870 57.36 31.64 -6.88
CA ASP O 1870 56.28 30.98 -7.63
C ASP O 1870 55.85 31.79 -8.86
N PRO O 1871 55.58 33.10 -8.76
CA PRO O 1871 55.29 33.86 -9.99
C PRO O 1871 56.44 33.86 -10.98
N LEU O 1872 57.69 33.85 -10.49
CA LEU O 1872 58.83 33.79 -11.40
C LEU O 1872 58.83 32.48 -12.18
N GLU O 1873 58.55 31.36 -11.50
CA GLU O 1873 58.50 30.08 -12.19
C GLU O 1873 57.31 30.00 -13.14
N VAL O 1874 56.17 30.59 -12.75
CA VAL O 1874 54.98 30.53 -13.59
C VAL O 1874 55.17 31.37 -14.85
N HIS O 1875 55.77 32.56 -14.71
CA HIS O 1875 55.92 33.46 -15.85
C HIS O 1875 56.84 32.86 -16.91
N LEU O 1876 57.91 32.20 -16.49
CA LEU O 1876 58.92 31.66 -17.40
C LEU O 1876 59.04 30.15 -17.25
N LEU O 1877 57.90 29.45 -17.17
CA LEU O 1877 57.92 28.00 -17.17
C LEU O 1877 58.41 27.44 -18.49
N ASP O 1878 58.26 28.19 -19.58
CA ASP O 1878 58.80 27.78 -20.87
C ASP O 1878 60.32 27.80 -20.91
N PHE O 1879 60.96 28.45 -19.95
CA PHE O 1879 62.42 28.51 -19.85
C PHE O 1879 62.81 28.03 -18.47
N PRO O 1880 62.85 26.71 -18.27
CA PRO O 1880 63.18 26.15 -16.95
C PRO O 1880 64.65 25.91 -16.69
N ASN O 1881 65.54 26.41 -17.56
CA ASN O 1881 66.98 26.26 -17.34
C ASN O 1881 67.49 27.04 -16.14
N ILE O 1882 66.69 27.95 -15.60
CA ILE O 1882 67.07 28.75 -14.44
C ILE O 1882 66.42 28.13 -13.21
N VAL O 1883 67.21 27.93 -12.16
CA VAL O 1883 66.73 27.39 -10.89
C VAL O 1883 66.53 28.54 -9.94
N ILE O 1884 65.33 28.65 -9.36
CA ILE O 1884 65.01 29.74 -8.45
C ILE O 1884 65.45 29.36 -7.04
N LYS O 1885 66.72 29.60 -6.72
CA LYS O 1885 67.26 29.24 -5.43
C LYS O 1885 66.98 30.32 -4.40
N GLY O 1886 66.76 29.89 -3.16
CA GLY O 1886 66.49 30.84 -2.08
C GLY O 1886 67.76 31.41 -1.49
N SER O 1887 67.69 32.70 -1.14
CA SER O 1887 68.80 33.40 -0.48
C SER O 1887 68.20 34.11 0.73
N GLU O 1888 68.18 33.40 1.86
CA GLU O 1888 67.54 33.94 3.06
C GLU O 1888 68.22 35.22 3.52
N LEU O 1889 69.56 35.22 3.58
CA LEU O 1889 70.31 36.41 3.96
C LEU O 1889 70.22 37.43 2.83
N GLN O 1890 69.38 38.44 3.01
CA GLN O 1890 69.15 39.43 1.96
C GLN O 1890 70.34 40.37 1.87
N LEU O 1891 70.94 40.45 0.69
CA LEU O 1891 72.05 41.35 0.49
C LEU O 1891 71.56 42.79 0.38
N PRO O 1892 72.35 43.77 0.82
CA PRO O 1892 71.92 45.18 0.72
C PRO O 1892 72.05 45.74 -0.69
N PHE O 1893 71.24 45.19 -1.59
CA PHE O 1893 71.23 45.66 -2.98
C PHE O 1893 70.38 46.92 -3.16
N GLN O 1894 69.62 47.31 -2.14
CA GLN O 1894 68.82 48.53 -2.21
C GLN O 1894 69.68 49.80 -2.13
N ALA O 1895 70.97 49.66 -1.82
CA ALA O 1895 71.84 50.82 -1.72
C ALA O 1895 72.02 51.53 -3.07
N CYS O 1896 71.72 50.85 -4.18
CA CYS O 1896 71.77 51.49 -5.48
C CYS O 1896 70.74 52.61 -5.57
N LEU O 1897 69.56 52.40 -4.99
CA LEU O 1897 68.52 53.43 -5.01
C LEU O 1897 68.92 54.68 -4.23
N LYS O 1898 69.91 54.57 -3.35
CA LYS O 1898 70.40 55.72 -2.58
C LYS O 1898 71.66 56.33 -3.17
N VAL O 1899 72.09 55.89 -4.35
CA VAL O 1899 73.31 56.41 -4.96
C VAL O 1899 73.04 57.79 -5.56
N GLU O 1900 74.10 58.58 -5.67
CA GLU O 1900 73.97 59.91 -6.25
C GLU O 1900 73.52 59.85 -7.71
N LYS O 1901 74.09 58.94 -8.48
CA LYS O 1901 73.72 58.78 -9.88
C LYS O 1901 72.58 57.80 -10.06
N PHE O 1902 72.72 56.58 -9.53
CA PHE O 1902 71.71 55.55 -9.71
C PHE O 1902 70.39 55.95 -9.07
N GLY O 1903 70.44 56.50 -7.86
CA GLY O 1903 69.20 56.91 -7.20
C GLY O 1903 68.50 58.05 -7.91
N ASP O 1904 69.27 59.06 -8.33
CA ASP O 1904 68.68 60.17 -9.06
C ASP O 1904 68.07 59.71 -10.37
N LEU O 1905 68.76 58.80 -11.07
CA LEU O 1905 68.20 58.23 -12.30
C LEU O 1905 66.92 57.47 -12.02
N ILE O 1906 66.90 56.64 -10.97
CA ILE O 1906 65.72 55.86 -10.65
C ILE O 1906 64.54 56.77 -10.31
N LEU O 1907 64.82 57.90 -9.64
CA LEU O 1907 63.76 58.85 -9.35
C LEU O 1907 63.16 59.43 -10.62
N LYS O 1908 64.01 59.74 -11.61
CA LYS O 1908 63.58 60.47 -12.81
C LYS O 1908 63.45 59.59 -14.04
N ALA O 1909 63.70 58.28 -13.94
CA ALA O 1909 63.61 57.39 -15.10
C ALA O 1909 62.14 57.09 -15.39
N THR O 1910 61.50 58.03 -16.07
CA THR O 1910 60.10 57.87 -16.45
C THR O 1910 59.88 56.83 -17.54
N GLU O 1911 60.95 56.34 -18.17
CA GLU O 1911 60.84 55.33 -19.21
C GLU O 1911 61.48 54.03 -18.76
N PRO O 1912 60.96 52.88 -19.21
CA PRO O 1912 61.58 51.61 -18.84
C PRO O 1912 62.90 51.39 -19.56
N GLN O 1913 64.01 51.51 -18.85
CA GLN O 1913 65.34 51.43 -19.41
C GLN O 1913 66.03 50.17 -18.93
N MET O 1914 66.60 49.41 -19.86
CA MET O 1914 67.38 48.22 -19.56
C MET O 1914 68.88 48.49 -19.64
N VAL O 1915 69.29 49.71 -19.29
CA VAL O 1915 70.70 50.08 -19.36
C VAL O 1915 71.49 49.31 -18.32
N LEU O 1916 72.67 48.82 -18.71
CA LEU O 1916 73.51 48.04 -17.82
C LEU O 1916 74.42 48.96 -17.01
N PHE O 1917 75.21 48.36 -16.12
CA PHE O 1917 76.15 49.10 -15.27
C PHE O 1917 77.12 48.10 -14.66
N ASN O 1918 78.22 48.63 -14.13
CA ASN O 1918 79.23 47.83 -13.47
C ASN O 1918 79.07 47.98 -11.96
N LEU O 1919 78.67 46.89 -11.30
CA LEU O 1919 78.47 46.94 -9.84
C LEU O 1919 79.80 47.12 -9.12
N TYR O 1920 80.83 46.39 -9.52
CA TYR O 1920 82.16 46.54 -8.94
C TYR O 1920 82.85 47.75 -9.54
N ASP O 1921 83.51 48.54 -8.69
CA ASP O 1921 84.18 49.74 -9.18
C ASP O 1921 85.32 49.38 -10.14
N ASP O 1922 86.26 48.55 -9.67
CA ASP O 1922 87.33 48.07 -10.54
C ASP O 1922 87.68 46.61 -10.29
N TRP O 1923 86.98 45.90 -9.41
CA TRP O 1923 87.36 44.54 -9.03
C TRP O 1923 87.02 43.51 -10.09
N LEU O 1924 86.28 43.88 -11.14
CA LEU O 1924 85.93 42.92 -12.18
C LEU O 1924 87.19 42.42 -12.90
N LYS O 1925 88.12 43.32 -13.22
CA LYS O 1925 89.36 42.97 -13.90
C LYS O 1925 90.58 43.09 -13.00
N THR O 1926 90.39 43.33 -11.70
CA THR O 1926 91.50 43.51 -10.78
C THR O 1926 91.53 42.47 -9.67
N ILE O 1927 90.40 42.20 -9.02
CA ILE O 1927 90.36 41.31 -7.88
C ILE O 1927 89.57 40.06 -8.24
N SER O 1928 89.56 39.10 -7.31
CA SER O 1928 88.85 37.85 -7.51
C SER O 1928 87.35 38.08 -7.48
N SER O 1929 86.62 37.21 -8.18
CA SER O 1929 85.17 37.34 -8.27
C SER O 1929 84.52 37.23 -6.89
N TYR O 1930 84.95 36.25 -6.09
CA TYR O 1930 84.48 36.16 -4.71
C TYR O 1930 84.93 37.37 -3.91
N THR O 1931 86.18 37.81 -4.10
CA THR O 1931 86.66 39.01 -3.45
C THR O 1931 85.88 40.24 -3.92
N ALA O 1932 85.54 40.29 -5.21
CA ALA O 1932 84.73 41.38 -5.72
C ALA O 1932 83.36 41.41 -5.06
N PHE O 1933 82.74 40.24 -4.92
CA PHE O 1933 81.44 40.17 -4.26
C PHE O 1933 81.54 40.59 -2.79
N SER O 1934 82.60 40.17 -2.10
CA SER O 1934 82.79 40.58 -0.72
C SER O 1934 82.98 42.09 -0.60
N ARG O 1935 83.76 42.68 -1.52
CA ARG O 1935 83.97 44.12 -1.50
C ARG O 1935 82.66 44.86 -1.78
N LEU O 1936 81.87 44.36 -2.74
CA LEU O 1936 80.58 44.98 -3.03
C LEU O 1936 79.65 44.90 -1.82
N ILE O 1937 79.64 43.75 -1.14
CA ILE O 1937 78.82 43.61 0.06
C ILE O 1937 79.25 44.58 1.14
N LEU O 1938 80.57 44.71 1.34
CA LEU O 1938 81.08 45.65 2.34
C LEU O 1938 80.71 47.08 1.99
N ILE O 1939 80.82 47.45 0.72
CA ILE O 1939 80.49 48.82 0.30
C ILE O 1939 79.01 49.09 0.52
N LEU O 1940 78.16 48.13 0.15
CA LEU O 1940 76.72 48.31 0.33
C LEU O 1940 76.35 48.40 1.80
N ARG O 1941 76.99 47.57 2.64
CA ARG O 1941 76.74 47.63 4.08
C ARG O 1941 77.16 48.99 4.65
N ALA O 1942 78.32 49.50 4.20
CA ALA O 1942 78.75 50.81 4.66
C ALA O 1942 77.77 51.90 4.23
N LEU O 1943 77.28 51.82 2.99
CA LEU O 1943 76.32 52.80 2.52
C LEU O 1943 75.03 52.75 3.31
N HIS O 1944 74.55 51.54 3.63
CA HIS O 1944 73.31 51.40 4.37
C HIS O 1944 73.47 51.76 5.84
N VAL O 1945 74.70 51.68 6.36
CA VAL O 1945 74.92 51.93 7.79
C VAL O 1945 74.63 53.39 8.13
N ASN O 1946 75.20 54.31 7.36
CA ASN O 1946 75.04 55.75 7.62
C ASN O 1946 75.41 56.52 6.36
N ASN O 1947 75.35 57.85 6.46
CA ASN O 1947 75.71 58.73 5.37
C ASN O 1947 77.15 59.22 5.48
N ASP O 1948 77.49 59.84 6.60
CA ASP O 1948 78.85 60.36 6.79
C ASP O 1948 79.88 59.23 6.81
N ARG O 1949 79.54 58.12 7.47
CA ARG O 1949 80.42 56.95 7.45
C ARG O 1949 80.58 56.43 6.03
N ALA O 1950 79.49 56.38 5.27
CA ALA O 1950 79.58 55.97 3.86
C ALA O 1950 80.41 56.97 3.06
N LYS O 1951 80.30 58.26 3.39
CA LYS O 1951 81.10 59.27 2.70
C LYS O 1951 82.59 59.04 2.96
N VAL O 1952 82.95 58.73 4.21
CA VAL O 1952 84.34 58.47 4.53
C VAL O 1952 84.83 57.18 3.86
N ILE O 1953 83.97 56.16 3.82
CA ILE O 1953 84.37 54.87 3.26
C ILE O 1953 84.57 54.96 1.76
N LEU O 1954 83.64 55.63 1.06
CA LEU O 1954 83.68 55.67 -0.39
C LEU O 1954 84.87 56.50 -0.88
N LYS O 1955 84.93 57.77 -0.48
CA LYS O 1955 85.98 58.69 -0.91
C LYS O 1955 86.65 59.28 0.32
N PRO O 1956 87.57 58.54 0.93
CA PRO O 1956 88.31 59.11 2.09
C PRO O 1956 89.09 60.36 1.73
N ASP O 1957 89.62 60.44 0.51
CA ASP O 1957 90.35 61.60 0.02
C ASP O 1957 89.49 62.34 -1.00
N LYS O 1958 89.36 63.66 -0.83
CA LYS O 1958 88.55 64.45 -1.75
C LYS O 1958 89.09 64.40 -3.17
N THR O 1959 90.38 64.13 -3.35
CA THR O 1959 90.95 63.98 -4.68
C THR O 1959 90.71 62.59 -5.27
N THR O 1960 90.26 61.63 -4.46
CA THR O 1960 89.97 60.28 -4.93
C THR O 1960 88.47 60.12 -5.10
N ILE O 1961 88.05 59.75 -6.30
CA ILE O 1961 86.64 59.59 -6.62
C ILE O 1961 86.46 58.43 -7.59
N THR O 1962 85.23 58.14 -7.96
CA THR O 1962 84.94 57.08 -8.92
C THR O 1962 85.40 57.49 -10.32
N GLU O 1963 85.65 56.49 -11.15
CA GLU O 1963 86.05 56.75 -12.52
C GLU O 1963 84.91 57.44 -13.27
N PRO O 1964 85.24 58.29 -14.25
CA PRO O 1964 84.18 58.99 -14.98
C PRO O 1964 83.20 58.07 -15.69
N HIS O 1965 83.67 56.92 -16.16
CA HIS O 1965 82.80 55.93 -16.80
C HIS O 1965 82.23 54.92 -15.80
N HIS O 1966 82.64 54.97 -14.55
CA HIS O 1966 82.18 54.05 -13.52
C HIS O 1966 81.20 54.74 -12.57
N ILE O 1967 80.73 53.98 -11.58
CA ILE O 1967 79.78 54.48 -10.60
C ILE O 1967 80.36 54.35 -9.21
N TRP O 1968 80.69 53.13 -8.81
CA TRP O 1968 81.27 52.91 -7.50
C TRP O 1968 82.68 53.48 -7.43
N PRO O 1969 83.11 53.93 -6.25
CA PRO O 1969 84.43 54.56 -6.16
C PRO O 1969 85.56 53.56 -6.36
N THR O 1970 86.42 53.86 -7.33
CA THR O 1970 87.55 53.01 -7.67
C THR O 1970 88.66 53.18 -6.64
N LEU O 1971 89.30 52.07 -6.27
CA LEU O 1971 90.37 52.10 -5.29
C LEU O 1971 91.33 50.96 -5.55
N THR O 1972 92.55 51.10 -5.05
CA THR O 1972 93.56 50.06 -5.16
C THR O 1972 93.42 49.10 -3.99
N ASP O 1973 94.37 48.15 -3.87
CA ASP O 1973 94.28 47.16 -2.80
C ASP O 1973 94.41 47.81 -1.43
N GLU O 1974 95.37 48.72 -1.27
CA GLU O 1974 95.56 49.37 0.02
C GLU O 1974 94.38 50.29 0.36
N GLU O 1975 93.94 51.09 -0.61
CA GLU O 1975 92.79 51.96 -0.37
C GLU O 1975 91.54 51.16 -0.07
N TRP O 1976 91.32 50.07 -0.82
CA TRP O 1976 90.17 49.21 -0.54
C TRP O 1976 90.27 48.59 0.85
N ILE O 1977 91.47 48.19 1.26
CA ILE O 1977 91.64 47.59 2.58
C ILE O 1977 91.33 48.61 3.67
N LYS O 1978 91.83 49.83 3.53
CA LYS O 1978 91.55 50.87 4.52
C LYS O 1978 90.06 51.19 4.58
N VAL O 1979 89.43 51.34 3.40
CA VAL O 1979 88.00 51.64 3.36
C VAL O 1979 87.19 50.52 3.97
N GLU O 1980 87.58 49.27 3.70
CA GLU O 1980 86.85 48.13 4.25
C GLU O 1980 87.05 48.02 5.75
N VAL O 1981 88.24 48.36 6.25
CA VAL O 1981 88.46 48.37 7.69
C VAL O 1981 87.57 49.40 8.36
N GLN O 1982 87.51 50.61 7.79
CA GLN O 1982 86.62 51.64 8.34
C GLN O 1982 85.16 51.21 8.29
N LEU O 1983 84.75 50.61 7.17
CA LEU O 1983 83.37 50.16 7.03
C LEU O 1983 83.04 49.04 8.01
N LYS O 1984 83.99 48.13 8.23
CA LYS O 1984 83.78 47.05 9.19
C LYS O 1984 83.67 47.61 10.60
N ASP O 1985 84.49 48.61 10.95
CA ASP O 1985 84.35 49.25 12.25
C ASP O 1985 82.98 49.89 12.40
N LEU O 1986 82.53 50.61 11.36
CA LEU O 1986 81.22 51.24 11.41
C LEU O 1986 80.10 50.20 11.55
N ILE O 1987 80.22 49.08 10.82
CA ILE O 1987 79.20 48.04 10.87
C ILE O 1987 79.19 47.37 12.24
N LEU O 1988 80.36 47.16 12.83
CA LEU O 1988 80.43 46.61 14.18
C LEU O 1988 79.79 47.56 15.18
N ALA O 1989 80.02 48.86 15.02
CA ALA O 1989 79.38 49.85 15.90
C ALA O 1989 77.87 49.82 15.74
N ASP O 1990 77.39 49.72 14.50
CA ASP O 1990 75.95 49.66 14.26
C ASP O 1990 75.33 48.40 14.85
N TYR O 1991 76.03 47.27 14.71
CA TYR O 1991 75.54 46.02 15.29
C TYR O 1991 75.50 46.11 16.82
N GLY O 1992 76.52 46.70 17.42
CA GLY O 1992 76.51 46.89 18.86
C GLY O 1992 75.38 47.79 19.33
N LYS O 1993 75.15 48.88 18.60
CA LYS O 1993 74.05 49.78 18.94
C LYS O 1993 72.70 49.09 18.81
N LYS O 1994 72.52 48.29 17.76
CA LYS O 1994 71.23 47.62 17.54
C LYS O 1994 71.00 46.52 18.55
N ASN O 1995 72.06 45.80 18.93
CA ASN O 1995 71.93 44.65 19.82
C ASN O 1995 72.23 44.97 21.28
N ASN O 1996 72.76 46.16 21.58
CA ASN O 1996 73.12 46.57 22.94
C ASN O 1996 74.11 45.59 23.56
N VAL O 1997 75.03 45.09 22.74
CA VAL O 1997 76.03 44.12 23.17
C VAL O 1997 77.41 44.59 22.74
N ASN O 1998 78.43 43.77 23.00
CA ASN O 1998 79.78 44.10 22.57
C ASN O 1998 79.83 44.24 21.06
N VAL O 1999 80.58 45.24 20.59
CA VAL O 1999 80.61 45.56 19.16
C VAL O 1999 81.30 44.45 18.38
N ALA O 2000 82.58 44.20 18.67
CA ALA O 2000 83.35 43.17 17.98
C ALA O 2000 83.37 41.92 18.83
N SER O 2001 82.27 41.16 18.77
CA SER O 2001 82.14 39.92 19.51
C SER O 2001 81.50 38.83 18.67
N LEU O 2002 81.72 38.85 17.36
CA LEU O 2002 81.12 37.89 16.44
C LEU O 2002 82.22 37.17 15.68
N THR O 2003 82.03 35.85 15.50
CA THR O 2003 82.99 35.04 14.77
C THR O 2003 83.04 35.47 13.30
N GLN O 2004 84.10 35.04 12.61
CA GLN O 2004 84.27 35.41 11.21
C GLN O 2004 83.11 34.90 10.36
N SER O 2005 82.70 33.64 10.57
CA SER O 2005 81.51 33.13 9.91
C SER O 2005 80.27 33.87 10.39
N GLU O 2006 80.19 34.15 11.69
CA GLU O 2006 79.07 34.91 12.22
C GLU O 2006 79.05 36.33 11.67
N ILE O 2007 80.22 36.96 11.55
CA ILE O 2007 80.29 38.31 10.99
C ILE O 2007 79.85 38.29 9.52
N ARG O 2008 80.31 37.28 8.77
CA ARG O 2008 79.90 37.17 7.37
C ARG O 2008 78.39 36.98 7.25
N ASP O 2009 77.81 36.14 8.10
CA ASP O 2009 76.37 35.93 8.07
C ASP O 2009 75.61 37.20 8.43
N ILE O 2010 76.10 37.96 9.42
CA ILE O 2010 75.46 39.20 9.82
C ILE O 2010 75.51 40.21 8.67
N ILE O 2011 76.66 40.32 8.01
CA ILE O 2011 76.78 41.22 6.88
C ILE O 2011 75.86 40.80 5.75
N LEU O 2012 75.79 39.49 5.48
CA LEU O 2012 74.92 38.98 4.42
C LEU O 2012 73.44 39.22 4.73
N GLY O 2013 73.08 39.46 5.98
CA GLY O 2013 71.71 39.71 6.36
C GLY O 2013 71.04 38.62 7.16
N MET O 2014 71.78 37.60 7.60
CA MET O 2014 71.19 36.57 8.43
C MET O 2014 70.75 37.15 9.77
N GLU O 2015 69.64 36.62 10.30
CA GLU O 2015 69.08 37.10 11.57
C GLU O 2015 69.81 36.39 12.71
N ILE O 2016 71.01 36.89 13.03
CA ILE O 2016 71.80 36.32 14.11
C ILE O 2016 71.60 37.14 15.38
N VAL P 18 16.96 -1.52 -58.52
CA VAL P 18 18.34 -1.82 -58.17
C VAL P 18 18.45 -2.15 -56.69
N PRO P 19 19.24 -3.19 -56.37
CA PRO P 19 19.41 -3.57 -54.95
C PRO P 19 20.22 -2.54 -54.17
N GLY P 20 20.37 -2.78 -52.87
CA GLY P 20 21.15 -1.90 -52.02
C GLY P 20 22.64 -2.07 -52.13
N LEU P 21 23.11 -3.04 -52.93
CA LEU P 21 24.55 -3.23 -53.10
C LEU P 21 25.19 -2.05 -53.81
N GLY P 22 24.42 -1.32 -54.62
CA GLY P 22 24.98 -0.15 -55.31
C GLY P 22 25.48 0.91 -54.36
N ARG P 23 24.90 1.02 -53.17
CA ARG P 23 25.38 1.95 -52.17
C ARG P 23 26.66 1.46 -51.49
N GLY P 24 27.06 0.22 -51.74
CA GLY P 24 28.25 -0.32 -51.08
C GLY P 24 28.10 -0.50 -49.59
N ALA P 25 26.93 -0.96 -49.13
CA ALA P 25 26.65 -1.14 -47.72
C ALA P 25 26.38 -2.60 -47.42
N THR P 26 26.81 -3.05 -46.24
CA THR P 26 26.59 -4.43 -45.81
C THR P 26 26.15 -4.47 -44.35
N GLY P 27 26.12 -5.67 -43.76
CA GLY P 27 25.73 -5.82 -42.38
C GLY P 27 26.74 -5.20 -41.43
N PHE P 28 26.47 -5.40 -40.14
CA PHE P 28 27.33 -4.86 -39.09
C PHE P 28 28.29 -5.92 -38.57
N ASP P 72 10.37 -12.95 -44.12
CA ASP P 72 9.73 -11.97 -43.25
C ASP P 72 9.88 -12.36 -41.79
N LEU P 73 11.09 -12.20 -41.27
CA LEU P 73 11.41 -12.53 -39.88
C LEU P 73 11.42 -11.31 -38.98
N ASN P 74 10.60 -10.30 -39.27
CA ASN P 74 10.55 -9.10 -38.45
C ASN P 74 9.99 -9.42 -37.07
N ASP P 75 10.42 -8.61 -36.09
CA ASP P 75 9.96 -8.83 -34.71
C ASP P 75 8.49 -8.49 -34.55
N THR P 76 8.01 -7.47 -35.27
CA THR P 76 6.59 -7.16 -35.25
C THR P 76 5.76 -8.31 -35.82
N ASN P 77 6.23 -8.91 -36.91
CA ASN P 77 5.56 -10.07 -37.48
C ASN P 77 5.73 -11.32 -36.62
N TYR P 78 6.61 -11.29 -35.63
CA TYR P 78 6.82 -12.41 -34.73
C TYR P 78 6.16 -12.15 -33.39
N ASP P 79 5.93 -13.22 -32.64
CA ASP P 79 5.31 -13.12 -31.34
C ASP P 79 5.65 -14.36 -30.52
N GLU P 80 5.44 -14.27 -29.21
CA GLU P 80 5.62 -15.42 -28.34
C GLU P 80 4.54 -16.46 -28.62
N PHE P 81 3.27 -16.08 -28.47
CA PHE P 81 2.17 -16.97 -28.82
C PHE P 81 2.07 -17.12 -30.33
N ASN P 82 1.87 -18.37 -30.78
CA ASN P 82 1.70 -18.71 -32.18
C ASN P 82 2.91 -18.33 -33.04
N GLY P 83 4.05 -18.08 -32.42
CA GLY P 83 5.27 -17.78 -33.15
C GLY P 83 5.12 -16.56 -34.03
N TYR P 84 5.67 -16.65 -35.24
CA TYR P 84 5.58 -15.56 -36.21
C TYR P 84 4.22 -15.60 -36.91
N ALA P 85 3.89 -14.49 -37.56
CA ALA P 85 2.63 -14.37 -38.29
C ALA P 85 2.77 -15.04 -39.66
N GLY P 86 1.75 -14.86 -40.50
CA GLY P 86 1.76 -15.43 -41.82
C GLY P 86 1.43 -16.91 -41.83
N SER P 87 1.24 -17.44 -43.04
CA SER P 87 0.91 -18.84 -43.25
C SER P 87 2.13 -19.56 -43.85
N LEU P 88 2.48 -20.70 -43.25
CA LEU P 88 3.60 -21.47 -43.75
C LEU P 88 3.34 -22.02 -45.15
N PHE P 89 2.08 -22.17 -45.53
CA PHE P 89 1.71 -22.64 -46.86
C PHE P 89 1.45 -21.42 -47.74
N SER P 90 2.22 -21.28 -48.82
CA SER P 90 2.04 -20.17 -49.74
C SER P 90 0.66 -20.23 -50.39
N SER P 91 0.03 -19.06 -50.52
CA SER P 91 -1.30 -18.97 -51.12
C SER P 91 -1.29 -19.25 -52.62
N GLY P 92 -0.12 -19.30 -53.25
CA GLY P 92 -0.01 -19.53 -54.67
C GLY P 92 -0.55 -20.88 -55.12
N PRO P 93 0.05 -21.97 -54.65
CA PRO P 93 -0.33 -23.30 -55.15
C PRO P 93 -1.74 -23.72 -54.75
N TYR P 94 -2.74 -23.19 -55.42
CA TYR P 94 -4.12 -23.59 -55.26
C TYR P 94 -4.66 -24.14 -56.58
N GLU P 95 -5.86 -24.72 -56.51
CA GLU P 95 -6.49 -25.32 -57.68
C GLU P 95 -7.96 -25.55 -57.38
N LYS P 96 -8.67 -26.15 -58.34
CA LYS P 96 -10.09 -26.44 -58.15
C LYS P 96 -10.30 -27.49 -57.08
N ASP P 97 -9.45 -28.52 -57.05
CA ASP P 97 -9.49 -29.49 -55.96
C ASP P 97 -9.17 -28.82 -54.63
N ASP P 98 -8.24 -27.86 -54.65
CA ASP P 98 -7.98 -27.06 -53.46
C ASP P 98 -9.20 -26.28 -53.05
N GLU P 99 -9.93 -25.73 -54.01
CA GLU P 99 -11.16 -25.01 -53.70
C GLU P 99 -12.19 -25.94 -53.05
N GLU P 100 -12.35 -27.15 -53.60
CA GLU P 100 -13.31 -28.08 -53.02
C GLU P 100 -12.91 -28.50 -51.61
N ALA P 101 -11.63 -28.81 -51.41
CA ALA P 101 -11.16 -29.21 -50.08
C ALA P 101 -11.32 -28.08 -49.08
N ASP P 102 -10.98 -26.85 -49.49
CA ASP P 102 -11.13 -25.70 -48.61
C ASP P 102 -12.61 -25.47 -48.26
N ALA P 103 -13.49 -25.62 -49.25
CA ALA P 103 -14.91 -25.46 -48.99
C ALA P 103 -15.41 -26.49 -48.00
N ILE P 104 -15.00 -27.75 -48.16
CA ILE P 104 -15.43 -28.80 -47.24
C ILE P 104 -14.92 -28.53 -45.84
N TYR P 105 -13.64 -28.16 -45.72
CA TYR P 105 -13.06 -27.88 -44.42
C TYR P 105 -13.73 -26.69 -43.75
N ALA P 106 -13.99 -25.63 -44.51
CA ALA P 106 -14.65 -24.45 -43.95
C ALA P 106 -16.07 -24.76 -43.53
N ALA P 107 -16.79 -25.57 -44.31
CA ALA P 107 -18.14 -25.97 -43.93
C ALA P 107 -18.11 -26.77 -42.63
N LEU P 108 -17.17 -27.69 -42.51
CA LEU P 108 -17.05 -28.47 -41.28
C LEU P 108 -16.73 -27.58 -40.09
N ASP P 109 -15.81 -26.63 -40.27
CA ASP P 109 -15.45 -25.73 -39.18
C ASP P 109 -16.64 -24.86 -38.76
N LYS P 110 -17.38 -24.33 -39.74
CA LYS P 110 -18.53 -23.50 -39.43
C LYS P 110 -19.61 -24.31 -38.72
N ARG P 111 -19.84 -25.55 -39.15
CA ARG P 111 -20.79 -26.41 -38.48
C ARG P 111 -20.36 -26.69 -37.04
N MET P 112 -19.08 -26.93 -36.83
CA MET P 112 -18.57 -27.20 -35.48
C MET P 112 -18.41 -25.95 -34.64
N ASP P 113 -18.68 -24.76 -35.19
CA ASP P 113 -18.56 -23.50 -34.47
C ASP P 113 -19.91 -22.84 -34.21
N GLU P 114 -21.01 -23.50 -34.57
CA GLU P 114 -22.34 -22.93 -34.45
C GLU P 114 -23.06 -23.37 -33.18
N ARG P 115 -22.36 -23.99 -32.24
CA ARG P 115 -23.00 -24.43 -31.00
C ARG P 115 -23.57 -23.25 -30.22
N ARG P 116 -22.70 -22.33 -29.79
CA ARG P 116 -23.13 -21.13 -29.09
C ARG P 116 -22.90 -19.87 -29.92
N LYS P 117 -22.81 -20.02 -31.24
CA LYS P 117 -22.47 -18.89 -32.11
C LYS P 117 -23.51 -17.79 -32.05
N GLU P 118 -24.79 -18.14 -32.03
CA GLU P 118 -25.85 -17.14 -32.04
C GLU P 118 -25.84 -16.32 -30.75
N ARG P 119 -25.84 -17.00 -29.61
CA ARG P 119 -25.85 -16.29 -28.32
C ARG P 119 -24.57 -15.49 -28.13
N ARG P 120 -23.42 -16.08 -28.51
CA ARG P 120 -22.16 -15.36 -28.39
C ARG P 120 -22.15 -14.11 -29.26
N GLU P 121 -22.65 -14.23 -30.50
CA GLU P 121 -22.68 -13.08 -31.39
C GLU P 121 -23.60 -11.99 -30.85
N GLN P 122 -24.77 -12.36 -30.34
CA GLN P 122 -25.70 -11.37 -29.79
C GLN P 122 -25.09 -10.67 -28.58
N ARG P 123 -24.46 -11.44 -27.69
CA ARG P 123 -23.83 -10.85 -26.51
C ARG P 123 -22.68 -9.94 -26.90
N GLU P 124 -21.86 -10.35 -27.88
CA GLU P 124 -20.75 -9.53 -28.32
C GLU P 124 -21.24 -8.23 -28.96
N LYS P 125 -22.33 -8.31 -29.74
CA LYS P 125 -22.89 -7.11 -30.34
C LYS P 125 -23.41 -6.16 -29.27
N GLU P 126 -24.09 -6.70 -28.26
CA GLU P 126 -24.55 -5.85 -27.16
C GLU P 126 -23.39 -5.22 -26.42
N GLU P 127 -22.32 -5.99 -26.20
CA GLU P 127 -21.15 -5.45 -25.51
C GLU P 127 -20.46 -4.37 -26.33
N ILE P 128 -20.39 -4.55 -27.66
CA ILE P 128 -19.81 -3.53 -28.51
C ILE P 128 -20.66 -2.26 -28.49
N GLU P 129 -21.98 -2.42 -28.53
CA GLU P 129 -22.86 -1.26 -28.44
C GLU P 129 -22.66 -0.52 -27.12
N LYS P 130 -22.52 -1.26 -26.02
CA LYS P 130 -22.27 -0.64 -24.72
C LYS P 130 -20.92 0.08 -24.70
N TYR P 131 -19.89 -0.55 -25.25
CA TYR P 131 -18.56 0.05 -25.27
C TYR P 131 -18.51 1.27 -26.16
N ARG P 132 -19.40 1.36 -27.16
CA ARG P 132 -19.45 2.54 -28.01
C ARG P 132 -19.84 3.79 -27.23
N MET P 133 -20.38 3.63 -26.03
CA MET P 133 -20.75 4.77 -25.22
C MET P 133 -19.55 5.39 -24.54
N GLU P 134 -18.53 4.59 -24.27
CA GLU P 134 -17.35 5.10 -23.56
C GLU P 134 -16.06 4.96 -24.35
N ARG P 135 -16.15 4.49 -25.59
CA ARG P 135 -14.95 4.30 -26.40
C ARG P 135 -15.07 4.97 -27.77
N PRO P 136 -14.97 6.31 -27.80
CA PRO P 136 -15.04 7.03 -29.07
C PRO P 136 -13.69 6.99 -29.79
N LYS P 137 -13.71 6.64 -31.07
CA LYS P 137 -12.48 6.61 -31.84
C LYS P 137 -11.95 8.03 -32.01
N ILE P 138 -10.64 8.16 -32.11
CA ILE P 138 -10.05 9.47 -32.32
C ILE P 138 -10.72 10.08 -33.53
N GLN P 139 -10.95 9.28 -34.56
CA GLN P 139 -11.62 9.76 -35.75
C GLN P 139 -13.03 10.21 -35.39
N GLN P 140 -13.73 9.40 -34.62
CA GLN P 140 -15.10 9.74 -34.23
C GLN P 140 -15.07 11.05 -33.47
N GLN P 141 -14.07 11.22 -32.63
CA GLN P 141 -13.96 12.45 -31.87
C GLN P 141 -14.11 13.66 -32.77
N PHE P 142 -13.24 13.77 -33.77
CA PHE P 142 -13.30 14.93 -34.67
C PHE P 142 -14.24 14.72 -35.84
N SER P 143 -15.01 13.63 -35.84
CA SER P 143 -15.90 13.34 -36.97
C SER P 143 -16.94 14.42 -37.15
N ASP P 144 -17.57 14.85 -36.05
CA ASP P 144 -18.60 15.89 -36.15
C ASP P 144 -18.01 17.20 -36.67
N LEU P 145 -16.82 17.57 -36.16
CA LEU P 145 -16.16 18.77 -36.67
C LEU P 145 -15.73 18.60 -38.12
N LYS P 146 -15.15 17.45 -38.46
CA LYS P 146 -14.68 17.23 -39.82
C LYS P 146 -15.83 17.25 -40.83
N ARG P 147 -17.02 16.83 -40.42
CA ARG P 147 -18.17 16.89 -41.31
C ARG P 147 -18.53 18.33 -41.65
N LYS P 148 -18.63 19.19 -40.62
CA LYS P 148 -18.94 20.59 -40.85
C LYS P 148 -17.75 21.36 -41.40
N LEU P 149 -16.53 20.89 -41.17
CA LEU P 149 -15.34 21.62 -41.63
C LEU P 149 -15.28 21.76 -43.14
N ALA P 150 -15.93 20.87 -43.89
CA ALA P 150 -15.92 20.94 -45.34
C ALA P 150 -16.70 22.15 -45.87
N GLU P 151 -17.47 22.83 -45.03
CA GLU P 151 -18.27 23.98 -45.45
C GLU P 151 -17.43 25.23 -45.73
N VAL P 152 -16.14 25.20 -45.41
CA VAL P 152 -15.29 26.37 -45.66
C VAL P 152 -15.04 26.49 -47.16
N THR P 153 -15.28 27.69 -47.69
CA THR P 153 -15.15 27.93 -49.12
C THR P 153 -13.68 27.96 -49.53
N GLU P 154 -13.47 28.04 -50.85
CA GLU P 154 -12.10 28.07 -51.37
C GLU P 154 -11.36 29.31 -50.89
N GLU P 155 -12.03 30.46 -50.89
CA GLU P 155 -11.42 31.67 -50.32
C GLU P 155 -11.13 31.50 -48.84
N GLU P 156 -12.07 30.89 -48.11
CA GLU P 156 -11.83 30.60 -46.70
C GLU P 156 -10.70 29.59 -46.52
N TRP P 157 -10.60 28.61 -47.41
CA TRP P 157 -9.57 27.59 -47.34
C TRP P 157 -8.24 28.04 -47.94
N LEU P 158 -8.16 29.27 -48.42
CA LEU P 158 -6.92 29.83 -48.94
C LEU P 158 -6.41 31.04 -48.18
N SER P 159 -7.26 31.72 -47.42
CA SER P 159 -6.88 32.91 -46.67
C SER P 159 -6.27 32.58 -45.31
N ILE P 160 -6.15 31.30 -44.96
CA ILE P 160 -5.60 30.87 -43.69
C ILE P 160 -4.19 31.41 -43.52
N PRO P 161 -3.96 32.35 -42.61
CA PRO P 161 -2.64 32.96 -42.47
C PRO P 161 -1.64 32.01 -41.81
N GLU P 162 -0.36 32.29 -42.07
CA GLU P 162 0.70 31.58 -41.40
C GLU P 162 0.67 31.86 -39.90
N VAL P 163 0.91 30.83 -39.10
CA VAL P 163 0.82 30.95 -37.65
C VAL P 163 1.93 31.80 -37.06
N GLY P 164 2.88 32.26 -37.86
CA GLY P 164 3.96 33.09 -37.35
C GLY P 164 3.58 34.53 -37.08
N ASP P 165 2.39 34.95 -37.48
CA ASP P 165 1.93 36.31 -37.24
C ASP P 165 0.63 36.32 -36.44
N GLY P 236 -27.22 44.67 -17.45
CA GLY P 236 -26.63 44.33 -18.72
C GLY P 236 -25.50 43.32 -18.60
N GLU P 237 -24.26 43.81 -18.73
CA GLU P 237 -23.11 42.94 -18.61
C GLU P 237 -22.72 42.75 -17.16
N LEU P 238 -21.95 41.70 -16.89
CA LEU P 238 -21.52 41.36 -15.55
C LEU P 238 -20.15 41.98 -15.29
N ASP P 239 -20.06 42.81 -14.26
CA ASP P 239 -18.79 43.40 -13.82
C ASP P 239 -18.37 42.67 -12.55
N MET P 240 -17.63 41.58 -12.72
CA MET P 240 -17.26 40.75 -11.59
C MET P 240 -16.36 41.50 -10.62
N ARG P 241 -15.40 42.27 -11.13
CA ARG P 241 -14.47 42.98 -10.26
C ARG P 241 -15.14 44.13 -9.50
N LYS P 242 -16.31 44.58 -9.96
CA LYS P 242 -16.95 45.73 -9.33
C LYS P 242 -17.36 45.43 -7.89
N ILE P 243 -18.02 44.29 -7.68
CA ILE P 243 -18.48 43.93 -6.34
C ILE P 243 -17.28 43.70 -5.42
N GLY P 244 -16.22 43.07 -5.94
CA GLY P 244 -15.02 42.89 -5.14
C GLY P 244 -14.38 44.19 -4.74
N GLN P 245 -14.28 45.14 -5.68
CA GLN P 245 -13.72 46.45 -5.35
C GLN P 245 -14.58 47.18 -4.32
N ALA P 246 -15.90 47.10 -4.47
CA ALA P 246 -16.79 47.75 -3.51
C ALA P 246 -16.62 47.16 -2.12
N ARG P 247 -16.56 45.82 -2.04
CA ARG P 247 -16.37 45.17 -0.75
C ARG P 247 -15.03 45.53 -0.13
N ASN P 248 -13.98 45.55 -0.94
CA ASN P 248 -12.66 45.93 -0.43
C ASN P 248 -12.65 47.36 0.07
N THR P 249 -13.29 48.27 -0.66
CA THR P 249 -13.36 49.67 -0.23
C THR P 249 -14.13 49.80 1.08
N LEU P 250 -15.25 49.08 1.20
CA LEU P 250 -16.02 49.13 2.44
C LEU P 250 -15.21 48.58 3.61
N MET P 251 -14.51 47.47 3.40
CA MET P 251 -13.69 46.89 4.47
C MET P 251 -12.56 47.84 4.87
N ASP P 252 -11.91 48.46 3.89
CA ASP P 252 -10.84 49.40 4.18
C ASP P 252 -11.36 50.61 4.96
N MET P 253 -12.53 51.12 4.56
CA MET P 253 -13.13 52.25 5.27
C MET P 253 -13.46 51.89 6.71
N ARG P 254 -14.04 50.70 6.90
CA ARG P 254 -14.37 50.26 8.26
C ARG P 254 -13.11 50.09 9.11
N LEU P 255 -12.06 49.51 8.53
CA LEU P 255 -10.81 49.32 9.26
C LEU P 255 -10.18 50.66 9.61
N SER P 256 -10.19 51.61 8.66
CA SER P 256 -9.63 52.93 8.93
C SER P 256 -10.41 53.64 10.03
N GLN P 257 -11.74 53.50 10.01
CA GLN P 257 -12.54 54.01 11.13
C GLN P 257 -12.11 53.37 12.44
N VAL P 258 -11.91 52.05 12.43
CA VAL P 258 -11.34 51.39 13.60
C VAL P 258 -9.91 51.85 13.84
N SER P 259 -9.12 51.99 12.76
CA SER P 259 -7.73 52.43 12.90
C SER P 259 -7.63 53.88 13.32
N ASP P 260 -8.69 54.67 13.14
CA ASP P 260 -8.66 56.06 13.60
C ASP P 260 -8.68 56.16 15.12
N SER P 261 -9.03 55.08 15.81
CA SER P 261 -9.07 55.05 17.26
C SER P 261 -7.74 54.61 17.88
N VAL P 262 -6.71 54.40 17.07
CA VAL P 262 -5.41 53.96 17.57
C VAL P 262 -4.81 55.07 18.42
N SER P 263 -3.85 54.72 19.28
CA SER P 263 -3.27 55.66 20.24
C SER P 263 -2.00 56.32 19.71
N GLY P 264 -1.00 55.53 19.38
CA GLY P 264 0.31 56.09 19.04
C GLY P 264 0.94 55.56 17.78
N GLN P 265 0.13 55.29 16.75
CA GLN P 265 0.68 54.85 15.48
C GLN P 265 1.52 55.96 14.88
N THR P 266 2.77 55.65 14.56
CA THR P 266 3.72 56.63 14.06
C THR P 266 3.65 56.72 12.54
N VAL P 267 4.18 57.81 12.01
CA VAL P 267 4.22 58.04 10.57
C VAL P 267 5.43 58.91 10.25
N VAL P 268 6.26 58.45 9.32
CA VAL P 268 7.43 59.19 8.87
C VAL P 268 7.12 59.72 7.47
N ASP P 269 7.08 61.04 7.34
CA ASP P 269 6.67 61.66 6.08
C ASP P 269 7.72 61.41 5.00
N PRO P 270 7.36 60.80 3.88
CA PRO P 270 8.35 60.60 2.80
C PRO P 270 8.91 61.91 2.26
N LYS P 271 8.12 62.98 2.26
CA LYS P 271 8.61 64.27 1.80
C LYS P 271 9.81 64.72 2.63
N GLY P 272 9.67 64.70 3.96
CA GLY P 272 10.78 65.12 4.82
C GLY P 272 11.99 64.21 4.69
N TYR P 273 11.77 62.90 4.71
CA TYR P 273 12.88 61.96 4.64
C TYR P 273 13.65 62.10 3.34
N LEU P 274 12.93 62.17 2.21
CA LEU P 274 13.60 62.34 0.93
C LEU P 274 14.30 63.69 0.85
N THR P 275 13.65 64.76 1.34
CA THR P 275 14.28 66.07 1.32
C THR P 275 15.52 66.11 2.20
N ASP P 276 15.46 65.50 3.37
CA ASP P 276 16.59 65.45 4.29
C ASP P 276 17.51 64.26 4.01
N LEU P 277 17.25 63.48 2.96
CA LEU P 277 18.15 62.40 2.61
C LEU P 277 19.50 62.95 2.13
N ASN P 278 19.47 64.01 1.33
CA ASN P 278 20.68 64.63 0.82
C ASN P 278 21.30 65.63 1.81
N SER P 279 20.87 65.61 3.07
CA SER P 279 21.45 66.51 4.07
C SER P 279 22.76 65.99 4.64
N MET P 280 23.16 64.77 4.30
CA MET P 280 24.43 64.21 4.71
C MET P 280 25.19 63.58 3.55
N ILE P 281 24.76 63.83 2.32
CA ILE P 281 25.40 63.26 1.13
C ILE P 281 26.77 63.91 0.95
N PRO P 282 27.72 63.24 0.29
CA PRO P 282 29.04 63.85 0.05
C PRO P 282 28.97 65.03 -0.91
#